data_8OON
#
_entry.id   8OON
#
_cell.length_a   132.647
_cell.length_b   230.244
_cell.length_c   205.586
_cell.angle_alpha   90.00
_cell.angle_beta   90.00
_cell.angle_gamma   90.00
#
_symmetry.space_group_name_H-M   'C 2 2 21'
#
loop_
_entity.id
_entity.type
_entity.pdbx_description
1 polymer 'Glutamine synthetase from Methanothermococcus thermolithotrophicus'
2 non-polymer 1,2-ETHANEDIOL
3 non-polymer GLYCEROL
4 non-polymer 'SODIUM ION'
5 water water
#
_entity_poly.entity_id   1
_entity_poly.type   'polypeptide(L)'
_entity_poly.pdbx_seq_one_letter_code
;MSTVEQVLEYVKSNNVKFMRFQFVDILGVPKNVAFPIKAGEKGIEELRDVLENGLYFDGSSIEGFVGINESDMMLKPDLS
TFSVLPWRPSEKSVARVICDVYTTKGKPFEGDPRGCLKRVMEEFKKEFNGEYFVGPEPEFFLLKKDPHNPHKYIPADDGG
YFDLEPMDEAPDIRRDIVFALENLGFHVEASHHEVAPGQHEVDFKFDDALKTADSVITFKTTIKTIAEQHGLKATFMPKP
FFGMNGSGMHCHQSIWLNGEPSFYDENAPYQLSETCMNYVAGILKHAKAIVAITNPTVNSYKRLVPGYEAPVNIAWANSN
RSAIIRVPAARGKGTRIEFRAPDPSCNPYLAFTVMLAAGLDGVKNKLDAPEPVERNIFAMSEAEKKELGIESVPANLKAA
LDELENNDVLKNALGKHIFESFLEIKNAEWDSFRTSVTDWETTAYLKI
;
_entity_poly.pdbx_strand_id   A,B,C,D,E,F
#
loop_
_chem_comp.id
_chem_comp.type
_chem_comp.name
_chem_comp.formula
EDO non-polymer 1,2-ETHANEDIOL 'C2 H6 O2'
GOL non-polymer GLYCEROL 'C3 H8 O3'
NA non-polymer 'SODIUM ION' 'Na 1'
#
# COMPACT_ATOMS: atom_id res chain seq x y z
N SER A 2 27.98 -35.10 12.41
CA SER A 2 29.37 -35.21 12.01
C SER A 2 29.66 -36.60 11.43
N THR A 3 29.13 -37.64 12.06
CA THR A 3 29.19 -38.97 11.50
C THR A 3 27.88 -39.25 10.77
N VAL A 4 27.83 -40.40 10.10
CA VAL A 4 26.65 -40.73 9.28
C VAL A 4 25.40 -40.80 10.15
N GLU A 5 25.50 -41.42 11.32
CA GLU A 5 24.32 -41.60 12.17
C GLU A 5 23.73 -40.25 12.57
N GLN A 6 24.58 -39.38 13.14
CA GLN A 6 24.16 -38.03 13.60
C GLN A 6 23.42 -37.32 12.46
N VAL A 7 23.97 -37.39 11.24
CA VAL A 7 23.34 -36.77 10.07
C VAL A 7 21.95 -37.34 9.87
N LEU A 8 21.83 -38.66 9.87
CA LEU A 8 20.53 -39.29 9.66
C LEU A 8 19.55 -38.92 10.78
N GLU A 9 20.00 -39.02 12.03
CA GLU A 9 19.13 -38.62 13.13
C GLU A 9 18.75 -37.15 13.03
N TYR A 10 19.65 -36.31 12.53
CA TYR A 10 19.30 -34.92 12.28
C TYR A 10 18.21 -34.82 11.21
N VAL A 11 18.29 -35.69 10.20
CA VAL A 11 17.30 -35.67 9.12
C VAL A 11 15.94 -36.11 9.67
N LYS A 12 15.94 -37.21 10.42
CA LYS A 12 14.70 -37.80 10.98
C LYS A 12 14.03 -36.84 11.99
N SER A 13 14.83 -36.05 12.73
CA SER A 13 14.27 -35.14 13.73
C SER A 13 13.70 -33.88 13.10
N ASN A 14 14.29 -33.41 12.01
CA ASN A 14 13.91 -32.14 11.41
C ASN A 14 13.14 -32.28 10.12
N ASN A 15 12.80 -33.50 9.71
CA ASN A 15 12.07 -33.73 8.46
C ASN A 15 12.75 -33.01 7.31
N VAL A 16 14.06 -33.23 7.19
CA VAL A 16 14.84 -32.62 6.11
C VAL A 16 14.36 -33.20 4.79
N LYS A 17 13.79 -32.36 3.93
CA LYS A 17 13.20 -32.79 2.67
C LYS A 17 14.09 -32.52 1.47
N PHE A 18 15.12 -31.68 1.65
CA PHE A 18 16.02 -31.33 0.52
C PHE A 18 17.48 -31.29 1.01
N MET A 19 18.38 -31.88 0.21
CA MET A 19 19.79 -31.90 0.54
C MET A 19 20.59 -31.27 -0.58
N ARG A 20 21.58 -30.47 -0.21
CA ARG A 20 22.45 -29.79 -1.16
C ARG A 20 23.87 -30.32 -1.01
N PHE A 21 24.47 -30.72 -2.13
CA PHE A 21 25.86 -31.15 -2.18
C PHE A 21 26.65 -30.07 -2.90
N GLN A 22 27.59 -29.45 -2.19
CA GLN A 22 28.30 -28.28 -2.68
C GLN A 22 29.77 -28.59 -2.92
N PHE A 23 30.31 -28.00 -3.99
CA PHE A 23 31.74 -28.04 -4.28
C PHE A 23 32.12 -26.71 -4.90
N VAL A 24 33.30 -26.65 -5.52
CA VAL A 24 33.83 -25.41 -6.06
C VAL A 24 34.60 -25.70 -7.34
N ASP A 25 34.54 -24.76 -8.28
CA ASP A 25 35.25 -24.91 -9.54
C ASP A 25 36.68 -24.42 -9.39
N ILE A 26 37.44 -24.46 -10.49
CA ILE A 26 38.86 -24.11 -10.42
C ILE A 26 39.03 -22.64 -10.05
N LEU A 27 38.07 -21.80 -10.41
CA LEU A 27 38.16 -20.36 -10.14
C LEU A 27 37.53 -19.96 -8.82
N GLY A 28 37.14 -20.93 -7.99
CA GLY A 28 36.58 -20.63 -6.69
C GLY A 28 35.09 -20.37 -6.67
N VAL A 29 34.44 -20.32 -7.82
CA VAL A 29 32.99 -20.14 -7.84
C VAL A 29 32.33 -21.36 -7.19
N PRO A 30 31.46 -21.20 -6.21
CA PRO A 30 30.80 -22.35 -5.60
C PRO A 30 29.73 -22.92 -6.51
N LYS A 31 29.60 -24.25 -6.47
CA LYS A 31 28.60 -24.98 -7.23
C LYS A 31 27.90 -25.96 -6.30
N ASN A 32 26.67 -26.31 -6.64
CA ASN A 32 25.93 -27.29 -5.85
C ASN A 32 24.85 -27.94 -6.69
N VAL A 33 24.49 -29.15 -6.29
CA VAL A 33 23.36 -29.87 -6.85
C VAL A 33 22.44 -30.27 -5.68
N ALA A 34 21.14 -30.23 -5.92
CA ALA A 34 20.15 -30.45 -4.88
C ALA A 34 19.26 -31.62 -5.26
N PHE A 35 19.10 -32.56 -4.34
CA PHE A 35 18.24 -33.71 -4.53
C PHE A 35 17.27 -33.83 -3.36
N PRO A 36 16.11 -34.42 -3.58
CA PRO A 36 15.15 -34.60 -2.48
C PRO A 36 15.47 -35.82 -1.64
N ILE A 37 15.01 -35.77 -0.39
CA ILE A 37 15.17 -36.91 0.56
C ILE A 37 13.84 -37.67 0.53
N LYS A 38 13.84 -38.88 -0.05
CA LYS A 38 12.61 -39.69 -0.13
C LYS A 38 12.18 -40.08 1.29
N ALA A 39 10.87 -40.07 1.54
CA ALA A 39 10.33 -40.39 2.88
C ALA A 39 10.26 -41.90 3.08
N GLY A 40 10.33 -42.33 4.33
CA GLY A 40 10.24 -43.76 4.67
C GLY A 40 11.55 -44.50 4.63
N GLU A 41 11.54 -45.71 5.19
CA GLU A 41 12.66 -46.65 5.29
C GLU A 41 13.57 -46.59 4.07
N LYS A 42 13.02 -46.86 2.89
CA LYS A 42 13.83 -46.85 1.68
C LYS A 42 14.57 -45.53 1.52
N GLY A 43 13.87 -44.42 1.74
CA GLY A 43 14.48 -43.12 1.52
C GLY A 43 15.67 -42.86 2.42
N ILE A 44 15.58 -43.27 3.68
CA ILE A 44 16.68 -43.00 4.60
C ILE A 44 17.88 -43.85 4.25
N GLU A 45 17.65 -45.00 3.61
CA GLU A 45 18.76 -45.85 3.19
C GLU A 45 19.36 -45.38 1.87
N GLU A 46 18.52 -44.91 0.94
CA GLU A 46 19.04 -44.28 -0.27
C GLU A 46 19.90 -43.08 0.07
N LEU A 47 19.58 -42.38 1.15
CA LEU A 47 20.41 -41.25 1.59
C LEU A 47 21.72 -41.74 2.20
N ARG A 48 21.68 -42.86 2.93
CA ARG A 48 22.91 -43.40 3.49
C ARG A 48 23.87 -43.84 2.39
N ASP A 49 23.34 -44.38 1.30
CA ASP A 49 24.18 -44.83 0.20
C ASP A 49 24.88 -43.66 -0.48
N VAL A 50 24.24 -42.49 -0.51
CA VAL A 50 24.85 -41.33 -1.17
C VAL A 50 25.79 -40.61 -0.23
N LEU A 51 25.51 -40.60 1.08
CA LEU A 51 26.36 -39.89 2.02
C LEU A 51 27.71 -40.56 2.18
N GLU A 52 27.77 -41.88 2.02
CA GLU A 52 28.98 -42.65 2.23
C GLU A 52 29.72 -42.97 0.94
N ASN A 53 28.99 -43.24 -0.15
CA ASN A 53 29.61 -43.58 -1.42
C ASN A 53 29.55 -42.48 -2.46
N GLY A 54 28.87 -41.37 -2.16
CA GLY A 54 28.80 -40.25 -3.09
C GLY A 54 27.72 -40.41 -4.12
N LEU A 55 27.59 -39.39 -4.95
CA LEU A 55 26.62 -39.36 -6.04
C LEU A 55 27.29 -38.94 -7.33
N TYR A 56 26.70 -39.35 -8.44
CA TYR A 56 27.26 -39.07 -9.75
C TYR A 56 26.82 -37.69 -10.23
N PHE A 57 27.57 -37.15 -11.18
CA PHE A 57 27.21 -35.86 -11.78
C PHE A 57 28.10 -35.60 -12.98
N ASP A 58 27.60 -34.79 -13.91
CA ASP A 58 28.31 -34.45 -15.14
C ASP A 58 29.09 -33.16 -14.93
N GLY A 59 30.41 -33.28 -14.78
CA GLY A 59 31.25 -32.12 -14.55
C GLY A 59 31.89 -31.58 -15.81
N SER A 60 31.27 -31.83 -16.96
CA SER A 60 31.83 -31.35 -18.22
C SER A 60 31.63 -29.85 -18.40
N SER A 61 30.68 -29.26 -17.67
CA SER A 61 30.42 -27.82 -17.74
C SER A 61 30.93 -27.09 -16.51
N ILE A 62 31.76 -27.72 -15.70
CA ILE A 62 32.37 -27.08 -14.53
C ILE A 62 33.76 -26.61 -14.94
N GLU A 63 33.99 -25.31 -14.82
CA GLU A 63 35.27 -24.75 -15.26
C GLU A 63 36.44 -25.46 -14.58
N GLY A 64 37.36 -25.97 -15.38
CA GLY A 64 38.53 -26.66 -14.89
C GLY A 64 38.34 -28.12 -14.58
N PHE A 65 37.19 -28.69 -14.91
CA PHE A 65 36.90 -30.09 -14.61
C PHE A 65 36.97 -30.98 -15.85
N VAL A 66 37.43 -30.45 -16.98
CA VAL A 66 37.60 -31.25 -18.18
C VAL A 66 39.01 -31.03 -18.75
N SER A 71 32.94 -35.53 -18.64
CA SER A 71 33.03 -36.93 -18.23
C SER A 71 32.29 -37.16 -16.92
N ASP A 72 31.82 -38.39 -16.70
CA ASP A 72 31.09 -38.71 -15.49
C ASP A 72 32.01 -38.60 -14.28
N MET A 73 31.48 -37.98 -13.22
CA MET A 73 32.29 -37.77 -12.00
C MET A 73 31.42 -38.07 -10.77
N MET A 74 32.01 -37.89 -9.59
CA MET A 74 31.35 -38.12 -8.32
C MET A 74 31.66 -36.98 -7.36
N LEU A 75 30.73 -36.71 -6.44
CA LEU A 75 30.96 -35.86 -5.29
C LEU A 75 30.91 -36.71 -4.03
N LYS A 76 31.84 -36.46 -3.11
CA LYS A 76 31.95 -37.25 -1.88
C LYS A 76 31.75 -36.35 -0.67
N PRO A 77 30.62 -36.45 0.02
CA PRO A 77 30.37 -35.54 1.15
C PRO A 77 31.46 -35.63 2.21
N ASP A 78 31.88 -34.46 2.69
CA ASP A 78 32.71 -34.34 3.88
C ASP A 78 31.73 -34.06 5.02
N LEU A 79 31.40 -35.09 5.79
CA LEU A 79 30.31 -34.99 6.76
C LEU A 79 30.65 -34.05 7.92
N SER A 80 31.90 -33.63 8.06
CA SER A 80 32.25 -32.63 9.07
C SER A 80 31.73 -31.25 8.72
N THR A 81 31.14 -31.08 7.53
CA THR A 81 30.61 -29.81 7.09
C THR A 81 29.09 -29.79 7.00
N PHE A 82 28.43 -30.89 7.38
CA PHE A 82 26.98 -30.93 7.36
C PHE A 82 26.42 -29.94 8.37
N SER A 83 25.48 -29.11 7.93
CA SER A 83 24.86 -28.12 8.80
C SER A 83 23.62 -27.58 8.11
N VAL A 84 22.92 -26.68 8.80
CA VAL A 84 21.78 -26.00 8.20
C VAL A 84 22.29 -24.98 7.19
N LEU A 85 21.49 -24.71 6.16
CA LEU A 85 21.91 -23.80 5.10
C LEU A 85 22.37 -22.48 5.73
N PRO A 86 23.59 -22.03 5.44
CA PRO A 86 24.06 -20.78 6.06
C PRO A 86 23.18 -19.59 5.73
N TRP A 87 22.74 -19.46 4.48
CA TRP A 87 21.89 -18.33 4.12
C TRP A 87 20.42 -18.57 4.46
N ARG A 88 20.08 -19.77 4.93
CA ARG A 88 18.72 -20.08 5.39
C ARG A 88 18.81 -20.91 6.66
N PRO A 89 19.35 -20.33 7.74
CA PRO A 89 19.50 -21.11 8.98
C PRO A 89 18.18 -21.54 9.59
N SER A 90 17.16 -20.70 9.51
CA SER A 90 15.87 -21.05 10.10
C SER A 90 15.24 -22.23 9.36
N GLU A 91 15.35 -22.24 8.03
CA GLU A 91 14.78 -23.32 7.24
C GLU A 91 15.44 -24.65 7.57
N LYS A 92 14.79 -25.46 8.41
CA LYS A 92 15.35 -26.73 8.82
C LYS A 92 15.04 -27.86 7.83
N SER A 93 14.10 -27.64 6.92
CA SER A 93 13.75 -28.67 5.95
C SER A 93 14.86 -28.93 4.93
N VAL A 94 15.84 -28.03 4.84
CA VAL A 94 16.91 -28.13 3.86
C VAL A 94 18.24 -28.13 4.59
N ALA A 95 19.19 -28.92 4.08
CA ALA A 95 20.53 -28.99 4.64
C ALA A 95 21.53 -29.07 3.49
N ARG A 96 22.80 -28.89 3.82
CA ARG A 96 23.85 -28.93 2.83
C ARG A 96 25.10 -29.54 3.44
N VAL A 97 26.03 -29.94 2.56
CA VAL A 97 27.32 -30.47 2.97
C VAL A 97 28.32 -30.17 1.87
N ILE A 98 29.53 -29.78 2.26
CA ILE A 98 30.60 -29.53 1.30
C ILE A 98 31.22 -30.86 0.90
N CYS A 99 31.53 -31.00 -0.39
CA CYS A 99 31.97 -32.26 -0.96
C CYS A 99 33.34 -32.13 -1.59
N ASP A 100 34.05 -33.24 -1.65
CA ASP A 100 35.23 -33.39 -2.50
C ASP A 100 34.80 -34.07 -3.80
N VAL A 101 35.62 -33.91 -4.83
CA VAL A 101 35.33 -34.44 -6.15
C VAL A 101 36.18 -35.67 -6.38
N TYR A 102 35.53 -36.79 -6.69
CA TYR A 102 36.19 -38.04 -7.02
C TYR A 102 35.83 -38.43 -8.45
N THR A 103 36.55 -39.42 -8.97
CA THR A 103 36.27 -39.94 -10.30
C THR A 103 35.31 -41.12 -10.20
N THR A 104 34.87 -41.59 -11.37
CA THR A 104 33.98 -42.75 -11.41
C THR A 104 34.59 -43.94 -10.66
N LYS A 105 35.89 -44.17 -10.84
CA LYS A 105 36.56 -45.28 -10.17
C LYS A 105 36.40 -45.19 -8.65
N GLY A 106 36.78 -44.05 -8.08
CA GLY A 106 36.66 -43.85 -6.66
C GLY A 106 37.86 -43.18 -6.02
N LYS A 107 38.65 -42.47 -6.84
CA LYS A 107 39.83 -41.77 -6.37
C LYS A 107 39.63 -40.25 -6.43
N PRO A 108 40.32 -39.50 -5.57
CA PRO A 108 40.15 -38.04 -5.59
C PRO A 108 40.57 -37.44 -6.92
N PHE A 109 39.63 -36.73 -7.56
CA PHE A 109 39.88 -36.16 -8.88
C PHE A 109 40.98 -35.12 -8.82
N GLU A 110 41.94 -35.23 -9.74
CA GLU A 110 43.18 -34.47 -9.64
C GLU A 110 42.97 -32.97 -9.77
N GLY A 111 41.89 -32.53 -10.39
CA GLY A 111 41.63 -31.12 -10.58
C GLY A 111 40.78 -30.47 -9.52
N ASP A 112 40.45 -31.18 -8.46
CA ASP A 112 39.59 -30.64 -7.42
C ASP A 112 40.36 -29.63 -6.58
N PRO A 113 39.97 -28.35 -6.57
CA PRO A 113 40.68 -27.40 -5.70
C PRO A 113 40.63 -27.81 -4.24
N ARG A 114 39.50 -28.32 -3.76
CA ARG A 114 39.41 -28.74 -2.37
C ARG A 114 40.34 -29.93 -2.12
N GLY A 115 40.24 -30.97 -2.95
CA GLY A 115 41.13 -32.10 -2.79
C GLY A 115 42.60 -31.71 -2.88
N CYS A 116 42.89 -30.66 -3.65
CA CYS A 116 44.27 -30.23 -3.79
C CYS A 116 44.82 -29.75 -2.45
N LEU A 117 44.06 -28.90 -1.75
CA LEU A 117 44.51 -28.44 -0.44
C LEU A 117 44.59 -29.58 0.56
N LYS A 118 43.66 -30.54 0.47
CA LYS A 118 43.67 -31.68 1.39
C LYS A 118 44.94 -32.51 1.21
N ARG A 119 45.34 -32.75 -0.04
CA ARG A 119 46.52 -33.56 -0.30
C ARG A 119 47.76 -32.95 0.32
N VAL A 120 47.99 -31.66 0.07
CA VAL A 120 49.22 -31.03 0.53
C VAL A 120 49.25 -30.99 2.06
N MET A 121 48.10 -30.79 2.69
CA MET A 121 48.04 -30.82 4.15
C MET A 121 48.14 -32.24 4.69
N GLU A 122 47.65 -33.22 3.92
CA GLU A 122 47.78 -34.61 4.35
C GLU A 122 49.20 -35.12 4.17
N GLU A 123 49.92 -34.60 3.18
CA GLU A 123 51.33 -34.94 3.02
C GLU A 123 52.18 -34.24 4.09
N PHE A 124 51.81 -33.00 4.44
CA PHE A 124 52.53 -32.28 5.48
C PHE A 124 52.28 -32.89 6.85
N LYS A 125 51.13 -33.54 7.01
CA LYS A 125 50.74 -34.18 8.30
C LYS A 125 51.41 -35.55 8.41
N LYS A 126 51.50 -36.29 7.29
CA LYS A 126 52.11 -37.61 7.29
C LYS A 126 53.62 -37.51 7.41
N GLU A 127 54.24 -36.64 6.62
CA GLU A 127 55.70 -36.66 6.50
C GLU A 127 56.39 -35.89 7.61
N PHE A 128 55.75 -34.83 8.13
CA PHE A 128 56.45 -34.04 9.18
C PHE A 128 55.56 -33.81 10.40
N ASN A 129 54.42 -34.52 10.51
CA ASN A 129 53.51 -34.32 11.64
C ASN A 129 53.24 -32.82 11.83
N GLY A 130 52.95 -32.15 10.73
CA GLY A 130 52.84 -30.70 10.70
C GLY A 130 51.40 -30.26 10.46
N GLU A 131 51.04 -29.14 11.09
CA GLU A 131 49.76 -28.50 10.90
C GLU A 131 49.94 -27.17 10.20
N TYR A 132 48.87 -26.71 9.55
CA TYR A 132 48.90 -25.51 8.73
C TYR A 132 47.66 -24.68 9.05
N PHE A 133 47.87 -23.51 9.67
CA PHE A 133 46.74 -22.64 10.09
C PHE A 133 46.78 -21.30 9.34
N VAL A 134 45.60 -20.85 8.88
CA VAL A 134 45.45 -19.60 8.14
C VAL A 134 44.31 -18.81 8.75
N GLY A 135 44.49 -17.49 8.84
CA GLY A 135 43.48 -16.60 9.34
C GLY A 135 43.32 -15.39 8.44
N PRO A 136 42.36 -15.46 7.51
CA PRO A 136 42.22 -14.41 6.50
C PRO A 136 41.39 -13.23 6.96
N GLU A 137 41.51 -12.14 6.20
CA GLU A 137 40.82 -10.88 6.50
C GLU A 137 40.23 -10.33 5.21
N PRO A 138 39.25 -11.02 4.64
CA PRO A 138 38.69 -10.57 3.36
C PRO A 138 37.92 -9.25 3.50
N GLU A 139 38.13 -8.35 2.55
CA GLU A 139 37.41 -7.10 2.45
C GLU A 139 36.42 -7.18 1.29
N PHE A 140 35.38 -6.34 1.33
CA PHE A 140 34.41 -6.32 0.26
C PHE A 140 33.73 -4.97 0.22
N PHE A 141 32.97 -4.75 -0.85
CA PHE A 141 32.21 -3.53 -1.07
C PHE A 141 30.73 -3.87 -1.12
N LEU A 142 29.91 -3.03 -0.49
CA LEU A 142 28.46 -3.06 -0.65
C LEU A 142 28.08 -1.98 -1.67
N LEU A 143 27.18 -2.33 -2.58
CA LEU A 143 26.86 -1.49 -3.71
C LEU A 143 25.36 -1.28 -3.83
N LYS A 144 25.00 -0.08 -4.28
CA LYS A 144 23.64 0.25 -4.70
C LYS A 144 23.72 0.89 -6.07
N LYS A 145 22.57 0.99 -6.74
CA LYS A 145 22.51 1.60 -8.05
CA LYS A 145 22.52 1.60 -8.05
C LYS A 145 22.75 3.11 -7.94
N ASP A 146 23.30 3.68 -9.01
CA ASP A 146 23.47 5.13 -9.08
C ASP A 146 22.12 5.76 -9.39
N PRO A 147 21.58 6.62 -8.52
CA PRO A 147 20.25 7.19 -8.81
C PRO A 147 20.20 7.93 -10.13
N HIS A 148 21.32 8.51 -10.56
CA HIS A 148 21.34 9.25 -11.82
C HIS A 148 21.56 8.33 -13.03
N ASN A 149 22.28 7.23 -12.84
CA ASN A 149 22.53 6.25 -13.90
C ASN A 149 22.12 4.88 -13.37
N PRO A 150 20.87 4.46 -13.58
CA PRO A 150 20.41 3.17 -13.03
C PRO A 150 21.11 1.97 -13.63
N HIS A 151 22.04 2.16 -14.55
CA HIS A 151 22.80 1.07 -15.16
C HIS A 151 24.19 0.95 -14.58
N LYS A 152 24.49 1.65 -13.49
CA LYS A 152 25.78 1.61 -12.83
C LYS A 152 25.60 1.46 -11.32
N TYR A 153 26.67 1.08 -10.65
CA TYR A 153 26.67 0.86 -9.20
C TYR A 153 27.65 1.82 -8.54
N ILE A 154 27.29 2.28 -7.34
CA ILE A 154 28.15 3.15 -6.55
C ILE A 154 28.27 2.57 -5.15
N PRO A 155 29.19 3.06 -4.31
CA PRO A 155 29.29 2.55 -2.95
C PRO A 155 28.00 2.74 -2.17
N ALA A 156 27.77 1.85 -1.20
CA ALA A 156 26.50 1.84 -0.48
C ALA A 156 26.38 2.94 0.54
N ASP A 157 27.49 3.52 1.00
CA ASP A 157 27.44 4.61 1.95
C ASP A 157 28.69 5.46 1.78
N ASP A 158 28.79 6.51 2.58
CA ASP A 158 29.95 7.39 2.60
C ASP A 158 30.74 7.26 3.89
N GLY A 159 30.62 6.13 4.59
CA GLY A 159 31.34 5.94 5.83
C GLY A 159 32.81 5.68 5.60
N GLY A 160 33.59 5.92 6.66
CA GLY A 160 35.02 5.74 6.64
C GLY A 160 35.47 4.56 7.46
N TYR A 161 36.74 4.60 7.85
CA TYR A 161 37.37 3.51 8.59
C TYR A 161 36.87 3.51 10.04
N PHE A 162 36.31 2.38 10.47
CA PHE A 162 35.81 2.17 11.83
C PHE A 162 34.61 3.07 12.16
N ASP A 163 33.92 3.60 11.13
CA ASP A 163 32.94 4.64 11.36
C ASP A 163 31.68 4.07 12.04
N LEU A 164 30.97 4.97 12.71
CA LEU A 164 29.71 4.65 13.39
C LEU A 164 28.52 5.09 12.53
N GLU A 165 27.36 4.53 12.86
CA GLU A 165 26.13 4.98 12.21
C GLU A 165 25.89 6.45 12.55
N PRO A 166 25.18 7.20 11.68
CA PRO A 166 24.56 6.72 10.45
C PRO A 166 25.49 6.68 9.25
N MET A 167 26.69 7.24 9.38
CA MET A 167 27.65 7.22 8.26
C MET A 167 27.93 5.79 7.83
N ASP A 168 28.05 4.88 8.79
CA ASP A 168 28.18 3.45 8.51
C ASP A 168 26.77 2.88 8.35
N GLU A 169 26.43 2.46 7.15
CA GLU A 169 25.09 1.99 6.83
C GLU A 169 25.01 0.47 6.75
N ALA A 170 25.98 -0.23 7.35
CA ALA A 170 25.99 -1.70 7.26
C ALA A 170 26.37 -2.38 8.60
N PRO A 171 26.16 -1.76 9.77
CA PRO A 171 26.49 -2.42 11.04
C PRO A 171 25.63 -3.67 11.22
N ASP A 172 24.36 -3.61 10.82
CA ASP A 172 23.44 -4.78 10.94
C ASP A 172 23.87 -5.84 9.91
N ILE A 173 24.25 -5.44 8.71
CA ILE A 173 24.69 -6.42 7.71
C ILE A 173 25.92 -7.15 8.21
N ARG A 174 26.90 -6.41 8.74
CA ARG A 174 28.09 -7.04 9.30
C ARG A 174 27.72 -7.92 10.50
N ARG A 175 26.76 -7.46 11.31
CA ARG A 175 26.31 -8.25 12.45
C ARG A 175 25.63 -9.53 12.01
N ASP A 176 24.93 -9.50 10.88
CA ASP A 176 24.19 -10.69 10.44
C ASP A 176 25.13 -11.71 9.80
N ILE A 177 26.04 -11.28 8.94
CA ILE A 177 26.97 -12.20 8.32
C ILE A 177 27.80 -12.91 9.40
N VAL A 178 28.19 -12.17 10.44
CA VAL A 178 29.00 -12.77 11.49
C VAL A 178 28.16 -13.74 12.31
N PHE A 179 26.94 -13.35 12.69
CA PHE A 179 26.07 -14.26 13.40
C PHE A 179 25.85 -15.53 12.59
N ALA A 180 25.57 -15.38 11.30
CA ALA A 180 25.27 -16.54 10.47
C ALA A 180 26.44 -17.51 10.43
N LEU A 181 27.66 -16.99 10.37
CA LEU A 181 28.84 -17.86 10.33
C LEU A 181 29.13 -18.46 11.70
N GLU A 182 29.01 -17.65 12.75
CA GLU A 182 29.29 -18.16 14.10
C GLU A 182 28.31 -19.27 14.46
N ASN A 183 27.02 -19.06 14.21
CA ASN A 183 26.00 -20.04 14.57
C ASN A 183 26.17 -21.35 13.83
N LEU A 184 27.09 -21.44 12.87
CA LEU A 184 27.32 -22.65 12.11
C LEU A 184 28.70 -23.26 12.35
N GLY A 185 29.53 -22.63 13.16
CA GLY A 185 30.86 -23.13 13.46
C GLY A 185 31.98 -22.42 12.72
N PHE A 186 31.66 -21.71 11.65
CA PHE A 186 32.66 -20.98 10.87
C PHE A 186 33.02 -19.74 11.65
N HIS A 187 34.08 -19.84 12.46
CA HIS A 187 34.40 -18.82 13.44
C HIS A 187 35.07 -17.61 12.78
N VAL A 188 34.70 -16.43 13.28
CA VAL A 188 35.28 -15.16 12.83
C VAL A 188 35.57 -14.32 14.07
N GLU A 189 36.29 -13.21 13.85
CA GLU A 189 36.67 -12.31 14.95
C GLU A 189 36.04 -10.96 14.64
N ALA A 190 36.83 -9.90 14.50
CA ALA A 190 36.28 -8.56 14.39
C ALA A 190 35.71 -8.30 12.99
N SER A 191 34.94 -7.21 12.89
CA SER A 191 34.46 -6.67 11.63
C SER A 191 34.24 -5.18 11.81
N HIS A 192 34.37 -4.43 10.73
CA HIS A 192 34.29 -2.99 10.80
C HIS A 192 34.11 -2.41 9.40
N HIS A 193 33.63 -1.17 9.35
CA HIS A 193 33.66 -0.41 8.11
C HIS A 193 35.10 -0.05 7.77
N GLU A 194 35.46 -0.23 6.52
CA GLU A 194 36.84 -0.04 6.09
C GLU A 194 37.05 1.40 5.63
N VAL A 195 38.21 1.67 5.05
CA VAL A 195 38.57 3.04 4.68
C VAL A 195 37.61 3.56 3.62
N ALA A 196 37.50 2.86 2.50
CA ALA A 196 36.74 3.36 1.37
C ALA A 196 35.25 3.41 1.69
N PRO A 197 34.49 4.18 0.92
CA PRO A 197 33.02 4.19 1.11
C PRO A 197 32.42 2.85 0.73
N GLY A 198 31.46 2.40 1.52
CA GLY A 198 30.82 1.12 1.28
C GLY A 198 31.70 -0.08 1.46
N GLN A 199 32.95 0.10 1.89
CA GLN A 199 33.86 -1.01 2.10
C GLN A 199 33.80 -1.50 3.53
N HIS A 200 34.03 -2.80 3.70
CA HIS A 200 33.93 -3.45 5.00
C HIS A 200 34.98 -4.54 5.09
N GLU A 201 35.11 -5.12 6.28
CA GLU A 201 36.06 -6.20 6.51
C GLU A 201 35.52 -7.15 7.57
N VAL A 202 35.71 -8.45 7.33
CA VAL A 202 35.36 -9.49 8.28
C VAL A 202 36.61 -10.32 8.54
N ASP A 203 37.05 -10.34 9.79
CA ASP A 203 38.29 -11.01 10.17
C ASP A 203 37.99 -12.42 10.62
N PHE A 204 38.61 -13.41 9.98
CA PHE A 204 38.31 -14.81 10.23
C PHE A 204 39.22 -15.38 11.31
N LYS A 205 38.77 -16.49 11.91
CA LYS A 205 39.53 -17.11 12.97
C LYS A 205 40.78 -17.79 12.41
N PHE A 206 41.91 -17.54 13.06
CA PHE A 206 43.13 -18.31 12.82
C PHE A 206 42.82 -19.78 13.09
N ASP A 207 42.75 -20.60 12.03
CA ASP A 207 42.20 -21.93 12.16
C ASP A 207 42.79 -22.84 11.09
N ASP A 208 42.36 -24.11 11.11
CA ASP A 208 42.78 -25.08 10.10
C ASP A 208 42.50 -24.53 8.71
N ALA A 209 43.53 -24.59 7.86
CA ALA A 209 43.45 -23.91 6.56
C ALA A 209 42.33 -24.46 5.69
N LEU A 210 41.99 -25.74 5.85
CA LEU A 210 40.87 -26.30 5.09
C LEU A 210 39.54 -25.79 5.65
N LYS A 211 39.36 -25.89 6.96
CA LYS A 211 38.17 -25.32 7.59
C LYS A 211 38.05 -23.84 7.26
N THR A 212 39.17 -23.12 7.16
CA THR A 212 39.12 -21.70 6.84
C THR A 212 38.76 -21.48 5.37
N ALA A 213 39.22 -22.37 4.48
CA ALA A 213 38.84 -22.26 3.07
C ALA A 213 37.35 -22.55 2.89
N ASP A 214 36.81 -23.50 3.66
CA ASP A 214 35.37 -23.70 3.68
C ASP A 214 34.67 -22.49 4.26
N SER A 215 35.27 -21.88 5.29
CA SER A 215 34.73 -20.64 5.86
C SER A 215 34.56 -19.57 4.78
N VAL A 216 35.66 -19.26 4.08
CA VAL A 216 35.64 -18.17 3.12
C VAL A 216 34.57 -18.40 2.05
N ILE A 217 34.52 -19.61 1.49
CA ILE A 217 33.53 -19.90 0.46
C ILE A 217 32.12 -19.71 1.00
N THR A 218 31.86 -20.18 2.23
CA THR A 218 30.55 -19.98 2.84
C THR A 218 30.28 -18.49 3.01
N PHE A 219 31.28 -17.73 3.45
CA PHE A 219 31.08 -16.32 3.75
C PHE A 219 30.76 -15.52 2.50
N LYS A 220 31.44 -15.79 1.40
CA LYS A 220 31.21 -15.02 0.17
C LYS A 220 29.78 -15.18 -0.32
N THR A 221 29.24 -16.39 -0.24
CA THR A 221 27.87 -16.61 -0.70
C THR A 221 26.88 -15.94 0.26
N THR A 222 27.12 -16.03 1.56
CA THR A 222 26.15 -15.54 2.53
C THR A 222 26.06 -14.03 2.54
N ILE A 223 27.20 -13.34 2.46
CA ILE A 223 27.15 -11.88 2.46
C ILE A 223 26.40 -11.37 1.23
N LYS A 224 26.49 -12.10 0.12
CA LYS A 224 25.80 -11.68 -1.10
C LYS A 224 24.30 -11.77 -0.93
N THR A 225 23.82 -12.89 -0.39
CA THR A 225 22.38 -13.06 -0.20
C THR A 225 21.86 -12.08 0.87
N ILE A 226 22.63 -11.86 1.92
CA ILE A 226 22.25 -10.88 2.94
C ILE A 226 22.14 -9.50 2.30
N ALA A 227 23.13 -9.12 1.51
CA ALA A 227 23.09 -7.82 0.84
C ALA A 227 21.83 -7.69 -0.01
N GLU A 228 21.49 -8.72 -0.78
CA GLU A 228 20.33 -8.64 -1.65
C GLU A 228 19.05 -8.42 -0.85
N GLN A 229 18.94 -9.07 0.32
CA GLN A 229 17.78 -8.84 1.17
C GLN A 229 17.61 -7.34 1.46
N HIS A 230 18.71 -6.60 1.55
CA HIS A 230 18.67 -5.17 1.81
C HIS A 230 18.70 -4.33 0.54
N GLY A 231 18.44 -4.94 -0.61
CA GLY A 231 18.45 -4.19 -1.85
C GLY A 231 19.81 -3.72 -2.30
N LEU A 232 20.87 -4.42 -1.89
CA LEU A 232 22.23 -4.08 -2.24
C LEU A 232 22.92 -5.27 -2.92
N LYS A 233 24.15 -5.03 -3.35
CA LYS A 233 25.00 -6.06 -3.94
C LYS A 233 26.36 -6.05 -3.26
N ALA A 234 26.88 -7.23 -2.97
CA ALA A 234 28.21 -7.38 -2.39
C ALA A 234 29.17 -7.86 -3.47
N THR A 235 30.30 -7.18 -3.60
CA THR A 235 31.30 -7.53 -4.59
C THR A 235 32.64 -7.74 -3.92
N PHE A 236 33.35 -8.78 -4.37
CA PHE A 236 34.72 -9.04 -3.96
C PHE A 236 35.71 -8.65 -5.05
N MET A 237 35.28 -7.82 -5.99
CA MET A 237 36.19 -7.21 -6.95
C MET A 237 37.33 -6.50 -6.21
N PRO A 238 38.59 -6.71 -6.61
CA PRO A 238 39.69 -6.11 -5.83
C PRO A 238 39.75 -4.60 -5.90
N LYS A 239 39.46 -3.99 -7.06
CA LYS A 239 39.53 -2.55 -7.23
C LYS A 239 38.32 -2.09 -8.05
N PRO A 240 37.15 -2.03 -7.42
CA PRO A 240 35.94 -1.64 -8.17
C PRO A 240 35.89 -0.18 -8.55
N PHE A 241 36.58 0.70 -7.81
CA PHE A 241 36.55 2.13 -8.09
C PHE A 241 37.95 2.69 -8.02
N PHE A 242 38.37 3.39 -9.08
CA PHE A 242 39.60 4.15 -9.02
C PHE A 242 39.43 5.32 -8.04
N GLY A 243 40.53 5.67 -7.37
CA GLY A 243 40.53 6.78 -6.45
C GLY A 243 40.22 6.41 -5.01
N MET A 244 39.89 5.16 -4.72
CA MET A 244 39.65 4.73 -3.36
C MET A 244 40.29 3.35 -3.17
N ASN A 245 40.44 2.97 -1.91
CA ASN A 245 41.15 1.74 -1.57
C ASN A 245 40.52 0.55 -2.28
N GLY A 246 41.36 -0.43 -2.60
CA GLY A 246 40.90 -1.70 -3.10
C GLY A 246 40.66 -2.70 -1.97
N SER A 247 40.09 -3.84 -2.35
CA SER A 247 39.72 -4.89 -1.40
C SER A 247 40.77 -6.00 -1.45
N GLY A 248 41.45 -6.22 -0.33
CA GLY A 248 42.43 -7.27 -0.20
C GLY A 248 41.97 -8.33 0.78
N MET A 249 42.76 -9.40 0.87
CA MET A 249 42.52 -10.47 1.83
C MET A 249 43.86 -10.84 2.46
N HIS A 250 44.24 -10.08 3.49
CA HIS A 250 45.46 -10.37 4.22
C HIS A 250 45.36 -11.74 4.89
N CYS A 251 46.35 -12.58 4.65
CA CYS A 251 46.34 -13.96 5.13
C CYS A 251 47.43 -14.14 6.19
N HIS A 252 46.97 -14.32 7.44
CA HIS A 252 47.87 -14.63 8.59
C HIS A 252 48.05 -16.16 8.58
N GLN A 253 49.30 -16.64 8.63
CA GLN A 253 49.56 -18.07 8.54
C GLN A 253 50.77 -18.45 9.37
N SER A 254 50.78 -19.71 9.80
CA SER A 254 51.91 -20.31 10.50
C SER A 254 51.80 -21.82 10.35
N ILE A 255 52.91 -22.50 10.62
CA ILE A 255 52.94 -23.95 10.63
C ILE A 255 53.37 -24.41 12.02
N TRP A 256 52.93 -25.62 12.36
CA TRP A 256 53.24 -26.29 13.65
C TRP A 256 53.88 -27.65 13.34
N LEU A 257 54.96 -27.99 14.04
CA LEU A 257 55.60 -29.29 13.89
C LEU A 257 55.57 -29.99 15.23
N ASN A 258 54.95 -31.17 15.26
CA ASN A 258 54.84 -31.96 16.48
C ASN A 258 54.17 -31.15 17.60
N GLY A 259 53.03 -30.54 17.27
CA GLY A 259 52.28 -29.80 18.25
C GLY A 259 53.01 -28.63 18.86
N GLU A 260 54.08 -28.15 18.22
CA GLU A 260 54.89 -27.06 18.74
C GLU A 260 54.83 -25.87 17.81
N PRO A 261 54.67 -24.64 18.34
CA PRO A 261 54.73 -23.46 17.46
C PRO A 261 56.12 -23.25 16.90
N SER A 262 56.41 -23.89 15.76
CA SER A 262 57.76 -23.90 15.21
C SER A 262 58.24 -22.53 14.77
N PHE A 263 57.38 -21.52 14.77
CA PHE A 263 57.79 -20.18 14.38
C PHE A 263 58.38 -19.38 15.53
N TYR A 264 58.29 -19.87 16.77
CA TYR A 264 58.70 -19.15 17.95
C TYR A 264 59.99 -19.74 18.50
N ASP A 265 60.97 -18.87 18.75
CA ASP A 265 62.25 -19.26 19.33
C ASP A 265 62.66 -18.18 20.30
N GLU A 266 62.56 -18.46 21.60
CA GLU A 266 62.84 -17.45 22.61
C GLU A 266 64.23 -16.84 22.43
N ASN A 267 65.20 -17.65 22.00
CA ASN A 267 66.60 -17.24 21.94
C ASN A 267 67.06 -17.02 20.50
N ALA A 268 66.22 -16.42 19.67
CA ALA A 268 66.54 -16.13 18.29
C ALA A 268 66.23 -14.67 18.00
N PRO A 269 66.79 -14.12 16.92
CA PRO A 269 66.50 -12.72 16.57
C PRO A 269 65.01 -12.51 16.37
N TYR A 270 64.48 -11.44 16.98
CA TYR A 270 63.03 -11.11 16.92
C TYR A 270 62.22 -12.32 17.41
N GLN A 271 62.86 -13.24 18.14
CA GLN A 271 62.17 -14.37 18.75
C GLN A 271 61.51 -15.16 17.62
N LEU A 272 62.07 -15.05 16.43
CA LEU A 272 61.53 -15.85 15.31
C LEU A 272 62.50 -17.01 15.12
N SER A 273 61.96 -18.22 14.92
CA SER A 273 62.74 -19.43 14.73
C SER A 273 63.39 -19.44 13.35
N GLU A 274 64.36 -20.34 13.19
CA GLU A 274 64.95 -20.56 11.88
C GLU A 274 63.90 -21.04 10.89
N THR A 275 63.06 -21.99 11.31
CA THR A 275 62.02 -22.51 10.43
C THR A 275 61.11 -21.38 9.93
N CYS A 276 60.84 -20.40 10.79
CA CYS A 276 60.05 -19.25 10.37
C CYS A 276 60.75 -18.49 9.24
N MET A 277 62.04 -18.20 9.44
CA MET A 277 62.78 -17.48 8.41
C MET A 277 62.88 -18.28 7.13
N ASN A 278 63.09 -19.59 7.24
CA ASN A 278 63.02 -20.44 6.05
C ASN A 278 61.67 -20.30 5.37
N TYR A 279 60.59 -20.31 6.16
CA TYR A 279 59.25 -20.18 5.60
C TYR A 279 59.06 -18.81 4.95
N VAL A 280 59.53 -17.75 5.61
CA VAL A 280 59.44 -16.41 5.03
C VAL A 280 60.24 -16.33 3.74
N ALA A 281 61.46 -16.87 3.76
CA ALA A 281 62.29 -16.82 2.56
C ALA A 281 61.64 -17.56 1.40
N GLY A 282 60.95 -18.66 1.70
CA GLY A 282 60.28 -19.40 0.65
C GLY A 282 59.11 -18.65 0.04
N ILE A 283 58.46 -17.82 0.85
CA ILE A 283 57.30 -16.99 0.39
C ILE A 283 57.85 -15.87 -0.51
N LEU A 284 58.95 -15.25 -0.11
CA LEU A 284 59.56 -14.19 -0.89
C LEU A 284 60.16 -14.73 -2.19
N LYS A 285 60.75 -15.93 -2.13
CA LYS A 285 61.36 -16.50 -3.32
C LYS A 285 60.35 -16.74 -4.42
N HIS A 286 59.14 -17.16 -4.06
CA HIS A 286 58.13 -17.54 -5.03
C HIS A 286 57.01 -16.53 -5.17
N ALA A 287 57.16 -15.34 -4.59
CA ALA A 287 56.05 -14.38 -4.56
C ALA A 287 55.55 -14.05 -5.95
N LYS A 288 56.47 -13.77 -6.88
CA LYS A 288 56.05 -13.33 -8.21
C LYS A 288 55.11 -14.32 -8.88
N ALA A 289 55.25 -15.61 -8.56
CA ALA A 289 54.35 -16.63 -9.12
C ALA A 289 53.15 -16.88 -8.23
N ILE A 290 53.28 -16.67 -6.92
CA ILE A 290 52.15 -16.89 -6.02
C ILE A 290 50.97 -16.00 -6.40
N VAL A 291 51.26 -14.76 -6.78
CA VAL A 291 50.18 -13.79 -6.97
C VAL A 291 49.31 -14.12 -8.18
N ALA A 292 49.81 -14.95 -9.10
CA ALA A 292 48.95 -15.42 -10.19
C ALA A 292 47.76 -16.20 -9.65
N ILE A 293 47.94 -16.85 -8.50
CA ILE A 293 46.87 -17.63 -7.87
C ILE A 293 46.11 -16.79 -6.86
N THR A 294 46.82 -16.05 -6.02
CA THR A 294 46.21 -15.26 -4.96
C THR A 294 45.69 -13.91 -5.45
N ASN A 295 46.03 -13.53 -6.68
CA ASN A 295 45.56 -12.29 -7.28
C ASN A 295 45.23 -12.59 -8.74
N PRO A 296 44.17 -13.37 -8.98
CA PRO A 296 44.02 -14.02 -10.29
C PRO A 296 43.20 -13.28 -11.33
N THR A 297 42.96 -11.99 -11.14
CA THR A 297 42.16 -11.20 -12.07
C THR A 297 43.01 -10.08 -12.67
N VAL A 298 42.53 -9.56 -13.79
CA VAL A 298 43.14 -8.38 -14.38
C VAL A 298 43.02 -7.20 -13.41
N ASN A 299 41.87 -7.08 -12.75
CA ASN A 299 41.65 -5.97 -11.84
C ASN A 299 42.46 -6.08 -10.56
N SER A 300 42.92 -7.29 -10.22
CA SER A 300 43.73 -7.46 -9.02
C SER A 300 44.91 -6.49 -9.02
N TYR A 301 45.55 -6.33 -10.18
CA TYR A 301 46.76 -5.53 -10.29
C TYR A 301 46.47 -4.04 -10.41
N LYS A 302 45.20 -3.65 -10.34
CA LYS A 302 44.87 -2.25 -10.11
C LYS A 302 45.00 -1.90 -8.64
N ARG A 303 44.82 -2.89 -7.76
CA ARG A 303 45.14 -2.72 -6.35
C ARG A 303 46.63 -2.87 -6.11
N LEU A 304 47.29 -3.77 -6.83
CA LEU A 304 48.73 -3.96 -6.71
C LEU A 304 49.44 -2.97 -7.63
N VAL A 305 49.47 -1.71 -7.18
CA VAL A 305 50.18 -0.65 -7.89
C VAL A 305 51.00 0.13 -6.87
N PRO A 306 52.09 0.78 -7.27
CA PRO A 306 52.91 1.52 -6.31
C PRO A 306 52.08 2.50 -5.50
N GLY A 307 52.23 2.42 -4.17
CA GLY A 307 51.48 3.28 -3.28
C GLY A 307 52.10 3.29 -1.90
N TYR A 308 51.62 4.22 -1.08
CA TYR A 308 52.16 4.39 0.27
C TYR A 308 51.98 3.13 1.11
N GLU A 309 50.94 2.34 0.83
CA GLU A 309 50.64 1.14 1.60
C GLU A 309 50.35 -0.05 0.69
N ALA A 310 50.93 -0.07 -0.51
CA ALA A 310 50.66 -1.14 -1.46
C ALA A 310 51.58 -2.32 -1.22
N PRO A 311 51.05 -3.55 -1.09
CA PRO A 311 51.92 -4.72 -0.84
C PRO A 311 52.53 -5.28 -2.12
N VAL A 312 53.37 -4.46 -2.76
CA VAL A 312 53.97 -4.85 -4.03
C VAL A 312 55.46 -5.15 -3.91
N ASN A 313 56.11 -4.75 -2.82
CA ASN A 313 57.55 -4.89 -2.69
C ASN A 313 57.87 -6.18 -1.94
N ILE A 314 58.60 -7.07 -2.62
CA ILE A 314 58.96 -8.42 -2.09
C ILE A 314 59.95 -8.28 -0.93
N ALA A 315 59.44 -8.15 0.30
CA ALA A 315 60.29 -8.05 1.49
C ALA A 315 59.39 -8.27 2.70
N TRP A 316 60.04 -8.43 3.85
CA TRP A 316 59.34 -8.62 5.11
C TRP A 316 59.84 -7.61 6.12
N ALA A 317 59.03 -7.34 7.13
CA ALA A 317 59.37 -6.35 8.15
C ALA A 317 58.56 -6.63 9.40
N ASN A 318 59.03 -6.09 10.53
CA ASN A 318 58.35 -6.30 11.79
C ASN A 318 57.07 -5.48 11.88
N SER A 319 57.14 -4.20 11.48
CA SER A 319 55.99 -3.31 11.53
C SER A 319 55.71 -2.58 10.22
N ASN A 320 56.65 -2.57 9.28
CA ASN A 320 56.46 -1.83 8.03
C ASN A 320 55.30 -2.41 7.23
N ARG A 321 54.40 -1.53 6.77
CA ARG A 321 53.22 -1.95 6.03
C ARG A 321 53.44 -1.93 4.52
N SER A 322 54.48 -1.27 4.04
CA SER A 322 54.79 -1.24 2.60
C SER A 322 55.43 -2.51 2.09
N ALA A 323 55.60 -3.51 2.96
CA ALA A 323 56.19 -4.78 2.58
C ALA A 323 55.11 -5.81 2.27
N ILE A 324 55.50 -6.85 1.54
CA ILE A 324 54.54 -7.89 1.17
C ILE A 324 54.29 -8.86 2.32
N ILE A 325 55.18 -8.92 3.30
CA ILE A 325 54.98 -9.73 4.50
C ILE A 325 55.15 -8.84 5.72
N ARG A 326 54.25 -9.00 6.69
CA ARG A 326 54.31 -8.30 7.97
C ARG A 326 54.22 -9.34 9.08
N VAL A 327 55.01 -9.15 10.13
CA VAL A 327 55.07 -10.07 11.25
C VAL A 327 54.43 -9.37 12.46
N PRO A 328 53.27 -9.84 12.93
CA PRO A 328 52.68 -9.22 14.13
C PRO A 328 53.57 -9.41 15.35
N ALA A 329 53.30 -8.60 16.38
CA ALA A 329 54.08 -8.63 17.60
C ALA A 329 53.76 -9.84 18.47
N ALA A 330 52.70 -10.58 18.17
CA ALA A 330 52.35 -11.73 18.98
C ALA A 330 53.42 -12.80 18.90
N ARG A 331 53.75 -13.38 20.05
CA ARG A 331 54.77 -14.44 20.14
C ARG A 331 54.14 -15.69 20.77
N GLY A 332 54.95 -16.69 21.08
CA GLY A 332 54.45 -17.92 21.68
C GLY A 332 53.54 -18.65 20.72
N LYS A 333 52.38 -19.06 21.23
CA LYS A 333 51.38 -19.83 20.43
C LYS A 333 50.80 -18.95 19.31
N GLY A 334 50.90 -17.62 19.45
CA GLY A 334 50.36 -16.71 18.47
C GLY A 334 51.33 -16.24 17.42
N THR A 335 52.57 -16.71 17.44
CA THR A 335 53.54 -16.30 16.44
C THR A 335 53.03 -16.68 15.06
N ARG A 336 53.01 -15.70 14.14
CA ARG A 336 52.50 -15.94 12.77
C ARG A 336 53.11 -14.89 11.84
N ILE A 337 52.96 -15.12 10.54
CA ILE A 337 53.43 -14.18 9.52
C ILE A 337 52.16 -13.85 8.75
N GLU A 338 52.15 -12.65 8.13
CA GLU A 338 50.93 -12.19 7.39
C GLU A 338 51.28 -11.77 5.96
N PHE A 339 50.87 -12.60 4.99
CA PHE A 339 51.03 -12.30 3.57
C PHE A 339 49.94 -11.33 3.15
N ARG A 340 50.34 -10.15 2.67
CA ARG A 340 49.43 -9.02 2.50
C ARG A 340 48.97 -8.82 1.06
N ALA A 341 49.38 -9.68 0.14
CA ALA A 341 49.12 -9.46 -1.28
C ALA A 341 47.77 -9.96 -1.75
N PRO A 342 47.29 -11.12 -1.27
CA PRO A 342 46.06 -11.69 -1.85
C PRO A 342 44.87 -10.76 -1.72
N ASP A 343 43.97 -10.85 -2.69
CA ASP A 343 42.69 -10.18 -2.68
C ASP A 343 41.58 -11.23 -2.66
N PRO A 344 40.37 -10.85 -2.25
CA PRO A 344 39.34 -11.87 -2.02
C PRO A 344 38.77 -12.50 -3.27
N SER A 345 39.26 -12.14 -4.46
CA SER A 345 38.79 -12.79 -5.68
C SER A 345 39.44 -14.15 -5.91
N CYS A 346 40.47 -14.49 -5.14
CA CYS A 346 41.20 -15.73 -5.34
C CYS A 346 40.41 -16.92 -4.82
N ASN A 347 40.70 -18.09 -5.40
CA ASN A 347 40.14 -19.35 -4.92
C ASN A 347 40.87 -19.75 -3.64
N PRO A 348 40.21 -19.73 -2.48
CA PRO A 348 40.95 -19.94 -1.22
C PRO A 348 41.72 -21.26 -1.18
N TYR A 349 41.13 -22.35 -1.67
CA TYR A 349 41.82 -23.63 -1.64
C TYR A 349 43.16 -23.55 -2.35
N LEU A 350 43.17 -22.93 -3.53
CA LEU A 350 44.40 -22.86 -4.31
C LEU A 350 45.39 -21.89 -3.69
N ALA A 351 44.91 -20.75 -3.20
CA ALA A 351 45.80 -19.79 -2.55
C ALA A 351 46.49 -20.42 -1.35
N PHE A 352 45.71 -21.08 -0.47
CA PHE A 352 46.29 -21.71 0.71
C PHE A 352 47.30 -22.79 0.32
N THR A 353 47.07 -23.46 -0.82
CA THR A 353 48.01 -24.48 -1.28
C THR A 353 49.35 -23.85 -1.64
N VAL A 354 49.32 -22.74 -2.40
CA VAL A 354 50.57 -22.20 -2.94
C VAL A 354 51.38 -21.49 -1.87
N MET A 355 50.73 -20.94 -0.84
CA MET A 355 51.48 -20.28 0.22
C MET A 355 52.21 -21.32 1.07
N LEU A 356 51.56 -22.44 1.37
CA LEU A 356 52.21 -23.50 2.13
C LEU A 356 53.38 -24.09 1.34
N ALA A 357 53.15 -24.41 0.07
CA ALA A 357 54.21 -25.03 -0.72
C ALA A 357 55.41 -24.11 -0.85
N ALA A 358 55.17 -22.81 -1.05
CA ALA A 358 56.28 -21.87 -1.14
C ALA A 358 57.01 -21.75 0.19
N GLY A 359 56.26 -21.68 1.28
CA GLY A 359 56.90 -21.59 2.59
C GLY A 359 57.65 -22.85 2.94
N LEU A 360 57.02 -24.01 2.73
CA LEU A 360 57.68 -25.27 3.02
C LEU A 360 58.90 -25.47 2.13
N ASP A 361 58.80 -25.11 0.84
CA ASP A 361 59.95 -25.18 -0.04
C ASP A 361 61.13 -24.41 0.56
N GLY A 362 60.83 -23.29 1.21
CA GLY A 362 61.89 -22.57 1.92
C GLY A 362 62.41 -23.35 3.10
N VAL A 363 61.53 -24.07 3.79
CA VAL A 363 61.94 -24.89 4.92
C VAL A 363 62.73 -26.10 4.44
N LYS A 364 62.22 -26.78 3.41
CA LYS A 364 62.90 -27.97 2.91
C LYS A 364 64.33 -27.66 2.48
N ASN A 365 64.59 -26.44 2.02
CA ASN A 365 65.91 -26.04 1.55
C ASN A 365 66.61 -25.08 2.49
N LYS A 366 66.05 -24.84 3.66
CA LYS A 366 66.66 -23.98 4.69
C LYS A 366 67.17 -22.68 4.08
N LEU A 367 66.26 -21.97 3.42
CA LEU A 367 66.64 -20.76 2.71
C LEU A 367 66.88 -19.61 3.68
N ASP A 368 67.92 -18.84 3.43
CA ASP A 368 68.23 -17.67 4.23
C ASP A 368 67.26 -16.54 3.89
N ALA A 369 66.84 -15.81 4.91
CA ALA A 369 65.89 -14.69 4.72
C ALA A 369 66.62 -13.35 4.68
N PRO A 370 66.19 -12.39 3.84
CA PRO A 370 66.79 -11.06 3.76
C PRO A 370 66.45 -10.23 5.00
N GLU A 371 67.23 -9.18 5.25
CA GLU A 371 67.00 -8.32 6.44
C GLU A 371 65.62 -7.67 6.36
N PRO A 372 64.89 -7.52 7.48
CA PRO A 372 63.58 -6.88 7.45
C PRO A 372 63.79 -5.42 7.03
N VAL A 373 62.90 -4.91 6.17
CA VAL A 373 63.01 -3.50 5.69
C VAL A 373 62.02 -2.65 6.49
N GLU A 374 62.50 -2.01 7.56
CA GLU A 374 61.62 -1.17 8.36
C GLU A 374 61.34 0.17 7.69
N ARG A 375 62.29 0.67 6.89
CA ARG A 375 62.06 1.89 6.13
C ARG A 375 60.86 1.70 5.19
N ASN A 376 60.32 2.83 4.74
CA ASN A 376 59.21 2.81 3.79
C ASN A 376 59.74 2.53 2.39
N ILE A 377 59.27 1.44 1.78
CA ILE A 377 59.77 1.05 0.48
C ILE A 377 59.27 1.99 -0.61
N PHE A 378 58.05 2.52 -0.47
CA PHE A 378 57.48 3.35 -1.52
C PHE A 378 58.16 4.71 -1.60
N ALA A 379 58.67 5.22 -0.47
CA ALA A 379 59.28 6.54 -0.48
C ALA A 379 60.72 6.52 -0.98
N MET A 380 61.46 5.45 -0.71
CA MET A 380 62.84 5.38 -1.16
C MET A 380 62.91 5.30 -2.67
N SER A 381 63.94 5.92 -3.24
CA SER A 381 64.11 5.98 -4.68
C SER A 381 64.37 4.60 -5.25
N GLU A 382 64.46 4.53 -6.58
CA GLU A 382 64.70 3.25 -7.25
C GLU A 382 66.12 2.75 -7.05
N ALA A 383 67.07 3.65 -6.79
CA ALA A 383 68.44 3.22 -6.51
C ALA A 383 68.51 2.51 -5.17
N GLU A 384 67.96 3.12 -4.13
CA GLU A 384 67.97 2.47 -2.82
CA GLU A 384 67.96 2.48 -2.82
C GLU A 384 67.30 1.11 -2.89
N LYS A 385 66.26 0.96 -3.71
CA LYS A 385 65.62 -0.34 -3.87
C LYS A 385 66.55 -1.34 -4.55
N LYS A 386 67.20 -0.91 -5.63
CA LYS A 386 68.16 -1.78 -6.30
C LYS A 386 69.29 -2.17 -5.37
N GLU A 387 69.82 -1.19 -4.62
CA GLU A 387 70.85 -1.49 -3.63
C GLU A 387 70.37 -2.54 -2.65
N LEU A 388 69.25 -2.27 -1.98
CA LEU A 388 68.70 -3.23 -1.02
C LEU A 388 68.16 -4.48 -1.71
N GLY A 389 68.09 -4.51 -3.03
CA GLY A 389 67.61 -5.68 -3.73
C GLY A 389 66.13 -5.96 -3.53
N ILE A 390 65.32 -4.91 -3.46
CA ILE A 390 63.89 -5.04 -3.21
C ILE A 390 63.20 -5.08 -4.57
N GLU A 391 62.81 -6.28 -4.99
CA GLU A 391 62.07 -6.44 -6.23
C GLU A 391 60.57 -6.25 -5.98
N SER A 392 59.82 -6.10 -7.06
CA SER A 392 58.38 -5.90 -7.03
C SER A 392 57.67 -7.09 -7.67
N VAL A 393 56.41 -7.26 -7.27
CA VAL A 393 55.57 -8.33 -7.83
C VAL A 393 55.19 -7.95 -9.26
N PRO A 394 54.72 -8.88 -10.07
CA PRO A 394 54.34 -8.54 -11.45
C PRO A 394 53.35 -7.40 -11.49
N ALA A 395 53.36 -6.68 -12.62
CA ALA A 395 52.51 -5.51 -12.79
C ALA A 395 51.15 -5.83 -13.39
N ASN A 396 50.98 -7.00 -14.01
CA ASN A 396 49.72 -7.36 -14.64
C ASN A 396 49.51 -8.87 -14.52
N LEU A 397 48.30 -9.31 -14.86
CA LEU A 397 47.96 -10.72 -14.72
C LEU A 397 48.80 -11.59 -15.64
N LYS A 398 49.07 -11.12 -16.86
CA LYS A 398 49.88 -11.90 -17.79
C LYS A 398 51.30 -12.08 -17.25
N ALA A 399 51.90 -11.01 -16.72
CA ALA A 399 53.24 -11.11 -16.18
C ALA A 399 53.30 -12.13 -15.05
N ALA A 400 52.24 -12.20 -14.24
CA ALA A 400 52.20 -13.17 -13.16
C ALA A 400 51.98 -14.58 -13.68
N LEU A 401 51.15 -14.73 -14.72
CA LEU A 401 50.91 -16.06 -15.27
C LEU A 401 52.19 -16.67 -15.83
N ASP A 402 53.07 -15.85 -16.41
CA ASP A 402 54.32 -16.37 -16.95
C ASP A 402 55.29 -16.75 -15.84
N GLU A 403 55.23 -16.06 -14.69
CA GLU A 403 56.02 -16.46 -13.56
C GLU A 403 55.56 -17.81 -13.01
N LEU A 404 54.23 -18.00 -12.95
CA LEU A 404 53.69 -19.28 -12.52
C LEU A 404 54.04 -20.40 -13.49
N GLU A 405 54.02 -20.10 -14.79
CA GLU A 405 54.33 -21.12 -15.79
C GLU A 405 55.75 -21.63 -15.64
N ASN A 406 56.64 -20.85 -15.03
CA ASN A 406 58.04 -21.23 -14.87
C ASN A 406 58.37 -21.62 -13.43
N ASN A 407 57.37 -21.96 -12.63
CA ASN A 407 57.55 -22.31 -11.23
C ASN A 407 57.21 -23.79 -11.04
N ASP A 408 58.24 -24.62 -10.89
CA ASP A 408 58.02 -26.04 -10.68
C ASP A 408 57.53 -26.34 -9.27
N VAL A 409 57.90 -25.50 -8.29
CA VAL A 409 57.42 -25.70 -6.93
C VAL A 409 55.91 -25.61 -6.89
N LEU A 410 55.34 -24.61 -7.58
CA LEU A 410 53.90 -24.43 -7.55
C LEU A 410 53.18 -25.40 -8.49
N LYS A 411 53.82 -25.82 -9.58
CA LYS A 411 53.20 -26.83 -10.43
C LYS A 411 53.01 -28.14 -9.66
N ASN A 412 54.07 -28.59 -8.98
CA ASN A 412 53.96 -29.82 -8.19
C ASN A 412 52.97 -29.64 -7.04
N ALA A 413 52.79 -28.42 -6.56
CA ALA A 413 51.85 -28.18 -5.47
C ALA A 413 50.40 -28.23 -5.96
N LEU A 414 50.12 -27.60 -7.09
CA LEU A 414 48.75 -27.61 -7.63
C LEU A 414 48.45 -28.90 -8.39
N GLY A 415 49.48 -29.54 -8.94
CA GLY A 415 49.27 -30.67 -9.82
C GLY A 415 49.17 -30.23 -11.27
N LYS A 416 49.46 -31.18 -12.16
CA LYS A 416 49.44 -30.88 -13.59
C LYS A 416 48.10 -30.31 -14.02
N HIS A 417 47.02 -31.03 -13.72
CA HIS A 417 45.70 -30.66 -14.24
C HIS A 417 45.32 -29.26 -13.83
N ILE A 418 45.36 -28.96 -12.53
CA ILE A 418 45.03 -27.62 -12.07
C ILE A 418 46.01 -26.61 -12.66
N PHE A 419 47.31 -26.94 -12.63
CA PHE A 419 48.32 -26.02 -13.14
C PHE A 419 48.06 -25.65 -14.59
N GLU A 420 47.77 -26.65 -15.43
CA GLU A 420 47.63 -26.39 -16.85
C GLU A 420 46.29 -25.76 -17.19
N SER A 421 45.23 -26.15 -16.48
CA SER A 421 43.91 -25.58 -16.77
C SER A 421 43.87 -24.11 -16.36
N PHE A 422 44.37 -23.80 -15.16
CA PHE A 422 44.36 -22.42 -14.67
C PHE A 422 45.08 -21.50 -15.65
N LEU A 423 46.27 -21.90 -16.10
CA LEU A 423 47.02 -21.08 -17.05
C LEU A 423 46.24 -20.88 -18.34
N GLU A 424 45.54 -21.92 -18.79
CA GLU A 424 44.81 -21.83 -20.05
C GLU A 424 43.60 -20.92 -19.89
N ILE A 425 42.83 -21.10 -18.82
CA ILE A 425 41.65 -20.28 -18.61
C ILE A 425 42.04 -18.82 -18.42
N LYS A 426 43.10 -18.57 -17.66
CA LYS A 426 43.49 -17.20 -17.36
C LYS A 426 44.25 -16.54 -18.49
N ASN A 427 44.89 -17.31 -19.37
CA ASN A 427 45.48 -16.73 -20.57
C ASN A 427 44.39 -16.26 -21.53
N ALA A 428 43.32 -17.05 -21.67
CA ALA A 428 42.18 -16.59 -22.46
C ALA A 428 41.54 -15.37 -21.82
N GLU A 429 41.43 -15.35 -20.48
CA GLU A 429 40.87 -14.19 -19.81
C GLU A 429 41.67 -12.95 -20.12
N TRP A 430 43.00 -13.07 -20.19
CA TRP A 430 43.84 -11.91 -20.49
C TRP A 430 43.73 -11.51 -21.95
N ASP A 431 43.66 -12.49 -22.85
CA ASP A 431 43.53 -12.18 -24.27
C ASP A 431 42.26 -11.38 -24.53
N SER A 432 41.18 -11.70 -23.82
CA SER A 432 39.95 -10.95 -23.99
C SER A 432 40.14 -9.50 -23.57
N PHE A 433 40.83 -9.27 -22.46
CA PHE A 433 41.07 -7.91 -22.00
C PHE A 433 41.93 -7.14 -22.98
N ARG A 434 43.09 -7.69 -23.36
CA ARG A 434 44.03 -6.96 -24.19
C ARG A 434 43.52 -6.72 -25.61
N THR A 435 42.39 -7.36 -25.97
CA THR A 435 41.85 -7.20 -27.35
C THR A 435 40.62 -6.29 -27.31
N SER A 436 40.08 -6.07 -26.11
CA SER A 436 38.90 -5.21 -25.89
C SER A 436 39.26 -3.72 -26.02
N VAL A 437 38.30 -2.92 -26.47
CA VAL A 437 38.50 -1.44 -26.53
C VAL A 437 37.88 -0.92 -25.24
N THR A 438 38.72 -0.39 -24.34
CA THR A 438 38.25 0.07 -23.01
C THR A 438 37.75 1.50 -23.05
N ASP A 439 36.95 1.88 -22.07
CA ASP A 439 36.46 3.25 -21.99
C ASP A 439 37.61 4.23 -21.83
N TRP A 440 38.62 3.88 -21.03
CA TRP A 440 39.76 4.77 -20.84
C TRP A 440 40.33 5.23 -22.18
N GLU A 441 40.44 4.30 -23.13
CA GLU A 441 40.98 4.64 -24.45
C GLU A 441 40.04 5.59 -25.18
N THR A 442 38.75 5.28 -25.20
CA THR A 442 37.77 6.15 -25.84
C THR A 442 37.85 7.55 -25.28
N THR A 443 37.88 7.68 -23.96
CA THR A 443 38.03 8.99 -23.34
C THR A 443 39.31 9.66 -23.84
N ALA A 444 40.39 8.90 -24.00
CA ALA A 444 41.69 9.49 -24.23
C ALA A 444 41.95 9.78 -25.70
N TYR A 445 41.47 8.92 -26.60
CA TYR A 445 41.93 8.94 -27.99
C TYR A 445 40.85 9.20 -29.03
N LEU A 446 39.57 9.28 -28.65
CA LEU A 446 38.55 9.51 -29.67
C LEU A 446 38.70 10.88 -30.32
N LYS A 447 39.27 11.84 -29.57
CA LYS A 447 39.39 13.25 -30.04
C LYS A 447 40.61 13.47 -30.95
N ILE A 448 41.54 12.51 -31.03
CA ILE A 448 42.73 12.68 -31.85
C ILE A 448 42.42 12.33 -33.30
N SER B 2 29.51 -2.18 35.70
CA SER B 2 30.65 -1.30 35.96
C SER B 2 31.89 -2.09 36.39
N THR B 3 31.64 -3.12 37.20
CA THR B 3 32.72 -4.05 37.64
C THR B 3 32.78 -5.16 36.58
N VAL B 4 33.95 -5.78 36.42
CA VAL B 4 34.11 -6.83 35.42
C VAL B 4 33.03 -7.90 35.58
N GLU B 5 32.70 -8.26 36.82
CA GLU B 5 31.72 -9.30 37.05
C GLU B 5 30.34 -8.87 36.58
N GLN B 6 29.92 -7.67 37.01
CA GLN B 6 28.59 -7.10 36.64
C GLN B 6 28.40 -7.17 35.13
N VAL B 7 29.44 -6.75 34.37
CA VAL B 7 29.40 -6.78 32.91
C VAL B 7 29.17 -8.21 32.42
N LEU B 8 29.90 -9.17 32.99
CA LEU B 8 29.77 -10.54 32.54
C LEU B 8 28.39 -11.11 32.88
N GLU B 9 27.86 -10.79 34.06
CA GLU B 9 26.51 -11.24 34.39
C GLU B 9 25.49 -10.64 33.44
N TYR B 10 25.62 -9.35 33.15
CA TYR B 10 24.74 -8.71 32.17
C TYR B 10 24.81 -9.43 30.83
N VAL B 11 25.99 -9.91 30.45
CA VAL B 11 26.13 -10.57 29.16
C VAL B 11 25.41 -11.91 29.17
N LYS B 12 25.60 -12.71 30.23
CA LYS B 12 25.01 -14.04 30.27
C LYS B 12 23.49 -13.96 30.29
N SER B 13 22.93 -13.10 31.15
CA SER B 13 21.49 -13.06 31.30
C SER B 13 20.82 -12.53 30.04
N ASN B 14 21.43 -11.55 29.39
CA ASN B 14 20.88 -10.96 28.17
C ASN B 14 21.29 -11.72 26.92
N ASN B 15 22.14 -12.73 27.04
CA ASN B 15 22.63 -13.47 25.89
C ASN B 15 23.22 -12.53 24.85
N VAL B 16 24.02 -11.57 25.33
CA VAL B 16 24.63 -10.59 24.45
C VAL B 16 25.57 -11.30 23.48
N LYS B 17 25.32 -11.14 22.18
CA LYS B 17 26.11 -11.81 21.15
C LYS B 17 27.09 -10.89 20.46
N PHE B 18 27.05 -9.58 20.73
CA PHE B 18 27.92 -8.64 20.05
C PHE B 18 28.26 -7.48 20.97
N MET B 19 29.54 -7.12 21.02
CA MET B 19 30.03 -6.04 21.85
C MET B 19 30.80 -5.06 20.98
N ARG B 20 30.65 -3.77 21.27
CA ARG B 20 31.25 -2.70 20.50
C ARG B 20 32.27 -1.96 21.34
N PHE B 21 33.49 -1.86 20.80
CA PHE B 21 34.61 -1.08 21.42
C PHE B 21 34.58 0.30 20.76
N GLN B 22 34.25 1.34 21.53
CA GLN B 22 34.07 2.67 20.97
C GLN B 22 35.10 3.64 21.50
N PHE B 23 35.60 4.50 20.61
CA PHE B 23 36.54 5.57 20.97
C PHE B 23 36.28 6.75 20.03
N VAL B 24 37.20 7.71 20.03
CA VAL B 24 37.06 8.95 19.27
C VAL B 24 38.40 9.32 18.67
N ASP B 25 38.34 9.98 17.50
CA ASP B 25 39.55 10.44 16.82
C ASP B 25 39.83 11.90 17.20
N ILE B 26 40.93 12.44 16.69
CA ILE B 26 41.38 13.75 17.13
C ILE B 26 40.32 14.83 16.87
N LEU B 27 39.56 14.67 15.79
CA LEU B 27 38.55 15.65 15.43
C LEU B 27 37.20 15.38 16.08
N GLY B 28 37.14 14.49 17.07
CA GLY B 28 35.91 14.22 17.77
C GLY B 28 34.92 13.36 17.01
N VAL B 29 35.36 12.66 15.98
CA VAL B 29 34.48 11.76 15.24
C VAL B 29 34.47 10.42 15.99
N PRO B 30 33.31 9.87 16.34
CA PRO B 30 33.30 8.60 17.06
C PRO B 30 33.71 7.45 16.16
N LYS B 31 34.40 6.47 16.76
CA LYS B 31 34.87 5.29 16.05
C LYS B 31 34.61 4.06 16.92
N ASN B 32 34.39 2.91 16.29
CA ASN B 32 34.13 1.70 17.06
C ASN B 32 34.43 0.45 16.23
N VAL B 33 34.66 -0.65 16.95
CA VAL B 33 34.89 -1.98 16.38
C VAL B 33 34.02 -2.96 17.15
N ALA B 34 33.43 -3.92 16.44
CA ALA B 34 32.51 -4.89 17.04
C ALA B 34 33.04 -6.30 16.86
N PHE B 35 33.04 -7.08 17.93
CA PHE B 35 33.46 -8.47 17.86
C PHE B 35 32.36 -9.38 18.42
N PRO B 36 32.19 -10.59 17.89
CA PRO B 36 31.10 -11.43 18.37
C PRO B 36 31.49 -12.05 19.70
N ILE B 37 30.53 -12.14 20.60
CA ILE B 37 30.74 -12.78 21.89
C ILE B 37 30.57 -14.28 21.71
N LYS B 38 31.67 -15.02 21.92
CA LYS B 38 31.70 -16.50 21.73
C LYS B 38 30.79 -17.19 22.76
N ALA B 39 30.22 -18.34 22.40
CA ALA B 39 29.32 -19.08 23.30
C ALA B 39 30.11 -19.94 24.28
N GLY B 40 29.49 -20.31 25.40
CA GLY B 40 30.10 -21.18 26.42
C GLY B 40 30.95 -20.41 27.41
N GLU B 41 31.42 -21.10 28.46
CA GLU B 41 32.28 -20.50 29.51
C GLU B 41 33.59 -20.04 28.87
N LYS B 42 34.02 -20.72 27.80
CA LYS B 42 35.25 -20.30 27.13
C LYS B 42 35.11 -18.90 26.57
N GLY B 43 33.99 -18.62 25.89
CA GLY B 43 33.76 -17.30 25.37
C GLY B 43 33.65 -16.26 26.45
N ILE B 44 33.06 -16.62 27.59
CA ILE B 44 32.95 -15.69 28.70
C ILE B 44 34.34 -15.34 29.23
N GLU B 45 35.25 -16.32 29.23
CA GLU B 45 36.61 -16.07 29.68
C GLU B 45 37.43 -15.35 28.61
N GLU B 46 37.29 -15.79 27.35
CA GLU B 46 37.87 -15.02 26.25
C GLU B 46 37.45 -13.57 26.35
N LEU B 47 36.18 -13.32 26.65
CA LEU B 47 35.66 -11.99 26.88
C LEU B 47 36.45 -11.34 28.02
N ARG B 48 36.24 -11.83 29.25
CA ARG B 48 36.85 -11.24 30.44
C ARG B 48 38.26 -10.70 30.20
N ASP B 49 39.06 -11.47 29.45
CA ASP B 49 40.45 -11.09 29.13
C ASP B 49 40.49 -9.77 28.33
N VAL B 50 39.50 -9.55 27.46
CA VAL B 50 39.46 -8.35 26.63
C VAL B 50 39.07 -7.14 27.46
N LEU B 51 38.21 -7.32 28.46
CA LEU B 51 37.70 -6.19 29.22
C LEU B 51 38.74 -5.66 30.19
N GLU B 52 39.52 -6.58 30.79
CA GLU B 52 40.53 -6.17 31.76
C GLU B 52 41.84 -5.77 31.09
N ASN B 53 42.17 -6.37 29.94
CA ASN B 53 43.47 -6.17 29.31
C ASN B 53 43.42 -5.43 27.98
N GLY B 54 42.28 -5.36 27.32
CA GLY B 54 42.14 -4.60 26.09
C GLY B 54 42.15 -5.48 24.85
N LEU B 55 42.08 -4.81 23.70
CA LEU B 55 42.05 -5.50 22.38
C LEU B 55 42.92 -4.73 21.39
N TYR B 56 43.72 -5.46 20.60
CA TYR B 56 44.61 -4.87 19.62
C TYR B 56 43.82 -4.41 18.39
N PHE B 57 44.14 -3.21 17.91
CA PHE B 57 43.45 -2.63 16.73
C PHE B 57 44.46 -1.84 15.89
N ASP B 58 44.18 -1.72 14.60
CA ASP B 58 45.04 -1.01 13.65
C ASP B 58 44.55 0.43 13.53
N GLY B 59 45.33 1.37 14.07
CA GLY B 59 44.93 2.76 14.07
C GLY B 59 45.68 3.60 13.06
N SER B 60 46.24 2.96 12.03
CA SER B 60 46.95 3.72 11.00
C SER B 60 46.01 4.66 10.27
N SER B 61 44.76 4.25 10.06
CA SER B 61 43.78 5.03 9.32
C SER B 61 42.87 5.85 10.23
N ILE B 62 43.18 5.95 11.52
CA ILE B 62 42.46 6.83 12.43
C ILE B 62 43.15 8.19 12.39
N GLU B 63 42.38 9.24 12.16
CA GLU B 63 42.94 10.58 12.07
C GLU B 63 43.59 10.97 13.38
N GLY B 64 44.88 11.32 13.32
CA GLY B 64 45.64 11.72 14.49
C GLY B 64 46.33 10.59 15.22
N PHE B 65 46.26 9.37 14.71
CA PHE B 65 46.81 8.19 15.38
C PHE B 65 48.08 7.69 14.70
N VAL B 66 48.81 8.58 14.05
CA VAL B 66 50.01 8.18 13.32
C VAL B 66 51.25 8.39 14.20
N GLU B 70 53.80 3.40 15.35
CA GLU B 70 53.45 2.17 14.63
C GLU B 70 51.93 2.00 14.63
N SER B 71 51.45 1.11 13.76
CA SER B 71 50.01 0.97 13.57
C SER B 71 49.31 0.14 14.63
N ASP B 72 50.07 -0.72 15.33
CA ASP B 72 49.49 -1.61 16.37
C ASP B 72 49.11 -0.77 17.60
N MET B 73 47.85 -0.86 18.02
CA MET B 73 47.36 -0.08 19.18
C MET B 73 46.40 -0.95 20.02
N MET B 74 46.01 -0.44 21.19
CA MET B 74 45.11 -1.14 22.10
C MET B 74 43.91 -0.27 22.43
N LEU B 75 42.79 -0.95 22.72
CA LEU B 75 41.51 -0.35 23.16
C LEU B 75 41.28 -0.86 24.58
N LYS B 76 41.35 0.01 25.58
CA LYS B 76 41.26 -0.45 27.00
C LYS B 76 39.97 0.20 27.48
N PRO B 77 38.85 -0.55 27.55
CA PRO B 77 37.57 0.01 27.97
C PRO B 77 37.43 0.51 29.41
N ASP B 78 36.73 1.65 29.56
CA ASP B 78 36.37 2.25 30.86
C ASP B 78 35.00 1.64 31.18
N LEU B 79 34.98 0.60 32.02
CA LEU B 79 33.80 -0.22 32.19
C LEU B 79 32.62 0.56 32.76
N SER B 80 32.88 1.79 33.24
CA SER B 80 31.81 2.66 33.82
C SER B 80 30.91 3.20 32.70
N THR B 81 31.21 2.87 31.44
CA THR B 81 30.43 3.32 30.31
C THR B 81 29.71 2.18 29.59
N PHE B 82 29.66 0.99 30.21
CA PHE B 82 29.01 -0.14 29.57
C PHE B 82 27.50 0.04 29.56
N SER B 83 26.86 -0.38 28.47
CA SER B 83 25.40 -0.29 28.35
C SER B 83 25.00 -0.81 26.98
N VAL B 84 23.68 -0.92 26.78
CA VAL B 84 23.16 -1.19 25.44
C VAL B 84 23.52 -0.04 24.51
N LEU B 85 23.41 -0.28 23.21
CA LEU B 85 23.57 0.79 22.24
C LEU B 85 22.56 1.89 22.56
N PRO B 86 22.99 3.11 22.89
CA PRO B 86 22.00 4.14 23.23
C PRO B 86 20.99 4.41 22.13
N TRP B 87 21.35 4.16 20.88
CA TRP B 87 20.43 4.37 19.75
C TRP B 87 19.65 3.12 19.38
N ARG B 88 19.91 1.99 20.04
CA ARG B 88 19.12 0.77 19.86
C ARG B 88 18.89 0.14 21.23
N PRO B 89 18.31 0.89 22.17
CA PRO B 89 18.17 0.37 23.54
C PRO B 89 17.36 -0.91 23.62
N SER B 90 16.49 -1.18 22.65
CA SER B 90 15.66 -2.37 22.69
C SER B 90 16.42 -3.63 22.29
N GLU B 91 17.51 -3.50 21.55
CA GLU B 91 18.29 -4.66 21.11
C GLU B 91 19.27 -5.02 22.22
N LYS B 92 18.82 -5.89 23.12
CA LYS B 92 19.65 -6.29 24.25
C LYS B 92 20.82 -7.16 23.83
N SER B 93 20.73 -7.85 22.69
CA SER B 93 21.82 -8.73 22.26
C SER B 93 23.10 -7.98 21.92
N VAL B 94 23.08 -6.64 21.92
CA VAL B 94 24.25 -5.84 21.61
C VAL B 94 24.52 -4.89 22.76
N ALA B 95 25.80 -4.63 23.01
CA ALA B 95 26.22 -3.66 24.00
C ALA B 95 27.48 -2.97 23.51
N ARG B 96 27.81 -1.85 24.14
CA ARG B 96 28.99 -1.07 23.78
C ARG B 96 29.65 -0.53 25.04
N VAL B 97 30.93 -0.18 24.90
CA VAL B 97 31.70 0.40 26.01
C VAL B 97 32.68 1.41 25.42
N ILE B 98 32.78 2.57 26.06
CA ILE B 98 33.75 3.59 25.66
C ILE B 98 35.12 3.20 26.23
N CYS B 99 36.16 3.44 25.45
CA CYS B 99 37.49 2.96 25.78
C CYS B 99 38.50 4.09 25.72
N ASP B 100 39.68 3.82 26.27
CA ASP B 100 40.88 4.63 26.11
C ASP B 100 41.83 3.89 25.18
N VAL B 101 42.65 4.65 24.44
CA VAL B 101 43.60 4.07 23.51
C VAL B 101 44.95 3.93 24.22
N TYR B 102 45.51 2.73 24.18
CA TYR B 102 46.79 2.42 24.79
C TYR B 102 47.75 1.94 23.72
N THR B 103 49.03 1.90 24.08
CA THR B 103 50.07 1.39 23.21
C THR B 103 50.29 -0.10 23.48
N THR B 104 51.09 -0.72 22.61
CA THR B 104 51.46 -2.12 22.84
C THR B 104 52.05 -2.32 24.23
N LYS B 105 52.79 -1.33 24.73
CA LYS B 105 53.45 -1.41 26.02
C LYS B 105 52.49 -1.23 27.20
N GLY B 106 51.18 -1.17 26.95
CA GLY B 106 50.21 -1.03 28.02
C GLY B 106 50.23 0.35 28.67
N LYS B 107 50.44 1.40 27.89
CA LYS B 107 50.48 2.77 28.38
C LYS B 107 49.53 3.62 27.56
N PRO B 108 48.91 4.63 28.18
CA PRO B 108 47.97 5.48 27.43
C PRO B 108 48.64 6.11 26.22
N PHE B 109 48.01 5.96 25.06
CA PHE B 109 48.52 6.57 23.84
C PHE B 109 48.45 8.09 23.95
N GLU B 110 49.58 8.75 23.68
CA GLU B 110 49.65 10.19 23.79
C GLU B 110 48.81 10.93 22.75
N GLY B 111 48.16 10.21 21.85
CA GLY B 111 47.29 10.82 20.87
C GLY B 111 45.83 10.50 21.09
N ASP B 112 45.48 10.08 22.31
CA ASP B 112 44.10 9.74 22.65
C ASP B 112 43.43 10.96 23.25
N PRO B 113 42.43 11.56 22.58
CA PRO B 113 41.79 12.75 23.17
C PRO B 113 41.12 12.47 24.50
N ARG B 114 40.44 11.33 24.64
CA ARG B 114 39.83 10.99 25.93
C ARG B 114 40.89 10.89 27.00
N GLY B 115 41.98 10.16 26.71
CA GLY B 115 43.07 10.06 27.66
C GLY B 115 43.74 11.38 27.95
N CYS B 116 43.65 12.34 27.03
CA CYS B 116 44.22 13.65 27.28
C CYS B 116 43.48 14.35 28.41
N LEU B 117 42.15 14.29 28.41
CA LEU B 117 41.38 14.91 29.49
C LEU B 117 41.69 14.19 30.79
N LYS B 118 41.54 12.87 30.81
CA LYS B 118 41.84 12.11 32.02
C LYS B 118 43.16 12.52 32.68
N ARG B 119 44.20 12.72 31.87
CA ARG B 119 45.50 13.07 32.43
C ARG B 119 45.43 14.38 33.20
N VAL B 120 44.85 15.42 32.60
CA VAL B 120 44.83 16.73 33.24
C VAL B 120 43.91 16.72 34.45
N MET B 121 42.89 15.82 34.44
CA MET B 121 41.86 15.77 35.51
C MET B 121 42.48 15.02 36.67
N GLU B 122 43.30 14.03 36.34
CA GLU B 122 44.00 13.28 37.37
C GLU B 122 45.11 14.12 38.01
N GLU B 123 45.82 14.92 37.19
CA GLU B 123 46.84 15.80 37.74
C GLU B 123 46.23 16.86 38.63
N PHE B 124 45.09 17.44 38.21
CA PHE B 124 44.41 18.43 39.03
C PHE B 124 43.94 17.81 40.34
N LYS B 125 43.62 16.52 40.34
CA LYS B 125 43.15 15.87 41.55
C LYS B 125 44.29 15.55 42.50
N LYS B 126 45.42 15.07 41.97
CA LYS B 126 46.51 14.63 42.84
C LYS B 126 47.19 15.82 43.50
N GLU B 127 47.41 16.90 42.75
CA GLU B 127 48.23 17.99 43.24
C GLU B 127 47.43 19.04 44.00
N PHE B 128 46.15 19.22 43.66
CA PHE B 128 45.33 20.21 44.34
C PHE B 128 44.05 19.64 44.92
N ASN B 129 43.78 18.35 44.74
CA ASN B 129 42.52 17.75 45.17
C ASN B 129 41.35 18.54 44.58
N GLY B 130 41.36 18.64 43.25
CA GLY B 130 40.39 19.44 42.55
C GLY B 130 39.54 18.67 41.56
N GLU B 131 38.23 18.89 41.61
CA GLU B 131 37.31 18.34 40.63
C GLU B 131 36.97 19.41 39.60
N TYR B 132 36.59 18.98 38.40
CA TYR B 132 36.31 19.88 37.28
C TYR B 132 34.98 19.49 36.67
N PHE B 133 34.01 20.40 36.75
CA PHE B 133 32.65 20.15 36.28
C PHE B 133 32.34 21.02 35.08
N VAL B 134 31.61 20.46 34.13
CA VAL B 134 31.23 21.16 32.91
C VAL B 134 29.78 20.84 32.59
N GLY B 135 29.02 21.87 32.24
CA GLY B 135 27.64 21.69 31.83
C GLY B 135 27.38 22.36 30.50
N PRO B 136 27.35 21.56 29.42
CA PRO B 136 27.22 22.13 28.07
C PRO B 136 25.77 22.24 27.60
N GLU B 137 25.60 23.06 26.56
CA GLU B 137 24.28 23.37 26.01
C GLU B 137 24.36 23.31 24.50
N PRO B 138 24.50 22.10 23.95
CA PRO B 138 24.67 21.98 22.49
C PRO B 138 23.39 22.30 21.73
N GLU B 139 23.57 22.97 20.58
CA GLU B 139 22.50 23.32 19.67
C GLU B 139 22.71 22.60 18.34
N PHE B 140 21.61 22.31 17.65
CA PHE B 140 21.68 21.61 16.39
C PHE B 140 20.46 21.94 15.54
N PHE B 141 20.61 21.75 14.24
CA PHE B 141 19.54 21.94 13.28
C PHE B 141 19.03 20.59 12.82
N LEU B 142 17.71 20.48 12.67
CA LEU B 142 17.08 19.35 12.00
C LEU B 142 16.82 19.76 10.56
N LEU B 143 17.19 18.90 9.61
CA LEU B 143 17.15 19.24 8.20
C LEU B 143 16.21 18.31 7.46
N LYS B 144 15.65 18.83 6.37
CA LYS B 144 14.84 18.05 5.44
C LYS B 144 15.16 18.52 4.03
N LYS B 145 15.03 17.60 3.06
CA LYS B 145 15.33 17.94 1.68
C LYS B 145 14.42 19.07 1.19
N ASP B 146 14.99 20.00 0.46
CA ASP B 146 14.19 21.07 -0.15
C ASP B 146 13.24 20.45 -1.17
N PRO B 147 11.93 20.71 -1.07
CA PRO B 147 11.03 20.10 -2.06
C PRO B 147 11.34 20.54 -3.48
N HIS B 148 11.77 21.79 -3.66
CA HIS B 148 12.01 22.31 -4.99
C HIS B 148 13.33 21.81 -5.57
N ASN B 149 14.34 21.59 -4.74
CA ASN B 149 15.62 21.06 -5.21
C ASN B 149 16.05 19.92 -4.30
N PRO B 150 16.24 18.70 -4.83
CA PRO B 150 16.58 17.58 -3.94
C PRO B 150 17.97 17.66 -3.34
N HIS B 151 18.94 18.24 -4.05
CA HIS B 151 20.31 18.25 -3.55
C HIS B 151 20.44 19.06 -2.27
N LYS B 152 19.76 20.21 -2.24
CA LYS B 152 19.87 21.16 -1.09
C LYS B 152 19.06 20.70 0.13
N TYR B 153 19.52 21.09 1.32
CA TYR B 153 18.87 20.81 2.58
C TYR B 153 18.36 22.11 3.18
N ILE B 154 17.20 22.05 3.81
CA ILE B 154 16.59 23.23 4.42
C ILE B 154 16.17 22.87 5.85
N PRO B 155 15.89 23.86 6.68
CA PRO B 155 15.45 23.57 8.05
C PRO B 155 14.21 22.69 8.05
N ALA B 156 14.06 21.91 9.12
CA ALA B 156 12.99 20.91 9.17
C ALA B 156 11.63 21.52 9.51
N ASP B 157 11.60 22.67 10.19
CA ASP B 157 10.35 23.34 10.49
C ASP B 157 10.57 24.85 10.43
N ASP B 158 9.49 25.59 10.59
CA ASP B 158 9.53 27.06 10.59
C ASP B 158 9.24 27.64 11.97
N GLY B 159 9.45 26.85 13.03
CA GLY B 159 9.22 27.34 14.37
C GLY B 159 10.35 28.21 14.88
N GLY B 160 10.10 28.79 16.06
CA GLY B 160 11.07 29.68 16.67
C GLY B 160 11.36 29.31 18.10
N TYR B 161 11.78 30.29 18.90
CA TYR B 161 12.23 30.04 20.26
C TYR B 161 11.08 29.61 21.15
N PHE B 162 11.24 28.46 21.80
CA PHE B 162 10.31 27.94 22.80
C PHE B 162 8.93 27.65 22.22
N ASP B 163 8.80 27.61 20.91
CA ASP B 163 7.49 27.47 20.29
C ASP B 163 6.87 26.11 20.62
N LEU B 164 5.55 26.05 20.47
CA LEU B 164 4.78 24.83 20.63
C LEU B 164 4.43 24.26 19.25
N GLU B 165 4.03 22.99 19.23
CA GLU B 165 3.43 22.43 18.03
C GLU B 165 2.18 23.22 17.68
N PRO B 166 1.82 23.29 16.39
CA PRO B 166 2.45 22.64 15.23
C PRO B 166 3.71 23.31 14.70
N MET B 167 3.89 24.59 15.00
CA MET B 167 5.07 25.29 14.50
C MET B 167 6.35 24.60 14.95
N ASP B 168 6.36 24.07 16.17
CA ASP B 168 7.48 23.26 16.66
C ASP B 168 7.21 21.81 16.28
N GLU B 169 7.96 21.31 15.30
CA GLU B 169 7.71 19.99 14.72
C GLU B 169 8.70 18.94 15.22
N ALA B 170 9.29 19.15 16.40
CA ALA B 170 10.19 18.15 16.96
C ALA B 170 10.16 18.08 18.48
N PRO B 171 8.99 18.23 19.13
CA PRO B 171 8.94 17.96 20.57
C PRO B 171 9.09 16.49 20.89
N ASP B 172 8.71 15.60 19.97
CA ASP B 172 8.86 14.16 20.21
C ASP B 172 10.29 13.70 19.95
N ILE B 173 10.99 14.30 18.99
CA ILE B 173 12.39 13.97 18.78
C ILE B 173 13.21 14.44 19.97
N ARG B 174 13.00 15.68 20.41
CA ARG B 174 13.69 16.18 21.60
C ARG B 174 13.37 15.32 22.81
N ARG B 175 12.12 14.84 22.92
CA ARG B 175 11.77 13.99 24.04
C ARG B 175 12.47 12.64 23.97
N ASP B 176 12.67 12.11 22.76
CA ASP B 176 13.27 10.79 22.64
C ASP B 176 14.77 10.84 22.90
N ILE B 177 15.46 11.86 22.40
CA ILE B 177 16.90 11.97 22.66
C ILE B 177 17.15 12.14 24.15
N VAL B 178 16.27 12.86 24.84
CA VAL B 178 16.43 13.02 26.29
C VAL B 178 16.13 11.71 27.00
N PHE B 179 15.07 11.02 26.59
CA PHE B 179 14.73 9.74 27.20
C PHE B 179 15.84 8.71 26.96
N ALA B 180 16.44 8.74 25.77
CA ALA B 180 17.51 7.79 25.47
C ALA B 180 18.74 8.05 26.33
N LEU B 181 19.09 9.32 26.53
CA LEU B 181 20.27 9.65 27.33
C LEU B 181 20.01 9.42 28.80
N GLU B 182 18.88 9.92 29.29
CA GLU B 182 18.56 9.78 30.72
C GLU B 182 18.46 8.31 31.11
N ASN B 183 17.80 7.51 30.27
CA ASN B 183 17.57 6.07 30.57
C ASN B 183 18.90 5.31 30.74
N LEU B 184 20.00 5.85 30.22
CA LEU B 184 21.30 5.20 30.29
C LEU B 184 22.31 5.99 31.10
N GLY B 185 21.84 6.85 32.02
CA GLY B 185 22.71 7.53 32.94
C GLY B 185 23.25 8.86 32.45
N PHE B 186 23.34 9.06 31.15
CA PHE B 186 23.81 10.33 30.61
C PHE B 186 22.79 11.41 30.92
N HIS B 187 23.00 12.12 32.02
CA HIS B 187 21.97 13.01 32.53
C HIS B 187 21.87 14.28 31.69
N VAL B 188 20.64 14.74 31.49
CA VAL B 188 20.35 15.96 30.77
C VAL B 188 19.27 16.72 31.53
N GLU B 189 19.05 17.98 31.12
CA GLU B 189 18.07 18.84 31.77
C GLU B 189 17.09 19.31 30.71
N ALA B 190 17.00 20.60 30.44
CA ALA B 190 15.97 21.16 29.61
C ALA B 190 16.21 20.84 28.13
N SER B 191 15.17 21.07 27.33
CA SER B 191 15.24 20.98 25.89
C SER B 191 14.13 21.87 25.33
N HIS B 192 14.42 22.50 24.20
CA HIS B 192 13.47 23.45 23.64
C HIS B 192 13.87 23.81 22.22
N HIS B 193 12.88 24.18 21.42
CA HIS B 193 13.14 24.73 20.10
C HIS B 193 13.92 26.04 20.23
N GLU B 194 14.97 26.18 19.45
CA GLU B 194 15.83 27.35 19.52
C GLU B 194 15.26 28.47 18.64
N VAL B 195 16.05 29.52 18.41
CA VAL B 195 15.54 30.69 17.71
C VAL B 195 15.32 30.38 16.23
N ALA B 196 16.37 29.89 15.57
CA ALA B 196 16.29 29.69 14.13
C ALA B 196 15.33 28.55 13.78
N PRO B 197 14.79 28.57 12.57
CA PRO B 197 13.93 27.45 12.15
C PRO B 197 14.66 26.12 12.26
N GLY B 198 13.96 25.11 12.74
CA GLY B 198 14.52 23.78 12.84
C GLY B 198 15.69 23.66 13.80
N GLN B 199 15.98 24.72 14.55
CA GLN B 199 17.07 24.70 15.51
C GLN B 199 16.55 24.26 16.88
N HIS B 200 17.34 23.43 17.56
CA HIS B 200 16.95 22.86 18.85
C HIS B 200 18.17 22.82 19.76
N GLU B 201 17.89 22.70 21.06
CA GLU B 201 18.94 22.73 22.08
C GLU B 201 18.60 21.77 23.20
N VAL B 202 19.58 20.97 23.60
CA VAL B 202 19.46 20.03 24.71
C VAL B 202 20.47 20.45 25.77
N ASP B 203 19.97 20.79 26.95
CA ASP B 203 20.83 21.24 28.04
C ASP B 203 21.27 20.03 28.87
N PHE B 204 22.56 19.99 29.17
CA PHE B 204 23.16 18.83 29.83
C PHE B 204 23.38 19.11 31.32
N LYS B 205 23.51 18.04 32.08
CA LYS B 205 23.73 18.16 33.51
CA LYS B 205 23.72 18.16 33.51
C LYS B 205 25.12 18.72 33.80
N PHE B 206 25.19 19.59 34.80
CA PHE B 206 26.46 20.13 35.28
C PHE B 206 27.18 19.04 36.04
N ASP B 207 28.14 18.38 35.40
CA ASP B 207 28.66 17.12 35.89
C ASP B 207 30.17 17.04 35.66
N ASP B 208 30.76 15.93 36.11
CA ASP B 208 32.16 15.63 35.85
C ASP B 208 32.49 15.86 34.38
N ALA B 209 33.58 16.60 34.14
CA ALA B 209 33.90 17.00 32.78
C ALA B 209 34.08 15.79 31.86
N LEU B 210 34.70 14.73 32.35
CA LEU B 210 34.89 13.54 31.52
C LEU B 210 33.56 12.87 31.24
N LYS B 211 32.76 12.63 32.29
CA LYS B 211 31.43 12.08 32.11
C LYS B 211 30.62 12.94 31.13
N THR B 212 30.71 14.26 31.28
CA THR B 212 30.02 15.15 30.35
C THR B 212 30.47 14.92 28.92
N ALA B 213 31.79 14.78 28.72
CA ALA B 213 32.30 14.55 27.37
C ALA B 213 31.75 13.27 26.78
N ASP B 214 31.60 12.23 27.60
CA ASP B 214 31.03 10.99 27.12
C ASP B 214 29.58 11.17 26.71
N SER B 215 28.81 11.94 27.49
CA SER B 215 27.42 12.20 27.14
C SER B 215 27.32 12.99 25.84
N VAL B 216 28.19 13.97 25.65
CA VAL B 216 28.17 14.76 24.41
C VAL B 216 28.44 13.86 23.21
N ILE B 217 29.48 13.03 23.31
CA ILE B 217 29.83 12.13 22.20
C ILE B 217 28.66 11.22 21.86
N THR B 218 28.00 10.67 22.88
CA THR B 218 26.89 9.77 22.64
C THR B 218 25.67 10.53 22.13
N PHE B 219 25.41 11.72 22.68
CA PHE B 219 24.29 12.53 22.24
C PHE B 219 24.36 12.78 20.74
N LYS B 220 25.55 13.15 20.25
CA LYS B 220 25.68 13.49 18.83
C LYS B 220 25.28 12.33 17.93
N THR B 221 25.75 11.12 18.24
CA THR B 221 25.38 9.97 17.42
C THR B 221 23.90 9.66 17.56
N THR B 222 23.37 9.69 18.78
CA THR B 222 22.00 9.27 19.01
C THR B 222 21.01 10.19 18.29
N ILE B 223 21.20 11.50 18.38
CA ILE B 223 20.26 12.42 17.76
C ILE B 223 20.28 12.25 16.25
N LYS B 224 21.42 11.87 15.68
CA LYS B 224 21.48 11.66 14.24
C LYS B 224 20.69 10.41 13.82
N THR B 225 20.75 9.35 14.63
CA THR B 225 20.01 8.14 14.30
C THR B 225 18.52 8.32 14.53
N ILE B 226 18.14 9.07 15.58
CA ILE B 226 16.74 9.39 15.79
C ILE B 226 16.20 10.20 14.63
N ALA B 227 16.94 11.24 14.23
CA ALA B 227 16.50 12.08 13.13
C ALA B 227 16.25 11.25 11.87
N GLU B 228 17.19 10.38 11.51
CA GLU B 228 17.03 9.60 10.28
C GLU B 228 15.81 8.70 10.35
N GLN B 229 15.46 8.19 11.52
CA GLN B 229 14.25 7.39 11.66
C GLN B 229 12.99 8.20 11.35
N HIS B 230 13.09 9.53 11.35
CA HIS B 230 11.98 10.41 11.00
C HIS B 230 12.16 11.02 9.62
N GLY B 231 12.98 10.41 8.77
CA GLY B 231 13.24 10.96 7.45
C GLY B 231 13.92 12.31 7.46
N LEU B 232 14.63 12.63 8.54
CA LEU B 232 15.28 13.91 8.70
C LEU B 232 16.78 13.72 8.87
N LYS B 233 17.50 14.83 8.97
CA LYS B 233 18.94 14.83 9.18
C LYS B 233 19.27 15.88 10.24
N ALA B 234 20.16 15.51 11.15
CA ALA B 234 20.61 16.39 12.22
C ALA B 234 22.05 16.78 11.98
N THR B 235 22.36 18.06 12.18
CA THR B 235 23.69 18.58 11.92
C THR B 235 24.15 19.45 13.08
N PHE B 236 25.46 19.40 13.31
CA PHE B 236 26.14 20.20 14.36
C PHE B 236 26.99 21.27 13.68
N MET B 237 26.68 21.57 12.42
CA MET B 237 27.40 22.63 11.68
C MET B 237 27.15 23.92 12.46
N PRO B 238 28.17 24.73 12.77
CA PRO B 238 27.99 25.95 13.56
C PRO B 238 27.09 27.01 12.90
N LYS B 239 27.19 27.16 11.58
CA LYS B 239 26.39 28.16 10.88
C LYS B 239 25.97 27.60 9.54
N PRO B 240 24.94 26.74 9.51
CA PRO B 240 24.58 26.06 8.27
C PRO B 240 23.82 26.97 7.31
N PHE B 241 23.16 28.00 7.84
CA PHE B 241 22.34 28.90 7.03
C PHE B 241 22.68 30.34 7.37
N PHE B 242 23.02 31.11 6.34
CA PHE B 242 23.17 32.55 6.49
C PHE B 242 21.80 33.18 6.72
N GLY B 243 21.78 34.28 7.46
CA GLY B 243 20.55 34.98 7.74
C GLY B 243 19.79 34.49 8.94
N MET B 244 20.37 33.60 9.73
CA MET B 244 19.73 33.12 10.95
C MET B 244 20.81 32.73 11.94
N ASN B 245 20.38 32.28 13.11
CA ASN B 245 21.29 31.97 14.19
C ASN B 245 22.17 30.77 13.85
N GLY B 246 23.40 30.80 14.37
CA GLY B 246 24.24 29.62 14.38
C GLY B 246 24.06 28.80 15.65
N SER B 247 24.61 27.59 15.61
CA SER B 247 24.52 26.66 16.73
C SER B 247 25.78 26.78 17.58
N GLY B 248 25.60 27.03 18.88
CA GLY B 248 26.70 27.15 19.81
C GLY B 248 26.54 26.14 20.94
N MET B 249 27.64 25.99 21.71
CA MET B 249 27.69 25.09 22.86
C MET B 249 28.18 25.91 24.06
N HIS B 250 27.26 26.59 24.71
CA HIS B 250 27.62 27.35 25.94
C HIS B 250 28.09 26.30 26.96
N CYS B 251 29.26 26.51 27.54
CA CYS B 251 29.85 25.58 28.50
C CYS B 251 29.89 26.23 29.88
N HIS B 252 28.96 25.82 30.74
CA HIS B 252 29.05 26.16 32.16
C HIS B 252 30.11 25.29 32.81
N GLN B 253 30.94 25.90 33.64
CA GLN B 253 32.05 25.17 34.23
C GLN B 253 32.44 25.80 35.56
N SER B 254 33.12 25.01 36.38
CA SER B 254 33.62 25.44 37.68
C SER B 254 34.51 24.33 38.23
N ILE B 255 35.39 24.71 39.14
CA ILE B 255 36.30 23.78 39.80
C ILE B 255 36.01 23.78 41.29
N TRP B 256 36.32 22.66 41.93
CA TRP B 256 36.12 22.49 43.37
C TRP B 256 37.42 21.99 43.97
N LEU B 257 37.98 22.75 44.90
CA LEU B 257 39.20 22.37 45.60
C LEU B 257 38.84 21.83 46.98
N ASN B 258 39.29 20.61 47.28
CA ASN B 258 39.06 20.01 48.58
C ASN B 258 37.58 19.93 48.91
N GLY B 259 36.77 19.60 47.91
CA GLY B 259 35.35 19.44 48.10
C GLY B 259 34.59 20.71 48.41
N GLU B 260 35.19 21.88 48.19
CA GLU B 260 34.55 23.17 48.44
C GLU B 260 34.29 23.90 47.12
N PRO B 261 33.17 24.63 47.00
CA PRO B 261 32.96 25.44 45.78
C PRO B 261 33.89 26.64 45.77
N SER B 262 35.11 26.43 45.28
CA SER B 262 36.15 27.46 45.38
C SER B 262 35.74 28.75 44.68
N PHE B 263 34.82 28.69 43.72
CA PHE B 263 34.42 29.90 43.01
C PHE B 263 33.57 30.84 43.86
N TYR B 264 33.27 30.47 45.11
CA TYR B 264 32.31 31.20 45.93
C TYR B 264 32.99 31.81 47.14
N ASP B 265 32.81 33.13 47.31
CA ASP B 265 33.26 33.86 48.49
C ASP B 265 32.12 34.80 48.88
N GLU B 266 31.64 34.67 50.11
CA GLU B 266 30.48 35.45 50.52
C GLU B 266 30.83 36.93 50.72
N ASN B 267 32.06 37.22 51.15
CA ASN B 267 32.45 38.60 51.45
C ASN B 267 32.99 39.36 50.26
N ALA B 268 33.44 38.68 49.21
CA ALA B 268 34.06 39.34 48.08
C ALA B 268 33.01 39.95 47.16
N PRO B 269 33.41 40.88 46.30
CA PRO B 269 32.43 41.54 45.41
C PRO B 269 31.75 40.54 44.49
N TYR B 270 30.49 40.83 44.16
CA TYR B 270 29.66 40.00 43.30
C TYR B 270 29.58 38.55 43.80
N GLN B 271 29.92 38.32 45.07
CA GLN B 271 29.89 36.97 45.64
C GLN B 271 30.77 36.02 44.81
N LEU B 272 31.93 36.51 44.39
CA LEU B 272 32.87 35.75 43.58
C LEU B 272 34.23 35.75 44.25
N SER B 273 34.84 34.57 44.34
CA SER B 273 36.11 34.43 45.03
C SER B 273 37.26 34.91 44.16
N GLU B 274 38.44 35.04 44.78
CA GLU B 274 39.65 35.32 44.02
C GLU B 274 39.94 34.19 43.03
N THR B 275 39.79 32.95 43.48
CA THR B 275 40.03 31.81 42.59
C THR B 275 39.18 31.92 41.34
N CYS B 276 37.94 32.37 41.48
CA CYS B 276 37.09 32.56 40.30
C CYS B 276 37.69 33.60 39.37
N MET B 277 38.16 34.72 39.93
CA MET B 277 38.73 35.78 39.11
C MET B 277 39.98 35.30 38.39
N ASN B 278 40.86 34.61 39.11
CA ASN B 278 42.06 34.07 38.48
C ASN B 278 41.70 33.11 37.36
N TYR B 279 40.65 32.31 37.55
CA TYR B 279 40.24 31.37 36.52
C TYR B 279 39.69 32.09 35.31
N VAL B 280 38.89 33.14 35.51
CA VAL B 280 38.35 33.90 34.39
C VAL B 280 39.47 34.63 33.66
N ALA B 281 40.41 35.22 34.40
CA ALA B 281 41.55 35.86 33.76
C ALA B 281 42.33 34.86 32.91
N GLY B 282 42.38 33.59 33.33
CA GLY B 282 43.10 32.59 32.56
C GLY B 282 42.37 32.22 31.28
N ILE B 283 41.05 32.12 31.34
CA ILE B 283 40.27 31.85 30.13
C ILE B 283 40.38 33.03 29.18
N LEU B 284 40.37 34.25 29.70
CA LEU B 284 40.44 35.43 28.86
C LEU B 284 41.84 35.63 28.30
N LYS B 285 42.88 35.40 29.11
CA LYS B 285 44.24 35.59 28.62
C LYS B 285 44.55 34.67 27.46
N HIS B 286 43.97 33.47 27.44
CA HIS B 286 44.24 32.49 26.40
C HIS B 286 43.05 32.31 25.46
N ALA B 287 42.12 33.26 25.47
CA ALA B 287 40.89 33.11 24.70
C ALA B 287 41.19 32.89 23.22
N LYS B 288 42.05 33.71 22.64
CA LYS B 288 42.29 33.64 21.20
C LYS B 288 42.85 32.27 20.80
N ALA B 289 43.59 31.61 21.67
CA ALA B 289 44.13 30.30 21.36
C ALA B 289 43.16 29.17 21.67
N ILE B 290 42.25 29.38 22.62
CA ILE B 290 41.29 28.33 22.96
C ILE B 290 40.33 28.08 21.81
N VAL B 291 39.86 29.15 21.16
CA VAL B 291 38.81 29.00 20.16
C VAL B 291 39.26 28.16 18.98
N ALA B 292 40.56 27.99 18.78
CA ALA B 292 41.02 27.06 17.76
C ALA B 292 40.56 25.64 18.07
N ILE B 293 40.43 25.31 19.35
CA ILE B 293 39.98 23.99 19.76
C ILE B 293 38.46 23.93 19.88
N THR B 294 37.86 24.91 20.56
CA THR B 294 36.42 24.92 20.75
C THR B 294 35.65 25.32 19.51
N ASN B 295 36.33 25.93 18.53
CA ASN B 295 35.70 26.37 17.28
C ASN B 295 36.63 25.97 16.14
N PRO B 296 36.73 24.66 15.87
CA PRO B 296 37.82 24.16 15.03
C PRO B 296 37.50 24.05 13.55
N THR B 297 36.50 24.79 13.06
CA THR B 297 36.08 24.70 11.68
C THR B 297 36.10 26.07 11.03
N VAL B 298 36.21 26.08 9.70
CA VAL B 298 36.09 27.32 8.96
C VAL B 298 34.73 27.94 9.19
N ASN B 299 33.68 27.10 9.21
CA ASN B 299 32.31 27.61 9.35
C ASN B 299 32.06 28.17 10.73
N SER B 300 32.80 27.70 11.75
CA SER B 300 32.62 28.22 13.10
C SER B 300 32.68 29.75 13.11
N TYR B 301 33.60 30.31 12.32
CA TYR B 301 33.87 31.74 12.34
C TYR B 301 32.89 32.54 11.51
N LYS B 302 31.93 31.87 10.87
CA LYS B 302 30.73 32.54 10.38
C LYS B 302 29.69 32.71 11.47
N ARG B 303 29.86 32.02 12.60
CA ARG B 303 29.07 32.27 13.81
C ARG B 303 29.76 33.29 14.72
N LEU B 304 31.10 33.32 14.72
CA LEU B 304 31.87 34.25 15.54
C LEU B 304 32.18 35.53 14.77
N VAL B 305 31.11 36.18 14.32
CA VAL B 305 31.23 37.46 13.60
C VAL B 305 30.58 38.54 14.46
N PRO B 306 31.03 39.80 14.36
CA PRO B 306 30.45 40.86 15.20
C PRO B 306 28.92 40.88 15.10
N GLY B 307 28.28 40.86 16.26
CA GLY B 307 26.82 40.89 16.33
C GLY B 307 26.37 41.28 17.71
N TYR B 308 25.07 41.60 17.80
CA TYR B 308 24.51 42.03 19.07
C TYR B 308 24.81 41.02 20.17
N GLU B 309 24.61 39.73 19.89
CA GLU B 309 24.84 38.66 20.86
C GLU B 309 25.95 37.71 20.40
N ALA B 310 26.95 38.24 19.70
CA ALA B 310 28.06 37.42 19.22
C ALA B 310 29.13 37.33 20.29
N PRO B 311 29.45 36.13 20.80
CA PRO B 311 30.46 36.03 21.88
C PRO B 311 31.89 36.12 21.36
N VAL B 312 32.22 37.23 20.71
CA VAL B 312 33.52 37.43 20.11
C VAL B 312 34.40 38.39 20.90
N ASN B 313 33.84 39.18 21.80
CA ASN B 313 34.59 40.19 22.52
C ASN B 313 35.15 39.58 23.80
N ILE B 314 36.48 39.53 23.88
CA ILE B 314 37.15 38.91 25.00
C ILE B 314 36.92 39.75 26.26
N ALA B 315 35.83 39.47 26.96
CA ALA B 315 35.54 40.11 28.23
C ALA B 315 34.53 39.23 28.96
N TRP B 316 34.27 39.59 30.22
CA TRP B 316 33.32 38.87 31.05
C TRP B 316 32.32 39.86 31.64
N ALA B 317 31.22 39.31 32.12
CA ALA B 317 30.15 40.13 32.69
C ALA B 317 29.23 39.22 33.48
N ASN B 318 28.36 39.85 34.30
CA ASN B 318 27.39 39.12 35.09
C ASN B 318 26.07 38.93 34.36
N SER B 319 25.80 39.71 33.32
CA SER B 319 24.56 39.60 32.57
C SER B 319 24.71 39.87 31.07
N ASN B 320 25.73 40.60 30.64
CA ASN B 320 25.84 40.95 29.22
C ASN B 320 25.96 39.70 28.37
N ARG B 321 25.23 39.70 27.25
CA ARG B 321 25.25 38.59 26.30
C ARG B 321 26.27 38.78 25.19
N SER B 322 26.88 39.97 25.13
CA SER B 322 27.87 40.29 24.07
C SER B 322 29.29 39.91 24.50
N ALA B 323 29.45 39.39 25.73
CA ALA B 323 30.75 38.99 26.22
C ALA B 323 31.00 37.51 25.97
N ILE B 324 32.28 37.12 25.99
CA ILE B 324 32.64 35.73 25.78
C ILE B 324 32.49 34.90 27.05
N ILE B 325 32.46 35.53 28.22
CA ILE B 325 32.22 34.86 29.48
C ILE B 325 31.03 35.52 30.17
N ARG B 326 30.12 34.71 30.74
CA ARG B 326 28.97 35.20 31.57
C ARG B 326 28.88 34.38 32.88
N VAL B 327 28.73 35.06 34.04
CA VAL B 327 28.60 34.44 35.35
C VAL B 327 27.11 34.41 35.72
N PRO B 328 26.46 33.26 35.68
CA PRO B 328 25.06 33.20 36.12
C PRO B 328 24.92 33.71 37.55
N ALA B 329 23.69 34.11 37.88
CA ALA B 329 23.40 34.67 39.19
C ALA B 329 23.41 33.63 40.30
N ALA B 330 23.44 32.35 39.97
CA ALA B 330 23.43 31.31 40.99
C ALA B 330 24.72 31.34 41.81
N ARG B 331 24.55 31.41 43.13
CA ARG B 331 25.69 31.44 44.07
C ARG B 331 25.70 30.14 44.88
N GLY B 332 26.65 30.01 45.80
CA GLY B 332 26.77 28.81 46.64
C GLY B 332 27.39 27.68 45.88
N LYS B 333 26.82 26.49 46.02
CA LYS B 333 27.32 25.26 45.35
C LYS B 333 27.12 25.38 43.83
N GLY B 334 26.30 26.34 43.40
CA GLY B 334 26.03 26.55 41.99
C GLY B 334 26.80 27.67 41.35
N THR B 335 27.82 28.21 42.01
CA THR B 335 28.63 29.26 41.43
C THR B 335 29.44 28.69 40.28
N ARG B 336 29.25 29.25 39.08
CA ARG B 336 29.91 28.75 37.89
C ARG B 336 30.04 29.87 36.89
N ILE B 337 30.91 29.67 35.90
CA ILE B 337 31.08 30.61 34.80
C ILE B 337 30.64 29.93 33.51
N GLU B 338 30.21 30.75 32.54
CA GLU B 338 29.72 30.21 31.25
C GLU B 338 30.54 30.76 30.08
N PHE B 339 31.34 29.88 29.45
CA PHE B 339 32.15 30.22 28.29
C PHE B 339 31.27 30.06 27.05
N ARG B 340 31.07 31.16 26.32
CA ARG B 340 30.05 31.22 25.29
C ARG B 340 30.57 30.96 23.89
N ALA B 341 31.87 30.94 23.71
CA ALA B 341 32.45 30.83 22.38
C ALA B 341 32.21 29.46 21.75
N PRO B 342 32.39 28.36 22.49
CA PRO B 342 32.38 27.04 21.85
C PRO B 342 31.12 26.79 21.04
N ASP B 343 31.25 25.87 20.10
CA ASP B 343 30.16 25.39 19.26
C ASP B 343 30.26 23.87 19.19
N PRO B 344 29.17 23.19 18.82
CA PRO B 344 29.12 21.73 18.98
C PRO B 344 30.01 20.96 18.01
N SER B 345 30.67 21.63 17.07
CA SER B 345 31.58 20.92 16.17
C SER B 345 32.92 20.58 16.83
N CYS B 346 33.16 21.05 18.05
CA CYS B 346 34.44 20.82 18.70
C CYS B 346 34.49 19.43 19.31
N ASN B 347 35.72 18.96 19.54
CA ASN B 347 35.97 17.71 20.26
C ASN B 347 35.84 18.00 21.74
N PRO B 348 34.79 17.52 22.41
CA PRO B 348 34.57 17.91 23.81
C PRO B 348 35.71 17.52 24.73
N TYR B 349 36.40 16.42 24.45
CA TYR B 349 37.54 16.04 25.29
C TYR B 349 38.64 17.08 25.21
N LEU B 350 38.98 17.51 23.98
CA LEU B 350 40.00 18.54 23.83
C LEU B 350 39.49 19.89 24.30
N ALA B 351 38.22 20.19 24.04
CA ALA B 351 37.65 21.48 24.46
C ALA B 351 37.75 21.65 25.96
N PHE B 352 37.25 20.67 26.72
CA PHE B 352 37.30 20.78 28.18
C PHE B 352 38.73 20.78 28.69
N THR B 353 39.65 20.18 27.94
CA THR B 353 41.03 20.12 28.38
C THR B 353 41.68 21.51 28.34
N VAL B 354 41.50 22.24 27.23
CA VAL B 354 42.15 23.54 27.10
C VAL B 354 41.48 24.58 27.98
N MET B 355 40.17 24.45 28.22
CA MET B 355 39.51 25.38 29.11
C MET B 355 40.01 25.23 30.55
N LEU B 356 40.16 23.99 31.01
CA LEU B 356 40.71 23.76 32.34
C LEU B 356 42.11 24.34 32.44
N ALA B 357 42.98 23.99 31.48
CA ALA B 357 44.37 24.42 31.57
C ALA B 357 44.50 25.94 31.52
N ALA B 358 43.62 26.61 30.77
CA ALA B 358 43.68 28.06 30.70
C ALA B 358 43.25 28.69 32.01
N GLY B 359 42.23 28.13 32.66
CA GLY B 359 41.80 28.65 33.94
C GLY B 359 42.79 28.37 35.05
N LEU B 360 43.26 27.11 35.12
CA LEU B 360 44.26 26.76 36.12
C LEU B 360 45.58 27.48 35.88
N ASP B 361 45.87 27.89 34.64
CA ASP B 361 47.03 28.71 34.39
C ASP B 361 46.85 30.10 34.98
N GLY B 362 45.61 30.57 35.08
CA GLY B 362 45.33 31.83 35.73
C GLY B 362 45.35 31.69 37.24
N VAL B 363 44.81 30.56 37.72
CA VAL B 363 44.84 30.29 39.16
C VAL B 363 46.27 30.12 39.64
N LYS B 364 47.09 29.38 38.88
CA LYS B 364 48.46 29.15 39.31
C LYS B 364 49.22 30.45 39.47
N ASN B 365 49.08 31.34 38.49
CA ASN B 365 49.85 32.62 38.40
C ASN B 365 49.14 33.82 39.06
N LYS B 366 47.98 33.62 39.67
CA LYS B 366 47.25 34.67 40.37
C LYS B 366 47.07 35.91 39.49
N LEU B 367 46.43 35.70 38.34
CA LEU B 367 46.24 36.80 37.34
C LEU B 367 45.05 37.69 37.74
N ASP B 368 45.28 39.01 37.80
CA ASP B 368 44.24 39.98 38.11
C ASP B 368 43.28 40.08 36.93
N ALA B 369 41.99 39.94 37.21
CA ALA B 369 41.00 39.96 36.13
C ALA B 369 40.55 41.39 35.83
N PRO B 370 40.12 41.65 34.61
CA PRO B 370 39.64 43.00 34.27
C PRO B 370 38.25 43.26 34.84
N GLU B 371 37.84 44.51 34.75
CA GLU B 371 36.51 44.88 35.23
C GLU B 371 35.44 44.27 34.33
N PRO B 372 34.30 43.87 34.89
CA PRO B 372 33.23 43.34 34.05
C PRO B 372 32.65 44.41 33.15
N VAL B 373 32.28 44.02 31.94
CA VAL B 373 31.75 44.93 30.93
C VAL B 373 30.27 44.63 30.77
N GLU B 374 29.43 45.45 31.40
CA GLU B 374 27.98 45.29 31.28
C GLU B 374 27.42 46.00 30.06
N ARG B 375 28.02 47.11 29.65
CA ARG B 375 27.59 47.79 28.44
C ARG B 375 27.70 46.86 27.24
N ASN B 376 26.77 47.01 26.30
CA ASN B 376 26.78 46.21 25.08
C ASN B 376 28.05 46.49 24.29
N ILE B 377 28.96 45.51 24.28
CA ILE B 377 30.28 45.62 23.62
C ILE B 377 30.11 45.97 22.12
N PHE B 378 29.12 45.37 21.46
CA PHE B 378 28.93 45.61 20.04
C PHE B 378 28.34 46.99 19.79
N ALA B 379 27.54 47.50 20.73
CA ALA B 379 26.92 48.81 20.54
C ALA B 379 27.94 49.93 20.59
N MET B 380 29.01 49.77 21.37
CA MET B 380 29.97 50.84 21.55
C MET B 380 30.95 50.88 20.37
N SER B 381 31.50 52.08 20.14
CA SER B 381 32.35 52.31 18.98
C SER B 381 33.66 51.53 19.11
N GLU B 382 34.47 51.62 18.06
CA GLU B 382 35.77 50.95 18.07
C GLU B 382 36.75 51.65 19.01
N ALA B 383 36.64 52.97 19.13
CA ALA B 383 37.49 53.68 20.09
C ALA B 383 37.13 53.32 21.51
N GLU B 384 35.83 53.22 21.81
CA GLU B 384 35.42 52.82 23.16
C GLU B 384 35.93 51.43 23.50
N LYS B 385 36.00 50.53 22.51
CA LYS B 385 36.57 49.21 22.75
C LYS B 385 38.07 49.29 22.95
N LYS B 386 38.74 50.13 22.16
CA LYS B 386 40.18 50.33 22.35
C LYS B 386 40.46 51.02 23.68
N GLU B 387 39.60 51.95 24.09
CA GLU B 387 39.78 52.60 25.38
C GLU B 387 39.65 51.61 26.52
N LEU B 388 38.65 50.73 26.44
CA LEU B 388 38.46 49.69 27.45
C LEU B 388 39.36 48.49 27.25
N GLY B 389 40.21 48.51 26.22
CA GLY B 389 41.12 47.38 26.00
C GLY B 389 40.40 46.08 25.76
N ILE B 390 39.32 46.11 25.00
CA ILE B 390 38.51 44.92 24.72
C ILE B 390 38.92 44.40 23.35
N GLU B 391 39.57 43.25 23.33
CA GLU B 391 40.03 42.62 22.10
C GLU B 391 39.03 41.56 21.66
N SER B 392 39.06 41.26 20.36
CA SER B 392 38.17 40.28 19.76
C SER B 392 38.92 38.97 19.51
N VAL B 393 38.15 37.90 19.37
CA VAL B 393 38.71 36.58 19.08
C VAL B 393 39.18 36.58 17.63
N PRO B 394 39.99 35.60 17.22
CA PRO B 394 40.37 35.53 15.80
C PRO B 394 39.14 35.58 14.90
N ALA B 395 39.34 36.11 13.69
CA ALA B 395 38.25 36.27 12.74
C ALA B 395 38.09 35.07 11.82
N ASN B 396 39.00 34.11 11.84
CA ASN B 396 38.91 32.94 10.97
C ASN B 396 39.73 31.81 11.56
N LEU B 397 39.58 30.63 10.97
CA LEU B 397 40.22 29.42 11.51
C LEU B 397 41.74 29.55 11.50
N LYS B 398 42.30 30.02 10.39
CA LYS B 398 43.76 30.11 10.28
C LYS B 398 44.33 31.05 11.34
N ALA B 399 43.64 32.15 11.61
CA ALA B 399 44.13 33.09 12.62
C ALA B 399 44.12 32.47 14.02
N ALA B 400 43.15 31.58 14.28
CA ALA B 400 43.10 30.91 15.57
C ALA B 400 44.20 29.85 15.68
N LEU B 401 44.44 29.12 14.59
CA LEU B 401 45.51 28.12 14.61
C LEU B 401 46.84 28.76 14.93
N ASP B 402 47.14 29.91 14.31
CA ASP B 402 48.39 30.60 14.58
C ASP B 402 48.46 31.02 16.05
N GLU B 403 47.33 31.40 16.63
CA GLU B 403 47.32 31.71 18.06
C GLU B 403 47.61 30.47 18.89
N LEU B 404 47.09 29.31 18.47
CA LEU B 404 47.35 28.07 19.19
C LEU B 404 48.80 27.66 19.05
N GLU B 405 49.38 27.84 17.87
CA GLU B 405 50.79 27.47 17.68
C GLU B 405 51.70 28.22 18.64
N ASN B 406 51.30 29.41 19.07
CA ASN B 406 52.13 30.27 19.91
C ASN B 406 51.67 30.26 21.38
N ASN B 407 51.01 29.19 21.82
CA ASN B 407 50.49 29.11 23.18
C ASN B 407 51.10 27.88 23.86
N ASP B 408 52.08 28.12 24.73
CA ASP B 408 52.72 27.02 25.45
C ASP B 408 51.75 26.34 26.39
N VAL B 409 50.87 27.12 27.03
CA VAL B 409 49.94 26.55 28.01
C VAL B 409 49.11 25.44 27.37
N LEU B 410 48.52 25.72 26.21
CA LEU B 410 47.68 24.74 25.55
C LEU B 410 48.48 23.64 24.87
N LYS B 411 49.77 23.87 24.61
CA LYS B 411 50.62 22.80 24.13
C LYS B 411 50.89 21.77 25.23
N ASN B 412 51.25 22.26 26.42
CA ASN B 412 51.46 21.35 27.55
C ASN B 412 50.17 20.58 27.87
N ALA B 413 49.03 21.27 27.85
CA ALA B 413 47.77 20.60 28.18
C ALA B 413 47.40 19.56 27.14
N LEU B 414 47.47 19.91 25.87
CA LEU B 414 47.13 18.96 24.81
C LEU B 414 48.20 17.91 24.60
N GLY B 415 49.44 18.21 24.95
CA GLY B 415 50.55 17.34 24.65
C GLY B 415 51.02 17.49 23.22
N LYS B 416 52.28 17.12 22.99
CA LYS B 416 52.91 17.34 21.70
C LYS B 416 52.10 16.71 20.57
N HIS B 417 51.86 15.39 20.66
CA HIS B 417 51.27 14.67 19.55
C HIS B 417 49.97 15.31 19.09
N ILE B 418 48.99 15.41 19.99
CA ILE B 418 47.72 16.03 19.63
C ILE B 418 47.96 17.45 19.13
N PHE B 419 48.79 18.22 19.85
CA PHE B 419 49.05 19.60 19.50
C PHE B 419 49.45 19.73 18.03
N GLU B 420 50.51 19.02 17.64
CA GLU B 420 51.04 19.17 16.29
C GLU B 420 50.11 18.55 15.25
N SER B 421 49.55 17.38 15.56
CA SER B 421 48.66 16.72 14.60
C SER B 421 47.45 17.59 14.31
N PHE B 422 46.84 18.15 15.36
CA PHE B 422 45.68 19.02 15.16
C PHE B 422 46.03 20.23 14.31
N LEU B 423 47.22 20.80 14.50
CA LEU B 423 47.63 21.95 13.71
C LEU B 423 47.96 21.55 12.28
N GLU B 424 48.54 20.37 12.10
CA GLU B 424 48.84 19.90 10.75
C GLU B 424 47.57 19.56 9.99
N ILE B 425 46.62 18.92 10.66
CA ILE B 425 45.36 18.55 9.99
C ILE B 425 44.55 19.79 9.67
N LYS B 426 44.47 20.73 10.62
CA LYS B 426 43.59 21.88 10.43
C LYS B 426 44.19 22.90 9.47
N ASN B 427 45.52 22.99 9.40
CA ASN B 427 46.14 23.83 8.38
C ASN B 427 45.82 23.30 6.99
N ALA B 428 45.90 21.98 6.81
CA ALA B 428 45.46 21.39 5.55
C ALA B 428 43.99 21.68 5.30
N GLU B 429 43.16 21.59 6.35
CA GLU B 429 41.75 21.91 6.22
C GLU B 429 41.55 23.34 5.74
N TRP B 430 42.32 24.28 6.28
CA TRP B 430 42.21 25.66 5.84
C TRP B 430 42.81 25.86 4.46
N ASP B 431 43.87 25.13 4.14
CA ASP B 431 44.47 25.23 2.81
C ASP B 431 43.51 24.78 1.74
N SER B 432 42.64 23.82 2.05
CA SER B 432 41.67 23.35 1.06
C SER B 432 40.59 24.38 0.81
N PHE B 433 40.17 25.10 1.86
CA PHE B 433 39.14 26.12 1.70
C PHE B 433 39.65 27.31 0.92
N ARG B 434 40.86 27.79 1.24
CA ARG B 434 41.36 29.02 0.63
C ARG B 434 41.70 28.83 -0.84
N THR B 435 41.95 27.61 -1.29
CA THR B 435 42.26 27.38 -2.69
C THR B 435 41.02 27.05 -3.52
N SER B 436 39.87 26.86 -2.89
CA SER B 436 38.66 26.52 -3.61
C SER B 436 37.99 27.78 -4.17
N VAL B 437 37.12 27.57 -5.15
CA VAL B 437 36.32 28.64 -5.76
C VAL B 437 34.90 28.48 -5.23
N THR B 438 34.51 29.38 -4.33
CA THR B 438 33.21 29.27 -3.68
C THR B 438 32.11 29.86 -4.54
N ASP B 439 30.87 29.47 -4.24
CA ASP B 439 29.72 30.02 -4.97
C ASP B 439 29.61 31.51 -4.74
N TRP B 440 29.98 32.00 -3.55
CA TRP B 440 29.99 33.44 -3.31
C TRP B 440 30.81 34.16 -4.38
N GLU B 441 31.98 33.61 -4.71
CA GLU B 441 32.84 34.25 -5.71
C GLU B 441 32.19 34.20 -7.09
N THR B 442 31.70 33.04 -7.49
CA THR B 442 31.01 32.91 -8.77
C THR B 442 29.87 33.91 -8.89
N THR B 443 29.05 34.00 -7.85
CA THR B 443 27.93 34.93 -7.88
C THR B 443 28.41 36.36 -8.03
N ALA B 444 29.54 36.71 -7.39
CA ALA B 444 29.99 38.08 -7.34
C ALA B 444 30.81 38.48 -8.55
N TYR B 445 31.56 37.55 -9.14
CA TYR B 445 32.61 37.92 -10.08
C TYR B 445 32.45 37.33 -11.48
N LEU B 446 31.47 36.48 -11.74
CA LEU B 446 31.36 35.90 -13.08
C LEU B 446 30.91 36.93 -14.12
N LYS B 447 30.26 38.01 -13.69
CA LYS B 447 29.77 39.01 -14.62
C LYS B 447 30.85 39.96 -15.10
N ILE B 448 31.96 40.07 -14.39
CA ILE B 448 32.97 41.08 -14.69
C ILE B 448 33.82 40.68 -15.89
N SER C 2 -3.84 19.92 41.76
CA SER C 2 -4.14 21.31 42.08
C SER C 2 -3.26 21.82 43.20
N THR C 3 -2.65 20.91 43.94
CA THR C 3 -1.74 21.26 45.02
C THR C 3 -0.44 20.48 44.89
N VAL C 4 0.59 20.97 45.59
CA VAL C 4 1.94 20.42 45.44
C VAL C 4 1.94 18.92 45.67
N GLU C 5 1.16 18.44 46.63
CA GLU C 5 1.17 17.02 46.93
C GLU C 5 0.36 16.23 45.91
N GLN C 6 -0.79 16.75 45.50
CA GLN C 6 -1.63 16.03 44.55
C GLN C 6 -0.89 15.80 43.24
N VAL C 7 -0.09 16.78 42.81
CA VAL C 7 0.62 16.64 41.54
C VAL C 7 1.69 15.57 41.64
N LEU C 8 2.45 15.56 42.75
CA LEU C 8 3.47 14.55 42.92
C LEU C 8 2.86 13.15 42.95
N GLU C 9 1.73 12.99 43.64
CA GLU C 9 1.06 11.70 43.65
C GLU C 9 0.59 11.32 42.25
N TYR C 10 0.18 12.31 41.46
CA TYR C 10 -0.14 12.05 40.06
C TYR C 10 1.11 11.64 39.30
N VAL C 11 2.20 12.38 39.48
CA VAL C 11 3.46 12.03 38.82
C VAL C 11 3.85 10.60 39.16
N LYS C 12 3.68 10.21 40.43
CA LYS C 12 4.11 8.88 40.85
C LYS C 12 3.20 7.80 40.28
N SER C 13 1.89 8.00 40.38
CA SER C 13 0.96 6.94 39.97
C SER C 13 0.94 6.76 38.45
N ASN C 14 1.14 7.83 37.70
CA ASN C 14 1.06 7.77 36.25
C ASN C 14 2.41 7.59 35.58
N ASN C 15 3.50 7.62 36.33
CA ASN C 15 4.84 7.46 35.77
C ASN C 15 5.16 8.59 34.78
N VAL C 16 4.84 9.81 35.20
CA VAL C 16 5.11 10.99 34.37
C VAL C 16 6.62 11.15 34.24
N LYS C 17 7.12 11.14 33.01
CA LYS C 17 8.53 11.24 32.74
C LYS C 17 8.95 12.56 32.10
N PHE C 18 8.00 13.34 31.58
CA PHE C 18 8.32 14.60 30.91
C PHE C 18 7.30 15.66 31.32
N MET C 19 7.79 16.82 31.72
CA MET C 19 6.95 17.90 32.22
C MET C 19 7.17 19.16 31.38
N ARG C 20 6.08 19.82 31.02
CA ARG C 20 6.12 21.04 30.22
C ARG C 20 5.66 22.22 31.06
N PHE C 21 6.47 23.27 31.09
CA PHE C 21 6.11 24.54 31.72
C PHE C 21 5.77 25.51 30.60
N GLN C 22 4.49 25.90 30.51
CA GLN C 22 4.00 26.72 29.41
C GLN C 22 3.69 28.13 29.89
N PHE C 23 3.98 29.11 29.05
CA PHE C 23 3.63 30.50 29.29
C PHE C 23 3.31 31.14 27.94
N VAL C 24 3.23 32.47 27.91
CA VAL C 24 2.81 33.20 26.71
C VAL C 24 3.65 34.47 26.57
N ASP C 25 3.93 34.83 25.32
CA ASP C 25 4.68 36.05 25.03
C ASP C 25 3.71 37.21 24.86
N ILE C 26 4.24 38.39 24.52
CA ILE C 26 3.39 39.59 24.52
C ILE C 26 2.32 39.50 23.43
N LEU C 27 2.62 38.82 22.33
CA LEU C 27 1.66 38.72 21.24
C LEU C 27 0.63 37.61 21.44
N GLY C 28 0.69 36.89 22.56
CA GLY C 28 -0.21 35.79 22.80
C GLY C 28 0.25 34.45 22.26
N VAL C 29 1.42 34.39 21.64
CA VAL C 29 1.92 33.11 21.13
C VAL C 29 2.32 32.24 22.31
N PRO C 30 1.90 30.97 22.37
CA PRO C 30 2.26 30.13 23.51
C PRO C 30 3.70 29.65 23.42
N LYS C 31 4.33 29.54 24.59
CA LYS C 31 5.70 29.08 24.72
C LYS C 31 5.77 28.05 25.82
N ASN C 32 6.71 27.12 25.70
CA ASN C 32 6.88 26.08 26.75
C ASN C 32 8.30 25.52 26.70
N VAL C 33 8.80 25.13 27.87
CA VAL C 33 10.06 24.42 27.98
C VAL C 33 9.79 23.13 28.74
N ALA C 34 10.34 22.03 28.24
CA ALA C 34 10.07 20.70 28.78
C ALA C 34 11.32 20.13 29.41
N PHE C 35 11.22 19.71 30.67
CA PHE C 35 12.30 19.05 31.36
C PHE C 35 11.91 17.65 31.80
N PRO C 36 12.87 16.75 31.94
CA PRO C 36 12.54 15.38 32.33
C PRO C 36 12.44 15.24 33.85
N ILE C 37 11.71 14.21 34.26
CA ILE C 37 11.52 13.87 35.67
C ILE C 37 12.55 12.80 36.03
N LYS C 38 13.40 13.13 37.01
CA LYS C 38 14.45 12.20 37.50
C LYS C 38 13.78 11.04 38.24
N ALA C 39 14.41 9.86 38.22
CA ALA C 39 13.86 8.66 38.89
C ALA C 39 14.18 8.67 40.38
N GLY C 40 13.42 7.92 41.18
CA GLY C 40 13.67 7.78 42.62
C GLY C 40 13.10 8.91 43.46
N GLU C 41 13.34 8.84 44.77
CA GLU C 41 12.85 9.86 45.74
C GLU C 41 13.59 11.18 45.49
N LYS C 42 14.84 11.09 45.01
CA LYS C 42 15.67 12.28 44.70
C LYS C 42 15.00 13.05 43.55
N GLY C 43 14.47 12.31 42.56
CA GLY C 43 13.80 12.95 41.44
C GLY C 43 12.54 13.69 41.85
N ILE C 44 11.78 13.10 42.76
CA ILE C 44 10.58 13.76 43.26
C ILE C 44 10.94 15.00 44.06
N GLU C 45 12.00 14.91 44.89
CA GLU C 45 12.38 16.05 45.71
C GLU C 45 12.82 17.22 44.84
N GLU C 46 13.53 16.94 43.74
CA GLU C 46 13.90 18.01 42.81
C GLU C 46 12.67 18.60 42.14
N LEU C 47 11.77 17.74 41.65
CA LEU C 47 10.51 18.23 41.09
C LEU C 47 9.75 19.06 42.11
N ARG C 48 9.75 18.63 43.37
CA ARG C 48 9.11 19.41 44.42
C ARG C 48 9.70 20.82 44.50
N ASP C 49 11.02 20.90 44.30
CA ASP C 49 11.75 22.20 44.39
C ASP C 49 11.38 23.10 43.19
N VAL C 50 11.13 22.51 42.02
CA VAL C 50 10.80 23.31 40.84
C VAL C 50 9.36 23.79 40.90
N LEU C 51 8.46 22.97 41.45
CA LEU C 51 7.05 23.31 41.44
C LEU C 51 6.73 24.48 42.38
N GLU C 52 7.48 24.61 43.46
CA GLU C 52 7.24 25.64 44.48
C GLU C 52 8.09 26.87 44.27
N ASN C 53 9.36 26.71 43.90
CA ASN C 53 10.27 27.83 43.71
C ASN C 53 10.36 28.29 42.26
N GLY C 54 9.85 27.52 41.31
CA GLY C 54 9.93 27.89 39.91
C GLY C 54 11.20 27.39 39.26
N LEU C 55 11.29 27.65 37.95
CA LEU C 55 12.40 27.19 37.12
C LEU C 55 12.98 28.37 36.35
N TYR C 56 14.31 28.45 36.34
CA TYR C 56 15.05 29.53 35.64
C TYR C 56 14.99 29.30 34.13
N PHE C 57 15.02 30.38 33.35
CA PHE C 57 14.97 30.30 31.89
C PHE C 57 15.42 31.64 31.31
N ASP C 58 15.95 31.59 30.09
CA ASP C 58 16.47 32.77 29.40
C ASP C 58 15.36 33.34 28.52
N GLY C 59 14.92 34.56 28.85
CA GLY C 59 13.85 35.18 28.10
C GLY C 59 14.32 36.28 27.17
N SER C 60 15.60 36.27 26.81
CA SER C 60 16.11 37.29 25.90
C SER C 60 15.45 37.17 24.52
N SER C 61 15.12 35.96 24.09
CA SER C 61 14.56 35.71 22.78
C SER C 61 13.05 35.68 22.75
N ILE C 62 12.39 35.81 23.91
CA ILE C 62 10.94 35.90 23.95
C ILE C 62 10.53 37.32 23.58
N GLU C 63 9.46 37.44 22.80
CA GLU C 63 8.99 38.75 22.36
C GLU C 63 8.30 39.47 23.50
N GLY C 64 8.74 40.70 23.77
CA GLY C 64 8.18 41.50 24.84
C GLY C 64 8.85 41.34 26.18
N PHE C 65 9.79 40.41 26.32
CA PHE C 65 10.52 40.18 27.55
C PHE C 65 11.90 40.80 27.53
N VAL C 66 12.33 41.35 26.39
CA VAL C 66 13.64 41.95 26.23
C VAL C 66 13.91 42.93 27.36
N SER C 71 16.95 39.83 31.89
CA SER C 71 18.07 38.90 31.93
C SER C 71 17.55 37.47 32.07
N ASP C 72 18.02 36.75 33.10
CA ASP C 72 17.58 35.39 33.36
C ASP C 72 16.30 35.46 34.21
N MET C 73 15.19 35.01 33.64
CA MET C 73 13.90 35.07 34.30
C MET C 73 13.53 33.71 34.88
N MET C 74 12.37 33.64 35.52
CA MET C 74 11.93 32.36 36.15
C MET C 74 10.41 32.15 35.99
N LEU C 75 10.02 30.92 35.68
CA LEU C 75 8.63 30.51 35.51
C LEU C 75 8.12 29.97 36.85
N LYS C 76 6.89 30.33 37.20
CA LYS C 76 6.28 29.92 38.46
C LYS C 76 4.98 29.17 38.18
N PRO C 77 4.96 27.84 38.33
CA PRO C 77 3.76 27.10 37.94
C PRO C 77 2.53 27.51 38.73
N ASP C 78 1.43 27.76 38.03
CA ASP C 78 0.12 27.92 38.62
C ASP C 78 -0.50 26.53 38.71
N LEU C 79 -0.44 25.93 39.91
CA LEU C 79 -0.80 24.52 40.05
C LEU C 79 -2.27 24.25 39.77
N SER C 80 -3.11 25.27 39.70
CA SER C 80 -4.51 25.05 39.35
C SER C 80 -4.71 24.74 37.87
N THR C 81 -3.63 24.69 37.08
CA THR C 81 -3.72 24.40 35.66
C THR C 81 -3.07 23.07 35.28
N PHE C 82 -2.53 22.34 36.25
CA PHE C 82 -1.85 21.08 35.94
C PHE C 82 -2.80 20.11 35.28
N SER C 83 -2.31 19.40 34.26
CA SER C 83 -3.11 18.39 33.57
C SER C 83 -2.24 17.68 32.53
N VAL C 84 -2.82 16.71 31.84
CA VAL C 84 -2.13 16.06 30.72
C VAL C 84 -2.00 17.08 29.61
N LEU C 85 -1.19 16.77 28.61
CA LEU C 85 -1.13 17.59 27.40
C LEU C 85 -2.53 17.63 26.79
N PRO C 86 -3.17 18.80 26.69
CA PRO C 86 -4.52 18.82 26.11
C PRO C 86 -4.59 18.23 24.71
N TRP C 87 -3.55 18.40 23.90
CA TRP C 87 -3.54 17.84 22.55
C TRP C 87 -3.03 16.39 22.52
N ARG C 88 -2.45 15.90 23.60
CA ARG C 88 -2.00 14.51 23.71
C ARG C 88 -2.54 13.93 25.01
N PRO C 89 -3.86 13.86 25.16
CA PRO C 89 -4.43 13.47 26.46
C PRO C 89 -4.15 12.04 26.85
N SER C 90 -3.91 11.15 25.89
CA SER C 90 -3.68 9.75 26.22
C SER C 90 -2.29 9.54 26.80
N GLU C 91 -1.30 10.28 26.32
CA GLU C 91 0.06 10.14 26.80
C GLU C 91 0.17 10.59 28.25
N LYS C 92 -0.09 9.68 29.19
CA LYS C 92 -0.03 10.03 30.60
C LYS C 92 1.39 10.33 31.06
N SER C 93 2.40 9.90 30.31
CA SER C 93 3.79 10.13 30.68
C SER C 93 4.20 11.58 30.59
N VAL C 94 3.39 12.44 29.98
CA VAL C 94 3.70 13.85 29.79
C VAL C 94 2.62 14.70 30.45
N ALA C 95 3.04 15.72 31.17
CA ALA C 95 2.14 16.65 31.84
C ALA C 95 2.57 18.07 31.51
N ARG C 96 1.68 19.03 31.82
CA ARG C 96 1.99 20.43 31.59
C ARG C 96 1.31 21.27 32.66
N VAL C 97 1.84 22.47 32.85
CA VAL C 97 1.29 23.42 33.82
C VAL C 97 1.54 24.83 33.30
N ILE C 98 0.52 25.67 33.32
CA ILE C 98 0.65 27.06 32.91
C ILE C 98 1.33 27.84 34.02
N CYS C 99 2.31 28.66 33.65
CA CYS C 99 3.13 29.37 34.62
C CYS C 99 2.97 30.87 34.47
N ASP C 100 3.39 31.58 35.51
CA ASP C 100 3.55 33.03 35.50
C ASP C 100 5.03 33.35 35.49
N VAL C 101 5.37 34.52 34.94
CA VAL C 101 6.76 34.92 34.77
C VAL C 101 7.20 35.73 35.98
N TYR C 102 8.36 35.38 36.52
CA TYR C 102 8.94 36.06 37.67
C TYR C 102 10.38 36.45 37.32
N THR C 103 10.87 37.44 38.05
CA THR C 103 12.25 37.86 37.90
C THR C 103 13.16 36.97 38.73
N THR C 104 14.48 37.17 38.55
CA THR C 104 15.43 36.42 39.36
C THR C 104 15.24 36.70 40.84
N LYS C 105 14.84 37.94 41.20
CA LYS C 105 14.66 38.30 42.60
C LYS C 105 13.45 37.62 43.23
N GLY C 106 12.49 37.18 42.42
CA GLY C 106 11.32 36.49 42.94
C GLY C 106 10.04 37.28 42.96
N LYS C 107 9.95 38.37 42.19
CA LYS C 107 8.74 39.18 42.10
C LYS C 107 8.11 39.03 40.72
N PRO C 108 6.80 39.22 40.60
CA PRO C 108 6.16 39.11 39.29
C PRO C 108 6.82 40.01 38.26
N PHE C 109 6.92 39.50 37.03
CA PHE C 109 7.54 40.24 35.93
C PHE C 109 6.55 41.25 35.37
N GLU C 110 7.01 42.49 35.17
CA GLU C 110 6.15 43.55 34.68
C GLU C 110 5.73 43.33 33.24
N GLY C 111 6.46 42.51 32.50
CA GLY C 111 6.13 42.20 31.13
C GLY C 111 5.32 40.94 30.93
N ASP C 112 4.81 40.35 32.00
CA ASP C 112 4.07 39.09 31.89
C ASP C 112 2.62 39.38 31.54
N PRO C 113 2.13 38.90 30.39
CA PRO C 113 0.70 39.11 30.09
C PRO C 113 -0.22 38.42 31.08
N ARG C 114 0.12 37.21 31.52
CA ARG C 114 -0.72 36.52 32.48
C ARG C 114 -0.73 37.22 33.83
N GLY C 115 0.47 37.57 34.33
CA GLY C 115 0.56 38.30 35.58
C GLY C 115 -0.07 39.67 35.52
N CYS C 116 -0.25 40.22 34.32
CA CYS C 116 -0.90 41.51 34.19
C CYS C 116 -2.40 41.39 34.44
N LEU C 117 -3.04 40.41 33.80
CA LEU C 117 -4.47 40.18 34.05
C LEU C 117 -4.70 39.86 35.52
N LYS C 118 -3.87 38.99 36.08
CA LYS C 118 -3.98 38.65 37.51
C LYS C 118 -3.96 39.92 38.36
N ARG C 119 -2.98 40.78 38.12
CA ARG C 119 -2.78 41.97 38.96
C ARG C 119 -4.07 42.77 39.06
N VAL C 120 -4.57 43.25 37.92
CA VAL C 120 -5.77 44.09 37.94
C VAL C 120 -6.95 43.35 38.54
N MET C 121 -6.96 42.01 38.43
CA MET C 121 -8.04 41.23 39.02
C MET C 121 -7.90 41.13 40.52
N GLU C 122 -6.66 41.04 41.03
CA GLU C 122 -6.46 41.09 42.48
C GLU C 122 -6.77 42.48 43.02
N GLU C 123 -6.32 43.52 42.31
CA GLU C 123 -6.67 44.88 42.70
C GLU C 123 -8.19 45.05 42.80
N PHE C 124 -8.90 44.63 41.75
CA PHE C 124 -10.36 44.74 41.76
C PHE C 124 -10.97 43.90 42.87
N LYS C 125 -10.36 42.75 43.18
CA LYS C 125 -10.87 41.89 44.24
C LYS C 125 -10.59 42.47 45.62
N LYS C 126 -9.49 43.20 45.76
CA LYS C 126 -9.08 43.71 47.07
C LYS C 126 -9.73 45.05 47.40
N GLU C 127 -9.77 45.97 46.46
CA GLU C 127 -10.27 47.31 46.74
C GLU C 127 -11.77 47.45 46.53
N PHE C 128 -12.41 46.51 45.81
CA PHE C 128 -13.85 46.55 45.62
C PHE C 128 -14.54 45.22 45.83
N ASN C 129 -13.81 44.15 46.16
CA ASN C 129 -14.39 42.83 46.32
C ASN C 129 -15.15 42.44 45.05
N GLY C 130 -14.47 42.57 43.92
CA GLY C 130 -15.09 42.39 42.61
C GLY C 130 -14.59 41.15 41.90
N GLU C 131 -15.49 40.49 41.20
CA GLU C 131 -15.17 39.35 40.34
C GLU C 131 -15.41 39.73 38.89
N TYR C 132 -14.48 39.34 38.03
CA TYR C 132 -14.53 39.68 36.60
C TYR C 132 -14.71 38.39 35.81
N PHE C 133 -15.80 38.32 35.03
CA PHE C 133 -16.14 37.15 34.25
C PHE C 133 -16.21 37.52 32.78
N VAL C 134 -15.68 36.63 31.94
CA VAL C 134 -15.69 36.83 30.49
C VAL C 134 -16.13 35.53 29.82
N GLY C 135 -16.88 35.66 28.73
CA GLY C 135 -17.31 34.53 27.95
C GLY C 135 -17.12 34.79 26.46
N PRO C 136 -16.00 34.34 25.91
CA PRO C 136 -15.69 34.64 24.51
C PRO C 136 -16.26 33.60 23.55
N GLU C 137 -16.27 33.97 22.27
CA GLU C 137 -16.84 33.15 21.20
C GLU C 137 -15.93 33.23 19.98
N PRO C 138 -14.73 32.66 20.07
CA PRO C 138 -13.77 32.80 18.97
C PRO C 138 -14.16 31.97 17.76
N GLU C 139 -13.93 32.54 16.58
CA GLU C 139 -14.17 31.88 15.30
C GLU C 139 -12.83 31.59 14.62
N PHE C 140 -12.86 30.60 13.72
CA PHE C 140 -11.65 30.22 13.01
C PHE C 140 -12.01 29.59 11.68
N PHE C 141 -11.02 29.51 10.81
CA PHE C 141 -11.13 28.90 9.50
C PHE C 141 -10.32 27.61 9.46
N LEU C 142 -10.85 26.61 8.76
CA LEU C 142 -10.10 25.40 8.44
C LEU C 142 -9.69 25.46 6.98
N LEU C 143 -8.41 25.21 6.71
CA LEU C 143 -7.85 25.43 5.39
C LEU C 143 -7.31 24.13 4.81
N LYS C 144 -7.23 24.10 3.48
CA LYS C 144 -6.62 23.00 2.74
C LYS C 144 -5.92 23.59 1.53
N LYS C 145 -4.96 22.84 0.99
CA LYS C 145 -4.17 23.34 -0.13
C LYS C 145 -5.04 23.43 -1.38
N ASP C 146 -4.83 24.49 -2.14
CA ASP C 146 -5.53 24.66 -3.41
C ASP C 146 -5.04 23.61 -4.40
N PRO C 147 -5.92 22.70 -4.86
CA PRO C 147 -5.45 21.68 -5.82
C PRO C 147 -4.98 22.25 -7.15
N HIS C 148 -5.29 23.50 -7.44
CA HIS C 148 -4.84 24.16 -8.66
C HIS C 148 -3.64 25.08 -8.42
N ASN C 149 -3.20 25.19 -7.16
CA ASN C 149 -1.99 25.92 -6.81
C ASN C 149 -1.53 25.41 -5.44
N PRO C 150 -0.61 24.45 -5.38
CA PRO C 150 -0.23 23.85 -4.09
C PRO C 150 0.48 24.80 -3.13
N HIS C 151 0.62 26.07 -3.52
CA HIS C 151 1.32 27.08 -2.67
C HIS C 151 0.30 28.02 -2.02
N LYS C 152 -1.00 27.76 -2.23
CA LYS C 152 -2.07 28.62 -1.67
C LYS C 152 -3.01 27.77 -0.81
N TYR C 153 -3.74 28.41 0.10
CA TYR C 153 -4.69 27.77 1.00
C TYR C 153 -6.09 28.30 0.71
N ILE C 154 -7.06 27.39 0.76
CA ILE C 154 -8.46 27.74 0.50
C ILE C 154 -9.30 27.23 1.67
N PRO C 155 -10.58 27.60 1.76
CA PRO C 155 -11.42 27.07 2.84
C PRO C 155 -11.58 25.56 2.74
N ALA C 156 -11.66 24.91 3.90
CA ALA C 156 -11.62 23.44 3.94
C ALA C 156 -12.89 22.82 3.37
N ASP C 157 -14.01 23.54 3.42
CA ASP C 157 -15.25 23.04 2.83
C ASP C 157 -16.07 24.24 2.35
N ASP C 158 -17.22 23.94 1.76
CA ASP C 158 -18.11 24.97 1.22
C ASP C 158 -19.43 25.03 1.96
N GLY C 159 -19.41 24.65 3.24
CA GLY C 159 -20.61 24.70 4.06
C GLY C 159 -20.92 26.10 4.55
N GLY C 160 -22.06 26.20 5.21
CA GLY C 160 -22.53 27.49 5.69
C GLY C 160 -22.95 27.49 7.14
N TYR C 161 -23.77 28.45 7.52
CA TYR C 161 -24.14 28.65 8.92
C TYR C 161 -24.99 27.49 9.41
N PHE C 162 -24.54 26.86 10.50
CA PHE C 162 -25.28 25.79 11.17
C PHE C 162 -25.52 24.59 10.27
N ASP C 163 -24.73 24.45 9.22
CA ASP C 163 -24.98 23.43 8.22
C ASP C 163 -24.67 22.04 8.75
N LEU C 164 -25.28 21.04 8.11
CA LEU C 164 -25.05 19.65 8.41
C LEU C 164 -24.06 19.05 7.41
N GLU C 165 -23.56 17.86 7.74
CA GLU C 165 -22.78 17.10 6.78
C GLU C 165 -23.69 16.64 5.64
N PRO C 166 -23.12 16.39 4.45
CA PRO C 166 -21.70 16.44 4.09
C PRO C 166 -21.11 17.84 3.91
N MET C 167 -21.94 18.84 3.59
CA MET C 167 -21.43 20.18 3.35
C MET C 167 -20.57 20.67 4.51
N ASP C 168 -20.97 20.32 5.73
CA ASP C 168 -20.19 20.63 6.93
C ASP C 168 -19.18 19.51 7.11
N GLU C 169 -17.93 19.75 6.70
CA GLU C 169 -16.90 18.72 6.67
C GLU C 169 -16.07 18.69 7.95
N ALA C 170 -16.57 19.28 9.04
CA ALA C 170 -15.81 19.25 10.29
C ALA C 170 -16.69 19.10 11.52
N PRO C 171 -17.73 18.26 11.49
CA PRO C 171 -18.47 18.02 12.74
C PRO C 171 -17.64 17.28 13.77
N ASP C 172 -16.82 16.32 13.33
CA ASP C 172 -15.99 15.57 14.26
C ASP C 172 -14.84 16.41 14.79
N ILE C 173 -14.25 17.26 13.93
CA ILE C 173 -13.18 18.14 14.39
C ILE C 173 -13.69 19.03 15.53
N ARG C 174 -14.78 19.76 15.27
CA ARG C 174 -15.41 20.55 16.33
C ARG C 174 -15.73 19.67 17.53
N ARG C 175 -16.25 18.47 17.28
CA ARG C 175 -16.53 17.54 18.37
C ARG C 175 -15.27 17.25 19.18
N ASP C 176 -14.13 17.06 18.51
CA ASP C 176 -12.93 16.64 19.21
C ASP C 176 -12.34 17.78 20.05
N ILE C 177 -12.35 19.00 19.53
CA ILE C 177 -11.84 20.12 20.30
C ILE C 177 -12.74 20.42 21.49
N VAL C 178 -14.05 20.23 21.34
CA VAL C 178 -14.96 20.43 22.46
C VAL C 178 -14.66 19.42 23.56
N PHE C 179 -14.48 18.15 23.19
CA PHE C 179 -14.17 17.13 24.19
C PHE C 179 -12.81 17.37 24.82
N ALA C 180 -11.79 17.61 23.99
CA ALA C 180 -10.44 17.85 24.49
C ALA C 180 -10.44 18.95 25.54
N LEU C 181 -11.22 20.00 25.32
CA LEU C 181 -11.28 21.10 26.27
C LEU C 181 -12.14 20.76 27.47
N GLU C 182 -13.28 20.10 27.24
CA GLU C 182 -14.16 19.76 28.35
C GLU C 182 -13.50 18.77 29.30
N ASN C 183 -12.94 17.69 28.75
CA ASN C 183 -12.40 16.63 29.60
C ASN C 183 -11.36 17.15 30.59
N LEU C 184 -10.73 18.29 30.30
CA LEU C 184 -9.69 18.84 31.16
C LEU C 184 -10.17 20.03 31.98
N GLY C 185 -11.48 20.20 32.10
CA GLY C 185 -12.04 21.25 32.92
C GLY C 185 -12.26 22.58 32.21
N PHE C 186 -11.62 22.78 31.06
CA PHE C 186 -11.81 24.01 30.29
C PHE C 186 -13.19 23.94 29.67
N HIS C 187 -14.16 24.58 30.31
CA HIS C 187 -15.56 24.41 29.96
C HIS C 187 -15.91 25.21 28.71
N VAL C 188 -16.59 24.56 27.77
CA VAL C 188 -17.05 25.17 26.54
C VAL C 188 -18.52 24.82 26.34
N GLU C 189 -19.26 25.73 25.71
CA GLU C 189 -20.68 25.51 25.48
C GLU C 189 -20.91 24.96 24.07
N ALA C 190 -21.62 25.68 23.22
CA ALA C 190 -22.00 25.18 21.91
C ALA C 190 -20.91 25.44 20.87
N SER C 191 -21.00 24.72 19.76
CA SER C 191 -20.13 24.89 18.60
C SER C 191 -20.95 24.70 17.34
N HIS C 192 -20.43 25.22 16.21
CA HIS C 192 -21.18 25.15 14.97
C HIS C 192 -20.37 25.70 13.80
N HIS C 193 -20.70 25.21 12.60
CA HIS C 193 -20.18 25.81 11.37
C HIS C 193 -20.66 27.25 11.25
N GLU C 194 -19.76 28.14 10.85
CA GLU C 194 -20.06 29.56 10.77
C GLU C 194 -20.45 29.94 9.34
N VAL C 195 -20.70 31.23 9.14
CA VAL C 195 -21.24 31.72 7.87
C VAL C 195 -20.29 31.38 6.72
N ALA C 196 -19.03 31.76 6.85
CA ALA C 196 -18.09 31.62 5.75
C ALA C 196 -17.75 30.16 5.50
N PRO C 197 -17.34 29.81 4.28
CA PRO C 197 -16.90 28.43 4.00
C PRO C 197 -15.71 28.07 4.88
N GLY C 198 -15.71 26.84 5.38
CA GLY C 198 -14.63 26.40 6.22
C GLY C 198 -14.50 27.13 7.53
N GLN C 199 -15.48 27.96 7.87
CA GLN C 199 -15.46 28.72 9.11
C GLN C 199 -16.24 27.99 10.20
N HIS C 200 -15.81 28.18 11.44
CA HIS C 200 -16.40 27.49 12.58
C HIS C 200 -16.29 28.38 13.80
N GLU C 201 -17.05 28.03 14.84
CA GLU C 201 -17.07 28.79 16.07
C GLU C 201 -17.25 27.85 17.25
N VAL C 202 -16.54 28.13 18.34
CA VAL C 202 -16.68 27.42 19.61
C VAL C 202 -17.02 28.45 20.67
N ASP C 203 -18.07 28.20 21.43
CA ASP C 203 -18.56 29.12 22.45
C ASP C 203 -18.06 28.67 23.82
N PHE C 204 -17.34 29.55 24.50
CA PHE C 204 -16.75 29.24 25.78
C PHE C 204 -17.68 29.61 26.93
N LYS C 205 -17.52 28.91 28.05
CA LYS C 205 -18.36 29.16 29.21
C LYS C 205 -18.07 30.53 29.80
N PHE C 206 -19.13 31.22 30.22
CA PHE C 206 -19.01 32.46 30.96
C PHE C 206 -18.40 32.13 32.32
N ASP C 207 -17.10 32.45 32.48
CA ASP C 207 -16.35 31.98 33.63
C ASP C 207 -15.35 33.05 34.05
N ASP C 208 -14.56 32.72 35.08
CA ASP C 208 -13.53 33.61 35.57
C ASP C 208 -12.64 34.08 34.43
N ALA C 209 -12.24 35.35 34.48
CA ALA C 209 -11.52 35.95 33.37
C ALA C 209 -10.17 35.26 33.14
N LEU C 210 -9.44 34.99 34.22
CA LEU C 210 -8.14 34.34 34.07
C LEU C 210 -8.28 32.91 33.56
N LYS C 211 -9.22 32.14 34.13
CA LYS C 211 -9.47 30.81 33.62
C LYS C 211 -9.88 30.84 32.15
N THR C 212 -10.59 31.90 31.74
CA THR C 212 -11.00 32.01 30.34
C THR C 212 -9.80 32.21 29.43
N ALA C 213 -8.87 33.08 29.81
CA ALA C 213 -7.69 33.32 28.98
C ALA C 213 -6.86 32.04 28.86
N ASP C 214 -6.76 31.27 29.94
CA ASP C 214 -6.10 29.97 29.87
C ASP C 214 -6.84 29.04 28.93
N SER C 215 -8.17 29.07 28.96
CA SER C 215 -8.96 28.30 28.01
C SER C 215 -8.61 28.66 26.58
N VAL C 216 -8.72 29.94 26.24
CA VAL C 216 -8.48 30.38 24.87
C VAL C 216 -7.09 29.97 24.41
N ILE C 217 -6.07 30.23 25.24
CA ILE C 217 -4.70 29.92 24.86
C ILE C 217 -4.54 28.42 24.61
N THR C 218 -5.21 27.59 25.42
CA THR C 218 -5.15 26.15 25.21
C THR C 218 -5.94 25.75 23.97
N PHE C 219 -7.13 26.33 23.79
CA PHE C 219 -7.96 26.01 22.62
C PHE C 219 -7.23 26.32 21.32
N LYS C 220 -6.40 27.36 21.30
CA LYS C 220 -5.76 27.76 20.06
C LYS C 220 -4.69 26.75 19.63
N THR C 221 -3.95 26.20 20.59
CA THR C 221 -2.96 25.18 20.25
C THR C 221 -3.65 23.90 19.79
N THR C 222 -4.66 23.45 20.53
CA THR C 222 -5.23 22.13 20.30
C THR C 222 -5.94 22.05 18.95
N ILE C 223 -6.70 23.09 18.59
CA ILE C 223 -7.42 23.04 17.32
C ILE C 223 -6.45 22.99 16.16
N LYS C 224 -5.28 23.61 16.31
CA LYS C 224 -4.28 23.56 15.25
C LYS C 224 -3.71 22.15 15.10
N THR C 225 -3.52 21.45 16.21
CA THR C 225 -2.99 20.08 16.15
C THR C 225 -4.04 19.12 15.62
N ILE C 226 -5.29 19.26 16.06
CA ILE C 226 -6.36 18.40 15.54
C ILE C 226 -6.50 18.57 14.04
N ALA C 227 -6.46 19.81 13.57
CA ALA C 227 -6.54 20.06 12.13
C ALA C 227 -5.39 19.37 11.40
N GLU C 228 -4.18 19.46 11.95
CA GLU C 228 -3.03 18.80 11.33
C GLU C 228 -3.27 17.30 11.21
N GLN C 229 -3.83 16.68 12.24
CA GLN C 229 -4.11 15.26 12.20
C GLN C 229 -5.11 14.90 11.09
N HIS C 230 -5.85 15.88 10.59
CA HIS C 230 -6.79 15.67 9.50
C HIS C 230 -6.28 16.24 8.19
N GLY C 231 -4.96 16.39 8.04
CA GLY C 231 -4.40 16.95 6.83
C GLY C 231 -4.86 18.35 6.53
N LEU C 232 -5.29 19.09 7.54
CA LEU C 232 -5.80 20.45 7.38
C LEU C 232 -4.97 21.42 8.20
N LYS C 233 -5.38 22.69 8.16
CA LYS C 233 -4.75 23.74 8.95
C LYS C 233 -5.84 24.61 9.56
N ALA C 234 -5.53 25.22 10.69
CA ALA C 234 -6.45 26.09 11.41
C ALA C 234 -5.80 27.45 11.58
N THR C 235 -6.53 28.50 11.20
CA THR C 235 -6.01 29.85 11.27
C THR C 235 -6.96 30.73 12.07
N PHE C 236 -6.38 31.62 12.87
CA PHE C 236 -7.13 32.65 13.58
C PHE C 236 -6.96 34.01 12.93
N MET C 237 -6.61 34.03 11.64
CA MET C 237 -6.49 35.28 10.90
C MET C 237 -7.83 36.01 10.90
N PRO C 238 -7.84 37.32 11.18
CA PRO C 238 -9.13 38.05 11.21
C PRO C 238 -9.90 37.99 9.90
N LYS C 239 -9.24 38.17 8.75
CA LYS C 239 -9.91 38.21 7.45
C LYS C 239 -9.08 37.47 6.41
N PRO C 240 -9.13 36.14 6.40
CA PRO C 240 -8.27 35.38 5.48
C PRO C 240 -8.65 35.51 4.01
N PHE C 241 -9.92 35.77 3.70
CA PHE C 241 -10.34 35.86 2.31
C PHE C 241 -11.26 37.06 2.14
N PHE C 242 -11.03 37.81 1.06
CA PHE C 242 -11.95 38.87 0.68
C PHE C 242 -13.26 38.27 0.18
N GLY C 243 -14.35 39.00 0.38
CA GLY C 243 -15.64 38.58 -0.11
C GLY C 243 -16.35 37.58 0.77
N MET C 244 -15.90 37.38 2.00
CA MET C 244 -16.58 36.47 2.93
C MET C 244 -16.28 36.93 4.35
N ASN C 245 -17.14 36.52 5.27
CA ASN C 245 -17.10 36.98 6.69
C ASN C 245 -15.74 36.69 7.33
N GLY C 246 -15.24 37.64 8.13
CA GLY C 246 -14.02 37.47 8.89
C GLY C 246 -14.35 36.82 10.22
N SER C 247 -13.28 36.43 10.93
CA SER C 247 -13.41 35.72 12.19
C SER C 247 -13.26 36.72 13.34
N GLY C 248 -14.30 36.83 14.15
CA GLY C 248 -14.28 37.65 15.34
C GLY C 248 -14.24 36.82 16.61
N MET C 249 -14.22 37.52 17.73
CA MET C 249 -14.26 36.89 19.06
C MET C 249 -15.09 37.79 19.96
N HIS C 250 -16.41 37.66 19.88
CA HIS C 250 -17.30 38.40 20.76
C HIS C 250 -17.00 38.00 22.21
N CYS C 251 -17.04 38.99 23.11
CA CYS C 251 -16.62 38.81 24.49
C CYS C 251 -17.70 39.32 25.45
N HIS C 252 -18.57 38.40 25.88
CA HIS C 252 -19.49 38.71 26.97
C HIS C 252 -18.72 38.91 28.25
N GLN C 253 -19.21 39.82 29.09
CA GLN C 253 -18.48 40.15 30.31
C GLN C 253 -19.39 40.85 31.31
N SER C 254 -19.03 40.74 32.59
CA SER C 254 -19.76 41.36 33.68
C SER C 254 -18.85 41.40 34.90
N ILE C 255 -19.21 42.26 35.84
CA ILE C 255 -18.51 42.36 37.11
C ILE C 255 -19.49 42.09 38.25
N TRP C 256 -18.98 41.53 39.34
CA TRP C 256 -19.77 41.18 40.50
C TRP C 256 -19.15 41.81 41.73
N LEU C 257 -19.89 42.68 42.40
CA LEU C 257 -19.39 43.37 43.58
C LEU C 257 -19.99 42.75 44.83
N ASN C 258 -19.14 42.37 45.78
CA ASN C 258 -19.55 41.80 47.05
C ASN C 258 -20.38 40.54 46.88
N GLY C 259 -20.22 39.85 45.75
CA GLY C 259 -20.94 38.62 45.51
C GLY C 259 -22.29 38.78 44.86
N GLU C 260 -22.61 39.98 44.33
CA GLU C 260 -23.91 40.23 43.72
C GLU C 260 -23.75 40.44 42.21
N PRO C 261 -24.79 40.17 41.42
CA PRO C 261 -24.76 40.53 39.98
C PRO C 261 -25.01 42.02 39.79
N SER C 262 -23.96 42.81 40.03
CA SER C 262 -24.07 44.26 40.11
C SER C 262 -24.59 44.89 38.83
N PHE C 263 -24.63 44.16 37.72
CA PHE C 263 -25.12 44.72 36.46
C PHE C 263 -26.64 44.76 36.41
N TYR C 264 -27.31 44.02 37.30
CA TYR C 264 -28.79 43.90 37.23
C TYR C 264 -29.48 44.78 38.29
N ASP C 265 -30.56 45.44 37.87
CA ASP C 265 -31.40 46.24 38.75
C ASP C 265 -32.83 46.10 38.25
N GLU C 266 -33.67 45.36 38.97
CA GLU C 266 -35.04 45.06 38.47
C GLU C 266 -35.87 46.32 38.18
N ASN C 267 -35.57 47.45 38.83
CA ASN C 267 -36.42 48.63 38.67
C ASN C 267 -35.91 49.61 37.63
N ALA C 268 -34.62 49.55 37.28
CA ALA C 268 -34.03 50.54 36.41
C ALA C 268 -34.48 50.34 34.96
N PRO C 269 -34.24 51.33 34.09
CA PRO C 269 -34.61 51.17 32.68
C PRO C 269 -33.91 49.98 32.04
N TYR C 270 -34.68 49.18 31.29
CA TYR C 270 -34.20 47.93 30.73
C TYR C 270 -33.79 46.95 31.82
N GLN C 271 -33.94 47.37 33.08
CA GLN C 271 -33.47 46.64 34.26
C GLN C 271 -31.96 46.64 34.40
N LEU C 272 -31.27 47.58 33.75
CA LEU C 272 -29.81 47.66 33.79
C LEU C 272 -29.39 48.67 34.84
N SER C 273 -28.57 48.24 35.80
CA SER C 273 -28.18 49.10 36.91
C SER C 273 -27.36 50.28 36.43
N GLU C 274 -27.17 51.24 37.33
CA GLU C 274 -26.29 52.37 37.03
C GLU C 274 -24.86 51.89 36.87
N THR C 275 -24.43 50.94 37.70
CA THR C 275 -23.07 50.42 37.60
C THR C 275 -22.81 49.83 36.22
N CYS C 276 -23.80 49.13 35.67
CA CYS C 276 -23.64 48.57 34.32
C CYS C 276 -23.50 49.69 33.29
N MET C 277 -24.46 50.62 33.31
CA MET C 277 -24.51 51.77 32.37
C MET C 277 -23.14 52.47 32.37
N ASN C 278 -22.53 52.63 33.55
CA ASN C 278 -21.22 53.23 33.69
C ASN C 278 -20.15 52.37 33.03
N TYR C 279 -20.18 51.06 33.30
CA TYR C 279 -19.24 50.15 32.66
C TYR C 279 -19.31 50.28 31.15
N VAL C 280 -20.51 50.35 30.59
CA VAL C 280 -20.67 50.52 29.15
C VAL C 280 -20.11 51.85 28.70
N ALA C 281 -20.37 52.92 29.46
CA ALA C 281 -19.85 54.23 29.09
C ALA C 281 -18.32 54.23 29.04
N GLY C 282 -17.68 53.41 29.87
CA GLY C 282 -16.24 53.34 29.88
C GLY C 282 -15.67 52.58 28.70
N ILE C 283 -16.37 51.52 28.28
CA ILE C 283 -15.95 50.76 27.12
C ILE C 283 -16.12 51.60 25.86
N LEU C 284 -17.13 52.48 25.82
CA LEU C 284 -17.34 53.34 24.67
C LEU C 284 -16.38 54.53 24.67
N LYS C 285 -15.92 54.95 25.85
CA LYS C 285 -14.98 56.07 25.91
C LYS C 285 -13.61 55.67 25.39
N HIS C 286 -13.14 54.48 25.76
CA HIS C 286 -11.81 54.02 25.40
C HIS C 286 -11.82 53.05 24.22
N ALA C 287 -12.94 52.92 23.52
CA ALA C 287 -13.04 51.94 22.44
C ALA C 287 -11.97 52.17 21.39
N LYS C 288 -11.73 53.43 21.02
CA LYS C 288 -10.73 53.72 19.98
C LYS C 288 -9.36 53.16 20.37
N ALA C 289 -9.04 53.17 21.66
CA ALA C 289 -7.75 52.67 22.12
C ALA C 289 -7.78 51.21 22.53
N ILE C 290 -8.95 50.66 22.84
CA ILE C 290 -9.05 49.26 23.22
C ILE C 290 -8.74 48.37 22.02
N VAL C 291 -9.25 48.74 20.84
CA VAL C 291 -9.12 47.88 19.67
C VAL C 291 -7.67 47.66 19.28
N ALA C 292 -6.76 48.52 19.73
CA ALA C 292 -5.34 48.28 19.49
C ALA C 292 -4.91 46.96 20.11
N ILE C 293 -5.47 46.63 21.27
CA ILE C 293 -5.13 45.39 21.96
C ILE C 293 -6.03 44.24 21.51
N THR C 294 -7.33 44.48 21.39
CA THR C 294 -8.26 43.43 21.02
C THR C 294 -8.27 43.17 19.52
N ASN C 295 -7.65 44.05 18.72
CA ASN C 295 -7.55 43.87 17.26
C ASN C 295 -6.16 44.32 16.85
N PRO C 296 -5.14 43.51 17.15
CA PRO C 296 -3.75 44.00 17.11
C PRO C 296 -3.00 43.73 15.81
N THR C 297 -3.67 43.38 14.73
CA THR C 297 -2.99 43.10 13.47
C THR C 297 -3.47 44.04 12.38
N VAL C 298 -2.67 44.12 11.32
CA VAL C 298 -3.09 44.88 10.14
C VAL C 298 -4.35 44.27 9.54
N ASN C 299 -4.41 42.94 9.46
CA ASN C 299 -5.54 42.27 8.84
C ASN C 299 -6.81 42.43 9.66
N SER C 300 -6.70 42.70 10.96
CA SER C 300 -7.89 42.86 11.78
C SER C 300 -8.84 43.89 11.17
N TYR C 301 -8.29 44.99 10.68
CA TYR C 301 -9.08 46.13 10.22
C TYR C 301 -9.59 45.95 8.80
N LYS C 302 -9.37 44.79 8.20
CA LYS C 302 -10.13 44.36 7.04
C LYS C 302 -11.42 43.65 7.45
N ARG C 303 -11.54 43.28 8.73
CA ARG C 303 -12.81 42.88 9.31
C ARG C 303 -13.56 44.07 9.91
N LEU C 304 -12.83 45.07 10.41
CA LEU C 304 -13.44 46.29 10.93
C LEU C 304 -13.59 47.33 9.83
N VAL C 305 -14.36 46.96 8.80
CA VAL C 305 -14.69 47.87 7.71
C VAL C 305 -16.19 48.16 7.76
N PRO C 306 -16.62 49.32 7.28
CA PRO C 306 -18.06 49.61 7.28
C PRO C 306 -18.88 48.50 6.64
N GLY C 307 -19.94 48.08 7.32
CA GLY C 307 -20.80 47.02 6.82
C GLY C 307 -22.05 46.92 7.66
N TYR C 308 -23.01 46.15 7.15
CA TYR C 308 -24.29 45.98 7.83
C TYR C 308 -24.08 45.60 9.28
N GLU C 309 -23.30 44.54 9.53
CA GLU C 309 -23.09 44.00 10.87
C GLU C 309 -21.65 44.21 11.36
N ALA C 310 -20.96 45.22 10.83
CA ALA C 310 -19.58 45.46 11.22
C ALA C 310 -19.53 46.20 12.55
N PRO C 311 -18.92 45.61 13.61
CA PRO C 311 -18.90 46.29 14.91
C PRO C 311 -17.90 47.43 14.96
N VAL C 312 -18.08 48.41 14.07
CA VAL C 312 -17.16 49.53 13.95
C VAL C 312 -17.74 50.82 14.51
N ASN C 313 -19.05 50.91 14.71
CA ASN C 313 -19.66 52.12 15.24
C ASN C 313 -19.67 52.07 16.77
N ILE C 314 -19.15 53.12 17.39
CA ILE C 314 -19.05 53.18 18.85
C ILE C 314 -20.41 53.54 19.43
N ALA C 315 -21.19 52.52 19.77
CA ALA C 315 -22.49 52.69 20.40
C ALA C 315 -22.89 51.35 21.01
N TRP C 316 -23.87 51.41 21.91
CA TRP C 316 -24.41 50.22 22.54
C TRP C 316 -25.90 50.13 22.28
N ALA C 317 -26.37 48.92 22.03
CA ALA C 317 -27.78 48.68 21.74
C ALA C 317 -28.21 47.40 22.45
N ASN C 318 -29.53 47.26 22.61
CA ASN C 318 -30.06 46.05 23.21
C ASN C 318 -30.06 44.88 22.22
N SER C 319 -30.33 45.15 20.93
CA SER C 319 -30.38 44.07 19.95
C SER C 319 -29.89 44.47 18.57
N ASN C 320 -29.27 45.63 18.41
CA ASN C 320 -28.79 46.06 17.09
C ASN C 320 -27.48 45.37 16.77
N ARG C 321 -27.38 44.83 15.55
CA ARG C 321 -26.17 44.09 15.17
C ARG C 321 -24.99 45.03 14.94
N SER C 322 -25.25 46.24 14.44
CA SER C 322 -24.17 47.13 14.03
C SER C 322 -23.55 47.91 15.17
N ALA C 323 -23.99 47.69 16.42
CA ALA C 323 -23.37 48.35 17.56
C ALA C 323 -22.13 47.60 18.01
N ILE C 324 -21.13 48.35 18.48
CA ILE C 324 -19.93 47.71 18.99
C ILE C 324 -20.25 46.91 20.25
N ILE C 325 -21.22 47.38 21.03
CA ILE C 325 -21.66 46.68 22.23
C ILE C 325 -23.08 46.19 22.00
N ARG C 326 -23.38 45.03 22.59
CA ARG C 326 -24.73 44.52 22.65
C ARG C 326 -25.02 44.01 24.06
N VAL C 327 -26.27 44.15 24.48
CA VAL C 327 -26.74 43.64 25.77
C VAL C 327 -27.70 42.48 25.48
N PRO C 328 -27.31 41.23 25.72
CA PRO C 328 -28.27 40.13 25.59
C PRO C 328 -29.46 40.32 26.51
N ALA C 329 -30.58 39.69 26.14
CA ALA C 329 -31.82 39.90 26.85
C ALA C 329 -31.80 39.34 28.27
N ALA C 330 -30.93 38.36 28.55
CA ALA C 330 -30.94 37.68 29.84
C ALA C 330 -30.83 38.68 30.98
N ARG C 331 -31.42 38.31 32.12
CA ARG C 331 -31.41 39.20 33.31
C ARG C 331 -31.03 38.37 34.55
N GLY C 332 -30.93 39.05 35.70
CA GLY C 332 -30.57 38.42 36.95
C GLY C 332 -29.09 38.15 37.00
N LYS C 333 -28.76 36.93 37.41
CA LYS C 333 -27.37 36.49 37.46
C LYS C 333 -26.75 36.41 36.07
N GLY C 334 -27.56 36.40 35.02
CA GLY C 334 -27.07 36.35 33.66
C GLY C 334 -26.92 37.69 32.97
N THR C 335 -27.17 38.78 33.68
CA THR C 335 -27.01 40.10 33.08
C THR C 335 -25.55 40.30 32.68
N ARG C 336 -25.33 40.77 31.45
CA ARG C 336 -23.99 40.95 30.92
C ARG C 336 -24.06 41.80 29.67
N ILE C 337 -22.90 42.33 29.28
CA ILE C 337 -22.74 43.06 28.03
C ILE C 337 -21.79 42.26 27.14
N GLU C 338 -21.85 42.54 25.84
CA GLU C 338 -21.04 41.84 24.85
C GLU C 338 -20.30 42.87 23.99
N PHE C 339 -18.98 42.88 24.10
CA PHE C 339 -18.11 43.69 23.25
C PHE C 339 -17.83 42.91 21.96
N ARG C 340 -18.18 43.50 20.83
CA ARG C 340 -18.20 42.76 19.57
C ARG C 340 -16.98 43.00 18.69
N ALA C 341 -16.08 43.89 19.07
CA ALA C 341 -14.96 44.27 18.23
C ALA C 341 -13.84 43.25 18.17
N PRO C 342 -13.50 42.60 19.28
CA PRO C 342 -12.29 41.75 19.28
C PRO C 342 -12.36 40.63 18.25
N ASP C 343 -11.18 40.23 17.78
CA ASP C 343 -10.99 39.08 16.92
C ASP C 343 -9.99 38.14 17.58
N PRO C 344 -9.98 36.86 17.20
CA PRO C 344 -9.22 35.87 17.98
C PRO C 344 -7.71 36.05 17.93
N SER C 345 -7.19 36.89 17.04
CA SER C 345 -5.74 37.07 16.97
C SER C 345 -5.17 37.74 18.20
N CYS C 346 -6.01 38.32 19.06
CA CYS C 346 -5.51 39.09 20.18
C CYS C 346 -4.93 38.17 21.26
N ASN C 347 -4.17 38.78 22.17
CA ASN C 347 -3.67 38.12 23.36
C ASN C 347 -4.75 38.17 24.44
N PRO C 348 -5.40 37.05 24.76
CA PRO C 348 -6.56 37.13 25.67
C PRO C 348 -6.24 37.78 27.00
N TYR C 349 -5.01 37.59 27.53
CA TYR C 349 -4.68 38.17 28.82
C TYR C 349 -4.72 39.69 28.76
N LEU C 350 -4.17 40.27 27.69
CA LEU C 350 -4.17 41.73 27.56
C LEU C 350 -5.55 42.25 27.18
N ALA C 351 -6.26 41.55 26.30
CA ALA C 351 -7.60 41.98 25.93
C ALA C 351 -8.49 42.12 27.16
N PHE C 352 -8.60 41.04 27.95
CA PHE C 352 -9.46 41.07 29.13
C PHE C 352 -9.02 42.13 30.12
N THR C 353 -7.74 42.50 30.11
CA THR C 353 -7.26 43.55 31.00
C THR C 353 -7.81 44.91 30.58
N VAL C 354 -7.63 45.28 29.31
CA VAL C 354 -8.02 46.61 28.88
C VAL C 354 -9.53 46.79 28.95
N MET C 355 -10.30 45.72 28.70
CA MET C 355 -11.75 45.83 28.80
C MET C 355 -12.19 46.09 30.23
N LEU C 356 -11.62 45.38 31.19
CA LEU C 356 -11.96 45.61 32.59
C LEU C 356 -11.55 47.01 33.02
N ALA C 357 -10.33 47.42 32.69
CA ALA C 357 -9.83 48.72 33.15
C ALA C 357 -10.66 49.85 32.59
N ALA C 358 -11.13 49.71 31.34
CA ALA C 358 -11.97 50.75 30.76
C ALA C 358 -13.33 50.80 31.42
N GLY C 359 -13.99 49.65 31.53
CA GLY C 359 -15.29 49.62 32.18
C GLY C 359 -15.23 50.11 33.62
N LEU C 360 -14.23 49.66 34.37
CA LEU C 360 -14.06 50.14 35.73
C LEU C 360 -13.84 51.66 35.74
N ASP C 361 -13.13 52.18 34.74
CA ASP C 361 -12.93 53.62 34.66
C ASP C 361 -14.26 54.34 34.53
N GLY C 362 -15.23 53.74 33.84
CA GLY C 362 -16.56 54.30 33.81
C GLY C 362 -17.27 54.19 35.14
N VAL C 363 -17.00 53.10 35.87
CA VAL C 363 -17.60 52.93 37.19
C VAL C 363 -16.97 53.91 38.18
N LYS C 364 -15.66 54.08 38.13
CA LYS C 364 -14.99 54.98 39.06
C LYS C 364 -15.49 56.41 38.91
N ASN C 365 -15.67 56.86 37.67
CA ASN C 365 -16.03 58.25 37.39
C ASN C 365 -17.51 58.42 37.08
N LYS C 366 -18.31 57.37 37.20
CA LYS C 366 -19.77 57.45 37.03
C LYS C 366 -20.12 58.14 35.71
N LEU C 367 -19.49 57.69 34.64
CA LEU C 367 -19.69 58.32 33.34
C LEU C 367 -21.08 57.97 32.79
N ASP C 368 -21.79 58.99 32.33
CA ASP C 368 -23.10 58.78 31.74
C ASP C 368 -22.98 58.02 30.43
N ALA C 369 -23.86 57.04 30.24
CA ALA C 369 -23.86 56.29 29.00
C ALA C 369 -24.83 56.93 28.00
N PRO C 370 -24.48 56.97 26.72
CA PRO C 370 -25.38 57.57 25.74
C PRO C 370 -26.60 56.69 25.50
N GLU C 371 -27.60 57.27 24.85
CA GLU C 371 -28.83 56.55 24.56
C GLU C 371 -28.51 55.35 23.66
N PRO C 372 -29.19 54.22 23.84
CA PRO C 372 -28.99 53.09 22.91
C PRO C 372 -29.45 53.44 21.51
N VAL C 373 -28.83 52.78 20.54
CA VAL C 373 -29.09 53.01 19.12
C VAL C 373 -29.59 51.69 18.54
N GLU C 374 -30.89 51.59 18.32
CA GLU C 374 -31.47 50.39 17.74
C GLU C 374 -31.50 50.43 16.22
N ARG C 375 -31.48 51.63 15.63
CA ARG C 375 -31.53 51.79 14.16
C ARG C 375 -30.19 51.32 13.55
N ASN C 376 -30.24 50.65 12.39
CA ASN C 376 -29.05 50.16 11.72
C ASN C 376 -28.12 51.34 11.39
N ILE C 377 -26.95 51.36 12.05
CA ILE C 377 -26.01 52.45 11.85
C ILE C 377 -25.47 52.44 10.43
N PHE C 378 -25.23 51.25 9.86
CA PHE C 378 -24.71 51.20 8.50
C PHE C 378 -25.73 51.75 7.50
N ALA C 379 -27.02 51.47 7.73
CA ALA C 379 -28.04 51.91 6.79
C ALA C 379 -28.23 53.41 6.80
N MET C 380 -28.07 54.05 7.97
CA MET C 380 -28.27 55.49 8.06
C MET C 380 -27.10 56.24 7.44
N SER C 381 -27.37 57.46 7.00
CA SER C 381 -26.36 58.30 6.38
C SER C 381 -25.41 58.88 7.42
N GLU C 382 -24.32 59.48 6.94
CA GLU C 382 -23.35 60.10 7.83
C GLU C 382 -23.90 61.32 8.53
N ALA C 383 -24.98 61.91 8.00
CA ALA C 383 -25.60 63.04 8.69
C ALA C 383 -26.28 62.58 9.97
N GLU C 384 -27.07 61.50 9.90
CA GLU C 384 -27.71 60.96 11.09
C GLU C 384 -26.67 60.49 12.11
N LYS C 385 -25.53 59.98 11.63
CA LYS C 385 -24.48 59.53 12.54
C LYS C 385 -23.84 60.71 13.26
N LYS C 386 -23.54 61.79 12.53
CA LYS C 386 -22.96 62.97 13.17
C LYS C 386 -23.95 63.60 14.15
N GLU C 387 -25.22 63.66 13.77
CA GLU C 387 -26.25 64.16 14.69
C GLU C 387 -26.29 63.33 15.96
N LEU C 388 -26.26 62.01 15.82
CA LEU C 388 -26.31 61.12 16.97
C LEU C 388 -24.96 61.01 17.69
N GLY C 389 -23.90 61.60 17.16
CA GLY C 389 -22.61 61.53 17.80
C GLY C 389 -22.01 60.15 17.83
N ILE C 390 -22.14 59.39 16.75
CA ILE C 390 -21.65 58.03 16.66
C ILE C 390 -20.33 58.06 15.91
N GLU C 391 -19.24 57.80 16.62
CA GLU C 391 -17.90 57.76 16.03
C GLU C 391 -17.51 56.32 15.71
N SER C 392 -16.65 56.16 14.72
CA SER C 392 -16.18 54.85 14.29
C SER C 392 -14.82 54.53 14.89
N VAL C 393 -14.53 53.24 14.98
CA VAL C 393 -13.25 52.75 15.51
C VAL C 393 -12.17 53.04 14.48
N PRO C 394 -10.91 53.15 14.89
CA PRO C 394 -9.84 53.46 13.92
C PRO C 394 -9.90 52.53 12.71
N ALA C 395 -9.52 53.09 11.55
CA ALA C 395 -9.65 52.37 10.29
C ALA C 395 -8.48 51.43 10.03
N ASN C 396 -7.36 51.61 10.73
CA ASN C 396 -6.21 50.76 10.51
C ASN C 396 -5.41 50.65 11.80
N LEU C 397 -4.43 49.73 11.79
CA LEU C 397 -3.68 49.41 12.99
C LEU C 397 -2.95 50.62 13.54
N LYS C 398 -2.28 51.37 12.66
CA LYS C 398 -1.50 52.52 13.12
C LYS C 398 -2.39 53.54 13.82
N ALA C 399 -3.57 53.82 13.26
CA ALA C 399 -4.48 54.77 13.88
C ALA C 399 -4.89 54.29 15.27
N ALA C 400 -5.15 52.99 15.42
CA ALA C 400 -5.49 52.43 16.72
C ALA C 400 -4.30 52.50 17.68
N LEU C 401 -3.08 52.35 17.17
CA LEU C 401 -1.91 52.43 18.04
C LEU C 401 -1.75 53.82 18.63
N ASP C 402 -1.92 54.85 17.80
CA ASP C 402 -1.81 56.22 18.29
C ASP C 402 -2.86 56.50 19.36
N GLU C 403 -4.09 56.03 19.16
CA GLU C 403 -5.11 56.18 20.19
C GLU C 403 -4.67 55.52 21.48
N LEU C 404 -4.08 54.33 21.38
CA LEU C 404 -3.60 53.65 22.58
C LEU C 404 -2.47 54.42 23.24
N GLU C 405 -1.57 54.99 22.43
CA GLU C 405 -0.45 55.73 23.00
C GLU C 405 -0.92 56.96 23.77
N ASN C 406 -2.14 57.44 23.51
CA ASN C 406 -2.67 58.62 24.16
C ASN C 406 -3.77 58.28 25.17
N ASN C 407 -3.68 57.08 25.76
CA ASN C 407 -4.71 56.60 26.68
C ASN C 407 -4.03 56.22 27.99
N ASP C 408 -4.13 57.11 28.98
CA ASP C 408 -3.51 56.86 30.27
C ASP C 408 -4.18 55.70 31.00
N VAL C 409 -5.48 55.48 30.75
CA VAL C 409 -6.20 54.42 31.45
C VAL C 409 -5.60 53.06 31.12
N LEU C 410 -5.33 52.82 29.84
CA LEU C 410 -4.80 51.53 29.44
C LEU C 410 -3.32 51.40 29.74
N LYS C 411 -2.56 52.50 29.72
CA LYS C 411 -1.16 52.43 30.11
C LYS C 411 -1.03 52.00 31.57
N ASN C 412 -1.84 52.59 32.45
CA ASN C 412 -1.82 52.19 33.84
C ASN C 412 -2.25 50.73 34.00
N ALA C 413 -3.17 50.28 33.15
CA ALA C 413 -3.66 48.90 33.27
C ALA C 413 -2.63 47.91 32.79
N LEU C 414 -2.04 48.15 31.62
CA LEU C 414 -1.04 47.23 31.07
C LEU C 414 0.32 47.40 31.70
N GLY C 415 0.59 48.55 32.31
CA GLY C 415 1.89 48.84 32.85
C GLY C 415 2.83 49.40 31.80
N LYS C 416 3.83 50.13 32.28
CA LYS C 416 4.80 50.76 31.38
C LYS C 416 5.39 49.74 30.41
N HIS C 417 5.89 48.63 30.94
CA HIS C 417 6.64 47.69 30.12
C HIS C 417 5.83 47.20 28.93
N ILE C 418 4.71 46.51 29.21
CA ILE C 418 3.89 45.98 28.12
C ILE C 418 3.42 47.10 27.21
N PHE C 419 2.98 48.22 27.79
CA PHE C 419 2.51 49.34 27.00
C PHE C 419 3.52 49.73 25.93
N GLU C 420 4.72 50.09 26.34
CA GLU C 420 5.72 50.55 25.38
C GLU C 420 6.17 49.43 24.47
N SER C 421 6.49 48.26 25.04
CA SER C 421 6.92 47.14 24.23
C SER C 421 5.89 46.83 23.14
N PHE C 422 4.61 46.80 23.51
CA PHE C 422 3.57 46.51 22.52
C PHE C 422 3.57 47.55 21.41
N LEU C 423 3.64 48.84 21.78
CA LEU C 423 3.65 49.88 20.77
C LEU C 423 4.90 49.82 19.92
N GLU C 424 6.05 49.50 20.53
CA GLU C 424 7.29 49.43 19.76
C GLU C 424 7.27 48.27 18.78
N ILE C 425 6.78 47.11 19.22
CA ILE C 425 6.73 45.95 18.34
C ILE C 425 5.72 46.17 17.21
N LYS C 426 4.56 46.72 17.54
CA LYS C 426 3.47 46.84 16.57
C LYS C 426 3.71 47.96 15.58
N ASN C 427 4.40 49.03 15.99
CA ASN C 427 4.75 50.08 15.04
C ASN C 427 5.71 49.55 13.97
N ALA C 428 6.60 48.62 14.35
CA ALA C 428 7.45 47.99 13.37
C ALA C 428 6.64 47.08 12.44
N GLU C 429 5.69 46.34 13.00
CA GLU C 429 4.80 45.54 12.18
C GLU C 429 4.09 46.38 11.13
N TRP C 430 3.63 47.57 11.53
CA TRP C 430 2.98 48.47 10.59
C TRP C 430 3.96 48.97 9.54
N ASP C 431 5.17 49.35 9.97
CA ASP C 431 6.17 49.85 9.04
C ASP C 431 6.50 48.81 7.98
N SER C 432 6.59 47.54 8.37
CA SER C 432 6.82 46.48 7.40
C SER C 432 5.70 46.42 6.38
N PHE C 433 4.46 46.70 6.81
CA PHE C 433 3.33 46.66 5.90
C PHE C 433 3.34 47.86 4.96
N ARG C 434 3.51 49.07 5.50
CA ARG C 434 3.38 50.27 4.70
C ARG C 434 4.53 50.44 3.70
N THR C 435 5.66 49.77 3.93
CA THR C 435 6.77 49.80 3.00
C THR C 435 6.75 48.64 2.01
N SER C 436 5.94 47.63 2.25
CA SER C 436 5.85 46.51 1.32
C SER C 436 5.11 46.94 0.05
N VAL C 437 5.33 46.18 -1.02
CA VAL C 437 4.62 46.34 -2.28
C VAL C 437 3.65 45.17 -2.40
N THR C 438 2.37 45.45 -2.21
CA THR C 438 1.38 44.39 -2.15
C THR C 438 0.92 43.97 -3.55
N ASP C 439 0.33 42.78 -3.63
CA ASP C 439 -0.21 42.32 -4.90
C ASP C 439 -1.33 43.23 -5.39
N TRP C 440 -2.14 43.78 -4.47
CA TRP C 440 -3.18 44.72 -4.86
C TRP C 440 -2.60 45.84 -5.72
N GLU C 441 -1.41 46.32 -5.36
CA GLU C 441 -0.81 47.41 -6.11
C GLU C 441 -0.32 46.93 -7.47
N THR C 442 0.35 45.77 -7.51
CA THR C 442 0.80 45.23 -8.78
C THR C 442 -0.37 45.09 -9.75
N THR C 443 -1.47 44.50 -9.29
CA THR C 443 -2.62 44.30 -10.17
C THR C 443 -3.14 45.62 -10.72
N ALA C 444 -3.19 46.65 -9.89
CA ALA C 444 -3.82 47.89 -10.28
C ALA C 444 -2.90 48.76 -11.14
N TYR C 445 -1.62 48.82 -10.78
CA TYR C 445 -0.74 49.87 -11.26
C TYR C 445 0.35 49.40 -12.21
N LEU C 446 0.52 48.09 -12.42
CA LEU C 446 1.58 47.64 -13.29
C LEU C 446 1.34 48.04 -14.74
N LYS C 447 0.09 48.25 -15.14
CA LYS C 447 -0.25 48.53 -16.53
C LYS C 447 -0.12 50.00 -16.90
N ILE C 448 0.08 50.89 -15.94
CA ILE C 448 0.08 52.32 -16.22
C ILE C 448 1.44 52.76 -16.76
N MET D 1 -37.18 6.31 24.31
CA MET D 1 -36.68 7.67 23.94
C MET D 1 -37.82 8.54 23.40
N SER D 2 -38.65 9.04 24.30
CA SER D 2 -39.79 9.87 23.89
C SER D 2 -40.11 10.89 24.98
N THR D 3 -39.96 10.50 26.23
CA THR D 3 -40.20 11.37 27.38
C THR D 3 -38.88 11.94 27.88
N VAL D 4 -38.95 13.08 28.56
CA VAL D 4 -37.76 13.70 29.12
C VAL D 4 -36.99 12.68 29.95
N GLU D 5 -37.66 12.06 30.91
CA GLU D 5 -37.03 11.00 31.71
C GLU D 5 -36.49 9.91 30.81
N GLN D 6 -37.31 9.44 29.86
CA GLN D 6 -36.85 8.40 28.94
C GLN D 6 -35.55 8.82 28.27
N VAL D 7 -35.48 10.05 27.79
CA VAL D 7 -34.28 10.56 27.14
C VAL D 7 -33.11 10.54 28.12
N LEU D 8 -33.28 11.19 29.27
CA LEU D 8 -32.17 11.30 30.22
C LEU D 8 -31.66 9.93 30.64
N GLU D 9 -32.51 8.91 30.65
CA GLU D 9 -32.02 7.57 30.95
C GLU D 9 -31.16 7.06 29.80
N TYR D 10 -31.62 7.24 28.56
CA TYR D 10 -30.78 6.91 27.41
C TYR D 10 -29.45 7.63 27.50
N VAL D 11 -29.45 8.89 27.94
CA VAL D 11 -28.21 9.63 28.07
C VAL D 11 -27.31 9.00 29.12
N LYS D 12 -27.90 8.51 30.21
CA LYS D 12 -27.11 7.85 31.25
C LYS D 12 -26.62 6.49 30.79
N SER D 13 -27.53 5.66 30.27
CA SER D 13 -27.17 4.29 29.93
C SER D 13 -26.07 4.25 28.88
N ASN D 14 -26.11 5.19 27.93
CA ASN D 14 -25.17 5.21 26.82
C ASN D 14 -24.07 6.23 26.98
N ASN D 15 -24.06 6.98 28.08
CA ASN D 15 -23.01 7.97 28.33
C ASN D 15 -22.90 8.94 27.16
N VAL D 16 -24.05 9.46 26.72
CA VAL D 16 -24.06 10.43 25.64
C VAL D 16 -23.27 11.64 26.05
N LYS D 17 -22.30 12.03 25.21
CA LYS D 17 -21.44 13.16 25.48
C LYS D 17 -21.69 14.34 24.54
N PHE D 18 -22.41 14.13 23.44
CA PHE D 18 -22.67 15.18 22.47
C PHE D 18 -24.08 15.03 21.93
N MET D 19 -24.73 16.14 21.68
CA MET D 19 -26.14 16.15 21.29
C MET D 19 -26.37 17.22 20.25
N ARG D 20 -27.18 16.90 19.25
CA ARG D 20 -27.48 17.79 18.15
C ARG D 20 -28.96 18.19 18.19
N PHE D 21 -29.22 19.47 18.04
CA PHE D 21 -30.58 19.99 17.93
C PHE D 21 -30.75 20.48 16.49
N GLN D 22 -31.52 19.74 15.71
CA GLN D 22 -31.66 19.99 14.28
C GLN D 22 -32.96 20.71 13.97
N PHE D 23 -32.93 21.50 12.92
CA PHE D 23 -34.12 22.17 12.40
C PHE D 23 -33.93 22.34 10.89
N VAL D 24 -34.65 23.30 10.31
CA VAL D 24 -34.65 23.48 8.86
C VAL D 24 -34.96 24.94 8.55
N ASP D 25 -34.37 25.44 7.46
CA ASP D 25 -34.62 26.81 7.01
C ASP D 25 -35.73 26.80 5.95
N ILE D 26 -36.08 28.00 5.49
CA ILE D 26 -37.28 28.13 4.67
C ILE D 26 -37.20 27.30 3.40
N LEU D 27 -35.99 27.06 2.91
CA LEU D 27 -35.82 26.36 1.63
C LEU D 27 -35.78 24.85 1.77
N GLY D 28 -35.77 24.33 2.98
CA GLY D 28 -35.69 22.91 3.21
C GLY D 28 -34.30 22.38 3.50
N VAL D 29 -33.35 23.25 3.79
CA VAL D 29 -31.98 22.84 4.10
C VAL D 29 -31.88 22.58 5.59
N PRO D 30 -31.40 21.40 6.02
CA PRO D 30 -31.33 21.13 7.46
C PRO D 30 -30.20 21.90 8.12
N LYS D 31 -30.47 22.30 9.36
CA LYS D 31 -29.51 23.07 10.18
C LYS D 31 -29.43 22.39 11.54
N ASN D 32 -28.26 22.44 12.19
CA ASN D 32 -28.13 21.77 13.51
C ASN D 32 -27.03 22.47 14.32
N VAL D 33 -27.16 22.42 15.64
CA VAL D 33 -26.18 23.01 16.59
C VAL D 33 -25.90 21.88 17.58
N ALA D 34 -24.66 21.75 18.03
CA ALA D 34 -24.32 20.66 18.93
C ALA D 34 -23.64 21.22 20.18
N PHE D 35 -24.01 20.67 21.32
CA PHE D 35 -23.47 21.07 22.61
C PHE D 35 -23.05 19.85 23.40
N PRO D 36 -22.04 19.99 24.26
CA PRO D 36 -21.61 18.85 25.08
C PRO D 36 -22.55 18.61 26.25
N ILE D 37 -22.66 17.33 26.55
CA ILE D 37 -23.37 17.11 27.82
C ILE D 37 -22.26 17.31 28.83
N LYS D 38 -22.63 17.96 29.95
CA LYS D 38 -21.75 18.11 31.13
C LYS D 38 -21.80 16.77 31.86
N ALA D 39 -20.74 16.43 32.59
CA ALA D 39 -20.65 15.11 33.27
C ALA D 39 -21.25 15.30 34.65
N GLY D 40 -21.75 14.20 35.23
CA GLY D 40 -22.33 14.22 36.59
C GLY D 40 -23.80 14.61 36.60
N GLU D 41 -24.40 14.58 37.80
CA GLU D 41 -25.83 14.92 37.99
C GLU D 41 -26.08 16.34 37.48
N LYS D 42 -25.19 17.28 37.83
CA LYS D 42 -25.32 18.66 37.40
C LYS D 42 -25.51 18.74 35.89
N GLY D 43 -24.66 18.02 35.15
CA GLY D 43 -24.81 18.01 33.70
C GLY D 43 -26.12 17.42 33.24
N ILE D 44 -26.64 16.43 33.97
CA ILE D 44 -27.96 15.88 33.66
C ILE D 44 -29.03 16.95 33.85
N GLU D 45 -28.88 17.78 34.89
CA GLU D 45 -29.91 18.77 35.18
C GLU D 45 -29.93 19.88 34.15
N GLU D 46 -28.76 20.35 33.73
CA GLU D 46 -28.70 21.35 32.66
C GLU D 46 -29.34 20.83 31.39
N LEU D 47 -29.06 19.57 31.03
CA LEU D 47 -29.69 18.99 29.86
C LEU D 47 -31.20 18.96 29.99
N ARG D 48 -31.70 18.57 31.17
CA ARG D 48 -33.15 18.58 31.39
C ARG D 48 -33.71 19.98 31.13
N ASP D 49 -33.01 21.01 31.58
CA ASP D 49 -33.47 22.39 31.35
C ASP D 49 -33.55 22.68 29.86
N VAL D 50 -32.60 22.17 29.07
CA VAL D 50 -32.58 22.43 27.64
C VAL D 50 -33.66 21.63 26.93
N LEU D 51 -33.83 20.37 27.32
CA LEU D 51 -34.81 19.53 26.63
C LEU D 51 -36.23 20.05 26.80
N GLU D 52 -36.52 20.67 27.95
CA GLU D 52 -37.87 21.08 28.29
C GLU D 52 -38.17 22.53 27.95
N ASN D 53 -37.18 23.43 28.05
CA ASN D 53 -37.38 24.83 27.74
C ASN D 53 -36.72 25.28 26.45
N GLY D 54 -35.68 24.58 26.00
CA GLY D 54 -34.99 24.93 24.79
C GLY D 54 -33.67 25.63 25.06
N LEU D 55 -33.06 26.09 23.97
CA LEU D 55 -31.80 26.81 24.03
C LEU D 55 -31.85 27.97 23.05
N TYR D 56 -31.06 29.00 23.33
CA TYR D 56 -31.02 30.21 22.52
C TYR D 56 -30.02 30.06 21.37
N PHE D 57 -30.29 30.77 20.30
CA PHE D 57 -29.40 30.74 19.13
C PHE D 57 -29.71 31.94 18.24
N ASP D 58 -28.72 32.30 17.44
CA ASP D 58 -28.83 33.44 16.53
C ASP D 58 -29.34 32.94 15.18
N GLY D 59 -30.51 33.41 14.77
CA GLY D 59 -31.12 33.03 13.52
C GLY D 59 -31.03 34.04 12.42
N SER D 60 -30.29 35.13 12.61
CA SER D 60 -30.18 36.14 11.56
C SER D 60 -29.49 35.60 10.32
N SER D 61 -28.69 34.55 10.45
CA SER D 61 -28.02 33.93 9.32
C SER D 61 -28.76 32.74 8.76
N ILE D 62 -29.88 32.36 9.35
CA ILE D 62 -30.72 31.29 8.81
C ILE D 62 -31.62 31.87 7.73
N GLU D 63 -31.67 31.20 6.58
CA GLU D 63 -32.47 31.69 5.47
C GLU D 63 -33.96 31.60 5.80
N GLY D 64 -34.68 32.69 5.57
CA GLY D 64 -36.08 32.77 5.89
C GLY D 64 -36.39 33.17 7.31
N PHE D 65 -35.40 33.16 8.20
CA PHE D 65 -35.58 33.55 9.58
C PHE D 65 -35.21 35.02 9.80
N VAL D 66 -34.98 35.76 8.72
CA VAL D 66 -34.58 37.15 8.77
C VAL D 66 -35.43 37.94 9.78
N ASP D 72 -31.91 36.37 19.21
CA ASP D 72 -32.34 35.56 20.36
C ASP D 72 -33.57 34.71 20.01
N MET D 73 -33.35 33.64 19.25
CA MET D 73 -34.39 32.69 18.92
C MET D 73 -34.20 31.43 19.75
N MET D 74 -35.12 30.47 19.60
CA MET D 74 -35.09 29.26 20.41
C MET D 74 -35.32 28.02 19.57
N LEU D 75 -34.83 26.89 20.07
CA LEU D 75 -35.01 25.59 19.44
C LEU D 75 -35.61 24.65 20.49
N LYS D 76 -36.92 24.45 20.43
CA LYS D 76 -37.58 23.57 21.40
C LYS D 76 -37.69 22.17 20.80
N PRO D 77 -37.01 21.18 21.35
CA PRO D 77 -36.98 19.86 20.70
C PRO D 77 -38.32 19.13 20.81
N ASP D 78 -38.62 18.38 19.76
CA ASP D 78 -39.77 17.48 19.71
C ASP D 78 -39.24 16.10 20.10
N LEU D 79 -39.43 15.71 21.37
CA LEU D 79 -38.79 14.53 21.90
C LEU D 79 -39.28 13.23 21.25
N SER D 80 -40.34 13.28 20.46
CA SER D 80 -40.76 12.09 19.73
C SER D 80 -39.83 11.76 18.57
N THR D 81 -38.76 12.54 18.39
CA THR D 81 -37.81 12.34 17.30
C THR D 81 -36.40 12.07 17.81
N PHE D 82 -36.22 11.88 19.11
CA PHE D 82 -34.90 11.64 19.67
C PHE D 82 -34.38 10.28 19.21
N SER D 83 -33.09 10.25 18.86
CA SER D 83 -32.44 9.01 18.45
C SER D 83 -30.96 9.31 18.23
N VAL D 84 -30.19 8.25 18.00
CA VAL D 84 -28.81 8.42 17.57
C VAL D 84 -28.78 9.01 16.16
N LEU D 85 -27.65 9.61 15.81
CA LEU D 85 -27.46 10.17 14.49
C LEU D 85 -27.80 9.12 13.43
N PRO D 86 -28.79 9.37 12.58
CA PRO D 86 -29.17 8.33 11.59
C PRO D 86 -28.05 7.97 10.64
N TRP D 87 -27.16 8.91 10.30
CA TRP D 87 -26.04 8.59 9.43
C TRP D 87 -24.86 7.99 10.18
N ARG D 88 -24.85 8.10 11.51
CA ARG D 88 -23.81 7.50 12.35
C ARG D 88 -24.51 6.76 13.49
N PRO D 89 -25.21 5.67 13.17
CA PRO D 89 -26.03 5.00 14.20
C PRO D 89 -25.22 4.23 15.22
N SER D 90 -23.97 3.89 14.92
CA SER D 90 -23.16 3.12 15.87
C SER D 90 -22.63 3.99 16.99
N GLU D 91 -22.28 5.24 16.70
CA GLU D 91 -21.69 6.15 17.69
C GLU D 91 -22.76 6.53 18.70
N LYS D 92 -22.93 5.67 19.70
CA LYS D 92 -23.94 5.90 20.72
C LYS D 92 -23.62 7.11 21.60
N SER D 93 -22.37 7.59 21.57
CA SER D 93 -21.99 8.73 22.38
C SER D 93 -22.58 10.04 21.87
N VAL D 94 -23.34 10.02 20.78
CA VAL D 94 -23.94 11.22 20.21
C VAL D 94 -25.37 10.91 19.80
N ALA D 95 -26.26 11.86 20.04
CA ALA D 95 -27.67 11.72 19.68
C ALA D 95 -28.16 13.04 19.14
N ARG D 96 -29.36 13.02 18.55
CA ARG D 96 -29.96 14.23 18.00
C ARG D 96 -31.44 14.26 18.33
N VAL D 97 -32.06 15.40 18.02
CA VAL D 97 -33.49 15.56 18.16
C VAL D 97 -33.91 16.72 17.25
N ILE D 98 -35.02 16.53 16.54
CA ILE D 98 -35.56 17.57 15.67
C ILE D 98 -36.34 18.56 16.54
N CYS D 99 -36.20 19.84 16.20
CA CYS D 99 -36.76 20.91 17.00
C CYS D 99 -37.67 21.81 16.17
N ASP D 100 -38.59 22.46 16.87
CA ASP D 100 -39.35 23.58 16.34
C ASP D 100 -38.70 24.87 16.80
N VAL D 101 -38.89 25.93 16.02
CA VAL D 101 -38.26 27.22 16.29
C VAL D 101 -39.27 28.09 17.02
N TYR D 102 -38.90 28.52 18.23
CA TYR D 102 -39.70 29.41 19.04
C TYR D 102 -39.01 30.76 19.16
N THR D 103 -39.77 31.75 19.63
CA THR D 103 -39.23 33.07 19.88
C THR D 103 -38.72 33.18 21.31
N THR D 104 -38.06 34.29 21.61
CA THR D 104 -37.60 34.54 22.97
C THR D 104 -38.75 34.49 23.97
N LYS D 105 -39.91 35.01 23.58
CA LYS D 105 -41.09 34.98 24.46
C LYS D 105 -41.46 33.56 24.85
N GLY D 106 -41.42 32.64 23.90
CA GLY D 106 -41.81 31.27 24.18
C GLY D 106 -42.98 30.82 23.33
N LYS D 107 -43.27 31.54 22.25
CA LYS D 107 -44.30 31.19 21.31
C LYS D 107 -43.69 30.68 20.01
N PRO D 108 -44.41 29.85 19.24
CA PRO D 108 -43.86 29.37 17.97
C PRO D 108 -43.48 30.51 17.04
N PHE D 109 -42.37 30.33 16.33
CA PHE D 109 -41.90 31.36 15.39
C PHE D 109 -42.69 31.26 14.09
N GLU D 110 -43.24 32.39 13.66
CA GLU D 110 -44.07 32.45 12.47
C GLU D 110 -43.32 32.07 11.19
N GLY D 111 -42.00 31.97 11.25
CA GLY D 111 -41.22 31.63 10.07
C GLY D 111 -40.58 30.26 10.17
N ASP D 112 -41.15 29.39 11.01
CA ASP D 112 -40.65 28.03 11.16
C ASP D 112 -41.38 27.13 10.19
N PRO D 113 -40.70 26.52 9.22
CA PRO D 113 -41.43 25.64 8.28
C PRO D 113 -42.05 24.44 8.96
N ARG D 114 -41.36 23.84 9.93
CA ARG D 114 -41.94 22.70 10.64
C ARG D 114 -43.14 23.13 11.48
N GLY D 115 -43.03 24.27 12.19
CA GLY D 115 -44.15 24.76 12.94
C GLY D 115 -45.34 25.13 12.07
N CYS D 116 -45.08 25.50 10.82
CA CYS D 116 -46.16 25.82 9.90
C CYS D 116 -46.99 24.57 9.59
N LEU D 117 -46.33 23.45 9.30
CA LEU D 117 -47.06 22.21 9.04
C LEU D 117 -47.80 21.73 10.27
N LYS D 118 -47.19 21.93 11.45
CA LYS D 118 -47.81 21.52 12.73
C LYS D 118 -49.07 22.35 12.99
N ARG D 119 -49.07 23.61 12.54
CA ARG D 119 -50.21 24.50 12.73
C ARG D 119 -51.43 23.99 11.98
N VAL D 120 -51.37 24.04 10.64
CA VAL D 120 -52.53 23.64 9.84
C VAL D 120 -52.97 22.22 10.20
N MET D 121 -52.04 21.42 10.70
CA MET D 121 -52.41 20.03 11.07
C MET D 121 -53.23 20.06 12.36
N GLU D 122 -52.78 20.82 13.37
CA GLU D 122 -53.54 20.93 14.61
C GLU D 122 -54.89 21.60 14.38
N GLU D 123 -54.90 22.67 13.57
CA GLU D 123 -56.16 23.33 13.25
C GLU D 123 -57.11 22.39 12.52
N PHE D 124 -56.58 21.50 11.68
CA PHE D 124 -57.43 20.52 11.00
C PHE D 124 -57.93 19.47 11.97
N LYS D 125 -57.18 19.21 13.05
CA LYS D 125 -57.63 18.26 14.06
C LYS D 125 -58.68 18.88 14.95
N LYS D 126 -58.38 20.04 15.53
CA LYS D 126 -59.31 20.70 16.44
C LYS D 126 -60.68 20.88 15.82
N GLU D 127 -60.74 21.44 14.62
CA GLU D 127 -62.02 21.85 14.07
C GLU D 127 -62.77 20.73 13.37
N PHE D 128 -62.05 19.74 12.80
CA PHE D 128 -62.70 18.71 11.99
C PHE D 128 -62.37 17.30 12.43
N ASN D 129 -61.62 17.11 13.53
CA ASN D 129 -61.16 15.80 13.94
C ASN D 129 -60.52 15.07 12.76
N GLY D 130 -59.69 15.80 12.03
CA GLY D 130 -59.13 15.33 10.76
C GLY D 130 -57.66 14.98 10.89
N GLU D 131 -57.27 13.90 10.22
CA GLU D 131 -55.89 13.46 10.13
C GLU D 131 -55.41 13.58 8.70
N TYR D 132 -54.11 13.86 8.54
CA TYR D 132 -53.51 14.10 7.23
C TYR D 132 -52.35 13.14 7.05
N PHE D 133 -52.44 12.30 6.02
CA PHE D 133 -51.41 11.31 5.71
C PHE D 133 -50.82 11.60 4.35
N VAL D 134 -49.50 11.41 4.23
CA VAL D 134 -48.75 11.62 2.94
C VAL D 134 -47.76 10.48 2.77
N GLY D 135 -47.63 9.95 1.55
CA GLY D 135 -46.68 8.91 1.25
C GLY D 135 -45.90 9.23 -0.01
N PRO D 136 -44.73 9.84 0.16
CA PRO D 136 -43.96 10.32 -1.01
C PRO D 136 -43.09 9.22 -1.62
N GLU D 137 -42.61 9.52 -2.83
CA GLU D 137 -41.76 8.61 -3.60
C GLU D 137 -40.59 9.40 -4.18
N PRO D 138 -39.66 9.82 -3.32
CA PRO D 138 -38.53 10.62 -3.81
C PRO D 138 -37.61 9.84 -4.72
N GLU D 139 -37.21 10.48 -5.81
CA GLU D 139 -36.20 9.96 -6.73
C GLU D 139 -34.94 10.82 -6.63
N PHE D 140 -33.80 10.20 -6.87
CA PHE D 140 -32.53 10.92 -6.81
C PHE D 140 -31.55 10.27 -7.78
N PHE D 141 -30.45 10.99 -8.03
CA PHE D 141 -29.38 10.52 -8.88
C PHE D 141 -28.13 10.29 -8.04
N LEU D 142 -27.40 9.22 -8.37
CA LEU D 142 -26.07 8.98 -7.83
C LEU D 142 -25.05 9.37 -8.88
N LEU D 143 -24.03 10.14 -8.49
CA LEU D 143 -23.11 10.75 -9.42
C LEU D 143 -21.68 10.29 -9.16
N LYS D 144 -20.85 10.45 -10.19
CA LYS D 144 -19.41 10.22 -10.09
C LYS D 144 -18.71 11.15 -11.07
N LYS D 145 -17.46 11.48 -10.76
CA LYS D 145 -16.72 12.44 -11.57
C LYS D 145 -16.48 11.88 -12.97
N ASP D 146 -16.70 12.72 -13.97
CA ASP D 146 -16.43 12.35 -15.35
C ASP D 146 -14.94 12.05 -15.51
N PRO D 147 -14.56 10.83 -15.90
CA PRO D 147 -13.12 10.55 -16.05
C PRO D 147 -12.47 11.40 -17.13
N HIS D 148 -13.23 11.82 -18.14
CA HIS D 148 -12.71 12.70 -19.17
C HIS D 148 -12.86 14.17 -18.81
N ASN D 149 -13.22 14.47 -17.56
CA ASN D 149 -13.30 15.84 -17.05
C ASN D 149 -13.53 15.82 -15.55
N PRO D 150 -12.51 16.08 -14.73
CA PRO D 150 -12.71 15.95 -13.27
C PRO D 150 -13.74 16.90 -12.71
N HIS D 151 -13.92 18.09 -13.30
CA HIS D 151 -14.83 19.06 -12.72
C HIS D 151 -16.29 18.70 -12.96
N LYS D 152 -16.58 17.93 -14.00
CA LYS D 152 -17.95 17.56 -14.31
C LYS D 152 -18.34 16.27 -13.60
N TYR D 153 -19.65 16.11 -13.40
CA TYR D 153 -20.22 14.91 -12.79
C TYR D 153 -21.07 14.17 -13.82
N ILE D 154 -21.16 12.86 -13.64
CA ILE D 154 -21.96 12.03 -14.52
C ILE D 154 -22.74 10.99 -13.72
N PRO D 155 -23.73 10.32 -14.29
CA PRO D 155 -24.47 9.30 -13.56
C PRO D 155 -23.56 8.17 -13.10
N ALA D 156 -23.91 7.60 -11.94
CA ALA D 156 -23.03 6.63 -11.30
C ALA D 156 -23.02 5.27 -12.00
N ASP D 157 -24.04 4.98 -12.81
CA ASP D 157 -24.07 3.71 -13.52
C ASP D 157 -24.95 3.88 -14.75
N ASP D 158 -24.98 2.83 -15.58
CA ASP D 158 -25.76 2.81 -16.80
C ASP D 158 -26.97 1.89 -16.69
N GLY D 159 -27.45 1.65 -15.47
CA GLY D 159 -28.60 0.78 -15.28
C GLY D 159 -29.90 1.47 -15.64
N GLY D 160 -30.96 0.66 -15.69
CA GLY D 160 -32.28 1.14 -16.03
C GLY D 160 -33.33 0.76 -15.02
N TYR D 161 -34.59 0.92 -15.38
CA TYR D 161 -35.70 0.66 -14.47
C TYR D 161 -35.64 -0.77 -13.95
N PHE D 162 -35.58 -0.92 -12.63
CA PHE D 162 -35.68 -2.21 -11.95
C PHE D 162 -34.57 -3.17 -12.33
N ASP D 163 -33.47 -2.67 -12.90
CA ASP D 163 -32.42 -3.55 -13.39
C ASP D 163 -31.70 -4.22 -12.22
N LEU D 164 -30.89 -5.22 -12.56
CA LEU D 164 -30.12 -6.00 -11.60
C LEU D 164 -28.63 -5.74 -11.77
N GLU D 165 -27.86 -6.13 -10.76
CA GLU D 165 -26.41 -5.98 -10.84
C GLU D 165 -25.86 -6.96 -11.89
N PRO D 166 -24.73 -6.61 -12.53
CA PRO D 166 -23.86 -5.46 -12.24
C PRO D 166 -24.33 -4.14 -12.87
N MET D 167 -25.30 -4.19 -13.78
CA MET D 167 -25.85 -2.97 -14.35
C MET D 167 -26.25 -2.00 -13.24
N ASP D 168 -27.02 -2.48 -12.27
CA ASP D 168 -27.40 -1.70 -11.09
C ASP D 168 -26.22 -1.67 -10.14
N GLU D 169 -25.54 -0.53 -10.05
CA GLU D 169 -24.36 -0.39 -9.21
C GLU D 169 -24.68 0.17 -7.83
N ALA D 170 -25.95 0.16 -7.43
CA ALA D 170 -26.29 0.66 -6.11
C ALA D 170 -27.37 -0.18 -5.43
N PRO D 171 -27.33 -1.51 -5.51
CA PRO D 171 -28.23 -2.30 -4.66
C PRO D 171 -27.87 -2.19 -3.19
N ASP D 172 -26.58 -2.23 -2.87
CA ASP D 172 -26.16 -2.11 -1.48
C ASP D 172 -26.50 -0.73 -0.93
N ILE D 173 -26.39 0.32 -1.74
CA ILE D 173 -26.67 1.66 -1.26
C ILE D 173 -28.16 1.80 -0.94
N ARG D 174 -29.01 1.35 -1.86
CA ARG D 174 -30.45 1.39 -1.59
C ARG D 174 -30.79 0.52 -0.38
N ARG D 175 -30.10 -0.60 -0.23
CA ARG D 175 -30.31 -1.44 0.96
C ARG D 175 -29.88 -0.71 2.23
N ASP D 176 -28.77 0.02 2.18
CA ASP D 176 -28.23 0.63 3.38
C ASP D 176 -29.08 1.82 3.84
N ILE D 177 -29.61 2.60 2.89
CA ILE D 177 -30.41 3.76 3.27
C ILE D 177 -31.74 3.31 3.89
N VAL D 178 -32.34 2.25 3.35
CA VAL D 178 -33.62 1.76 3.88
C VAL D 178 -33.45 1.29 5.32
N PHE D 179 -32.38 0.55 5.59
CA PHE D 179 -32.14 0.09 6.94
C PHE D 179 -31.84 1.25 7.88
N ALA D 180 -31.01 2.20 7.45
CA ALA D 180 -30.69 3.34 8.28
C ALA D 180 -31.96 4.06 8.74
N LEU D 181 -32.98 4.11 7.88
CA LEU D 181 -34.23 4.77 8.24
C LEU D 181 -35.14 3.84 9.03
N GLU D 182 -35.33 2.61 8.54
CA GLU D 182 -36.20 1.66 9.23
C GLU D 182 -35.76 1.48 10.68
N ASN D 183 -34.48 1.21 10.91
CA ASN D 183 -34.02 0.92 12.29
C ASN D 183 -34.42 2.02 13.29
N LEU D 184 -34.68 3.25 12.83
CA LEU D 184 -34.96 4.38 13.76
C LEU D 184 -36.44 4.79 13.79
N GLY D 185 -37.31 4.07 13.08
CA GLY D 185 -38.71 4.37 13.05
C GLY D 185 -39.20 4.99 11.76
N PHE D 186 -38.32 5.68 11.04
CA PHE D 186 -38.66 6.28 9.74
C PHE D 186 -38.94 5.15 8.76
N HIS D 187 -40.22 4.82 8.59
CA HIS D 187 -40.61 3.63 7.83
C HIS D 187 -40.66 3.94 6.34
N VAL D 188 -40.08 3.02 5.54
CA VAL D 188 -40.02 3.16 4.09
C VAL D 188 -40.47 1.83 3.49
N GLU D 189 -40.93 1.91 2.24
CA GLU D 189 -41.44 0.76 1.52
C GLU D 189 -40.35 0.27 0.53
N ALA D 190 -40.68 -0.04 -0.71
CA ALA D 190 -39.74 -0.61 -1.66
C ALA D 190 -38.76 0.43 -2.19
N SER D 191 -37.63 -0.07 -2.70
CA SER D 191 -36.59 0.75 -3.31
C SER D 191 -36.19 0.11 -4.63
N HIS D 192 -35.67 0.90 -5.55
CA HIS D 192 -35.37 0.37 -6.87
C HIS D 192 -34.55 1.35 -7.69
N HIS D 193 -33.81 0.81 -8.66
CA HIS D 193 -33.20 1.62 -9.69
C HIS D 193 -34.29 2.21 -10.59
N GLU D 194 -34.12 3.47 -10.96
CA GLU D 194 -35.15 4.18 -11.71
C GLU D 194 -34.80 4.16 -13.20
N VAL D 195 -35.63 4.85 -13.99
CA VAL D 195 -35.52 4.80 -15.44
C VAL D 195 -34.15 5.26 -15.89
N ALA D 196 -33.76 6.47 -15.51
CA ALA D 196 -32.54 7.06 -16.01
C ALA D 196 -31.32 6.34 -15.43
N PRO D 197 -30.19 6.38 -16.13
CA PRO D 197 -28.96 5.81 -15.56
C PRO D 197 -28.55 6.56 -14.30
N GLY D 198 -28.15 5.80 -13.28
CA GLY D 198 -27.80 6.38 -12.01
C GLY D 198 -28.96 6.90 -11.19
N GLN D 199 -30.18 6.75 -11.67
CA GLN D 199 -31.35 7.23 -10.94
C GLN D 199 -31.91 6.14 -10.05
N HIS D 200 -32.49 6.56 -8.92
CA HIS D 200 -33.05 5.63 -7.94
C HIS D 200 -34.27 6.26 -7.30
N GLU D 201 -35.01 5.43 -6.58
CA GLU D 201 -36.24 5.87 -5.93
C GLU D 201 -36.47 5.06 -4.66
N VAL D 202 -36.86 5.74 -3.59
CA VAL D 202 -37.18 5.11 -2.31
C VAL D 202 -38.61 5.49 -1.96
N ASP D 203 -39.49 4.49 -1.90
CA ASP D 203 -40.91 4.71 -1.64
C ASP D 203 -41.16 4.72 -0.14
N PHE D 204 -41.75 5.80 0.35
CA PHE D 204 -41.97 5.99 1.78
C PHE D 204 -43.33 5.45 2.19
N LYS D 205 -43.46 5.16 3.49
CA LYS D 205 -44.70 4.63 4.02
C LYS D 205 -45.79 5.71 4.04
N PHE D 206 -47.02 5.30 3.71
CA PHE D 206 -48.19 6.21 3.83
C PHE D 206 -48.33 6.42 5.34
N ASP D 207 -48.11 7.64 5.81
CA ASP D 207 -48.05 7.92 7.24
C ASP D 207 -48.38 9.37 7.52
N ASP D 208 -48.51 9.76 8.81
CA ASP D 208 -48.76 11.17 9.24
C ASP D 208 -47.75 12.10 8.55
N ALA D 209 -48.24 13.24 8.06
CA ALA D 209 -47.46 14.21 7.26
C ALA D 209 -46.27 14.75 8.05
N LEU D 210 -46.42 14.99 9.36
CA LEU D 210 -45.26 15.51 10.13
C LEU D 210 -44.18 14.42 10.21
N LYS D 211 -44.58 13.19 10.52
CA LYS D 211 -43.63 12.09 10.58
C LYS D 211 -43.04 11.80 9.21
N THR D 212 -43.82 12.02 8.15
CA THR D 212 -43.31 11.85 6.80
C THR D 212 -42.28 12.92 6.48
N ALA D 213 -42.62 14.19 6.68
CA ALA D 213 -41.68 15.27 6.40
C ALA D 213 -40.40 15.10 7.20
N ASP D 214 -40.52 14.89 8.51
CA ASP D 214 -39.36 14.58 9.32
C ASP D 214 -38.57 13.43 8.71
N SER D 215 -39.27 12.42 8.21
CA SER D 215 -38.61 11.25 7.62
C SER D 215 -37.95 11.60 6.29
N VAL D 216 -38.45 12.60 5.59
CA VAL D 216 -37.87 12.97 4.30
C VAL D 216 -36.59 13.79 4.50
N ILE D 217 -36.61 14.73 5.44
CA ILE D 217 -35.43 15.56 5.66
CA ILE D 217 -35.43 15.56 5.68
C ILE D 217 -34.26 14.70 6.15
N THR D 218 -34.54 13.75 7.04
CA THR D 218 -33.48 12.85 7.50
C THR D 218 -32.96 11.99 6.35
N PHE D 219 -33.87 11.50 5.49
CA PHE D 219 -33.46 10.68 4.36
C PHE D 219 -32.56 11.45 3.40
N LYS D 220 -32.70 12.78 3.35
CA LYS D 220 -31.90 13.57 2.42
C LYS D 220 -30.47 13.75 2.93
N THR D 221 -30.30 13.89 4.24
CA THR D 221 -28.95 13.95 4.79
C THR D 221 -28.28 12.58 4.73
N THR D 222 -29.02 11.54 5.14
CA THR D 222 -28.42 10.22 5.29
C THR D 222 -27.94 9.67 3.95
N ILE D 223 -28.76 9.81 2.89
CA ILE D 223 -28.34 9.28 1.60
C ILE D 223 -27.11 10.01 1.10
N LYS D 224 -27.00 11.30 1.40
CA LYS D 224 -25.82 12.06 0.98
C LYS D 224 -24.56 11.59 1.68
N THR D 225 -24.68 11.17 2.95
CA THR D 225 -23.51 10.68 3.67
C THR D 225 -23.11 9.28 3.19
N ILE D 226 -24.10 8.41 2.98
CA ILE D 226 -23.81 7.07 2.46
C ILE D 226 -23.12 7.19 1.10
N ALA D 227 -23.59 8.12 0.26
CA ALA D 227 -22.98 8.30 -1.04
C ALA D 227 -21.50 8.66 -0.92
N GLU D 228 -21.18 9.57 0.00
CA GLU D 228 -19.80 10.01 0.14
C GLU D 228 -18.90 8.90 0.66
N GLN D 229 -19.45 7.94 1.40
CA GLN D 229 -18.65 6.81 1.85
C GLN D 229 -18.32 5.85 0.71
N HIS D 230 -19.10 5.86 -0.37
CA HIS D 230 -18.84 5.05 -1.54
C HIS D 230 -18.08 5.82 -2.61
N GLY D 231 -17.64 7.04 -2.32
CA GLY D 231 -16.93 7.86 -3.28
C GLY D 231 -17.81 8.59 -4.27
N LEU D 232 -19.13 8.55 -4.09
CA LEU D 232 -20.08 9.14 -5.00
C LEU D 232 -20.75 10.35 -4.36
N LYS D 233 -21.66 10.97 -5.12
CA LYS D 233 -22.50 12.04 -4.63
C LYS D 233 -23.95 11.76 -5.01
N ALA D 234 -24.87 12.15 -4.14
CA ALA D 234 -26.30 12.03 -4.38
C ALA D 234 -26.90 13.43 -4.48
N THR D 235 -27.78 13.61 -5.46
CA THR D 235 -28.38 14.92 -5.72
C THR D 235 -29.88 14.77 -5.89
N PHE D 236 -30.62 15.76 -5.38
CA PHE D 236 -32.05 15.87 -5.60
C PHE D 236 -32.37 16.95 -6.63
N MET D 237 -31.41 17.32 -7.46
CA MET D 237 -31.69 18.18 -8.60
C MET D 237 -32.82 17.58 -9.42
N PRO D 238 -33.87 18.33 -9.74
CA PRO D 238 -35.01 17.72 -10.45
C PRO D 238 -34.67 17.27 -11.86
N LYS D 239 -33.74 17.93 -12.54
CA LYS D 239 -33.41 17.60 -13.93
C LYS D 239 -31.92 17.85 -14.14
N PRO D 240 -31.08 16.94 -13.67
CA PRO D 240 -29.62 17.17 -13.78
C PRO D 240 -29.08 16.99 -15.19
N PHE D 241 -29.67 16.11 -16.00
CA PHE D 241 -29.16 15.82 -17.33
C PHE D 241 -30.29 15.88 -18.35
N PHE D 242 -30.06 16.60 -19.43
CA PHE D 242 -31.00 16.62 -20.54
C PHE D 242 -30.98 15.28 -21.27
N GLY D 243 -32.11 14.91 -21.84
CA GLY D 243 -32.23 13.68 -22.58
C GLY D 243 -32.54 12.46 -21.77
N MET D 244 -32.69 12.60 -20.45
CA MET D 244 -33.06 11.49 -19.58
C MET D 244 -34.03 12.00 -18.54
N ASN D 245 -34.73 11.05 -17.90
CA ASN D 245 -35.79 11.41 -16.99
C ASN D 245 -35.29 12.31 -15.87
N GLY D 246 -36.15 13.22 -15.43
CA GLY D 246 -35.92 13.97 -14.21
C GLY D 246 -36.35 13.18 -13.00
N SER D 247 -36.09 13.76 -11.82
CA SER D 247 -36.42 13.14 -10.55
C SER D 247 -37.66 13.80 -9.98
N GLY D 248 -38.73 13.01 -9.83
CA GLY D 248 -39.97 13.47 -9.25
C GLY D 248 -40.16 12.94 -7.84
N MET D 249 -41.13 13.53 -7.18
CA MET D 249 -41.53 13.09 -5.84
C MET D 249 -43.06 13.03 -5.84
N HIS D 250 -43.63 11.96 -6.40
CA HIS D 250 -45.07 11.72 -6.31
C HIS D 250 -45.47 11.72 -4.84
N CYS D 251 -46.62 12.33 -4.55
CA CYS D 251 -47.10 12.49 -3.18
C CYS D 251 -48.48 11.87 -3.05
N HIS D 252 -48.53 10.61 -2.65
CA HIS D 252 -49.79 10.01 -2.25
C HIS D 252 -50.27 10.68 -0.97
N GLN D 253 -51.57 10.94 -0.89
CA GLN D 253 -52.12 11.66 0.26
C GLN D 253 -53.61 11.40 0.37
N SER D 254 -54.12 11.61 1.58
CA SER D 254 -55.54 11.51 1.88
C SER D 254 -55.77 12.13 3.25
N ILE D 255 -57.04 12.35 3.58
CA ILE D 255 -57.43 12.86 4.88
C ILE D 255 -58.45 11.92 5.49
N TRP D 256 -58.42 11.83 6.82
CA TRP D 256 -59.38 11.02 7.57
C TRP D 256 -60.10 11.94 8.54
N LEU D 257 -61.43 11.85 8.55
CA LEU D 257 -62.26 12.64 9.44
C LEU D 257 -62.92 11.71 10.46
N ASN D 258 -62.76 12.03 11.74
CA ASN D 258 -63.36 11.25 12.81
C ASN D 258 -62.99 9.77 12.71
N GLY D 259 -61.72 9.52 12.40
CA GLY D 259 -61.23 8.16 12.32
C GLY D 259 -61.77 7.35 11.17
N GLU D 260 -62.35 8.00 10.16
CA GLU D 260 -62.93 7.30 9.02
C GLU D 260 -62.17 7.62 7.74
N PRO D 261 -62.07 6.68 6.79
CA PRO D 261 -61.44 6.99 5.48
C PRO D 261 -62.42 7.79 4.62
N SER D 262 -62.43 9.11 4.84
CA SER D 262 -63.45 9.95 4.23
C SER D 262 -63.43 9.87 2.71
N PHE D 263 -62.28 9.55 2.11
CA PHE D 263 -62.19 9.51 0.67
C PHE D 263 -62.96 8.34 0.05
N TYR D 264 -63.45 7.40 0.87
CA TYR D 264 -64.05 6.18 0.37
C TYR D 264 -65.57 6.24 0.51
N ASP D 265 -66.27 5.98 -0.59
CA ASP D 265 -67.72 5.83 -0.60
C ASP D 265 -68.04 4.62 -1.45
N GLU D 266 -68.68 3.62 -0.85
CA GLU D 266 -68.92 2.36 -1.56
C GLU D 266 -69.82 2.56 -2.78
N ASN D 267 -70.86 3.38 -2.63
CA ASN D 267 -71.90 3.48 -3.66
C ASN D 267 -71.60 4.52 -4.72
N ALA D 268 -70.66 5.42 -4.49
CA ALA D 268 -70.41 6.52 -5.42
C ALA D 268 -69.70 6.02 -6.68
N PRO D 269 -69.73 6.81 -7.75
CA PRO D 269 -69.02 6.40 -8.97
C PRO D 269 -67.52 6.36 -8.74
N TYR D 270 -66.88 5.30 -9.22
CA TYR D 270 -65.49 4.99 -8.95
C TYR D 270 -65.25 4.68 -7.47
N GLN D 271 -66.32 4.56 -6.68
CA GLN D 271 -66.21 4.32 -5.24
C GLN D 271 -65.46 5.45 -4.54
N LEU D 272 -65.51 6.66 -5.10
CA LEU D 272 -64.83 7.83 -4.55
C LEU D 272 -65.86 8.81 -4.03
N SER D 273 -65.68 9.25 -2.78
CA SER D 273 -66.67 10.07 -2.12
C SER D 273 -66.68 11.49 -2.66
N GLU D 274 -67.71 12.25 -2.27
CA GLU D 274 -67.72 13.67 -2.56
C GLU D 274 -66.57 14.37 -1.85
N THR D 275 -66.26 13.94 -0.63
CA THR D 275 -65.13 14.51 0.09
C THR D 275 -63.86 14.41 -0.74
N CYS D 276 -63.63 13.25 -1.36
CA CYS D 276 -62.46 13.08 -2.20
C CYS D 276 -62.55 13.94 -3.45
N MET D 277 -63.74 14.05 -4.03
CA MET D 277 -63.90 14.88 -5.23
C MET D 277 -63.64 16.34 -4.92
N ASN D 278 -64.14 16.83 -3.78
CA ASN D 278 -63.89 18.21 -3.38
C ASN D 278 -62.40 18.45 -3.18
N TYR D 279 -61.74 17.58 -2.42
CA TYR D 279 -60.30 17.68 -2.19
C TYR D 279 -59.55 17.73 -3.52
N VAL D 280 -59.90 16.84 -4.45
CA VAL D 280 -59.23 16.82 -5.75
C VAL D 280 -59.49 18.13 -6.48
N ALA D 281 -60.72 18.62 -6.47
CA ALA D 281 -61.04 19.86 -7.16
C ALA D 281 -60.24 21.02 -6.57
N GLY D 282 -59.87 20.93 -5.30
CA GLY D 282 -59.08 22.01 -4.69
C GLY D 282 -57.64 21.99 -5.15
N ILE D 283 -57.02 20.81 -5.20
CA ILE D 283 -55.66 20.70 -5.72
C ILE D 283 -55.60 21.29 -7.12
N LEU D 284 -56.51 20.86 -8.01
CA LEU D 284 -56.49 21.34 -9.39
C LEU D 284 -56.70 22.84 -9.45
N LYS D 285 -57.60 23.37 -8.61
CA LYS D 285 -57.90 24.80 -8.66
C LYS D 285 -56.71 25.65 -8.25
N HIS D 286 -55.86 25.15 -7.35
CA HIS D 286 -54.70 25.89 -6.87
C HIS D 286 -53.39 25.36 -7.44
N ALA D 287 -53.44 24.41 -8.37
CA ALA D 287 -52.23 23.75 -8.82
C ALA D 287 -51.19 24.74 -9.33
N LYS D 288 -51.62 25.75 -10.08
CA LYS D 288 -50.67 26.70 -10.66
C LYS D 288 -49.85 27.40 -9.58
N ALA D 289 -50.38 27.52 -8.37
CA ALA D 289 -49.65 28.11 -7.26
C ALA D 289 -48.96 27.08 -6.39
N ILE D 290 -49.50 25.86 -6.33
CA ILE D 290 -48.87 24.81 -5.53
C ILE D 290 -47.45 24.54 -6.03
N VAL D 291 -47.27 24.50 -7.34
CA VAL D 291 -45.97 24.11 -7.90
C VAL D 291 -44.88 25.11 -7.53
N ALA D 292 -45.25 26.34 -7.19
CA ALA D 292 -44.24 27.30 -6.71
C ALA D 292 -43.57 26.79 -5.45
N ILE D 293 -44.30 26.05 -4.62
CA ILE D 293 -43.75 25.49 -3.39
C ILE D 293 -43.22 24.08 -3.61
N THR D 294 -43.97 23.24 -4.32
CA THR D 294 -43.57 21.86 -4.53
C THR D 294 -42.53 21.71 -5.63
N ASN D 295 -42.35 22.75 -6.46
CA ASN D 295 -41.35 22.76 -7.53
C ASN D 295 -40.64 24.10 -7.50
N PRO D 296 -39.77 24.32 -6.50
CA PRO D 296 -39.35 25.69 -6.20
C PRO D 296 -37.99 26.12 -6.76
N THR D 297 -37.51 25.45 -7.81
CA THR D 297 -36.25 25.80 -8.43
C THR D 297 -36.45 26.08 -9.92
N VAL D 298 -35.50 26.82 -10.49
CA VAL D 298 -35.51 27.05 -11.93
C VAL D 298 -35.46 25.71 -12.67
N ASN D 299 -34.59 24.80 -12.22
CA ASN D 299 -34.44 23.50 -12.86
C ASN D 299 -35.68 22.63 -12.70
N SER D 300 -36.51 22.90 -11.70
CA SER D 300 -37.73 22.11 -11.52
C SER D 300 -38.54 22.07 -12.80
N TYR D 301 -38.58 23.17 -13.54
CA TYR D 301 -39.46 23.32 -14.68
C TYR D 301 -38.82 22.84 -15.98
N LYS D 302 -37.68 22.18 -15.90
CA LYS D 302 -37.13 21.44 -17.03
C LYS D 302 -37.58 19.98 -17.01
N ARG D 303 -38.14 19.50 -15.90
CA ARG D 303 -38.87 18.25 -15.88
C ARG D 303 -40.35 18.46 -16.16
N LEU D 304 -40.89 19.61 -15.75
CA LEU D 304 -42.28 19.96 -16.03
C LEU D 304 -42.40 20.60 -17.41
N VAL D 305 -42.00 19.82 -18.42
CA VAL D 305 -42.09 20.23 -19.82
C VAL D 305 -42.97 19.23 -20.54
N PRO D 306 -43.67 19.62 -21.61
CA PRO D 306 -44.57 18.68 -22.29
C PRO D 306 -43.92 17.35 -22.64
N GLY D 307 -44.51 16.27 -22.17
CA GLY D 307 -44.01 14.94 -22.45
C GLY D 307 -45.14 13.93 -22.34
N TYR D 308 -44.83 12.70 -22.71
CA TYR D 308 -45.84 11.65 -22.68
C TYR D 308 -46.32 11.39 -21.26
N GLU D 309 -45.42 11.48 -20.28
CA GLU D 309 -45.75 11.26 -18.88
C GLU D 309 -45.36 12.47 -18.02
N ALA D 310 -45.37 13.66 -18.62
CA ALA D 310 -45.00 14.87 -17.90
C ALA D 310 -46.17 15.39 -17.08
N PRO D 311 -46.07 15.41 -15.74
CA PRO D 311 -47.21 15.86 -14.92
C PRO D 311 -47.43 17.36 -15.00
N VAL D 312 -47.84 17.86 -16.16
CA VAL D 312 -48.04 19.28 -16.35
C VAL D 312 -49.49 19.66 -16.60
N ASN D 313 -50.33 18.71 -17.02
CA ASN D 313 -51.72 19.01 -17.36
C ASN D 313 -52.58 18.93 -16.11
N ILE D 314 -53.31 20.01 -15.86
CA ILE D 314 -54.13 20.12 -14.66
C ILE D 314 -55.41 19.33 -14.86
N ALA D 315 -55.37 18.05 -14.52
CA ALA D 315 -56.52 17.17 -14.62
C ALA D 315 -56.31 16.03 -13.63
N TRP D 316 -57.23 15.08 -13.64
CA TRP D 316 -57.10 13.89 -12.81
C TRP D 316 -57.64 12.69 -13.59
N ALA D 317 -57.30 11.50 -13.09
CA ALA D 317 -57.62 10.26 -13.79
C ALA D 317 -57.39 9.09 -12.84
N ASN D 318 -57.97 7.96 -13.20
CA ASN D 318 -57.82 6.72 -12.43
C ASN D 318 -56.70 5.82 -12.95
N SER D 319 -56.04 6.21 -14.03
CA SER D 319 -55.01 5.37 -14.62
C SER D 319 -54.05 6.17 -15.48
N ASN D 320 -54.56 7.20 -16.16
CA ASN D 320 -53.73 7.99 -17.06
C ASN D 320 -52.55 8.61 -16.32
N ARG D 321 -51.36 8.46 -16.90
CA ARG D 321 -50.13 8.95 -16.28
C ARG D 321 -49.73 10.34 -16.75
N SER D 322 -50.47 10.93 -17.70
CA SER D 322 -50.17 12.26 -18.19
C SER D 322 -50.82 13.37 -17.39
N ALA D 323 -51.76 13.03 -16.50
CA ALA D 323 -52.42 14.02 -15.68
C ALA D 323 -51.55 14.39 -14.48
N ILE D 324 -51.95 15.45 -13.79
CA ILE D 324 -51.22 15.90 -12.60
C ILE D 324 -51.68 15.16 -11.35
N ILE D 325 -52.89 14.60 -11.35
CA ILE D 325 -53.36 13.75 -10.26
C ILE D 325 -53.71 12.38 -10.82
N ARG D 326 -53.40 11.34 -10.05
CA ARG D 326 -53.77 9.97 -10.38
C ARG D 326 -54.33 9.33 -9.12
N VAL D 327 -55.48 8.66 -9.25
CA VAL D 327 -56.12 7.97 -8.14
C VAL D 327 -55.83 6.48 -8.29
N PRO D 328 -54.97 5.90 -7.47
CA PRO D 328 -54.69 4.46 -7.59
C PRO D 328 -55.93 3.62 -7.35
N ALA D 329 -55.81 2.33 -7.67
CA ALA D 329 -56.94 1.41 -7.67
C ALA D 329 -57.30 0.89 -6.29
N ALA D 330 -56.54 1.24 -5.25
CA ALA D 330 -56.84 0.76 -3.90
C ALA D 330 -58.02 1.52 -3.32
N ARG D 331 -58.89 0.80 -2.61
CA ARG D 331 -60.07 1.38 -2.01
C ARG D 331 -60.13 0.96 -0.54
N GLY D 332 -61.12 1.48 0.17
CA GLY D 332 -61.25 1.23 1.59
C GLY D 332 -60.37 2.16 2.41
N LYS D 333 -59.72 1.62 3.44
CA LYS D 333 -58.85 2.42 4.28
C LYS D 333 -57.71 3.05 3.48
N GLY D 334 -57.35 2.46 2.35
CA GLY D 334 -56.22 2.94 1.58
C GLY D 334 -56.58 3.80 0.38
N THR D 335 -57.77 4.39 0.41
CA THR D 335 -58.18 5.28 -0.68
C THR D 335 -57.41 6.59 -0.56
N ARG D 336 -56.63 6.91 -1.59
CA ARG D 336 -55.81 8.14 -1.57
C ARG D 336 -55.53 8.59 -3.01
N ILE D 337 -55.19 9.86 -3.16
CA ILE D 337 -54.88 10.44 -4.46
C ILE D 337 -53.38 10.69 -4.53
N GLU D 338 -52.86 10.75 -5.75
CA GLU D 338 -51.43 10.91 -5.99
C GLU D 338 -51.21 12.22 -6.75
N PHE D 339 -50.56 13.17 -6.10
CA PHE D 339 -50.12 14.41 -6.73
C PHE D 339 -48.74 14.15 -7.35
N ARG D 340 -48.64 14.29 -8.67
CA ARG D 340 -47.47 13.84 -9.40
C ARG D 340 -46.52 14.97 -9.80
N ALA D 341 -46.81 16.21 -9.38
CA ALA D 341 -46.02 17.35 -9.80
C ALA D 341 -44.78 17.60 -8.95
N PRO D 342 -44.87 17.45 -7.62
CA PRO D 342 -43.72 17.81 -6.79
C PRO D 342 -42.46 17.04 -7.17
N ASP D 343 -41.33 17.64 -6.87
CA ASP D 343 -40.01 17.04 -7.04
C ASP D 343 -39.25 17.19 -5.74
N PRO D 344 -38.18 16.42 -5.55
CA PRO D 344 -37.56 16.35 -4.21
C PRO D 344 -36.78 17.60 -3.79
N SER D 345 -36.66 18.62 -4.64
CA SER D 345 -35.99 19.84 -4.21
C SER D 345 -36.83 20.67 -3.26
N CYS D 346 -38.12 20.39 -3.15
CA CYS D 346 -39.01 21.23 -2.36
C CYS D 346 -38.81 20.97 -0.87
N ASN D 347 -39.28 21.93 -0.06
CA ASN D 347 -39.33 21.77 1.38
C ASN D 347 -40.59 20.98 1.74
N PRO D 348 -40.40 19.71 2.17
CA PRO D 348 -41.60 18.84 2.42
C PRO D 348 -42.54 19.43 3.43
N TYR D 349 -42.06 20.21 4.39
CA TYR D 349 -42.98 20.82 5.35
C TYR D 349 -43.92 21.80 4.66
N LEU D 350 -43.39 22.61 3.74
CA LEU D 350 -44.22 23.56 3.02
C LEU D 350 -45.02 22.89 1.92
N ALA D 351 -44.42 21.89 1.25
CA ALA D 351 -45.13 21.14 0.23
C ALA D 351 -46.40 20.50 0.78
N PHE D 352 -46.27 19.78 1.89
CA PHE D 352 -47.43 19.13 2.49
C PHE D 352 -48.42 20.15 3.02
N THR D 353 -47.95 21.33 3.43
CA THR D 353 -48.84 22.37 3.91
C THR D 353 -49.77 22.84 2.80
N VAL D 354 -49.19 23.38 1.71
CA VAL D 354 -50.00 23.95 0.65
C VAL D 354 -50.90 22.89 0.02
N MET D 355 -50.47 21.63 0.01
CA MET D 355 -51.30 20.57 -0.56
C MET D 355 -52.53 20.35 0.30
N LEU D 356 -52.38 20.36 1.62
CA LEU D 356 -53.54 20.21 2.49
C LEU D 356 -54.44 21.43 2.40
N ALA D 357 -53.87 22.63 2.46
CA ALA D 357 -54.67 23.84 2.46
C ALA D 357 -55.47 23.97 1.18
N ALA D 358 -54.92 23.52 0.04
CA ALA D 358 -55.63 23.63 -1.22
C ALA D 358 -56.77 22.62 -1.30
N GLY D 359 -56.55 21.42 -0.76
CA GLY D 359 -57.61 20.42 -0.76
C GLY D 359 -58.69 20.72 0.25
N LEU D 360 -58.31 21.25 1.41
CA LEU D 360 -59.29 21.67 2.40
C LEU D 360 -60.10 22.88 1.93
N ASP D 361 -59.58 23.64 0.98
CA ASP D 361 -60.36 24.72 0.39
C ASP D 361 -61.44 24.14 -0.53
N GLY D 362 -61.11 23.08 -1.27
CA GLY D 362 -62.14 22.42 -2.06
C GLY D 362 -63.19 21.75 -1.20
N VAL D 363 -62.76 21.11 -0.11
CA VAL D 363 -63.71 20.46 0.79
C VAL D 363 -64.63 21.50 1.42
N LYS D 364 -64.04 22.56 1.98
CA LYS D 364 -64.83 23.61 2.62
C LYS D 364 -65.92 24.12 1.68
N ASN D 365 -65.50 24.61 0.50
CA ASN D 365 -66.43 25.24 -0.48
C ASN D 365 -67.16 24.21 -1.35
N LYS D 366 -66.89 22.91 -1.16
CA LYS D 366 -67.52 21.85 -1.95
C LYS D 366 -67.43 22.14 -3.45
N LEU D 367 -66.19 22.10 -3.94
CA LEU D 367 -65.93 22.40 -5.34
C LEU D 367 -66.28 21.19 -6.20
N ASP D 368 -66.89 21.46 -7.35
CA ASP D 368 -67.20 20.40 -8.31
C ASP D 368 -65.93 20.01 -9.06
N ALA D 369 -65.69 18.70 -9.16
CA ALA D 369 -64.50 18.23 -9.84
C ALA D 369 -64.80 17.99 -11.32
N PRO D 370 -63.87 18.31 -12.22
CA PRO D 370 -64.10 18.02 -13.65
C PRO D 370 -64.05 16.52 -13.90
N GLU D 371 -64.53 16.13 -15.08
CA GLU D 371 -64.57 14.73 -15.44
C GLU D 371 -63.16 14.20 -15.66
N PRO D 372 -62.85 12.99 -15.18
CA PRO D 372 -61.51 12.44 -15.41
C PRO D 372 -61.14 12.42 -16.88
N VAL D 373 -59.83 12.53 -17.14
CA VAL D 373 -59.29 12.56 -18.50
C VAL D 373 -58.34 11.38 -18.61
N GLU D 374 -58.83 10.26 -19.11
CA GLU D 374 -58.01 9.06 -19.24
C GLU D 374 -57.20 9.06 -20.53
N ARG D 375 -57.73 9.64 -21.60
CA ARG D 375 -57.01 9.69 -22.86
C ARG D 375 -55.66 10.37 -22.67
N ASN D 376 -54.65 9.86 -23.38
CA ASN D 376 -53.32 10.47 -23.34
C ASN D 376 -53.40 11.94 -23.70
N ILE D 377 -53.04 12.80 -22.76
CA ILE D 377 -53.25 14.23 -22.96
C ILE D 377 -52.18 14.81 -23.88
N PHE D 378 -50.95 14.30 -23.82
CA PHE D 378 -49.91 14.83 -24.70
C PHE D 378 -50.24 14.55 -26.16
N ALA D 379 -50.87 13.41 -26.45
CA ALA D 379 -51.21 13.04 -27.82
C ALA D 379 -52.38 13.82 -28.37
N MET D 380 -53.05 14.60 -27.53
CA MET D 380 -54.20 15.40 -28.04
C MET D 380 -53.67 16.70 -28.64
N SER D 381 -54.46 17.32 -29.52
CA SER D 381 -54.13 18.61 -30.11
C SER D 381 -54.39 19.73 -29.12
N GLU D 382 -53.92 20.93 -29.48
CA GLU D 382 -54.09 22.14 -28.64
C GLU D 382 -55.59 22.49 -28.57
N ALA D 383 -56.33 22.18 -29.64
CA ALA D 383 -57.76 22.48 -29.65
C ALA D 383 -58.53 21.55 -28.72
N GLU D 384 -58.33 20.23 -28.87
CA GLU D 384 -59.02 19.28 -28.00
C GLU D 384 -58.73 19.56 -26.54
N LYS D 385 -57.50 19.96 -26.21
CA LYS D 385 -57.17 20.31 -24.83
C LYS D 385 -58.01 21.51 -24.38
N LYS D 386 -58.11 22.54 -25.22
CA LYS D 386 -58.95 23.69 -24.89
C LYS D 386 -60.41 23.28 -24.82
N GLU D 387 -60.85 22.40 -25.72
CA GLU D 387 -62.22 21.90 -25.66
C GLU D 387 -62.48 21.23 -24.32
N LEU D 388 -61.55 20.38 -23.87
CA LEU D 388 -61.65 19.73 -22.57
C LEU D 388 -61.25 20.65 -21.42
N GLY D 389 -61.08 21.95 -21.68
CA GLY D 389 -60.76 22.88 -20.63
C GLY D 389 -59.55 22.52 -19.82
N ILE D 390 -58.58 21.86 -20.44
CA ILE D 390 -57.38 21.41 -19.75
C ILE D 390 -56.34 22.53 -19.81
N GLU D 391 -55.83 22.92 -18.64
CA GLU D 391 -54.81 23.95 -18.54
C GLU D 391 -53.52 23.34 -18.02
N SER D 392 -52.40 23.92 -18.43
CA SER D 392 -51.07 23.46 -18.05
C SER D 392 -50.53 24.28 -16.88
N VAL D 393 -49.57 23.69 -16.18
CA VAL D 393 -48.92 24.34 -15.04
C VAL D 393 -47.97 25.40 -15.56
N PRO D 394 -47.53 26.35 -14.72
CA PRO D 394 -46.62 27.39 -15.21
C PRO D 394 -45.36 26.81 -15.81
N ALA D 395 -44.84 27.49 -16.83
CA ALA D 395 -43.72 26.98 -17.60
C ALA D 395 -42.37 27.28 -16.98
N ASN D 396 -42.30 28.20 -16.01
CA ASN D 396 -41.04 28.55 -15.38
C ASN D 396 -41.30 28.96 -13.94
N LEU D 397 -40.20 29.18 -13.20
CA LEU D 397 -40.31 29.48 -11.78
C LEU D 397 -41.00 30.83 -11.55
N LYS D 398 -40.59 31.85 -12.31
CA LYS D 398 -41.15 33.18 -12.09
C LYS D 398 -42.66 33.19 -12.29
N ALA D 399 -43.15 32.46 -13.30
CA ALA D 399 -44.60 32.39 -13.53
C ALA D 399 -45.31 31.71 -12.38
N ALA D 400 -44.68 30.72 -11.75
CA ALA D 400 -45.28 30.07 -10.58
C ALA D 400 -45.26 31.00 -9.39
N LEU D 401 -44.15 31.70 -9.16
CA LEU D 401 -44.10 32.67 -8.07
C LEU D 401 -45.18 33.72 -8.22
N ASP D 402 -45.50 34.10 -9.46
CA ASP D 402 -46.55 35.08 -9.69
C ASP D 402 -47.91 34.52 -9.33
N GLU D 403 -48.16 33.25 -9.66
CA GLU D 403 -49.42 32.62 -9.28
C GLU D 403 -49.52 32.51 -7.76
N LEU D 404 -48.43 32.14 -7.09
CA LEU D 404 -48.46 32.04 -5.65
C LEU D 404 -48.71 33.39 -4.99
N GLU D 405 -48.20 34.47 -5.59
CA GLU D 405 -48.39 35.78 -5.01
C GLU D 405 -49.84 36.23 -5.05
N ASN D 406 -50.65 35.64 -5.93
CA ASN D 406 -52.06 36.00 -6.07
C ASN D 406 -52.99 34.94 -5.49
N ASN D 407 -52.48 34.08 -4.62
CA ASN D 407 -53.25 32.99 -4.02
C ASN D 407 -53.42 33.29 -2.54
N ASP D 408 -54.65 33.64 -2.15
CA ASP D 408 -54.92 33.91 -0.74
C ASP D 408 -54.98 32.63 0.08
N VAL D 409 -55.46 31.54 -0.52
CA VAL D 409 -55.57 30.29 0.23
C VAL D 409 -54.20 29.84 0.72
N LEU D 410 -53.18 29.94 -0.13
CA LEU D 410 -51.84 29.53 0.26
C LEU D 410 -51.16 30.56 1.15
N LYS D 411 -51.43 31.85 0.92
CA LYS D 411 -50.89 32.88 1.82
C LYS D 411 -51.33 32.61 3.25
N ASN D 412 -52.60 32.24 3.46
CA ASN D 412 -53.07 31.92 4.79
C ASN D 412 -52.44 30.62 5.32
N ALA D 413 -52.14 29.67 4.42
CA ALA D 413 -51.56 28.41 4.85
C ALA D 413 -50.13 28.58 5.31
N LEU D 414 -49.32 29.31 4.53
CA LEU D 414 -47.92 29.49 4.85
C LEU D 414 -47.69 30.63 5.84
N GLY D 415 -48.64 31.53 5.98
CA GLY D 415 -48.46 32.68 6.84
C GLY D 415 -47.68 33.80 6.16
N LYS D 416 -47.87 35.01 6.69
CA LYS D 416 -47.29 36.19 6.07
C LYS D 416 -45.78 36.07 5.95
N HIS D 417 -45.11 35.65 7.01
CA HIS D 417 -43.65 35.64 7.01
C HIS D 417 -43.12 34.70 5.93
N ILE D 418 -43.44 33.41 6.03
CA ILE D 418 -42.95 32.45 5.05
C ILE D 418 -43.38 32.86 3.65
N PHE D 419 -44.63 33.29 3.51
CA PHE D 419 -45.14 33.72 2.22
C PHE D 419 -44.23 34.78 1.59
N GLU D 420 -44.09 35.92 2.27
CA GLU D 420 -43.33 37.02 1.71
C GLU D 420 -41.85 36.66 1.57
N SER D 421 -41.30 35.95 2.55
CA SER D 421 -39.91 35.56 2.49
C SER D 421 -39.63 34.68 1.28
N PHE D 422 -40.43 33.62 1.12
CA PHE D 422 -40.19 32.68 0.01
C PHE D 422 -40.25 33.39 -1.33
N LEU D 423 -41.19 34.32 -1.49
CA LEU D 423 -41.30 35.02 -2.76
C LEU D 423 -40.10 35.95 -2.98
N GLU D 424 -39.64 36.61 -1.92
CA GLU D 424 -38.47 37.48 -2.05
C GLU D 424 -37.24 36.69 -2.43
N ILE D 425 -36.94 35.63 -1.68
CA ILE D 425 -35.73 34.85 -1.93
C ILE D 425 -35.76 34.26 -3.33
N LYS D 426 -36.92 33.75 -3.75
CA LYS D 426 -36.99 33.06 -5.04
C LYS D 426 -36.99 34.03 -6.20
N ASN D 427 -37.58 35.22 -6.04
CA ASN D 427 -37.52 36.21 -7.10
C ASN D 427 -36.09 36.70 -7.30
N ALA D 428 -35.33 36.85 -6.21
CA ALA D 428 -33.91 37.15 -6.33
C ALA D 428 -33.17 35.98 -6.97
N GLU D 429 -33.58 34.76 -6.64
CA GLU D 429 -32.98 33.58 -7.28
C GLU D 429 -33.31 33.56 -8.77
N TRP D 430 -34.51 34.00 -9.14
CA TRP D 430 -34.85 34.08 -10.55
C TRP D 430 -34.06 35.19 -11.25
N ASP D 431 -33.93 36.34 -10.60
CA ASP D 431 -33.17 37.44 -11.18
C ASP D 431 -31.73 37.04 -11.45
N SER D 432 -31.15 36.20 -10.61
CA SER D 432 -29.78 35.74 -10.84
C SER D 432 -29.71 34.84 -12.08
N PHE D 433 -30.77 34.10 -12.38
CA PHE D 433 -30.76 33.21 -13.52
C PHE D 433 -31.01 33.97 -14.82
N ARG D 434 -31.96 34.91 -14.82
CA ARG D 434 -32.33 35.59 -16.06
C ARG D 434 -31.26 36.58 -16.51
N THR D 435 -30.45 37.11 -15.59
CA THR D 435 -29.39 38.03 -15.95
C THR D 435 -28.06 37.32 -16.22
N SER D 436 -28.00 36.01 -16.01
CA SER D 436 -26.78 35.26 -16.29
C SER D 436 -26.70 34.91 -17.78
N VAL D 437 -25.49 34.58 -18.21
CA VAL D 437 -25.23 34.15 -19.58
C VAL D 437 -24.91 32.66 -19.53
N THR D 438 -25.79 31.85 -20.13
CA THR D 438 -25.71 30.41 -20.03
C THR D 438 -24.84 29.82 -21.13
N ASP D 439 -24.42 28.57 -20.93
CA ASP D 439 -23.69 27.86 -21.96
C ASP D 439 -24.56 27.62 -23.19
N TRP D 440 -25.86 27.43 -23.01
CA TRP D 440 -26.75 27.30 -24.16
C TRP D 440 -26.69 28.53 -25.04
N GLU D 441 -26.53 29.70 -24.44
CA GLU D 441 -26.45 30.93 -25.22
C GLU D 441 -25.09 31.06 -25.91
N THR D 442 -24.02 30.73 -25.20
CA THR D 442 -22.70 30.73 -25.82
C THR D 442 -22.64 29.76 -27.00
N THR D 443 -23.15 28.54 -26.79
CA THR D 443 -23.13 27.55 -27.88
C THR D 443 -23.95 28.03 -29.07
N ALA D 444 -25.02 28.79 -28.82
CA ALA D 444 -25.96 29.15 -29.87
C ALA D 444 -25.58 30.43 -30.60
N TYR D 445 -24.95 31.38 -29.92
CA TYR D 445 -24.88 32.74 -30.41
C TYR D 445 -23.48 33.29 -30.61
N LEU D 446 -22.42 32.56 -30.23
CA LEU D 446 -21.08 33.11 -30.41
C LEU D 446 -20.66 33.13 -31.89
N LYS D 447 -21.27 32.29 -32.72
CA LYS D 447 -20.91 32.20 -34.13
C LYS D 447 -21.56 33.30 -34.99
N ILE D 448 -22.50 34.06 -34.44
CA ILE D 448 -23.24 35.04 -35.23
C ILE D 448 -22.38 36.28 -35.44
N MET E 1 -37.60 -24.70 2.01
CA MET E 1 -37.98 -23.40 1.37
C MET E 1 -38.83 -23.64 0.14
N SER E 2 -40.10 -24.00 0.35
CA SER E 2 -41.01 -24.29 -0.75
C SER E 2 -42.42 -23.80 -0.44
N THR E 3 -42.91 -24.17 0.75
CA THR E 3 -44.27 -23.76 1.20
C THR E 3 -44.15 -22.42 1.93
N VAL E 4 -45.26 -21.69 2.06
CA VAL E 4 -45.26 -20.38 2.72
C VAL E 4 -44.70 -20.50 4.13
N GLU E 5 -44.97 -21.62 4.80
CA GLU E 5 -44.46 -21.80 6.15
C GLU E 5 -42.94 -21.93 6.14
N GLN E 6 -42.44 -22.83 5.29
CA GLN E 6 -40.97 -23.08 5.18
C GLN E 6 -40.24 -21.76 4.95
N VAL E 7 -40.85 -20.83 4.19
CA VAL E 7 -40.23 -19.54 3.90
C VAL E 7 -40.20 -18.68 5.16
N LEU E 8 -41.36 -18.52 5.80
CA LEU E 8 -41.42 -17.69 7.00
C LEU E 8 -40.54 -18.24 8.12
N GLU E 9 -40.41 -19.57 8.19
CA GLU E 9 -39.50 -20.17 9.16
C GLU E 9 -38.07 -19.74 8.89
N TYR E 10 -37.68 -19.69 7.61
CA TYR E 10 -36.34 -19.25 7.25
C TYR E 10 -36.14 -17.78 7.55
N VAL E 11 -37.17 -16.95 7.34
CA VAL E 11 -37.05 -15.53 7.60
C VAL E 11 -36.86 -15.25 9.08
N LYS E 12 -37.46 -16.07 9.94
CA LYS E 12 -37.35 -15.85 11.38
C LYS E 12 -35.96 -16.23 11.88
N SER E 13 -35.55 -17.48 11.64
CA SER E 13 -34.28 -17.96 12.17
C SER E 13 -33.10 -17.16 11.62
N ASN E 14 -33.12 -16.87 10.31
CA ASN E 14 -32.04 -16.13 9.70
C ASN E 14 -32.19 -14.62 9.87
N ASN E 15 -33.29 -14.15 10.42
CA ASN E 15 -33.52 -12.72 10.63
C ASN E 15 -33.33 -11.97 9.32
N VAL E 16 -33.99 -12.46 8.27
CA VAL E 16 -33.91 -11.82 6.96
C VAL E 16 -34.53 -10.43 7.05
N LYS E 17 -33.76 -9.42 6.65
CA LYS E 17 -34.19 -8.03 6.72
C LYS E 17 -34.55 -7.44 5.37
N PHE E 18 -34.26 -8.15 4.27
CA PHE E 18 -34.53 -7.63 2.93
C PHE E 18 -34.93 -8.77 2.02
N MET E 19 -35.82 -8.47 1.07
CA MET E 19 -36.41 -9.46 0.20
C MET E 19 -36.50 -8.89 -1.20
N ARG E 20 -36.15 -9.72 -2.19
CA ARG E 20 -36.09 -9.31 -3.58
C ARG E 20 -37.09 -10.12 -4.39
N PHE E 21 -38.02 -9.44 -5.04
CA PHE E 21 -38.99 -10.06 -5.95
C PHE E 21 -38.50 -9.82 -7.37
N GLN E 22 -38.22 -10.91 -8.09
CA GLN E 22 -37.51 -10.86 -9.36
C GLN E 22 -38.34 -11.46 -10.48
N PHE E 23 -38.25 -10.86 -11.66
CA PHE E 23 -38.95 -11.32 -12.85
C PHE E 23 -38.07 -11.02 -14.06
N VAL E 24 -38.67 -11.01 -15.26
CA VAL E 24 -37.93 -10.82 -16.50
C VAL E 24 -38.81 -10.08 -17.50
N ASP E 25 -38.18 -9.27 -18.34
CA ASP E 25 -38.90 -8.55 -19.38
C ASP E 25 -38.91 -9.36 -20.67
N ILE E 26 -39.49 -8.79 -21.72
CA ILE E 26 -39.73 -9.55 -22.94
C ILE E 26 -38.43 -9.99 -23.60
N LEU E 27 -37.35 -9.25 -23.37
CA LEU E 27 -36.07 -9.57 -23.99
C LEU E 27 -35.23 -10.53 -23.17
N GLY E 28 -35.58 -10.75 -21.91
CA GLY E 28 -34.81 -11.63 -21.05
C GLY E 28 -33.97 -10.94 -20.00
N VAL E 29 -34.05 -9.62 -19.89
CA VAL E 29 -33.28 -8.88 -18.89
C VAL E 29 -33.94 -9.06 -17.54
N PRO E 30 -33.23 -9.54 -16.52
CA PRO E 30 -33.87 -9.75 -15.22
C PRO E 30 -34.16 -8.42 -14.52
N LYS E 31 -35.30 -8.39 -13.83
CA LYS E 31 -35.75 -7.22 -13.11
C LYS E 31 -36.10 -7.64 -11.68
N ASN E 32 -35.91 -6.72 -10.73
CA ASN E 32 -36.22 -7.04 -9.35
C ASN E 32 -36.49 -5.77 -8.55
N VAL E 33 -37.36 -5.89 -7.55
CA VAL E 33 -37.67 -4.83 -6.60
C VAL E 33 -37.42 -5.39 -5.19
N ALA E 34 -36.76 -4.59 -4.36
CA ALA E 34 -36.41 -4.99 -3.01
C ALA E 34 -37.18 -4.16 -2.00
N PHE E 35 -37.76 -4.83 -1.00
CA PHE E 35 -38.47 -4.16 0.08
C PHE E 35 -38.01 -4.71 1.42
N PRO E 36 -38.12 -3.92 2.48
CA PRO E 36 -37.60 -4.36 3.78
C PRO E 36 -38.57 -5.26 4.51
N ILE E 37 -38.01 -6.10 5.37
CA ILE E 37 -38.80 -6.97 6.24
C ILE E 37 -39.01 -6.26 7.57
N LYS E 38 -40.29 -6.13 7.94
CA LYS E 38 -40.71 -5.43 9.19
C LYS E 38 -40.43 -6.32 10.40
N ALA E 39 -40.09 -5.69 11.52
CA ALA E 39 -39.81 -6.38 12.80
C ALA E 39 -41.10 -6.86 13.48
N GLY E 40 -40.99 -7.92 14.28
CA GLY E 40 -42.11 -8.47 15.06
C GLY E 40 -43.02 -9.39 14.25
N GLU E 41 -44.04 -9.94 14.92
CA GLU E 41 -45.02 -10.84 14.24
C GLU E 41 -45.82 -9.98 13.25
N LYS E 42 -46.01 -8.70 13.57
CA LYS E 42 -46.67 -7.79 12.59
C LYS E 42 -45.96 -7.87 11.24
N GLY E 43 -44.63 -7.82 11.23
CA GLY E 43 -43.87 -7.86 10.00
C GLY E 43 -44.00 -9.19 9.28
N ILE E 44 -43.98 -10.29 10.03
CA ILE E 44 -44.12 -11.60 9.41
C ILE E 44 -45.47 -11.73 8.72
N GLU E 45 -46.51 -11.11 9.28
CA GLU E 45 -47.84 -11.23 8.69
C GLU E 45 -47.92 -10.46 7.37
N GLU E 46 -47.35 -9.26 7.33
CA GLU E 46 -47.35 -8.49 6.09
C GLU E 46 -46.57 -9.23 5.01
N LEU E 47 -45.47 -9.88 5.39
CA LEU E 47 -44.72 -10.67 4.42
C LEU E 47 -45.54 -11.86 3.93
N ARG E 48 -46.30 -12.49 4.82
CA ARG E 48 -47.20 -13.56 4.40
C ARG E 48 -48.19 -13.05 3.36
N ASP E 49 -48.79 -11.89 3.62
CA ASP E 49 -49.74 -11.31 2.67
C ASP E 49 -49.11 -11.15 1.29
N VAL E 50 -47.87 -10.65 1.25
CA VAL E 50 -47.23 -10.40 -0.04
C VAL E 50 -46.75 -11.71 -0.68
N LEU E 51 -46.41 -12.71 0.13
CA LEU E 51 -45.91 -13.96 -0.43
C LEU E 51 -47.03 -14.78 -1.07
N GLU E 52 -48.24 -14.73 -0.52
CA GLU E 52 -49.34 -15.54 -1.02
C GLU E 52 -50.15 -14.84 -2.11
N ASN E 53 -50.42 -13.54 -1.94
CA ASN E 53 -51.25 -12.81 -2.92
C ASN E 53 -50.38 -12.05 -3.95
N GLY E 54 -49.28 -11.44 -3.49
CA GLY E 54 -48.43 -10.64 -4.35
C GLY E 54 -48.33 -9.21 -3.88
N LEU E 55 -47.46 -8.46 -4.56
CA LEU E 55 -47.30 -7.04 -4.34
C LEU E 55 -47.55 -6.27 -5.63
N TYR E 56 -48.00 -5.03 -5.49
CA TYR E 56 -48.25 -4.18 -6.64
C TYR E 56 -46.95 -3.55 -7.12
N PHE E 57 -46.89 -3.26 -8.42
CA PHE E 57 -45.73 -2.58 -8.98
C PHE E 57 -46.15 -1.93 -10.30
N ASP E 58 -45.38 -0.92 -10.69
CA ASP E 58 -45.63 -0.19 -11.93
C ASP E 58 -44.76 -0.77 -13.04
N GLY E 59 -45.40 -1.35 -14.04
CA GLY E 59 -44.68 -1.98 -15.13
C GLY E 59 -44.68 -1.18 -16.40
N SER E 60 -44.94 0.13 -16.30
CA SER E 60 -44.96 0.98 -17.48
C SER E 60 -43.57 1.22 -18.05
N SER E 61 -42.52 0.96 -17.28
CA SER E 61 -41.15 1.13 -17.75
C SER E 61 -40.44 -0.22 -17.93
N ILE E 62 -41.20 -1.31 -17.97
CA ILE E 62 -40.65 -2.64 -18.24
C ILE E 62 -40.88 -2.96 -19.70
N GLU E 63 -39.81 -3.20 -20.44
CA GLU E 63 -39.92 -3.47 -21.87
C GLU E 63 -40.84 -4.65 -22.12
N GLY E 64 -41.88 -4.43 -22.91
CA GLY E 64 -42.84 -5.46 -23.25
C GLY E 64 -44.08 -5.49 -22.38
N PHE E 65 -44.25 -4.54 -21.47
CA PHE E 65 -45.36 -4.50 -20.54
C PHE E 65 -46.21 -3.28 -20.88
N VAL E 66 -47.26 -3.49 -21.68
CA VAL E 66 -48.10 -2.38 -22.13
C VAL E 66 -49.57 -2.78 -22.21
N SER E 71 -51.46 -0.53 -16.82
CA SER E 71 -50.67 0.51 -16.17
C SER E 71 -50.12 0.02 -14.82
N ASP E 72 -50.95 -0.71 -14.07
CA ASP E 72 -50.58 -1.26 -12.78
C ASP E 72 -50.65 -2.78 -12.83
N MET E 73 -49.68 -3.44 -12.19
CA MET E 73 -49.60 -4.90 -12.24
C MET E 73 -49.17 -5.46 -10.89
N MET E 74 -48.99 -6.79 -10.85
CA MET E 74 -48.64 -7.51 -9.64
C MET E 74 -47.59 -8.56 -9.94
N LEU E 75 -46.84 -8.96 -8.91
CA LEU E 75 -45.83 -10.01 -8.99
C LEU E 75 -46.22 -11.14 -8.06
N LYS E 76 -46.50 -12.32 -8.62
CA LYS E 76 -46.93 -13.48 -7.85
C LYS E 76 -45.73 -14.39 -7.61
N PRO E 77 -45.17 -14.43 -6.40
CA PRO E 77 -43.94 -15.21 -6.19
C PRO E 77 -44.17 -16.70 -6.39
N ASP E 78 -43.20 -17.33 -7.06
CA ASP E 78 -43.16 -18.80 -7.17
C ASP E 78 -42.25 -19.28 -6.04
N LEU E 79 -42.87 -19.78 -4.96
CA LEU E 79 -42.13 -20.11 -3.76
C LEU E 79 -41.19 -21.29 -3.94
N SER E 80 -41.27 -22.01 -5.06
CA SER E 80 -40.32 -23.06 -5.37
C SER E 80 -38.99 -22.53 -5.88
N THR E 81 -38.75 -21.22 -5.71
CA THR E 81 -37.48 -20.61 -6.08
C THR E 81 -36.90 -19.74 -4.98
N PHE E 82 -37.56 -19.64 -3.84
CA PHE E 82 -37.05 -18.83 -2.74
C PHE E 82 -35.68 -19.36 -2.31
N SER E 83 -34.72 -18.45 -2.15
CA SER E 83 -33.40 -18.82 -1.67
C SER E 83 -32.61 -17.55 -1.40
N VAL E 84 -31.42 -17.74 -0.84
CA VAL E 84 -30.48 -16.64 -0.70
C VAL E 84 -30.02 -16.20 -2.09
N LEU E 85 -29.57 -14.95 -2.17
CA LEU E 85 -29.10 -14.42 -3.44
C LEU E 85 -28.00 -15.32 -3.99
N PRO E 86 -28.12 -15.83 -5.22
CA PRO E 86 -27.05 -16.68 -5.76
C PRO E 86 -25.70 -15.98 -5.81
N TRP E 87 -25.68 -14.67 -6.09
CA TRP E 87 -24.42 -13.95 -6.17
C TRP E 87 -23.93 -13.48 -4.80
N ARG E 88 -24.80 -13.46 -3.79
CA ARG E 88 -24.43 -13.09 -2.43
C ARG E 88 -25.00 -14.15 -1.48
N PRO E 89 -24.43 -15.36 -1.51
CA PRO E 89 -25.01 -16.44 -0.70
C PRO E 89 -24.63 -16.38 0.77
N SER E 90 -23.53 -15.73 1.12
CA SER E 90 -23.17 -15.61 2.53
C SER E 90 -24.03 -14.59 3.26
N GLU E 91 -24.57 -13.61 2.54
CA GLU E 91 -25.43 -12.60 3.15
C GLU E 91 -26.80 -13.20 3.45
N LYS E 92 -26.95 -13.78 4.65
CA LYS E 92 -28.20 -14.44 5.00
C LYS E 92 -29.32 -13.46 5.31
N SER E 93 -28.99 -12.19 5.58
CA SER E 93 -30.00 -11.18 5.86
C SER E 93 -30.77 -10.75 4.61
N VAL E 94 -30.46 -11.31 3.44
CA VAL E 94 -31.10 -10.96 2.19
C VAL E 94 -31.57 -12.24 1.52
N ALA E 95 -32.72 -12.18 0.85
CA ALA E 95 -33.28 -13.31 0.13
C ALA E 95 -33.97 -12.82 -1.13
N ARG E 96 -34.28 -13.76 -2.01
CA ARG E 96 -34.98 -13.44 -3.25
C ARG E 96 -35.95 -14.56 -3.60
N VAL E 97 -36.75 -14.32 -4.64
CA VAL E 97 -37.69 -15.30 -5.15
C VAL E 97 -38.08 -14.86 -6.56
N ILE E 98 -38.24 -15.84 -7.45
CA ILE E 98 -38.66 -15.57 -8.82
C ILE E 98 -40.18 -15.56 -8.86
N CYS E 99 -40.74 -14.51 -9.44
CA CYS E 99 -42.17 -14.28 -9.46
C CYS E 99 -42.73 -14.39 -10.87
N ASP E 100 -44.02 -14.70 -10.95
CA ASP E 100 -44.80 -14.52 -12.17
C ASP E 100 -45.47 -13.14 -12.13
N VAL E 101 -45.81 -12.65 -13.31
CA VAL E 101 -46.44 -11.34 -13.46
C VAL E 101 -47.94 -11.56 -13.63
N TYR E 102 -48.73 -10.97 -12.74
CA TYR E 102 -50.18 -11.07 -12.76
C TYR E 102 -50.77 -9.68 -12.98
N THR E 103 -52.06 -9.65 -13.28
CA THR E 103 -52.79 -8.40 -13.45
C THR E 103 -53.39 -7.96 -12.11
N THR E 104 -53.84 -6.71 -12.08
CA THR E 104 -54.53 -6.21 -10.90
C THR E 104 -55.69 -7.12 -10.52
N LYS E 105 -56.37 -7.69 -11.52
CA LYS E 105 -57.50 -8.57 -11.27
C LYS E 105 -57.07 -9.92 -10.69
N GLY E 106 -55.77 -10.20 -10.62
CA GLY E 106 -55.31 -11.45 -10.08
C GLY E 106 -55.18 -12.59 -11.06
N LYS E 107 -55.12 -12.30 -12.36
CA LYS E 107 -54.94 -13.29 -13.40
C LYS E 107 -53.56 -13.16 -14.03
N PRO E 108 -53.03 -14.24 -14.60
CA PRO E 108 -51.71 -14.16 -15.23
C PRO E 108 -51.68 -13.08 -16.31
N PHE E 109 -50.55 -12.39 -16.42
CA PHE E 109 -50.39 -11.33 -17.39
C PHE E 109 -50.02 -11.94 -18.75
N GLU E 110 -50.73 -11.49 -19.80
CA GLU E 110 -50.54 -12.06 -21.12
C GLU E 110 -49.13 -11.81 -21.65
N GLY E 111 -48.50 -10.73 -21.23
CA GLY E 111 -47.16 -10.39 -21.69
C GLY E 111 -46.05 -10.93 -20.84
N ASP E 112 -46.34 -11.78 -19.85
CA ASP E 112 -45.31 -12.29 -18.96
C ASP E 112 -44.55 -13.42 -19.63
N PRO E 113 -43.23 -13.29 -19.84
CA PRO E 113 -42.50 -14.40 -20.47
C PRO E 113 -42.52 -15.67 -19.64
N ARG E 114 -42.35 -15.56 -18.32
CA ARG E 114 -42.38 -16.74 -17.47
C ARG E 114 -43.75 -17.42 -17.52
N GLY E 115 -44.81 -16.63 -17.34
CA GLY E 115 -46.15 -17.19 -17.43
C GLY E 115 -46.44 -17.79 -18.80
N CYS E 116 -45.81 -17.26 -19.84
CA CYS E 116 -46.01 -17.81 -21.18
C CYS E 116 -45.53 -19.25 -21.26
N LEU E 117 -44.31 -19.51 -20.78
CA LEU E 117 -43.81 -20.88 -20.76
C LEU E 117 -44.66 -21.76 -19.85
N LYS E 118 -45.01 -21.24 -18.67
CA LYS E 118 -45.84 -22.01 -17.74
C LYS E 118 -47.12 -22.48 -18.42
N ARG E 119 -47.73 -21.63 -19.24
CA ARG E 119 -48.95 -21.97 -19.94
C ARG E 119 -48.71 -23.21 -20.80
N VAL E 120 -47.88 -23.08 -21.84
CA VAL E 120 -47.71 -24.17 -22.80
C VAL E 120 -47.36 -25.47 -22.10
N MET E 121 -46.65 -25.39 -20.97
CA MET E 121 -46.30 -26.61 -20.23
C MET E 121 -47.53 -27.20 -19.55
N GLU E 122 -48.33 -26.35 -18.91
CA GLU E 122 -49.53 -26.84 -18.23
C GLU E 122 -50.54 -27.41 -19.23
N GLU E 123 -50.72 -26.73 -20.36
CA GLU E 123 -51.61 -27.27 -21.39
C GLU E 123 -51.09 -28.59 -21.93
N PHE E 124 -49.77 -28.72 -22.05
CA PHE E 124 -49.18 -29.98 -22.49
C PHE E 124 -49.37 -31.08 -21.45
N LYS E 125 -49.31 -30.72 -20.17
CA LYS E 125 -49.55 -31.70 -19.12
C LYS E 125 -51.03 -32.04 -19.02
N LYS E 126 -51.90 -31.05 -19.19
CA LYS E 126 -53.33 -31.25 -19.01
C LYS E 126 -53.89 -32.15 -20.12
N GLU E 127 -53.54 -31.87 -21.36
CA GLU E 127 -54.18 -32.53 -22.49
C GLU E 127 -53.50 -33.85 -22.85
N PHE E 128 -52.17 -33.91 -22.75
CA PHE E 128 -51.42 -35.09 -23.16
C PHE E 128 -50.65 -35.74 -22.02
N ASN E 129 -50.80 -35.25 -20.78
CA ASN E 129 -50.03 -35.77 -19.66
C ASN E 129 -48.55 -35.81 -20.01
N GLY E 130 -48.07 -34.74 -20.64
CA GLY E 130 -46.74 -34.68 -21.18
C GLY E 130 -45.80 -33.83 -20.34
N GLU E 131 -44.52 -34.12 -20.43
CA GLU E 131 -43.48 -33.37 -19.74
C GLU E 131 -42.47 -32.84 -20.75
N TYR E 132 -41.89 -31.69 -20.44
CA TYR E 132 -40.97 -31.01 -21.35
C TYR E 132 -39.65 -30.73 -20.62
N PHE E 133 -38.57 -31.30 -21.14
CA PHE E 133 -37.25 -31.16 -20.53
C PHE E 133 -36.28 -30.55 -21.53
N VAL E 134 -35.40 -29.69 -21.04
CA VAL E 134 -34.41 -29.01 -21.88
C VAL E 134 -33.06 -29.08 -21.19
N GLY E 135 -32.00 -29.20 -21.99
CA GLY E 135 -30.65 -29.24 -21.49
C GLY E 135 -29.74 -28.31 -22.26
N PRO E 136 -29.66 -27.06 -21.81
CA PRO E 136 -28.90 -26.05 -22.56
C PRO E 136 -27.40 -26.13 -22.28
N GLU E 137 -26.64 -25.61 -23.24
CA GLU E 137 -25.17 -25.61 -23.18
C GLU E 137 -24.68 -24.21 -23.52
N PRO E 138 -24.88 -23.24 -22.62
CA PRO E 138 -24.51 -21.85 -22.93
C PRO E 138 -23.01 -21.61 -22.94
N GLU E 139 -22.56 -20.86 -23.94
CA GLU E 139 -21.19 -20.38 -24.04
C GLU E 139 -21.15 -18.88 -23.79
N PHE E 140 -20.01 -18.40 -23.32
CA PHE E 140 -19.84 -16.98 -23.07
C PHE E 140 -18.37 -16.63 -23.15
N PHE E 141 -18.09 -15.33 -23.09
CA PHE E 141 -16.73 -14.81 -23.14
C PHE E 141 -16.45 -14.05 -21.85
N LEU E 142 -15.22 -14.17 -21.37
CA LEU E 142 -14.70 -13.29 -20.34
C LEU E 142 -13.83 -12.25 -21.02
N LEU E 143 -14.02 -10.98 -20.67
CA LEU E 143 -13.34 -9.89 -21.32
C LEU E 143 -12.51 -9.11 -20.31
N LYS E 144 -11.64 -8.26 -20.84
CA LYS E 144 -10.87 -7.32 -20.05
C LYS E 144 -10.51 -6.13 -20.93
N LYS E 145 -10.11 -5.04 -20.29
CA LYS E 145 -9.78 -3.82 -21.03
CA LYS E 145 -9.78 -3.82 -21.03
C LYS E 145 -8.51 -4.03 -21.86
N ASP E 146 -8.53 -3.54 -23.08
CA ASP E 146 -7.36 -3.58 -23.95
C ASP E 146 -6.30 -2.65 -23.39
N PRO E 147 -5.09 -3.13 -23.07
CA PRO E 147 -4.07 -2.22 -22.53
C PRO E 147 -3.61 -1.19 -23.54
N HIS E 148 -3.77 -1.45 -24.83
CA HIS E 148 -3.46 -0.48 -25.86
C HIS E 148 -4.65 0.41 -26.19
N ASN E 149 -5.72 0.34 -25.41
CA ASN E 149 -6.90 1.20 -25.56
C ASN E 149 -7.86 0.91 -24.41
N PRO E 150 -8.01 1.82 -23.45
CA PRO E 150 -8.88 1.53 -22.29
C PRO E 150 -10.37 1.57 -22.61
N HIS E 151 -10.74 1.91 -23.84
CA HIS E 151 -12.14 1.99 -24.24
C HIS E 151 -12.59 0.77 -25.03
N LYS E 152 -11.71 -0.21 -25.24
CA LYS E 152 -12.04 -1.44 -25.96
C LYS E 152 -11.83 -2.63 -25.04
N TYR E 153 -12.46 -3.75 -25.40
CA TYR E 153 -12.40 -4.98 -24.63
C TYR E 153 -11.83 -6.10 -25.49
N ILE E 154 -11.05 -6.97 -24.85
CA ILE E 154 -10.42 -8.10 -25.54
C ILE E 154 -10.68 -9.36 -24.74
N PRO E 155 -10.52 -10.54 -25.35
CA PRO E 155 -10.76 -11.79 -24.62
C PRO E 155 -9.86 -11.90 -23.41
N ALA E 156 -10.41 -12.50 -22.34
CA ALA E 156 -9.72 -12.45 -21.05
C ALA E 156 -8.41 -13.22 -21.06
N ASP E 157 -8.33 -14.31 -21.83
CA ASP E 157 -7.09 -15.09 -21.91
C ASP E 157 -6.91 -15.58 -23.34
N ASP E 158 -5.80 -16.28 -23.56
CA ASP E 158 -5.46 -16.84 -24.87
C ASP E 158 -5.51 -18.36 -24.86
N GLY E 159 -6.47 -18.93 -24.13
CA GLY E 159 -6.63 -20.36 -24.03
C GLY E 159 -7.50 -20.94 -25.13
N GLY E 160 -7.62 -22.26 -25.11
CA GLY E 160 -8.40 -22.96 -26.11
C GLY E 160 -9.23 -24.10 -25.55
N TYR E 161 -9.86 -24.85 -26.43
CA TYR E 161 -10.75 -25.94 -26.03
C TYR E 161 -10.14 -26.81 -24.95
N PHE E 162 -10.81 -26.86 -23.81
CA PHE E 162 -10.45 -27.74 -22.69
C PHE E 162 -9.07 -27.47 -22.13
N ASP E 163 -8.48 -26.32 -22.45
CA ASP E 163 -7.10 -26.06 -22.04
C ASP E 163 -6.98 -26.06 -20.53
N LEU E 164 -5.78 -26.40 -20.06
CA LEU E 164 -5.43 -26.30 -18.65
C LEU E 164 -4.79 -24.93 -18.37
N GLU E 165 -4.68 -24.61 -17.08
CA GLU E 165 -3.90 -23.44 -16.68
C GLU E 165 -2.42 -23.69 -16.98
N PRO E 166 -1.63 -22.62 -17.13
CA PRO E 166 -2.01 -21.20 -17.05
C PRO E 166 -2.70 -20.68 -18.32
N MET E 167 -2.59 -21.42 -19.41
CA MET E 167 -3.25 -21.02 -20.65
C MET E 167 -4.71 -20.65 -20.39
N ASP E 168 -5.41 -21.48 -19.63
CA ASP E 168 -6.77 -21.19 -19.18
C ASP E 168 -6.69 -20.38 -17.90
N GLU E 169 -7.11 -19.12 -17.96
CA GLU E 169 -6.97 -18.19 -16.84
C GLU E 169 -8.23 -18.08 -15.99
N ALA E 170 -9.21 -18.96 -16.21
CA ALA E 170 -10.45 -18.87 -15.45
C ALA E 170 -10.91 -20.23 -14.93
N PRO E 171 -10.01 -21.08 -14.46
CA PRO E 171 -10.47 -22.37 -13.91
C PRO E 171 -11.28 -22.19 -12.63
N ASP E 172 -10.91 -21.22 -11.79
CA ASP E 172 -11.68 -20.96 -10.58
C ASP E 172 -13.03 -20.33 -10.91
N ILE E 173 -13.03 -19.36 -11.83
CA ILE E 173 -14.28 -18.68 -12.18
C ILE E 173 -15.35 -19.70 -12.58
N ARG E 174 -14.98 -20.64 -13.45
CA ARG E 174 -15.93 -21.67 -13.84
C ARG E 174 -16.33 -22.54 -12.66
N ARG E 175 -15.40 -22.75 -11.72
CA ARG E 175 -15.74 -23.48 -10.49
C ARG E 175 -16.70 -22.67 -9.62
N ASP E 176 -16.46 -21.37 -9.49
CA ASP E 176 -17.26 -20.56 -8.59
C ASP E 176 -18.71 -20.47 -9.08
N ILE E 177 -18.92 -20.39 -10.39
CA ILE E 177 -20.29 -20.28 -10.90
C ILE E 177 -21.02 -21.61 -10.76
N VAL E 178 -20.35 -22.72 -11.05
CA VAL E 178 -20.95 -24.03 -10.83
C VAL E 178 -21.26 -24.23 -9.35
N PHE E 179 -20.32 -23.79 -8.50
CA PHE E 179 -20.46 -23.92 -7.02
C PHE E 179 -21.71 -23.15 -6.61
N ALA E 180 -21.79 -21.87 -6.99
CA ALA E 180 -22.92 -21.02 -6.63
C ALA E 180 -24.28 -21.48 -7.17
N LEU E 181 -24.28 -22.19 -8.30
CA LEU E 181 -25.54 -22.68 -8.88
C LEU E 181 -25.95 -24.01 -8.26
N GLU E 182 -25.01 -24.94 -8.13
CA GLU E 182 -25.35 -26.25 -7.57
C GLU E 182 -25.95 -26.11 -6.18
N ASN E 183 -25.33 -25.27 -5.34
CA ASN E 183 -25.71 -25.11 -3.91
C ASN E 183 -27.16 -24.67 -3.70
N LEU E 184 -27.78 -24.01 -4.68
CA LEU E 184 -29.13 -23.51 -4.53
C LEU E 184 -30.15 -24.30 -5.36
N GLY E 185 -29.77 -25.48 -5.83
CA GLY E 185 -30.67 -26.36 -6.54
C GLY E 185 -30.56 -26.30 -8.04
N PHE E 186 -30.08 -25.18 -8.59
CA PHE E 186 -29.90 -25.04 -10.03
C PHE E 186 -28.77 -25.95 -10.49
N HIS E 187 -29.12 -27.15 -10.95
CA HIS E 187 -28.13 -28.19 -11.18
C HIS E 187 -27.43 -28.01 -12.51
N VAL E 188 -26.10 -28.12 -12.48
CA VAL E 188 -25.26 -27.98 -13.65
C VAL E 188 -24.32 -29.18 -13.71
N GLU E 189 -23.80 -29.44 -14.92
CA GLU E 189 -22.92 -30.58 -15.15
C GLU E 189 -21.51 -30.09 -15.46
N ALA E 190 -20.97 -30.44 -16.61
CA ALA E 190 -19.58 -30.11 -16.93
C ALA E 190 -19.42 -28.66 -17.35
N SER E 191 -18.21 -28.13 -17.12
CA SER E 191 -17.83 -26.80 -17.59
C SER E 191 -16.39 -26.90 -18.11
N HIS E 192 -16.02 -25.99 -18.99
CA HIS E 192 -14.72 -26.09 -19.64
C HIS E 192 -14.42 -24.83 -20.44
N HIS E 193 -13.14 -24.64 -20.74
CA HIS E 193 -12.72 -23.60 -21.67
C HIS E 193 -13.08 -23.99 -23.09
N GLU E 194 -13.61 -23.05 -23.84
CA GLU E 194 -14.13 -23.31 -25.17
C GLU E 194 -13.07 -22.98 -26.22
N VAL E 195 -13.46 -23.15 -27.49
CA VAL E 195 -12.51 -23.07 -28.59
C VAL E 195 -11.86 -21.69 -28.63
N ALA E 196 -12.63 -20.66 -28.45
CA ALA E 196 -12.09 -19.33 -28.66
C ALA E 196 -11.41 -18.79 -27.40
N PRO E 197 -10.47 -17.87 -27.56
CA PRO E 197 -9.80 -17.28 -26.38
C PRO E 197 -10.82 -16.61 -25.47
N GLY E 198 -10.63 -16.77 -24.17
CA GLY E 198 -11.53 -16.19 -23.19
C GLY E 198 -12.96 -16.72 -23.24
N GLN E 199 -13.19 -17.76 -24.05
CA GLN E 199 -14.51 -18.36 -24.18
C GLN E 199 -14.64 -19.56 -23.23
N HIS E 200 -15.86 -19.82 -22.79
CA HIS E 200 -16.13 -20.88 -21.83
C HIS E 200 -17.53 -21.43 -22.09
N GLU E 201 -17.85 -22.52 -21.39
CA GLU E 201 -19.15 -23.15 -21.51
C GLU E 201 -19.52 -23.82 -20.20
N VAL E 202 -20.79 -23.67 -19.81
CA VAL E 202 -21.34 -24.35 -18.65
C VAL E 202 -22.51 -25.20 -19.15
N ASP E 203 -22.43 -26.50 -18.93
CA ASP E 203 -23.46 -27.43 -19.37
C ASP E 203 -24.48 -27.63 -18.26
N PHE E 204 -25.75 -27.47 -18.58
CA PHE E 204 -26.80 -27.52 -17.58
C PHE E 204 -27.47 -28.89 -17.55
N LYS E 205 -28.04 -29.22 -16.40
CA LYS E 205 -28.68 -30.51 -16.23
C LYS E 205 -29.92 -30.60 -17.11
N PHE E 206 -30.08 -31.76 -17.77
CA PHE E 206 -31.31 -32.10 -18.46
C PHE E 206 -32.44 -32.13 -17.43
N ASP E 207 -33.34 -31.15 -17.47
CA ASP E 207 -34.31 -31.00 -16.39
C ASP E 207 -35.57 -30.31 -16.92
N ASP E 208 -36.53 -30.12 -16.02
CA ASP E 208 -37.76 -29.41 -16.34
C ASP E 208 -37.45 -28.09 -17.04
N ALA E 209 -38.22 -27.79 -18.09
CA ALA E 209 -37.87 -26.65 -18.93
C ALA E 209 -38.00 -25.34 -18.19
N LEU E 210 -39.02 -25.19 -17.34
CA LEU E 210 -39.18 -23.95 -16.59
C LEU E 210 -38.06 -23.81 -15.56
N LYS E 211 -37.80 -24.88 -14.80
CA LYS E 211 -36.66 -24.85 -13.88
C LYS E 211 -35.37 -24.54 -14.62
N THR E 212 -35.22 -25.07 -15.83
CA THR E 212 -34.03 -24.78 -16.63
C THR E 212 -33.95 -23.30 -16.98
N ALA E 213 -35.08 -22.71 -17.39
CA ALA E 213 -35.09 -21.29 -17.72
C ALA E 213 -34.74 -20.45 -16.49
N ASP E 214 -35.33 -20.78 -15.35
CA ASP E 214 -34.95 -20.11 -14.11
C ASP E 214 -33.47 -20.29 -13.82
N SER E 215 -32.91 -21.44 -14.20
CA SER E 215 -31.49 -21.69 -14.00
C SER E 215 -30.64 -20.84 -14.93
N VAL E 216 -31.12 -20.62 -16.16
CA VAL E 216 -30.36 -19.82 -17.11
C VAL E 216 -30.34 -18.36 -16.68
N ILE E 217 -31.50 -17.80 -16.34
CA ILE E 217 -31.55 -16.40 -15.95
CA ILE E 217 -31.56 -16.40 -15.95
C ILE E 217 -30.67 -16.16 -14.73
N THR E 218 -30.68 -17.08 -13.77
CA THR E 218 -29.84 -16.95 -12.60
C THR E 218 -28.36 -17.05 -12.97
N PHE E 219 -28.05 -17.96 -13.89
CA PHE E 219 -26.65 -18.17 -14.29
C PHE E 219 -26.07 -16.94 -14.95
N LYS E 220 -26.87 -16.22 -15.73
CA LYS E 220 -26.35 -15.05 -16.44
C LYS E 220 -26.01 -13.92 -15.49
N THR E 221 -26.85 -13.69 -14.48
CA THR E 221 -26.55 -12.65 -13.51
C THR E 221 -25.33 -13.02 -12.67
N THR E 222 -25.25 -14.27 -12.22
CA THR E 222 -24.22 -14.66 -11.28
C THR E 222 -22.84 -14.65 -11.93
N ILE E 223 -22.74 -15.13 -13.18
CA ILE E 223 -21.43 -15.13 -13.84
C ILE E 223 -20.94 -13.70 -14.04
N LYS E 224 -21.85 -12.77 -14.29
CA LYS E 224 -21.44 -11.38 -14.47
C LYS E 224 -20.93 -10.79 -13.17
N THR E 225 -21.62 -11.03 -12.05
CA THR E 225 -21.15 -10.55 -10.76
C THR E 225 -19.83 -11.20 -10.39
N ILE E 226 -19.67 -12.49 -10.71
CA ILE E 226 -18.41 -13.16 -10.43
C ILE E 226 -17.28 -12.54 -11.26
N ALA E 227 -17.57 -12.24 -12.53
CA ALA E 227 -16.54 -11.68 -13.40
C ALA E 227 -16.03 -10.35 -12.85
N GLU E 228 -16.94 -9.47 -12.42
CA GLU E 228 -16.51 -8.17 -11.91
C GLU E 228 -15.64 -8.34 -10.67
N GLN E 229 -15.90 -9.37 -9.87
CA GLN E 229 -15.07 -9.62 -8.69
C GLN E 229 -13.62 -9.86 -9.07
N HIS E 230 -13.38 -10.41 -10.26
CA HIS E 230 -12.04 -10.65 -10.76
C HIS E 230 -11.59 -9.55 -11.73
N GLY E 231 -12.23 -8.40 -11.70
CA GLY E 231 -11.86 -7.31 -12.57
C GLY E 231 -12.21 -7.50 -14.02
N LEU E 232 -13.05 -8.48 -14.35
CA LEU E 232 -13.38 -8.82 -15.72
C LEU E 232 -14.82 -8.48 -16.02
N LYS E 233 -15.25 -8.86 -17.22
CA LYS E 233 -16.64 -8.74 -17.64
C LYS E 233 -17.02 -10.00 -18.40
N ALA E 234 -18.26 -10.44 -18.21
CA ALA E 234 -18.79 -11.62 -18.89
C ALA E 234 -19.88 -11.17 -19.85
N THR E 235 -19.74 -11.54 -21.11
CA THR E 235 -20.69 -11.15 -22.14
C THR E 235 -21.32 -12.38 -22.75
N PHE E 236 -22.61 -12.30 -23.04
CA PHE E 236 -23.32 -13.29 -23.83
C PHE E 236 -23.61 -12.80 -25.24
N MET E 237 -22.80 -11.87 -25.73
CA MET E 237 -22.88 -11.48 -27.14
C MET E 237 -22.58 -12.70 -28.01
N PRO E 238 -23.41 -12.99 -29.02
CA PRO E 238 -23.19 -14.21 -29.80
C PRO E 238 -21.91 -14.21 -30.61
N LYS E 239 -21.38 -13.04 -30.98
CA LYS E 239 -20.20 -12.94 -31.84
C LYS E 239 -19.48 -11.63 -31.55
N PRO E 240 -18.81 -11.53 -30.40
CA PRO E 240 -18.13 -10.27 -30.06
C PRO E 240 -16.88 -10.01 -30.86
N PHE E 241 -16.28 -11.04 -31.48
CA PHE E 241 -15.03 -10.89 -32.21
C PHE E 241 -15.10 -11.66 -33.53
N PHE E 242 -14.81 -10.98 -34.62
CA PHE E 242 -14.75 -11.64 -35.93
C PHE E 242 -13.50 -12.50 -36.04
N GLY E 243 -13.63 -13.65 -36.68
CA GLY E 243 -12.51 -14.55 -36.88
C GLY E 243 -12.37 -15.63 -35.84
N MET E 244 -13.12 -15.57 -34.75
CA MET E 244 -13.12 -16.60 -33.73
C MET E 244 -14.55 -17.03 -33.46
N ASN E 245 -14.69 -18.20 -32.84
CA ASN E 245 -15.99 -18.82 -32.70
C ASN E 245 -16.99 -17.89 -32.01
N GLY E 246 -18.27 -18.08 -32.34
CA GLY E 246 -19.33 -17.42 -31.62
C GLY E 246 -19.81 -18.24 -30.44
N SER E 247 -20.71 -17.64 -29.65
CA SER E 247 -21.24 -18.27 -28.45
C SER E 247 -22.65 -18.76 -28.76
N GLY E 248 -22.82 -20.08 -28.80
CA GLY E 248 -24.11 -20.69 -28.98
C GLY E 248 -24.73 -21.13 -27.67
N MET E 249 -25.88 -21.80 -27.78
CA MET E 249 -26.56 -22.39 -26.62
C MET E 249 -27.35 -23.59 -27.14
N HIS E 250 -26.64 -24.70 -27.35
CA HIS E 250 -27.29 -25.93 -27.77
C HIS E 250 -28.34 -26.34 -26.75
N CYS E 251 -29.51 -26.73 -27.23
CA CYS E 251 -30.64 -27.07 -26.37
C CYS E 251 -31.07 -28.51 -26.65
N HIS E 252 -30.55 -29.44 -25.85
CA HIS E 252 -31.08 -30.79 -25.83
C HIS E 252 -32.50 -30.75 -25.29
N GLN E 253 -33.38 -31.58 -25.86
CA GLN E 253 -34.77 -31.54 -25.45
C GLN E 253 -35.44 -32.86 -25.79
N SER E 254 -36.55 -33.12 -25.11
CA SER E 254 -37.37 -34.30 -25.35
C SER E 254 -38.68 -34.11 -24.61
N ILE E 255 -39.68 -34.88 -25.01
CA ILE E 255 -40.98 -34.89 -24.36
C ILE E 255 -41.23 -36.28 -23.82
N TRP E 256 -41.87 -36.35 -22.66
CA TRP E 256 -42.29 -37.61 -22.05
C TRP E 256 -43.80 -37.62 -21.97
N LEU E 257 -44.41 -38.71 -22.45
CA LEU E 257 -45.88 -38.85 -22.40
C LEU E 257 -46.24 -39.95 -21.41
N ASN E 258 -47.06 -39.60 -20.41
CA ASN E 258 -47.54 -40.56 -19.41
C ASN E 258 -46.38 -41.25 -18.70
N GLY E 259 -45.31 -40.49 -18.45
CA GLY E 259 -44.16 -41.05 -17.77
C GLY E 259 -43.28 -41.96 -18.59
N GLU E 260 -43.44 -41.94 -19.93
CA GLU E 260 -42.63 -42.78 -20.81
C GLU E 260 -41.68 -41.92 -21.65
N PRO E 261 -40.47 -42.40 -21.92
CA PRO E 261 -39.59 -41.68 -22.86
C PRO E 261 -40.08 -41.85 -24.29
N SER E 262 -40.99 -40.97 -24.70
CA SER E 262 -41.71 -41.18 -25.95
C SER E 262 -40.81 -41.17 -27.17
N PHE E 263 -39.59 -40.64 -27.05
CA PHE E 263 -38.69 -40.54 -28.19
C PHE E 263 -37.91 -41.84 -28.44
N TYR E 264 -38.10 -42.86 -27.61
CA TYR E 264 -37.37 -44.12 -27.75
C TYR E 264 -38.28 -45.20 -28.29
N ASP E 265 -37.80 -45.95 -29.27
CA ASP E 265 -38.50 -47.11 -29.81
C ASP E 265 -37.44 -48.15 -30.14
N GLU E 266 -37.39 -49.23 -29.35
CA GLU E 266 -36.32 -50.21 -29.50
C GLU E 266 -36.26 -50.78 -30.91
N ASN E 267 -37.37 -50.79 -31.64
CA ASN E 267 -37.44 -51.47 -32.92
C ASN E 267 -37.41 -50.54 -34.11
N ALA E 268 -37.64 -49.24 -33.93
CA ALA E 268 -37.73 -48.32 -35.04
C ALA E 268 -36.35 -48.02 -35.62
N PRO E 269 -36.29 -47.45 -36.81
CA PRO E 269 -34.98 -47.06 -37.37
C PRO E 269 -34.26 -46.07 -36.46
N TYR E 270 -32.99 -46.34 -36.20
CA TYR E 270 -32.16 -45.58 -35.27
C TYR E 270 -32.69 -45.62 -33.85
N GLN E 271 -33.62 -46.53 -33.55
CA GLN E 271 -34.27 -46.61 -32.25
C GLN E 271 -34.96 -45.30 -31.88
N LEU E 272 -35.40 -44.56 -32.90
CA LEU E 272 -36.09 -43.28 -32.72
C LEU E 272 -37.55 -43.47 -33.08
N SER E 273 -38.45 -43.19 -32.12
CA SER E 273 -39.85 -43.47 -32.30
C SER E 273 -40.48 -42.51 -33.31
N GLU E 274 -41.68 -42.89 -33.77
CA GLU E 274 -42.43 -42.02 -34.67
C GLU E 274 -42.66 -40.65 -34.05
N THR E 275 -42.95 -40.62 -32.74
CA THR E 275 -43.15 -39.35 -32.05
C THR E 275 -41.94 -38.44 -32.23
N CYS E 276 -40.73 -39.00 -32.10
CA CYS E 276 -39.53 -38.20 -32.25
C CYS E 276 -39.45 -37.60 -33.65
N MET E 277 -39.74 -38.42 -34.65
CA MET E 277 -39.69 -38.01 -36.09
C MET E 277 -40.66 -36.84 -36.29
N ASN E 278 -41.84 -36.90 -35.68
CA ASN E 278 -42.82 -35.82 -35.83
C ASN E 278 -42.35 -34.57 -35.10
N TYR E 279 -41.81 -34.72 -33.89
CA TYR E 279 -41.27 -33.59 -33.16
C TYR E 279 -40.12 -32.93 -33.92
N VAL E 280 -39.26 -33.74 -34.55
CA VAL E 280 -38.15 -33.19 -35.32
C VAL E 280 -38.69 -32.46 -36.57
N ALA E 281 -39.67 -33.06 -37.24
CA ALA E 281 -40.20 -32.44 -38.45
C ALA E 281 -40.84 -31.10 -38.16
N GLY E 282 -41.38 -30.91 -36.95
CA GLY E 282 -41.97 -29.63 -36.61
C GLY E 282 -40.93 -28.56 -36.35
N ILE E 283 -39.83 -28.93 -35.71
CA ILE E 283 -38.74 -27.97 -35.50
C ILE E 283 -38.21 -27.48 -36.84
N LEU E 284 -37.89 -28.42 -37.74
CA LEU E 284 -37.38 -28.04 -39.05
C LEU E 284 -38.41 -27.21 -39.80
N LYS E 285 -39.69 -27.56 -39.67
CA LYS E 285 -40.73 -26.85 -40.43
C LYS E 285 -40.81 -25.39 -40.01
N HIS E 286 -40.66 -25.11 -38.72
CA HIS E 286 -40.78 -23.76 -38.20
C HIS E 286 -39.44 -23.11 -37.94
N ALA E 287 -38.33 -23.77 -38.30
CA ALA E 287 -37.00 -23.27 -37.93
C ALA E 287 -36.82 -21.81 -38.33
N LYS E 288 -37.24 -21.44 -39.55
CA LYS E 288 -37.02 -20.08 -40.01
C LYS E 288 -37.63 -19.05 -39.07
N ALA E 289 -38.76 -19.38 -38.46
CA ALA E 289 -39.40 -18.48 -37.49
C ALA E 289 -38.87 -18.69 -36.08
N ILE E 290 -38.35 -19.88 -35.77
CA ILE E 290 -37.87 -20.14 -34.42
C ILE E 290 -36.66 -19.27 -34.10
N VAL E 291 -35.74 -19.12 -35.07
CA VAL E 291 -34.52 -18.38 -34.81
C VAL E 291 -34.80 -16.92 -34.47
N ALA E 292 -35.94 -16.39 -34.92
CA ALA E 292 -36.30 -15.04 -34.53
C ALA E 292 -36.31 -14.90 -33.01
N ILE E 293 -36.73 -15.95 -32.31
CA ILE E 293 -36.78 -15.94 -30.84
C ILE E 293 -35.49 -16.48 -30.24
N THR E 294 -34.98 -17.59 -30.75
CA THR E 294 -33.78 -18.19 -30.23
C THR E 294 -32.51 -17.48 -30.68
N ASN E 295 -32.63 -16.47 -31.55
CA ASN E 295 -31.49 -15.70 -32.04
C ASN E 295 -31.97 -14.27 -32.25
N PRO E 296 -32.27 -13.55 -31.15
CA PRO E 296 -33.05 -12.32 -31.26
C PRO E 296 -32.27 -11.07 -31.63
N THR E 297 -30.95 -11.13 -31.75
CA THR E 297 -30.15 -9.94 -31.99
C THR E 297 -29.63 -9.92 -33.42
N VAL E 298 -29.28 -8.72 -33.87
CA VAL E 298 -28.60 -8.59 -35.17
C VAL E 298 -27.28 -9.36 -35.14
N ASN E 299 -26.58 -9.30 -34.01
CA ASN E 299 -25.29 -9.97 -33.90
C ASN E 299 -25.43 -11.48 -33.86
N SER E 300 -26.64 -12.00 -33.63
CA SER E 300 -26.82 -13.45 -33.64
C SER E 300 -26.50 -14.03 -35.00
N TYR E 301 -26.86 -13.33 -36.06
CA TYR E 301 -26.66 -13.81 -37.43
C TYR E 301 -25.28 -13.50 -37.95
N LYS E 302 -24.38 -13.07 -37.07
CA LYS E 302 -22.95 -13.07 -37.38
C LYS E 302 -22.34 -14.43 -37.07
N ARG E 303 -22.98 -15.18 -36.15
CA ARG E 303 -22.60 -16.57 -35.89
C ARG E 303 -23.29 -17.52 -36.88
N LEU E 304 -24.57 -17.26 -37.18
CA LEU E 304 -25.34 -18.09 -38.12
C LEU E 304 -24.98 -17.69 -39.55
N VAL E 305 -23.77 -18.08 -39.94
CA VAL E 305 -23.24 -17.79 -41.27
C VAL E 305 -22.67 -19.09 -41.84
N PRO E 306 -22.81 -19.36 -43.15
CA PRO E 306 -22.22 -20.58 -43.73
C PRO E 306 -20.85 -20.92 -43.19
N GLY E 307 -20.67 -22.17 -42.76
CA GLY E 307 -19.41 -22.62 -42.21
C GLY E 307 -19.43 -24.11 -42.00
N TYR E 308 -18.23 -24.67 -41.81
CA TYR E 308 -18.10 -26.12 -41.66
C TYR E 308 -19.01 -26.65 -40.57
N GLU E 309 -19.07 -25.96 -39.42
CA GLU E 309 -19.87 -26.38 -38.28
C GLU E 309 -20.95 -25.35 -37.93
N ALA E 310 -21.38 -24.55 -38.89
CA ALA E 310 -22.38 -23.53 -38.63
C ALA E 310 -23.78 -24.14 -38.65
N PRO E 311 -24.55 -24.04 -37.56
CA PRO E 311 -25.90 -24.66 -37.55
C PRO E 311 -26.93 -23.79 -38.27
N VAL E 312 -26.75 -23.66 -39.58
CA VAL E 312 -27.65 -22.84 -40.40
C VAL E 312 -28.45 -23.66 -41.39
N ASN E 313 -28.13 -24.94 -41.57
CA ASN E 313 -28.81 -25.79 -42.55
C ASN E 313 -29.95 -26.52 -41.88
N ILE E 314 -31.16 -26.35 -42.42
CA ILE E 314 -32.36 -26.97 -41.87
C ILE E 314 -32.36 -28.45 -42.23
N ALA E 315 -31.74 -29.26 -41.38
CA ALA E 315 -31.70 -30.70 -41.56
C ALA E 315 -31.34 -31.33 -40.23
N TRP E 316 -31.61 -32.62 -40.10
CA TRP E 316 -31.26 -33.38 -38.92
C TRP E 316 -30.33 -34.52 -39.30
N ALA E 317 -29.55 -34.99 -38.31
CA ALA E 317 -28.54 -35.99 -38.55
C ALA E 317 -28.17 -36.65 -37.23
N ASN E 318 -27.57 -37.84 -37.34
CA ASN E 318 -27.17 -38.58 -36.15
C ASN E 318 -25.82 -38.07 -35.63
N SER E 319 -24.89 -37.70 -36.52
CA SER E 319 -23.54 -37.36 -36.10
C SER E 319 -22.95 -36.18 -36.88
N ASN E 320 -23.75 -35.45 -37.66
CA ASN E 320 -23.26 -34.34 -38.44
C ASN E 320 -23.37 -33.05 -37.64
N ARG E 321 -22.30 -32.24 -37.67
CA ARG E 321 -22.27 -30.95 -36.92
C ARG E 321 -22.69 -29.76 -37.79
N SER E 322 -22.96 -29.97 -39.09
CA SER E 322 -23.32 -28.86 -39.94
C SER E 322 -24.84 -28.77 -39.99
N ALA E 323 -25.55 -29.70 -39.37
CA ALA E 323 -27.00 -29.72 -39.36
C ALA E 323 -27.54 -28.94 -38.17
N ILE E 324 -28.77 -28.45 -38.32
CA ILE E 324 -29.37 -27.65 -37.25
C ILE E 324 -29.88 -28.52 -36.10
N ILE E 325 -30.13 -29.80 -36.33
CA ILE E 325 -30.52 -30.72 -35.29
C ILE E 325 -29.52 -31.88 -35.27
N ARG E 326 -29.05 -32.24 -34.07
CA ARG E 326 -28.11 -33.37 -33.85
C ARG E 326 -28.74 -34.31 -32.79
N VAL E 327 -28.83 -35.61 -33.10
CA VAL E 327 -29.42 -36.58 -32.20
C VAL E 327 -28.32 -37.38 -31.53
N PRO E 328 -27.99 -37.10 -30.26
CA PRO E 328 -26.92 -37.87 -29.60
C PRO E 328 -27.19 -39.37 -29.62
N ALA E 329 -26.13 -40.13 -29.34
CA ALA E 329 -26.20 -41.58 -29.46
C ALA E 329 -26.97 -42.23 -28.31
N ALA E 330 -27.16 -41.54 -27.20
CA ALA E 330 -27.85 -42.12 -26.07
C ALA E 330 -29.23 -42.63 -26.48
N ARG E 331 -29.72 -43.63 -25.76
CA ARG E 331 -31.05 -44.18 -25.99
C ARG E 331 -31.68 -44.53 -24.64
N GLY E 332 -32.86 -45.13 -24.68
CA GLY E 332 -33.59 -45.40 -23.46
C GLY E 332 -34.17 -44.11 -22.91
N LYS E 333 -34.09 -43.95 -21.58
CA LYS E 333 -34.57 -42.73 -20.94
C LYS E 333 -33.77 -41.51 -21.33
N GLY E 334 -32.59 -41.69 -21.93
CA GLY E 334 -31.75 -40.58 -22.31
C GLY E 334 -31.94 -40.08 -23.73
N THR E 335 -32.90 -40.64 -24.47
CA THR E 335 -33.13 -40.20 -25.83
C THR E 335 -33.53 -38.72 -25.83
N ARG E 336 -32.96 -37.97 -26.77
CA ARG E 336 -33.21 -36.54 -26.88
C ARG E 336 -32.63 -36.05 -28.20
N ILE E 337 -33.07 -34.87 -28.62
CA ILE E 337 -32.57 -34.22 -29.82
C ILE E 337 -31.89 -32.93 -29.42
N GLU E 338 -30.92 -32.49 -30.22
CA GLU E 338 -30.12 -31.31 -29.93
C GLU E 338 -30.40 -30.25 -31.00
N PHE E 339 -31.03 -29.15 -30.59
CA PHE E 339 -31.22 -27.98 -31.44
C PHE E 339 -30.04 -27.04 -31.19
N ARG E 340 -29.21 -26.85 -32.22
CA ARG E 340 -27.92 -26.19 -32.05
C ARG E 340 -27.92 -24.74 -32.49
N ALA E 341 -29.01 -24.23 -33.02
CA ALA E 341 -29.06 -22.88 -33.54
C ALA E 341 -29.02 -21.81 -32.44
N PRO E 342 -29.73 -22.00 -31.33
CA PRO E 342 -29.88 -20.92 -30.37
C PRO E 342 -28.54 -20.42 -29.84
N ASP E 343 -28.54 -19.15 -29.43
CA ASP E 343 -27.42 -18.50 -28.79
C ASP E 343 -27.89 -17.91 -27.48
N PRO E 344 -26.97 -17.59 -26.56
CA PRO E 344 -27.38 -17.22 -25.19
C PRO E 344 -27.89 -15.80 -25.02
N SER E 345 -28.11 -15.05 -26.11
CA SER E 345 -28.77 -13.76 -25.98
C SER E 345 -30.29 -13.90 -25.90
N CYS E 346 -30.82 -15.07 -26.29
CA CYS E 346 -32.26 -15.26 -26.33
C CYS E 346 -32.86 -15.13 -24.93
N ASN E 347 -34.18 -14.96 -24.89
CA ASN E 347 -34.94 -15.08 -23.66
C ASN E 347 -35.24 -16.55 -23.43
N PRO E 348 -34.69 -17.17 -22.38
CA PRO E 348 -34.89 -18.62 -22.22
C PRO E 348 -36.35 -19.03 -22.16
N TYR E 349 -37.19 -18.27 -21.44
CA TYR E 349 -38.59 -18.64 -21.34
C TYR E 349 -39.24 -18.68 -22.72
N LEU E 350 -38.97 -17.68 -23.55
CA LEU E 350 -39.58 -17.63 -24.88
C LEU E 350 -38.96 -18.65 -25.81
N ALA E 351 -37.64 -18.82 -25.74
CA ALA E 351 -36.97 -19.81 -26.58
C ALA E 351 -37.56 -21.20 -26.35
N PHE E 352 -37.71 -21.61 -25.09
CA PHE E 352 -38.21 -22.94 -24.78
C PHE E 352 -39.64 -23.12 -25.26
N THR E 353 -40.43 -22.03 -25.28
CA THR E 353 -41.81 -22.12 -25.73
C THR E 353 -41.89 -22.47 -27.20
N VAL E 354 -41.25 -21.67 -28.05
CA VAL E 354 -41.38 -21.85 -29.49
C VAL E 354 -40.83 -23.22 -29.91
N MET E 355 -39.82 -23.72 -29.20
CA MET E 355 -39.29 -25.04 -29.51
C MET E 355 -40.32 -26.12 -29.21
N LEU E 356 -41.00 -26.02 -28.06
CA LEU E 356 -42.02 -27.00 -27.71
C LEU E 356 -43.19 -26.92 -28.68
N ALA E 357 -43.69 -25.69 -28.92
CA ALA E 357 -44.84 -25.53 -29.82
C ALA E 357 -44.52 -26.08 -31.20
N ALA E 358 -43.36 -25.71 -31.75
CA ALA E 358 -42.99 -26.20 -33.07
C ALA E 358 -42.96 -27.73 -33.10
N GLY E 359 -42.31 -28.34 -32.11
CA GLY E 359 -42.25 -29.78 -32.08
C GLY E 359 -43.61 -30.41 -31.87
N LEU E 360 -44.43 -29.81 -31.01
CA LEU E 360 -45.76 -30.36 -30.77
C LEU E 360 -46.65 -30.20 -32.01
N ASP E 361 -46.46 -29.12 -32.78
CA ASP E 361 -47.18 -29.01 -34.04
C ASP E 361 -46.85 -30.17 -34.96
N GLY E 362 -45.64 -30.71 -34.85
CA GLY E 362 -45.28 -31.87 -35.66
C GLY E 362 -45.96 -33.14 -35.18
N VAL E 363 -45.95 -33.37 -33.87
CA VAL E 363 -46.62 -34.54 -33.31
C VAL E 363 -48.11 -34.48 -33.60
N LYS E 364 -48.71 -33.30 -33.45
CA LYS E 364 -50.15 -33.17 -33.66
C LYS E 364 -50.52 -33.57 -35.08
N ASN E 365 -49.81 -33.05 -36.07
CA ASN E 365 -50.11 -33.30 -37.47
C ASN E 365 -49.34 -34.47 -38.06
N LYS E 366 -48.57 -35.20 -37.24
CA LYS E 366 -47.84 -36.38 -37.69
C LYS E 366 -47.03 -36.08 -38.96
N LEU E 367 -46.26 -35.00 -38.91
CA LEU E 367 -45.45 -34.61 -40.06
C LEU E 367 -44.34 -35.63 -40.27
N ASP E 368 -44.02 -35.89 -41.53
CA ASP E 368 -42.92 -36.77 -41.86
C ASP E 368 -41.60 -36.02 -41.79
N ALA E 369 -40.58 -36.68 -41.25
CA ALA E 369 -39.24 -36.12 -41.16
C ALA E 369 -38.42 -36.53 -42.39
N PRO E 370 -37.60 -35.65 -42.94
CA PRO E 370 -36.83 -36.04 -44.13
C PRO E 370 -35.66 -36.92 -43.74
N GLU E 371 -35.12 -37.62 -44.72
CA GLU E 371 -34.00 -38.51 -44.46
C GLU E 371 -32.88 -37.73 -43.77
N PRO E 372 -32.19 -38.32 -42.81
CA PRO E 372 -31.06 -37.62 -42.17
C PRO E 372 -29.97 -37.33 -43.18
N VAL E 373 -29.21 -36.26 -42.91
CA VAL E 373 -28.14 -35.82 -43.80
C VAL E 373 -26.84 -35.92 -43.01
N GLU E 374 -26.09 -37.00 -43.24
CA GLU E 374 -24.82 -37.20 -42.56
C GLU E 374 -23.66 -36.50 -43.26
N ARG E 375 -23.72 -36.42 -44.59
CA ARG E 375 -22.69 -35.75 -45.36
C ARG E 375 -22.68 -34.26 -45.02
N ASN E 376 -21.49 -33.66 -44.96
CA ASN E 376 -21.39 -32.26 -44.59
C ASN E 376 -22.13 -31.39 -45.58
N ILE E 377 -23.15 -30.66 -45.11
CA ILE E 377 -23.97 -29.85 -46.01
C ILE E 377 -23.15 -28.70 -46.56
N PHE E 378 -22.27 -28.12 -45.74
CA PHE E 378 -21.45 -27.00 -46.20
C PHE E 378 -20.55 -27.39 -47.35
N ALA E 379 -19.93 -28.57 -47.28
CA ALA E 379 -19.06 -29.02 -48.34
C ALA E 379 -19.81 -29.29 -49.64
N MET E 380 -21.12 -29.51 -49.57
CA MET E 380 -21.89 -29.81 -50.77
C MET E 380 -22.07 -28.55 -51.63
N SER E 381 -22.29 -28.78 -52.92
CA SER E 381 -22.55 -27.69 -53.85
C SER E 381 -24.00 -27.24 -53.75
N GLU E 382 -24.27 -26.07 -54.33
CA GLU E 382 -25.62 -25.52 -54.26
C GLU E 382 -26.63 -26.37 -55.03
N ALA E 383 -26.18 -27.11 -56.04
CA ALA E 383 -27.06 -28.04 -56.74
C ALA E 383 -27.33 -29.27 -55.89
N GLU E 384 -26.29 -29.82 -55.28
CA GLU E 384 -26.48 -30.94 -54.36
C GLU E 384 -27.40 -30.57 -53.21
N LYS E 385 -27.33 -29.31 -52.76
CA LYS E 385 -28.23 -28.85 -51.70
C LYS E 385 -29.66 -28.77 -52.20
N LYS E 386 -29.87 -28.15 -53.36
CA LYS E 386 -31.21 -28.03 -53.91
C LYS E 386 -31.83 -29.40 -54.14
N GLU E 387 -31.05 -30.33 -54.70
CA GLU E 387 -31.56 -31.69 -54.90
C GLU E 387 -32.02 -32.30 -53.58
N LEU E 388 -31.22 -32.13 -52.52
CA LEU E 388 -31.57 -32.69 -51.22
C LEU E 388 -32.62 -31.87 -50.48
N GLY E 389 -33.01 -30.71 -51.02
CA GLY E 389 -34.01 -29.89 -50.37
C GLY E 389 -33.58 -29.30 -49.05
N ILE E 390 -32.29 -29.05 -48.88
CA ILE E 390 -31.77 -28.49 -47.63
C ILE E 390 -31.83 -26.97 -47.73
N GLU E 391 -32.74 -26.37 -46.96
CA GLU E 391 -32.84 -24.92 -46.91
C GLU E 391 -31.94 -24.36 -45.81
N SER E 392 -31.84 -23.04 -45.77
CA SER E 392 -30.98 -22.35 -44.82
C SER E 392 -31.79 -21.32 -44.05
N VAL E 393 -31.40 -21.11 -42.79
CA VAL E 393 -32.11 -20.22 -41.89
C VAL E 393 -32.01 -18.79 -42.40
N PRO E 394 -32.80 -17.86 -41.88
CA PRO E 394 -32.68 -16.46 -42.30
C PRO E 394 -31.26 -15.94 -42.06
N ALA E 395 -30.78 -15.14 -43.01
CA ALA E 395 -29.43 -14.62 -42.94
C ALA E 395 -29.29 -13.43 -41.99
N ASN E 396 -30.39 -12.79 -41.63
CA ASN E 396 -30.34 -11.60 -40.78
C ASN E 396 -31.56 -11.56 -39.90
N LEU E 397 -31.52 -10.65 -38.91
CA LEU E 397 -32.61 -10.56 -37.95
C LEU E 397 -33.93 -10.23 -38.64
N LYS E 398 -33.91 -9.23 -39.52
CA LYS E 398 -35.15 -8.81 -40.19
C LYS E 398 -35.77 -9.99 -40.94
N ALA E 399 -34.96 -10.74 -41.69
CA ALA E 399 -35.50 -11.86 -42.45
C ALA E 399 -36.18 -12.88 -41.54
N ALA E 400 -35.68 -13.01 -40.31
CA ALA E 400 -36.31 -13.93 -39.35
C ALA E 400 -37.59 -13.32 -38.77
N LEU E 401 -37.55 -12.04 -38.39
CA LEU E 401 -38.75 -11.38 -37.90
C LEU E 401 -39.91 -11.54 -38.88
N ASP E 402 -39.63 -11.40 -40.18
CA ASP E 402 -40.67 -11.57 -41.18
C ASP E 402 -41.13 -13.02 -41.27
N GLU E 403 -40.24 -13.97 -41.00
CA GLU E 403 -40.66 -15.37 -40.95
C GLU E 403 -41.54 -15.62 -39.74
N LEU E 404 -41.17 -15.08 -38.58
CA LEU E 404 -41.97 -15.23 -37.39
C LEU E 404 -43.34 -14.57 -37.57
N GLU E 405 -43.37 -13.41 -38.23
CA GLU E 405 -44.63 -12.71 -38.42
C GLU E 405 -45.64 -13.51 -39.23
N ASN E 406 -45.17 -14.48 -40.01
CA ASN E 406 -46.05 -15.30 -40.84
C ASN E 406 -46.27 -16.69 -40.25
N ASN E 407 -45.97 -16.88 -38.96
CA ASN E 407 -46.07 -18.18 -38.30
C ASN E 407 -47.19 -18.13 -37.28
N ASP E 408 -48.31 -18.80 -37.60
CA ASP E 408 -49.43 -18.86 -36.66
C ASP E 408 -49.15 -19.83 -35.52
N VAL E 409 -48.36 -20.87 -35.76
CA VAL E 409 -48.05 -21.83 -34.70
C VAL E 409 -47.31 -21.12 -33.56
N LEU E 410 -46.32 -20.29 -33.91
CA LEU E 410 -45.58 -19.57 -32.89
C LEU E 410 -46.40 -18.41 -32.32
N LYS E 411 -47.31 -17.84 -33.11
CA LYS E 411 -48.17 -16.78 -32.59
C LYS E 411 -49.09 -17.31 -31.51
N ASN E 412 -49.70 -18.47 -31.74
CA ASN E 412 -50.54 -19.08 -30.72
C ASN E 412 -49.74 -19.41 -29.47
N ALA E 413 -48.48 -19.82 -29.64
CA ALA E 413 -47.67 -20.22 -28.50
C ALA E 413 -47.20 -19.02 -27.69
N LEU E 414 -46.82 -17.93 -28.37
CA LEU E 414 -46.38 -16.73 -27.69
C LEU E 414 -47.55 -15.85 -27.26
N GLY E 415 -48.69 -15.96 -27.91
CA GLY E 415 -49.80 -15.08 -27.64
C GLY E 415 -49.68 -13.75 -28.37
N LYS E 416 -50.83 -13.11 -28.56
CA LYS E 416 -50.88 -11.85 -29.30
C LYS E 416 -49.92 -10.81 -28.72
N HIS E 417 -49.99 -10.59 -27.41
CA HIS E 417 -49.21 -9.51 -26.80
C HIS E 417 -47.72 -9.71 -27.04
N ILE E 418 -47.16 -10.80 -26.53
CA ILE E 418 -45.74 -11.06 -26.69
C ILE E 418 -45.37 -11.08 -28.16
N PHE E 419 -46.16 -11.77 -28.97
CA PHE E 419 -45.86 -11.91 -30.40
C PHE E 419 -45.77 -10.56 -31.07
N GLU E 420 -46.67 -9.64 -30.72
CA GLU E 420 -46.67 -8.33 -31.36
C GLU E 420 -45.66 -7.38 -30.71
N SER E 421 -45.53 -7.43 -29.40
CA SER E 421 -44.55 -6.58 -28.72
C SER E 421 -43.13 -6.96 -29.14
N PHE E 422 -42.88 -8.25 -29.34
CA PHE E 422 -41.55 -8.69 -29.75
C PHE E 422 -41.21 -8.19 -31.15
N LEU E 423 -42.19 -8.16 -32.05
CA LEU E 423 -41.92 -7.70 -33.40
C LEU E 423 -41.72 -6.20 -33.44
N GLU E 424 -42.49 -5.45 -32.65
CA GLU E 424 -42.35 -3.99 -32.65
C GLU E 424 -40.99 -3.57 -32.09
N ILE E 425 -40.57 -4.20 -31.00
CA ILE E 425 -39.30 -3.82 -30.38
C ILE E 425 -38.13 -4.19 -31.28
N LYS E 426 -38.17 -5.40 -31.86
CA LYS E 426 -37.04 -5.88 -32.64
C LYS E 426 -36.98 -5.24 -34.03
N ASN E 427 -38.14 -4.92 -34.61
CA ASN E 427 -38.11 -4.19 -35.88
C ASN E 427 -37.52 -2.79 -35.70
N ALA E 428 -37.75 -2.17 -34.54
CA ALA E 428 -37.09 -0.90 -34.26
C ALA E 428 -35.60 -1.10 -34.03
N GLU E 429 -35.23 -2.15 -33.31
CA GLU E 429 -33.82 -2.48 -33.14
C GLU E 429 -33.13 -2.65 -34.49
N TRP E 430 -33.79 -3.35 -35.42
CA TRP E 430 -33.21 -3.52 -36.75
C TRP E 430 -33.13 -2.19 -37.50
N ASP E 431 -34.18 -1.37 -37.40
CA ASP E 431 -34.16 -0.06 -38.05
C ASP E 431 -32.98 0.77 -37.56
N SER E 432 -32.71 0.73 -36.25
CA SER E 432 -31.57 1.45 -35.71
C SER E 432 -30.25 0.95 -36.26
N PHE E 433 -30.21 -0.28 -36.76
CA PHE E 433 -28.99 -0.84 -37.31
C PHE E 433 -28.86 -0.59 -38.80
N ARG E 434 -29.96 -0.56 -39.54
CA ARG E 434 -29.88 -0.36 -40.98
C ARG E 434 -29.70 1.10 -41.38
N THR E 435 -29.95 2.03 -40.46
CA THR E 435 -29.75 3.45 -40.72
C THR E 435 -28.43 3.96 -40.15
N SER E 436 -27.78 3.20 -39.29
CA SER E 436 -26.52 3.64 -38.70
C SER E 436 -25.38 3.53 -39.73
N VAL E 437 -24.29 4.24 -39.45
CA VAL E 437 -23.08 4.17 -40.25
C VAL E 437 -22.06 3.36 -39.45
N THR E 438 -21.67 2.22 -39.99
CA THR E 438 -20.81 1.28 -39.28
C THR E 438 -19.35 1.56 -39.58
N ASP E 439 -18.47 1.03 -38.71
CA ASP E 439 -17.05 1.17 -38.93
C ASP E 439 -16.61 0.40 -40.17
N TRP E 440 -17.26 -0.73 -40.46
CA TRP E 440 -16.97 -1.44 -41.70
C TRP E 440 -17.13 -0.53 -42.91
N GLU E 441 -18.16 0.32 -42.87
CA GLU E 441 -18.42 1.21 -44.01
C GLU E 441 -17.40 2.33 -44.09
N THR E 442 -17.08 2.95 -42.95
CA THR E 442 -16.04 3.97 -42.94
C THR E 442 -14.73 3.41 -43.48
N THR E 443 -14.34 2.23 -43.00
CA THR E 443 -13.09 1.62 -43.46
C THR E 443 -13.14 1.33 -44.96
N ALA E 444 -14.30 0.97 -45.49
CA ALA E 444 -14.39 0.49 -46.86
C ALA E 444 -14.59 1.58 -47.88
N TYR E 445 -15.20 2.71 -47.49
CA TYR E 445 -15.68 3.67 -48.46
C TYR E 445 -15.16 5.09 -48.28
N LEU E 446 -14.56 5.43 -47.15
CA LEU E 446 -14.09 6.81 -46.97
C LEU E 446 -13.08 7.20 -48.04
N LYS E 447 -12.27 6.25 -48.52
CA LYS E 447 -11.26 6.57 -49.51
C LYS E 447 -11.85 6.92 -50.87
N ILE E 448 -13.08 6.50 -51.14
CA ILE E 448 -13.64 6.64 -52.49
C ILE E 448 -14.01 8.10 -52.78
N SER F 2 -6.62 -45.37 -5.28
CA SER F 2 -6.37 -46.24 -6.43
C SER F 2 -7.60 -47.07 -6.76
N THR F 3 -8.20 -47.66 -5.73
CA THR F 3 -9.43 -48.41 -5.90
C THR F 3 -10.62 -47.46 -5.98
N VAL F 4 -11.70 -47.94 -6.59
CA VAL F 4 -12.92 -47.14 -6.67
C VAL F 4 -13.37 -46.74 -5.26
N GLU F 5 -13.49 -47.73 -4.36
CA GLU F 5 -13.91 -47.45 -3.00
C GLU F 5 -12.94 -46.49 -2.32
N GLN F 6 -11.63 -46.75 -2.47
CA GLN F 6 -10.64 -45.85 -1.90
C GLN F 6 -10.86 -44.43 -2.40
N VAL F 7 -11.16 -44.27 -3.69
CA VAL F 7 -11.43 -42.95 -4.24
C VAL F 7 -12.69 -42.37 -3.62
N LEU F 8 -13.79 -43.15 -3.62
CA LEU F 8 -15.03 -42.67 -3.05
C LEU F 8 -14.86 -42.28 -1.59
N GLU F 9 -14.07 -43.07 -0.84
CA GLU F 9 -13.86 -42.74 0.57
C GLU F 9 -13.04 -41.46 0.71
N TYR F 10 -12.02 -41.28 -0.12
CA TYR F 10 -11.25 -40.04 -0.08
C TYR F 10 -12.15 -38.83 -0.31
N VAL F 11 -13.09 -38.94 -1.25
CA VAL F 11 -14.01 -37.84 -1.52
C VAL F 11 -14.82 -37.52 -0.28
N LYS F 12 -15.37 -38.55 0.37
CA LYS F 12 -16.23 -38.34 1.52
C LYS F 12 -15.49 -37.65 2.65
N SER F 13 -14.32 -38.17 3.01
CA SER F 13 -13.60 -37.65 4.17
C SER F 13 -13.06 -36.25 3.91
N ASN F 14 -12.70 -35.94 2.67
CA ASN F 14 -12.23 -34.61 2.31
C ASN F 14 -13.33 -33.71 1.78
N ASN F 15 -14.54 -34.24 1.61
CA ASN F 15 -15.62 -33.53 0.93
C ASN F 15 -15.09 -32.84 -0.32
N VAL F 16 -14.84 -33.62 -1.37
CA VAL F 16 -14.37 -33.09 -2.65
C VAL F 16 -15.58 -32.64 -3.45
N LYS F 17 -15.60 -31.37 -3.82
CA LYS F 17 -16.74 -30.79 -4.55
C LYS F 17 -16.49 -30.65 -6.04
N PHE F 18 -15.25 -30.86 -6.50
CA PHE F 18 -14.94 -30.70 -7.91
C PHE F 18 -13.86 -31.68 -8.33
N MET F 19 -14.04 -32.26 -9.51
CA MET F 19 -13.17 -33.31 -10.03
C MET F 19 -12.79 -32.97 -11.47
N ARG F 20 -11.51 -33.21 -11.80
CA ARG F 20 -10.97 -32.91 -13.12
C ARG F 20 -10.56 -34.20 -13.80
N PHE F 21 -11.04 -34.40 -15.03
CA PHE F 21 -10.68 -35.54 -15.86
C PHE F 21 -9.70 -35.04 -16.92
N GLN F 22 -8.44 -35.45 -16.81
CA GLN F 22 -7.38 -34.92 -17.65
C GLN F 22 -6.94 -35.95 -18.69
N PHE F 23 -6.52 -35.45 -19.84
CA PHE F 23 -5.98 -36.27 -20.93
C PHE F 23 -4.98 -35.41 -21.70
N VAL F 24 -4.71 -35.78 -22.96
CA VAL F 24 -3.69 -35.12 -23.76
C VAL F 24 -4.03 -35.26 -25.23
N ASP F 25 -3.69 -34.23 -26.01
CA ASP F 25 -3.91 -34.26 -27.45
C ASP F 25 -2.66 -34.78 -28.16
N ILE F 26 -2.79 -34.96 -29.48
CA ILE F 26 -1.74 -35.64 -30.24
C ILE F 26 -0.40 -34.93 -30.08
N LEU F 27 -0.42 -33.62 -29.84
CA LEU F 27 0.81 -32.86 -29.74
C LEU F 27 1.39 -32.84 -28.32
N GLY F 28 0.69 -33.41 -27.35
CA GLY F 28 1.16 -33.42 -25.98
C GLY F 28 0.68 -32.28 -25.12
N VAL F 29 -0.29 -31.50 -25.59
CA VAL F 29 -0.88 -30.43 -24.80
C VAL F 29 -1.91 -31.05 -23.86
N PRO F 30 -1.81 -30.85 -22.55
CA PRO F 30 -2.80 -31.44 -21.65
C PRO F 30 -4.16 -30.77 -21.82
N LYS F 31 -5.21 -31.55 -21.58
CA LYS F 31 -6.59 -31.09 -21.66
C LYS F 31 -7.37 -31.67 -20.50
N ASN F 32 -8.38 -30.94 -20.03
CA ASN F 32 -9.17 -31.43 -18.91
C ASN F 32 -10.53 -30.76 -18.88
N VAL F 33 -11.52 -31.51 -18.41
CA VAL F 33 -12.85 -31.00 -18.12
C VAL F 33 -13.11 -31.25 -16.63
N ALA F 34 -13.94 -30.41 -16.03
CA ALA F 34 -14.26 -30.50 -14.62
C ALA F 34 -15.77 -30.53 -14.42
N PHE F 35 -16.21 -31.31 -13.44
CA PHE F 35 -17.62 -31.47 -13.12
C PHE F 35 -17.79 -31.48 -11.62
N PRO F 36 -18.94 -31.05 -11.12
CA PRO F 36 -19.15 -31.01 -9.67
C PRO F 36 -19.48 -32.37 -9.10
N ILE F 37 -19.11 -32.55 -7.83
CA ILE F 37 -19.51 -33.72 -7.05
C ILE F 37 -20.79 -33.35 -6.33
N LYS F 38 -21.90 -33.99 -6.74
CA LYS F 38 -23.24 -33.74 -6.15
C LYS F 38 -23.26 -34.22 -4.69
N ALA F 39 -24.05 -33.55 -3.85
CA ALA F 39 -24.15 -33.89 -2.41
C ALA F 39 -24.99 -35.16 -2.21
N GLY F 40 -24.78 -35.83 -1.06
CA GLY F 40 -25.57 -37.02 -0.68
C GLY F 40 -25.05 -38.31 -1.28
N GLU F 41 -25.69 -39.43 -0.91
CA GLU F 41 -25.29 -40.75 -1.44
C GLU F 41 -25.60 -40.79 -2.93
N LYS F 42 -26.66 -40.06 -3.34
CA LYS F 42 -27.04 -39.98 -4.77
C LYS F 42 -25.86 -39.46 -5.58
N GLY F 43 -25.14 -38.46 -5.06
CA GLY F 43 -23.99 -37.92 -5.75
C GLY F 43 -22.79 -38.85 -5.78
N ILE F 44 -22.70 -39.72 -4.77
CA ILE F 44 -21.57 -40.68 -4.64
C ILE F 44 -21.75 -41.83 -5.65
N GLU F 45 -22.99 -42.17 -5.98
CA GLU F 45 -23.26 -43.27 -6.92
C GLU F 45 -23.08 -42.82 -8.36
N GLU F 46 -23.35 -41.54 -8.63
CA GLU F 46 -23.16 -40.97 -9.98
C GLU F 46 -21.65 -40.96 -10.26
N LEU F 47 -20.87 -40.41 -9.31
CA LEU F 47 -19.41 -40.39 -9.41
C LEU F 47 -18.86 -41.80 -9.63
N ARG F 48 -19.41 -42.79 -8.90
CA ARG F 48 -19.01 -44.17 -9.14
C ARG F 48 -19.22 -44.55 -10.60
N ASP F 49 -20.40 -44.26 -11.14
CA ASP F 49 -20.65 -44.59 -12.54
C ASP F 49 -19.63 -43.91 -13.46
N VAL F 50 -19.31 -42.64 -13.18
CA VAL F 50 -18.34 -41.93 -14.01
C VAL F 50 -16.94 -42.48 -13.80
N LEU F 51 -16.63 -42.88 -12.56
CA LEU F 51 -15.28 -43.37 -12.27
C LEU F 51 -15.01 -44.70 -12.96
N GLU F 52 -16.02 -45.57 -13.03
CA GLU F 52 -15.85 -46.90 -13.58
C GLU F 52 -16.30 -47.03 -15.04
N ASN F 53 -17.14 -46.13 -15.52
CA ASN F 53 -17.61 -46.16 -16.90
C ASN F 53 -17.21 -44.93 -17.72
N GLY F 54 -16.58 -43.92 -17.10
CA GLY F 54 -16.10 -42.77 -17.82
C GLY F 54 -17.14 -41.69 -18.01
N LEU F 55 -16.70 -40.61 -18.63
CA LEU F 55 -17.52 -39.41 -18.85
C LEU F 55 -17.53 -39.05 -20.33
N TYR F 56 -18.72 -38.84 -20.89
CA TYR F 56 -18.85 -38.51 -22.30
C TYR F 56 -18.32 -37.11 -22.58
N PHE F 57 -17.79 -36.91 -23.78
CA PHE F 57 -17.24 -35.61 -24.16
C PHE F 57 -17.15 -35.51 -25.68
N ASP F 58 -17.04 -34.27 -26.15
CA ASP F 58 -16.93 -33.96 -27.58
C ASP F 58 -15.48 -33.61 -27.88
N GLY F 59 -14.82 -34.46 -28.67
CA GLY F 59 -13.44 -34.24 -29.02
C GLY F 59 -13.25 -33.78 -30.45
N SER F 60 -14.26 -33.08 -30.99
CA SER F 60 -14.15 -32.58 -32.37
C SER F 60 -13.16 -31.42 -32.47
N SER F 61 -12.88 -30.73 -31.36
CA SER F 61 -11.93 -29.64 -31.34
C SER F 61 -10.62 -30.01 -30.64
N ILE F 62 -10.36 -31.30 -30.47
CA ILE F 62 -9.12 -31.79 -29.88
C ILE F 62 -8.20 -32.17 -31.02
N GLU F 63 -7.02 -31.54 -31.07
CA GLU F 63 -6.03 -31.77 -32.15
C GLU F 63 -5.69 -33.26 -32.28
N GLY F 64 -5.95 -33.84 -33.46
CA GLY F 64 -5.62 -35.22 -33.73
C GLY F 64 -6.66 -36.23 -33.33
N PHE F 65 -7.83 -35.78 -32.89
CA PHE F 65 -8.91 -36.68 -32.48
C PHE F 65 -9.94 -36.92 -33.58
N VAL F 66 -10.12 -35.96 -34.48
CA VAL F 66 -10.96 -36.12 -35.66
C VAL F 66 -10.13 -35.78 -36.88
N GLY F 67 -10.10 -36.67 -37.86
CA GLY F 67 -9.34 -36.43 -39.08
C GLY F 67 -10.06 -37.02 -40.29
N GLU F 70 -17.50 -38.94 -35.88
CA GLU F 70 -16.71 -39.46 -34.76
C GLU F 70 -16.61 -38.42 -33.65
N SER F 71 -17.62 -37.55 -33.58
CA SER F 71 -17.57 -36.45 -32.64
C SER F 71 -17.64 -36.94 -31.19
N ASP F 72 -18.47 -37.94 -30.92
CA ASP F 72 -18.67 -38.40 -29.56
C ASP F 72 -17.58 -39.37 -29.12
N MET F 73 -17.13 -39.21 -27.88
CA MET F 73 -16.06 -40.01 -27.31
C MET F 73 -16.24 -40.04 -25.79
N MET F 74 -15.39 -40.82 -25.12
CA MET F 74 -15.49 -40.96 -23.65
C MET F 74 -14.08 -41.03 -23.04
N LEU F 75 -13.95 -40.54 -21.80
CA LEU F 75 -12.70 -40.53 -21.04
C LEU F 75 -12.77 -41.61 -19.96
N LYS F 76 -11.93 -42.63 -20.07
CA LYS F 76 -11.91 -43.69 -19.07
C LYS F 76 -10.82 -43.40 -18.05
N PRO F 77 -11.16 -43.15 -16.79
CA PRO F 77 -10.12 -42.75 -15.83
C PRO F 77 -9.19 -43.88 -15.44
N ASP F 78 -7.92 -43.53 -15.26
CA ASP F 78 -6.90 -44.42 -14.71
C ASP F 78 -6.78 -44.06 -13.22
N LEU F 79 -7.36 -44.91 -12.37
CA LEU F 79 -7.45 -44.57 -10.95
C LEU F 79 -6.12 -44.66 -10.22
N SER F 80 -5.09 -45.24 -10.84
CA SER F 80 -3.76 -45.19 -10.26
C SER F 80 -3.16 -43.79 -10.29
N THR F 81 -3.86 -42.82 -10.89
CA THR F 81 -3.39 -41.45 -10.99
C THR F 81 -4.19 -40.49 -10.14
N PHE F 82 -5.21 -40.96 -9.43
CA PHE F 82 -6.03 -40.08 -8.60
C PHE F 82 -5.15 -39.35 -7.60
N SER F 83 -5.36 -38.05 -7.47
CA SER F 83 -4.62 -37.24 -6.50
C SER F 83 -5.26 -35.86 -6.45
N VAL F 84 -4.75 -35.03 -5.55
CA VAL F 84 -5.13 -33.62 -5.49
C VAL F 84 -4.62 -32.95 -6.76
N LEU F 85 -4.99 -31.70 -6.97
CA LEU F 85 -4.39 -30.93 -8.06
C LEU F 85 -2.92 -30.72 -7.74
N PRO F 86 -1.99 -31.23 -8.55
CA PRO F 86 -0.56 -31.08 -8.22
C PRO F 86 -0.14 -29.63 -8.03
N TRP F 87 -0.76 -28.68 -8.74
CA TRP F 87 -0.39 -27.28 -8.62
C TRP F 87 -1.20 -26.55 -7.54
N ARG F 88 -2.27 -27.14 -7.04
CA ARG F 88 -3.02 -26.61 -5.90
C ARG F 88 -3.16 -27.73 -4.86
N PRO F 89 -2.04 -28.20 -4.30
CA PRO F 89 -2.10 -29.39 -3.44
C PRO F 89 -2.79 -29.16 -2.11
N SER F 90 -2.93 -27.89 -1.68
CA SER F 90 -3.58 -27.62 -0.41
C SER F 90 -5.10 -27.62 -0.54
N GLU F 91 -5.64 -27.31 -1.72
CA GLU F 91 -7.07 -27.25 -1.94
C GLU F 91 -7.60 -28.67 -2.11
N LYS F 92 -7.84 -29.33 -0.97
CA LYS F 92 -8.34 -30.69 -0.96
C LYS F 92 -9.73 -30.80 -1.58
N SER F 93 -10.47 -29.69 -1.66
CA SER F 93 -11.81 -29.75 -2.24
C SER F 93 -11.81 -30.13 -3.71
N VAL F 94 -10.65 -30.11 -4.37
CA VAL F 94 -10.52 -30.43 -5.78
C VAL F 94 -9.59 -31.62 -5.93
N ALA F 95 -9.92 -32.51 -6.86
CA ALA F 95 -9.08 -33.65 -7.19
C ALA F 95 -9.06 -33.80 -8.71
N ARG F 96 -8.11 -34.59 -9.19
CA ARG F 96 -7.97 -34.83 -10.61
C ARG F 96 -7.53 -36.28 -10.85
N VAL F 97 -7.78 -36.75 -12.06
CA VAL F 97 -7.38 -38.09 -12.46
C VAL F 97 -7.02 -38.05 -13.95
N ILE F 98 -5.96 -38.77 -14.32
CA ILE F 98 -5.58 -38.91 -15.72
C ILE F 98 -6.36 -40.06 -16.32
N CYS F 99 -6.82 -39.86 -17.56
CA CYS F 99 -7.72 -40.81 -18.20
C CYS F 99 -7.16 -41.25 -19.55
N ASP F 100 -7.68 -42.38 -20.02
CA ASP F 100 -7.54 -42.78 -21.41
C ASP F 100 -8.80 -42.35 -22.17
N VAL F 101 -8.65 -42.18 -23.48
CA VAL F 101 -9.75 -41.80 -24.35
C VAL F 101 -10.31 -43.05 -25.00
N TYR F 102 -11.63 -43.21 -24.94
CA TYR F 102 -12.33 -44.35 -25.51
C TYR F 102 -13.38 -43.86 -26.48
N THR F 103 -13.80 -44.74 -27.38
CA THR F 103 -14.81 -44.40 -28.37
C THR F 103 -16.21 -44.62 -27.80
N THR F 104 -17.20 -44.06 -28.50
CA THR F 104 -18.59 -44.19 -28.07
C THR F 104 -18.96 -45.63 -27.73
N LYS F 105 -18.41 -46.59 -28.49
CA LYS F 105 -18.74 -47.99 -28.27
C LYS F 105 -18.19 -48.49 -26.94
N GLY F 106 -16.95 -48.13 -26.61
CA GLY F 106 -16.35 -48.53 -25.36
C GLY F 106 -14.99 -49.16 -25.54
N LYS F 107 -14.29 -48.77 -26.61
CA LYS F 107 -12.98 -49.29 -26.99
C LYS F 107 -11.96 -48.17 -26.94
N PRO F 108 -10.70 -48.47 -26.60
CA PRO F 108 -9.68 -47.41 -26.55
C PRO F 108 -9.51 -46.71 -27.89
N PHE F 109 -9.75 -45.39 -27.88
CA PHE F 109 -9.64 -44.60 -29.10
C PHE F 109 -8.24 -44.73 -29.71
N GLU F 110 -8.21 -45.00 -31.02
CA GLU F 110 -6.95 -45.24 -31.70
C GLU F 110 -6.07 -44.00 -31.82
N GLY F 111 -6.62 -42.81 -31.59
CA GLY F 111 -5.87 -41.59 -31.61
C GLY F 111 -5.42 -41.09 -30.26
N ASP F 112 -5.61 -41.88 -29.21
CA ASP F 112 -5.21 -41.49 -27.86
C ASP F 112 -3.73 -41.76 -27.67
N PRO F 113 -2.90 -40.73 -27.52
CA PRO F 113 -1.46 -40.98 -27.34
C PRO F 113 -1.15 -41.80 -26.11
N ARG F 114 -1.84 -41.55 -24.99
CA ARG F 114 -1.62 -42.33 -23.78
C ARG F 114 -1.96 -43.78 -24.02
N GLY F 115 -3.13 -44.05 -24.61
CA GLY F 115 -3.48 -45.42 -24.95
C GLY F 115 -2.51 -46.03 -25.94
N CYS F 116 -1.92 -45.21 -26.81
CA CYS F 116 -0.93 -45.72 -27.74
C CYS F 116 0.28 -46.27 -27.00
N LEU F 117 0.73 -45.59 -25.96
CA LEU F 117 1.84 -46.10 -25.16
C LEU F 117 1.42 -47.34 -24.38
N LYS F 118 0.20 -47.34 -23.84
CA LYS F 118 -0.29 -48.51 -23.13
C LYS F 118 -0.32 -49.72 -24.06
N ARG F 119 -0.77 -49.50 -25.30
CA ARG F 119 -0.91 -50.58 -26.31
C ARG F 119 0.44 -51.29 -26.48
N VAL F 120 1.48 -50.57 -26.90
CA VAL F 120 2.78 -51.18 -27.14
C VAL F 120 3.43 -51.77 -25.90
N MET F 121 3.21 -51.16 -24.73
CA MET F 121 3.82 -51.67 -23.51
C MET F 121 3.18 -52.98 -23.07
N GLU F 122 1.86 -53.09 -23.25
CA GLU F 122 1.18 -54.34 -22.92
C GLU F 122 1.53 -55.44 -23.92
N GLU F 123 1.58 -55.06 -25.20
CA GLU F 123 1.97 -56.01 -26.27
C GLU F 123 3.39 -56.52 -25.96
N PHE F 124 4.26 -55.64 -25.46
CA PHE F 124 5.61 -56.05 -25.10
C PHE F 124 5.60 -56.95 -23.87
N LYS F 125 4.65 -56.74 -22.97
CA LYS F 125 4.54 -57.60 -21.79
C LYS F 125 3.95 -58.96 -22.16
N LYS F 126 2.91 -58.97 -22.97
CA LYS F 126 2.22 -60.22 -23.29
C LYS F 126 3.15 -61.17 -24.04
N GLU F 127 3.84 -60.66 -25.07
CA GLU F 127 4.54 -61.55 -25.98
C GLU F 127 5.93 -61.91 -25.48
N PHE F 128 6.58 -61.04 -24.71
CA PHE F 128 7.93 -61.31 -24.23
C PHE F 128 8.09 -61.15 -22.72
N ASN F 129 7.01 -60.86 -22.00
CA ASN F 129 7.09 -60.57 -20.56
C ASN F 129 8.14 -59.50 -20.31
N GLY F 130 8.07 -58.42 -21.09
CA GLY F 130 9.05 -57.36 -21.06
C GLY F 130 8.52 -56.12 -20.38
N GLU F 131 9.43 -55.40 -19.72
CA GLU F 131 9.12 -54.12 -19.09
C GLU F 131 9.95 -53.03 -19.75
N TYR F 132 9.43 -51.81 -19.71
CA TYR F 132 10.05 -50.67 -20.38
C TYR F 132 10.22 -49.55 -19.37
N PHE F 133 11.45 -49.11 -19.18
CA PHE F 133 11.78 -48.06 -18.22
C PHE F 133 12.39 -46.88 -18.93
N VAL F 134 12.05 -45.67 -18.47
CA VAL F 134 12.57 -44.43 -19.02
C VAL F 134 12.85 -43.47 -17.88
N GLY F 135 13.93 -42.70 -18.01
CA GLY F 135 14.27 -41.69 -17.05
C GLY F 135 14.73 -40.40 -17.72
N PRO F 136 13.79 -39.46 -17.89
CA PRO F 136 14.09 -38.25 -18.65
C PRO F 136 14.75 -37.14 -17.83
N GLU F 137 15.42 -36.25 -18.55
CA GLU F 137 16.15 -35.12 -17.96
C GLU F 137 15.70 -33.84 -18.62
N PRO F 138 14.44 -33.44 -18.40
CA PRO F 138 13.91 -32.24 -19.08
C PRO F 138 14.57 -30.97 -18.57
N GLU F 139 14.94 -30.11 -19.52
CA GLU F 139 15.42 -28.76 -19.26
C GLU F 139 14.34 -27.76 -19.65
N PHE F 140 14.50 -26.53 -19.17
CA PHE F 140 13.54 -25.47 -19.47
C PHE F 140 14.13 -24.13 -19.06
N PHE F 141 13.51 -23.07 -19.56
CA PHE F 141 13.92 -21.70 -19.27
C PHE F 141 12.87 -21.00 -18.44
N LEU F 142 13.32 -20.20 -17.48
CA LEU F 142 12.46 -19.27 -16.76
C LEU F 142 12.63 -17.89 -17.38
N LEU F 143 11.52 -17.21 -17.64
CA LEU F 143 11.51 -15.97 -18.41
C LEU F 143 10.87 -14.86 -17.61
N LYS F 144 11.46 -13.67 -17.71
CA LYS F 144 10.87 -12.43 -17.22
C LYS F 144 10.83 -11.45 -18.39
N LYS F 145 10.05 -10.38 -18.21
CA LYS F 145 9.87 -9.41 -19.29
C LYS F 145 11.14 -8.58 -19.48
N ASP F 146 11.44 -8.26 -20.72
CA ASP F 146 12.53 -7.35 -21.02
C ASP F 146 12.17 -5.96 -20.53
N PRO F 147 12.87 -5.40 -19.55
CA PRO F 147 12.50 -4.05 -19.08
C PRO F 147 12.64 -2.99 -20.16
N HIS F 148 13.59 -3.15 -21.08
CA HIS F 148 13.77 -2.20 -22.18
C HIS F 148 12.86 -2.51 -23.35
N ASN F 149 11.90 -3.40 -23.18
CA ASN F 149 10.88 -3.69 -24.19
C ASN F 149 9.84 -4.61 -23.55
N PRO F 150 8.81 -4.06 -22.90
CA PRO F 150 7.84 -4.91 -22.20
C PRO F 150 7.12 -5.92 -23.07
N HIS F 151 7.39 -5.92 -24.38
CA HIS F 151 6.77 -6.86 -25.30
C HIS F 151 7.67 -8.06 -25.61
N LYS F 152 8.84 -8.14 -24.99
CA LYS F 152 9.76 -9.26 -25.21
C LYS F 152 10.13 -9.89 -23.88
N TYR F 153 10.56 -11.15 -23.96
CA TYR F 153 10.96 -11.93 -22.80
C TYR F 153 12.47 -12.16 -22.83
N ILE F 154 13.06 -12.26 -21.65
CA ILE F 154 14.49 -12.55 -21.51
C ILE F 154 14.69 -13.53 -20.38
N PRO F 155 15.86 -14.17 -20.32
CA PRO F 155 16.11 -15.14 -19.24
C PRO F 155 15.96 -14.51 -17.87
N ALA F 156 15.45 -15.31 -16.92
CA ALA F 156 15.08 -14.80 -15.62
C ALA F 156 16.27 -14.56 -14.70
N ASP F 157 17.44 -15.10 -15.04
CA ASP F 157 18.65 -14.84 -14.27
C ASP F 157 19.85 -15.06 -15.16
N ASP F 158 20.98 -14.48 -14.74
CA ASP F 158 22.24 -14.62 -15.46
C ASP F 158 23.12 -15.72 -14.87
N GLY F 159 22.50 -16.76 -14.30
CA GLY F 159 23.23 -17.83 -13.69
C GLY F 159 23.74 -18.83 -14.71
N GLY F 160 24.48 -19.82 -14.18
CA GLY F 160 25.07 -20.84 -15.03
C GLY F 160 25.05 -22.22 -14.40
N TYR F 161 25.81 -23.14 -14.97
CA TYR F 161 25.78 -24.53 -14.55
C TYR F 161 26.05 -24.67 -13.06
N PHE F 162 25.08 -25.27 -12.35
CA PHE F 162 25.20 -25.62 -10.94
C PHE F 162 25.44 -24.40 -10.05
N ASP F 163 25.13 -23.21 -10.54
CA ASP F 163 25.44 -22.00 -9.77
C ASP F 163 24.64 -21.97 -8.47
N LEU F 164 25.09 -21.11 -7.57
CA LEU F 164 24.45 -20.86 -6.30
C LEU F 164 23.78 -19.49 -6.32
N GLU F 165 22.84 -19.27 -5.41
CA GLU F 165 22.30 -17.93 -5.21
C GLU F 165 23.43 -17.00 -4.78
N PRO F 166 23.29 -15.69 -5.05
CA PRO F 166 22.15 -15.02 -5.70
C PRO F 166 22.14 -15.17 -7.22
N MET F 167 23.28 -15.52 -7.82
CA MET F 167 23.34 -15.70 -9.27
C MET F 167 22.24 -16.63 -9.76
N ASP F 168 21.96 -17.67 -8.98
CA ASP F 168 20.85 -18.58 -9.25
C ASP F 168 19.62 -18.03 -8.55
N GLU F 169 18.67 -17.54 -9.33
CA GLU F 169 17.45 -16.94 -8.79
C GLU F 169 16.28 -17.90 -8.79
N ALA F 170 16.55 -19.20 -8.69
CA ALA F 170 15.45 -20.16 -8.66
C ALA F 170 15.77 -21.40 -7.85
N PRO F 171 16.45 -21.28 -6.69
CA PRO F 171 16.59 -22.46 -5.83
C PRO F 171 15.28 -22.85 -5.17
N ASP F 172 14.41 -21.89 -4.87
CA ASP F 172 13.11 -22.20 -4.28
C ASP F 172 12.16 -22.78 -5.33
N ILE F 173 12.17 -22.23 -6.54
CA ILE F 173 11.28 -22.73 -7.59
C ILE F 173 11.61 -24.17 -7.91
N ARG F 174 12.88 -24.47 -8.18
CA ARG F 174 13.29 -25.85 -8.40
C ARG F 174 12.95 -26.73 -7.21
N ARG F 175 13.01 -26.16 -5.99
CA ARG F 175 12.67 -26.93 -4.80
C ARG F 175 11.17 -27.05 -4.52
N ASP F 176 10.36 -26.22 -5.18
CA ASP F 176 8.92 -26.25 -4.93
C ASP F 176 8.37 -27.25 -5.95
N ILE F 177 8.92 -27.25 -7.17
CA ILE F 177 8.41 -28.17 -8.19
C ILE F 177 8.75 -29.61 -7.84
N VAL F 178 9.96 -29.85 -7.33
CA VAL F 178 10.35 -31.20 -6.95
C VAL F 178 9.46 -31.71 -5.82
N PHE F 179 9.24 -30.87 -4.81
CA PHE F 179 8.37 -31.25 -3.71
C PHE F 179 6.96 -31.56 -4.22
N ALA F 180 6.43 -30.70 -5.10
CA ALA F 180 5.10 -30.92 -5.63
C ALA F 180 4.99 -32.27 -6.33
N LEU F 181 6.01 -32.66 -7.07
CA LEU F 181 5.98 -33.94 -7.76
C LEU F 181 6.15 -35.09 -6.77
N GLU F 182 7.13 -34.98 -5.88
CA GLU F 182 7.38 -36.04 -4.91
C GLU F 182 6.21 -36.19 -3.96
N ASN F 183 5.60 -35.08 -3.54
CA ASN F 183 4.52 -35.15 -2.57
C ASN F 183 3.34 -35.96 -3.09
N LEU F 184 3.24 -36.19 -4.40
CA LEU F 184 2.14 -36.93 -4.99
C LEU F 184 2.60 -38.15 -5.75
N GLY F 185 3.79 -38.67 -5.44
CA GLY F 185 4.25 -39.92 -5.99
C GLY F 185 5.02 -39.82 -7.29
N PHE F 186 5.00 -38.66 -7.95
CA PHE F 186 5.77 -38.47 -9.18
C PHE F 186 7.21 -38.23 -8.77
N HIS F 187 8.02 -39.29 -8.85
CA HIS F 187 9.34 -39.27 -8.24
C HIS F 187 10.37 -38.62 -9.16
N VAL F 188 11.15 -37.71 -8.59
CA VAL F 188 12.20 -37.01 -9.31
C VAL F 188 13.46 -37.06 -8.46
N GLU F 189 14.61 -36.94 -9.13
CA GLU F 189 15.90 -37.01 -8.46
C GLU F 189 16.52 -35.62 -8.39
N ALA F 190 17.65 -35.42 -9.08
CA ALA F 190 18.39 -34.17 -8.95
C ALA F 190 17.67 -33.02 -9.67
N SER F 191 18.18 -31.81 -9.44
CA SER F 191 17.72 -30.61 -10.12
C SER F 191 18.77 -29.53 -9.91
N HIS F 192 18.98 -28.70 -10.93
CA HIS F 192 20.07 -27.75 -10.90
C HIS F 192 19.83 -26.65 -11.91
N HIS F 193 20.49 -25.51 -11.70
CA HIS F 193 20.60 -24.50 -12.73
C HIS F 193 21.47 -25.05 -13.87
N GLU F 194 21.02 -24.83 -15.10
CA GLU F 194 21.73 -25.34 -16.25
C GLU F 194 22.72 -24.29 -16.77
N VAL F 195 23.36 -24.59 -17.91
CA VAL F 195 24.43 -23.73 -18.41
C VAL F 195 23.88 -22.35 -18.76
N ALA F 196 22.87 -22.30 -19.60
CA ALA F 196 22.38 -21.03 -20.13
C ALA F 196 21.71 -20.21 -19.03
N PRO F 197 21.67 -18.89 -19.20
CA PRO F 197 20.95 -18.06 -18.23
C PRO F 197 19.48 -18.46 -18.13
N GLY F 198 18.98 -18.52 -16.90
CA GLY F 198 17.61 -18.88 -16.69
C GLY F 198 17.23 -20.29 -17.07
N GLN F 199 18.20 -21.12 -17.45
CA GLN F 199 17.93 -22.50 -17.82
C GLN F 199 18.05 -23.40 -16.60
N HIS F 200 17.20 -24.43 -16.54
CA HIS F 200 17.15 -25.33 -15.40
C HIS F 200 16.86 -26.74 -15.90
N GLU F 201 17.00 -27.72 -15.01
CA GLU F 201 16.80 -29.11 -15.36
C GLU F 201 16.34 -29.89 -14.15
N VAL F 202 15.31 -30.72 -14.34
CA VAL F 202 14.77 -31.59 -13.29
C VAL F 202 14.94 -33.02 -13.79
N ASP F 203 15.81 -33.78 -13.13
CA ASP F 203 16.04 -35.17 -13.49
C ASP F 203 14.99 -36.05 -12.85
N PHE F 204 14.38 -36.91 -13.65
CA PHE F 204 13.27 -37.75 -13.20
C PHE F 204 13.76 -39.14 -12.83
N LYS F 205 12.95 -39.85 -12.04
CA LYS F 205 13.29 -41.21 -11.55
C LYS F 205 13.15 -42.26 -12.65
N PHE F 206 14.18 -43.08 -12.83
CA PHE F 206 14.20 -44.18 -13.81
C PHE F 206 13.07 -45.13 -13.45
N ASP F 207 11.97 -45.06 -14.20
CA ASP F 207 10.74 -45.71 -13.78
C ASP F 207 9.98 -46.22 -14.99
N ASP F 208 8.85 -46.89 -14.71
CA ASP F 208 7.95 -47.34 -15.76
C ASP F 208 7.67 -46.20 -16.74
N ALA F 209 7.72 -46.53 -18.03
CA ALA F 209 7.63 -45.50 -19.05
C ALA F 209 6.32 -44.73 -18.97
N LEU F 210 5.21 -45.43 -18.79
CA LEU F 210 3.91 -44.76 -18.72
C LEU F 210 3.84 -43.81 -17.53
N LYS F 211 4.17 -44.32 -16.34
CA LYS F 211 4.18 -43.47 -15.16
C LYS F 211 5.09 -42.26 -15.39
N THR F 212 6.22 -42.47 -16.05
CA THR F 212 7.12 -41.35 -16.35
C THR F 212 6.42 -40.31 -17.22
N ALA F 213 5.82 -40.76 -18.33
CA ALA F 213 5.10 -39.84 -19.21
C ALA F 213 4.10 -39.01 -18.42
N ASP F 214 3.25 -39.68 -17.64
CA ASP F 214 2.34 -38.98 -16.75
C ASP F 214 3.10 -38.00 -15.86
N SER F 215 4.25 -38.43 -15.34
CA SER F 215 5.07 -37.55 -14.52
C SER F 215 5.46 -36.30 -15.29
N VAL F 216 5.91 -36.47 -16.54
CA VAL F 216 6.40 -35.33 -17.30
C VAL F 216 5.27 -34.32 -17.56
N ILE F 217 4.11 -34.83 -18.01
CA ILE F 217 3.00 -33.93 -18.32
C ILE F 217 2.59 -33.16 -17.07
N THR F 218 2.57 -33.83 -15.91
CA THR F 218 2.22 -33.15 -14.67
C THR F 218 3.27 -32.10 -14.32
N PHE F 219 4.54 -32.39 -14.61
CA PHE F 219 5.62 -31.47 -14.27
C PHE F 219 5.56 -30.22 -15.14
N LYS F 220 5.20 -30.37 -16.43
CA LYS F 220 5.13 -29.22 -17.32
C LYS F 220 4.08 -28.22 -16.82
N THR F 221 2.86 -28.70 -16.58
CA THR F 221 1.81 -27.81 -16.09
C THR F 221 2.24 -27.15 -14.78
N THR F 222 2.78 -27.95 -13.86
CA THR F 222 3.02 -27.46 -12.52
C THR F 222 4.13 -26.42 -12.48
N ILE F 223 5.22 -26.66 -13.21
CA ILE F 223 6.30 -25.67 -13.20
C ILE F 223 5.83 -24.37 -13.86
N LYS F 224 4.86 -24.45 -14.77
CA LYS F 224 4.34 -23.25 -15.41
C LYS F 224 3.47 -22.45 -14.43
N THR F 225 2.73 -23.14 -13.56
CA THR F 225 1.92 -22.43 -12.58
C THR F 225 2.77 -21.87 -11.45
N ILE F 226 3.78 -22.62 -11.00
CA ILE F 226 4.69 -22.08 -10.00
C ILE F 226 5.41 -20.86 -10.54
N ALA F 227 5.82 -20.90 -11.81
CA ALA F 227 6.51 -19.76 -12.40
C ALA F 227 5.64 -18.52 -12.38
N GLU F 228 4.34 -18.67 -12.62
CA GLU F 228 3.45 -17.52 -12.63
C GLU F 228 3.31 -16.93 -11.23
N GLN F 229 3.30 -17.77 -10.21
CA GLN F 229 3.19 -17.26 -8.84
C GLN F 229 4.30 -16.26 -8.54
N HIS F 230 5.50 -16.53 -9.01
CA HIS F 230 6.63 -15.64 -8.82
C HIS F 230 6.73 -14.58 -9.90
N GLY F 231 5.71 -14.44 -10.75
CA GLY F 231 5.71 -13.43 -11.78
C GLY F 231 6.60 -13.74 -12.97
N LEU F 232 6.88 -15.01 -13.22
CA LEU F 232 7.72 -15.42 -14.33
C LEU F 232 6.94 -16.32 -15.28
N LYS F 233 7.60 -16.66 -16.39
CA LYS F 233 7.04 -17.56 -17.39
C LYS F 233 8.05 -18.68 -17.64
N ALA F 234 7.58 -19.92 -17.61
CA ALA F 234 8.41 -21.09 -17.87
C ALA F 234 8.09 -21.61 -19.27
N THR F 235 9.14 -21.83 -20.07
CA THR F 235 8.99 -22.28 -21.43
C THR F 235 9.80 -23.54 -21.66
N PHE F 236 9.24 -24.46 -22.47
CA PHE F 236 9.96 -25.64 -22.93
C PHE F 236 10.37 -25.52 -24.39
N MET F 237 10.42 -24.31 -24.92
CA MET F 237 10.96 -24.10 -26.26
C MET F 237 12.36 -24.72 -26.33
N PRO F 238 12.67 -25.48 -27.39
CA PRO F 238 14.01 -26.10 -27.45
C PRO F 238 15.13 -25.08 -27.57
N LYS F 239 14.97 -24.08 -28.44
CA LYS F 239 16.01 -23.07 -28.66
C LYS F 239 15.36 -21.70 -28.70
N PRO F 240 15.00 -21.16 -27.54
CA PRO F 240 14.35 -19.83 -27.51
C PRO F 240 15.31 -18.69 -27.77
N PHE F 241 16.60 -18.87 -27.50
CA PHE F 241 17.57 -17.80 -27.67
C PHE F 241 18.76 -18.33 -28.47
N PHE F 242 19.13 -17.61 -29.53
CA PHE F 242 20.36 -17.91 -30.23
C PHE F 242 21.56 -17.53 -29.38
N GLY F 243 22.64 -18.31 -29.51
CA GLY F 243 23.88 -18.01 -28.84
C GLY F 243 24.07 -18.67 -27.49
N MET F 244 22.99 -19.15 -26.87
CA MET F 244 23.07 -19.87 -25.61
C MET F 244 22.46 -21.25 -25.77
N ASN F 245 22.79 -22.14 -24.83
CA ASN F 245 22.39 -23.53 -24.92
C ASN F 245 20.88 -23.65 -25.13
N GLY F 246 20.49 -24.69 -25.87
CA GLY F 246 19.09 -25.06 -25.98
C GLY F 246 18.67 -26.00 -24.87
N SER F 247 17.39 -26.37 -24.90
CA SER F 247 16.81 -27.24 -23.90
C SER F 247 16.57 -28.63 -24.51
N GLY F 248 17.17 -29.64 -23.91
CA GLY F 248 16.99 -31.01 -24.33
C GLY F 248 16.26 -31.81 -23.27
N MET F 249 15.95 -33.07 -23.64
CA MET F 249 15.32 -34.04 -22.73
C MET F 249 16.02 -35.38 -22.98
N HIS F 250 17.19 -35.56 -22.36
CA HIS F 250 17.89 -36.83 -22.46
C HIS F 250 17.04 -37.93 -21.85
N CYS F 251 16.84 -39.01 -22.61
CA CYS F 251 15.95 -40.11 -22.23
C CYS F 251 16.80 -41.35 -21.93
N HIS F 252 17.12 -41.54 -20.66
CA HIS F 252 17.68 -42.82 -20.23
C HIS F 252 16.61 -43.89 -20.32
N GLN F 253 16.98 -45.07 -20.80
CA GLN F 253 15.99 -46.11 -21.03
C GLN F 253 16.65 -47.48 -21.06
N SER F 254 15.85 -48.50 -20.74
CA SER F 254 16.27 -49.89 -20.81
C SER F 254 15.04 -50.77 -20.82
N ILE F 255 15.23 -52.02 -21.22
CA ILE F 255 14.17 -53.02 -21.20
C ILE F 255 14.59 -54.16 -20.29
N TRP F 256 13.62 -54.78 -19.66
CA TRP F 256 13.81 -55.97 -18.83
C TRP F 256 12.96 -57.09 -19.41
N LEU F 257 13.56 -58.26 -19.59
CA LEU F 257 12.86 -59.44 -20.06
C LEU F 257 12.80 -60.47 -18.95
N ASN F 258 11.58 -60.92 -18.62
CA ASN F 258 11.37 -61.93 -17.59
C ASN F 258 12.04 -61.53 -16.29
N GLY F 259 11.91 -60.24 -15.94
CA GLY F 259 12.47 -59.73 -14.71
C GLY F 259 13.98 -59.62 -14.68
N GLU F 260 14.65 -59.74 -15.82
CA GLU F 260 16.10 -59.70 -15.89
C GLU F 260 16.57 -58.40 -16.55
N PRO F 261 17.68 -57.81 -16.07
CA PRO F 261 18.26 -56.65 -16.81
C PRO F 261 18.97 -57.13 -18.07
N SER F 262 18.17 -57.35 -19.12
CA SER F 262 18.69 -57.95 -20.34
C SER F 262 19.82 -57.14 -20.96
N PHE F 263 19.98 -55.88 -20.59
CA PHE F 263 21.06 -55.06 -21.11
C PHE F 263 22.41 -55.40 -20.51
N TYR F 264 22.47 -56.25 -19.49
CA TYR F 264 23.70 -56.53 -18.75
C TYR F 264 24.16 -57.95 -19.04
N ASP F 265 25.39 -58.07 -19.54
CA ASP F 265 26.06 -59.35 -19.72
C ASP F 265 27.48 -59.20 -19.16
N GLU F 266 27.75 -59.87 -18.04
CA GLU F 266 29.03 -59.69 -17.37
C GLU F 266 30.20 -60.05 -18.27
N ASN F 267 30.02 -61.01 -19.18
CA ASN F 267 31.11 -61.48 -20.02
C ASN F 267 31.28 -60.65 -21.28
N ALA F 268 30.21 -60.09 -21.82
CA ALA F 268 30.27 -59.43 -23.12
C ALA F 268 31.17 -58.20 -23.08
N PRO F 269 31.60 -57.73 -24.25
CA PRO F 269 32.42 -56.51 -24.28
C PRO F 269 31.67 -55.32 -23.70
N TYR F 270 32.38 -54.50 -22.94
CA TYR F 270 31.80 -53.38 -22.20
C TYR F 270 30.70 -53.84 -21.25
N GLN F 271 30.61 -55.14 -20.98
CA GLN F 271 29.56 -55.71 -20.12
C GLN F 271 28.17 -55.32 -20.63
N LEU F 272 28.01 -55.28 -21.95
CA LEU F 272 26.75 -54.97 -22.59
C LEU F 272 26.32 -56.17 -23.43
N SER F 273 25.12 -56.67 -23.16
CA SER F 273 24.65 -57.90 -23.78
C SER F 273 24.40 -57.69 -25.28
N GLU F 274 24.10 -58.80 -25.96
CA GLU F 274 23.68 -58.72 -27.35
C GLU F 274 22.34 -58.01 -27.47
N THR F 275 21.43 -58.24 -26.52
CA THR F 275 20.13 -57.59 -26.56
C THR F 275 20.27 -56.08 -26.58
N CYS F 276 21.16 -55.55 -25.72
CA CYS F 276 21.39 -54.11 -25.70
C CYS F 276 21.91 -53.63 -27.05
N MET F 277 22.85 -54.37 -27.65
CA MET F 277 23.42 -53.96 -28.93
C MET F 277 22.39 -54.03 -30.06
N ASN F 278 21.45 -54.97 -29.98
CA ASN F 278 20.34 -54.97 -30.93
C ASN F 278 19.44 -53.77 -30.71
N TYR F 279 19.09 -53.48 -29.45
CA TYR F 279 18.25 -52.33 -29.14
C TYR F 279 18.91 -51.03 -29.60
N VAL F 280 20.21 -50.90 -29.38
CA VAL F 280 20.92 -49.68 -29.80
C VAL F 280 20.92 -49.58 -31.33
N ALA F 281 21.22 -50.68 -32.01
CA ALA F 281 21.22 -50.65 -33.48
C ALA F 281 19.86 -50.26 -34.03
N GLY F 282 18.79 -50.61 -33.32
CA GLY F 282 17.46 -50.23 -33.79
C GLY F 282 17.19 -48.74 -33.67
N ILE F 283 17.60 -48.14 -32.55
CA ILE F 283 17.47 -46.69 -32.41
C ILE F 283 18.26 -45.99 -33.51
N LEU F 284 19.54 -46.34 -33.64
CA LEU F 284 20.37 -45.73 -34.68
C LEU F 284 19.76 -45.91 -36.05
N LYS F 285 19.28 -47.11 -36.37
CA LYS F 285 18.70 -47.37 -37.68
C LYS F 285 17.52 -46.44 -37.95
N HIS F 286 16.72 -46.15 -36.93
CA HIS F 286 15.50 -45.37 -37.09
C HIS F 286 15.64 -43.95 -36.56
N ALA F 287 16.86 -43.50 -36.23
CA ALA F 287 17.02 -42.20 -35.61
C ALA F 287 16.36 -41.09 -36.44
N LYS F 288 16.59 -41.10 -37.75
CA LYS F 288 16.13 -40.01 -38.60
C LYS F 288 14.62 -39.84 -38.53
N ALA F 289 13.88 -40.91 -38.26
CA ALA F 289 12.43 -40.82 -38.13
C ALA F 289 11.98 -40.59 -36.69
N ILE F 290 12.77 -41.04 -35.71
CA ILE F 290 12.41 -40.87 -34.32
C ILE F 290 12.41 -39.38 -33.95
N VAL F 291 13.36 -38.62 -34.48
CA VAL F 291 13.47 -37.23 -34.10
C VAL F 291 12.24 -36.45 -34.56
N ALA F 292 11.59 -36.88 -35.64
CA ALA F 292 10.34 -36.24 -36.04
C ALA F 292 9.35 -36.23 -34.88
N ILE F 293 9.40 -37.23 -34.02
CA ILE F 293 8.49 -37.33 -32.88
C ILE F 293 9.12 -36.73 -31.63
N THR F 294 10.38 -37.05 -31.35
CA THR F 294 11.03 -36.51 -30.17
C THR F 294 11.49 -35.07 -30.36
N ASN F 295 11.43 -34.54 -31.58
CA ASN F 295 11.85 -33.18 -31.88
C ASN F 295 10.86 -32.59 -32.88
N PRO F 296 9.62 -32.32 -32.42
CA PRO F 296 8.53 -32.12 -33.38
C PRO F 296 8.22 -30.67 -33.72
N THR F 297 9.15 -29.76 -33.48
CA THR F 297 8.95 -28.36 -33.80
C THR F 297 9.99 -27.89 -34.80
N VAL F 298 9.65 -26.83 -35.52
CA VAL F 298 10.65 -26.18 -36.37
C VAL F 298 11.84 -25.74 -35.53
N ASN F 299 11.57 -25.20 -34.34
CA ASN F 299 12.63 -24.70 -33.47
C ASN F 299 13.49 -25.82 -32.92
N SER F 300 12.99 -27.05 -32.90
CA SER F 300 13.79 -28.16 -32.40
C SER F 300 15.10 -28.28 -33.17
N TYR F 301 15.09 -27.96 -34.46
CA TYR F 301 16.23 -28.14 -35.34
C TYR F 301 17.16 -26.94 -35.34
N LYS F 302 17.02 -26.05 -34.37
CA LYS F 302 18.00 -25.02 -34.10
C LYS F 302 18.83 -25.36 -32.86
N ARG F 303 18.41 -26.35 -32.07
CA ARG F 303 19.26 -27.01 -31.10
C ARG F 303 20.00 -28.20 -31.72
N LEU F 304 19.40 -28.85 -32.71
CA LEU F 304 20.03 -29.96 -33.43
C LEU F 304 20.82 -29.42 -34.62
N VAL F 305 21.90 -28.71 -34.31
CA VAL F 305 22.78 -28.15 -35.32
C VAL F 305 24.21 -28.51 -34.95
N PRO F 306 25.09 -28.79 -35.93
CA PRO F 306 26.49 -29.12 -35.61
C PRO F 306 27.10 -28.29 -34.49
N GLY F 307 27.74 -28.96 -33.55
CA GLY F 307 28.38 -28.31 -32.43
C GLY F 307 29.20 -29.32 -31.66
N TYR F 308 30.01 -28.80 -30.73
CA TYR F 308 30.88 -29.67 -29.95
C TYR F 308 30.09 -30.74 -29.22
N GLU F 309 28.88 -30.41 -28.77
CA GLU F 309 28.06 -31.33 -27.98
C GLU F 309 26.68 -31.56 -28.60
N ALA F 310 26.51 -31.24 -29.88
CA ALA F 310 25.21 -31.38 -30.52
C ALA F 310 24.89 -32.85 -30.78
N PRO F 311 23.81 -33.40 -30.24
CA PRO F 311 23.49 -34.82 -30.49
C PRO F 311 22.84 -35.05 -31.85
N VAL F 312 23.61 -34.82 -32.91
CA VAL F 312 23.11 -34.91 -34.28
C VAL F 312 23.71 -36.07 -35.05
N ASN F 313 24.78 -36.69 -34.55
CA ASN F 313 25.48 -37.73 -35.29
C ASN F 313 24.97 -39.10 -34.86
N ILE F 314 24.40 -39.84 -35.81
CA ILE F 314 23.82 -41.14 -35.52
C ILE F 314 24.93 -42.13 -35.22
N ALA F 315 25.30 -42.23 -33.95
CA ALA F 315 26.32 -43.15 -33.49
C ALA F 315 26.13 -43.32 -31.99
N TRP F 316 26.93 -44.20 -31.40
CA TRP F 316 26.87 -44.45 -29.97
C TRP F 316 28.29 -44.54 -29.42
N ALA F 317 28.42 -44.25 -28.14
CA ALA F 317 29.72 -44.24 -27.47
C ALA F 317 29.49 -44.37 -25.98
N ASN F 318 30.54 -44.81 -25.28
CA ASN F 318 30.45 -44.97 -23.83
C ASN F 318 30.62 -43.64 -23.12
N SER F 319 31.39 -42.71 -23.68
CA SER F 319 31.67 -41.46 -23.00
C SER F 319 31.61 -40.23 -23.90
N ASN F 320 31.39 -40.38 -25.20
CA ASN F 320 31.45 -39.23 -26.10
C ASN F 320 30.13 -38.47 -26.07
N ARG F 321 30.23 -37.14 -25.87
CA ARG F 321 29.08 -36.26 -25.86
C ARG F 321 28.65 -35.81 -27.25
N SER F 322 29.34 -36.25 -28.30
CA SER F 322 28.99 -35.88 -29.66
C SER F 322 28.11 -36.92 -30.35
N ALA F 323 27.80 -38.02 -29.69
CA ALA F 323 26.97 -39.08 -30.25
C ALA F 323 25.52 -38.92 -29.81
N ILE F 324 24.62 -39.46 -30.63
CA ILE F 324 23.19 -39.37 -30.33
C ILE F 324 22.78 -40.38 -29.26
N ILE F 325 23.54 -41.47 -29.09
CA ILE F 325 23.32 -42.43 -28.01
C ILE F 325 24.56 -42.44 -27.13
N ARG F 326 24.37 -42.44 -25.80
CA ARG F 326 25.48 -42.55 -24.80
C ARG F 326 25.12 -43.62 -23.75
N VAL F 327 26.03 -44.57 -23.49
CA VAL F 327 25.84 -45.64 -22.51
C VAL F 327 26.58 -45.23 -21.23
N PRO F 328 25.87 -44.87 -20.16
CA PRO F 328 26.55 -44.52 -18.91
C PRO F 328 27.33 -45.69 -18.34
N ALA F 329 28.14 -45.39 -17.33
CA ALA F 329 29.07 -46.37 -16.78
C ALA F 329 28.42 -47.37 -15.84
N ALA F 330 27.20 -47.11 -15.38
CA ALA F 330 26.54 -48.04 -14.48
C ALA F 330 26.35 -49.39 -15.16
N ARG F 331 26.35 -50.45 -14.35
CA ARG F 331 26.13 -51.81 -14.83
C ARG F 331 25.25 -52.56 -13.84
N GLY F 332 25.01 -53.83 -14.12
CA GLY F 332 24.14 -54.63 -13.27
C GLY F 332 22.69 -54.31 -13.56
N LYS F 333 21.94 -54.03 -12.50
CA LYS F 333 20.54 -53.66 -12.68
C LYS F 333 20.39 -52.28 -13.31
N GLY F 334 21.38 -51.41 -13.11
CA GLY F 334 21.33 -50.06 -13.63
C GLY F 334 21.83 -49.87 -15.04
N THR F 335 22.03 -50.96 -15.79
CA THR F 335 22.51 -50.84 -17.16
C THR F 335 21.42 -50.23 -18.02
N ARG F 336 21.74 -49.12 -18.69
CA ARG F 336 20.77 -48.41 -19.51
C ARG F 336 21.52 -47.61 -20.57
N ILE F 337 20.77 -47.15 -21.58
CA ILE F 337 21.31 -46.31 -22.64
C ILE F 337 20.60 -44.97 -22.60
N GLU F 338 21.28 -43.95 -23.10
CA GLU F 338 20.80 -42.57 -23.07
C GLU F 338 20.61 -42.06 -24.49
N PHE F 339 19.38 -41.75 -24.86
CA PHE F 339 19.06 -41.12 -26.14
C PHE F 339 19.05 -39.60 -25.92
N ARG F 340 19.96 -38.90 -26.58
CA ARG F 340 20.26 -37.51 -26.24
C ARG F 340 19.59 -36.50 -27.16
N ALA F 341 18.89 -36.96 -28.19
CA ALA F 341 18.30 -36.05 -29.17
C ALA F 341 17.03 -35.36 -28.66
N PRO F 342 16.14 -36.06 -27.98
CA PRO F 342 14.83 -35.48 -27.65
C PRO F 342 14.96 -34.16 -26.88
N ASP F 343 13.97 -33.28 -27.12
CA ASP F 343 13.81 -32.03 -26.39
C ASP F 343 12.44 -32.06 -25.72
N PRO F 344 12.17 -31.16 -24.77
CA PRO F 344 10.95 -31.26 -23.97
C PRO F 344 9.69 -30.79 -24.69
N SER F 345 9.77 -30.39 -25.95
CA SER F 345 8.56 -30.01 -26.68
C SER F 345 7.82 -31.22 -27.24
N CYS F 346 8.39 -32.42 -27.15
CA CYS F 346 7.78 -33.60 -27.73
C CYS F 346 6.68 -34.13 -26.81
N ASN F 347 5.75 -34.86 -27.41
CA ASN F 347 4.73 -35.58 -26.65
C ASN F 347 5.37 -36.78 -25.98
N PRO F 348 5.52 -36.80 -24.66
CA PRO F 348 6.25 -37.93 -24.03
C PRO F 348 5.65 -39.29 -24.34
N TYR F 349 4.31 -39.38 -24.38
CA TYR F 349 3.67 -40.66 -24.69
C TYR F 349 4.13 -41.17 -26.05
N LEU F 350 4.06 -40.33 -27.07
CA LEU F 350 4.46 -40.74 -28.41
C LEU F 350 5.97 -40.95 -28.49
N ALA F 351 6.75 -40.08 -27.83
CA ALA F 351 8.20 -40.22 -27.84
C ALA F 351 8.63 -41.58 -27.30
N PHE F 352 8.05 -42.00 -26.18
CA PHE F 352 8.43 -43.27 -25.59
C PHE F 352 7.92 -44.44 -26.43
N THR F 353 6.92 -44.23 -27.27
CA THR F 353 6.42 -45.31 -28.13
C THR F 353 7.41 -45.61 -29.26
N VAL F 354 7.86 -44.57 -29.96
CA VAL F 354 8.72 -44.79 -31.12
C VAL F 354 10.11 -45.24 -30.70
N MET F 355 10.58 -44.79 -29.52
CA MET F 355 11.87 -45.24 -29.04
C MET F 355 11.85 -46.73 -28.75
N LEU F 356 10.81 -47.20 -28.05
CA LEU F 356 10.70 -48.62 -27.76
C LEU F 356 10.53 -49.43 -29.04
N ALA F 357 9.62 -48.99 -29.91
CA ALA F 357 9.35 -49.74 -31.14
C ALA F 357 10.62 -49.90 -31.97
N ALA F 358 11.36 -48.80 -32.16
CA ALA F 358 12.60 -48.88 -32.92
C ALA F 358 13.58 -49.84 -32.28
N GLY F 359 13.71 -49.78 -30.95
CA GLY F 359 14.62 -50.68 -30.27
C GLY F 359 14.18 -52.14 -30.36
N LEU F 360 12.88 -52.39 -30.25
CA LEU F 360 12.38 -53.75 -30.31
C LEU F 360 12.45 -54.30 -31.73
N ASP F 361 12.34 -53.43 -32.74
CA ASP F 361 12.62 -53.86 -34.10
C ASP F 361 14.08 -54.29 -34.22
N GLY F 362 14.98 -53.62 -33.50
CA GLY F 362 16.37 -54.05 -33.51
C GLY F 362 16.56 -55.37 -32.80
N VAL F 363 15.87 -55.56 -31.67
CA VAL F 363 15.96 -56.84 -30.97
C VAL F 363 15.31 -57.94 -31.81
N LYS F 364 14.15 -57.66 -32.39
CA LYS F 364 13.46 -58.67 -33.19
C LYS F 364 14.36 -59.22 -34.28
N ASN F 365 14.90 -58.32 -35.11
CA ASN F 365 15.67 -58.71 -36.31
C ASN F 365 17.17 -58.89 -36.04
N LYS F 366 17.63 -58.79 -34.79
CA LYS F 366 19.02 -59.01 -34.43
C LYS F 366 19.96 -58.20 -35.34
N LEU F 367 19.87 -56.88 -35.19
CA LEU F 367 20.71 -55.99 -35.97
C LEU F 367 22.07 -55.82 -35.31
N ASP F 368 23.12 -55.75 -36.12
CA ASP F 368 24.47 -55.58 -35.62
C ASP F 368 24.75 -54.09 -35.44
N ALA F 369 25.08 -53.69 -34.22
CA ALA F 369 25.41 -52.31 -33.95
C ALA F 369 26.79 -52.00 -34.55
N PRO F 370 27.03 -50.75 -34.93
CA PRO F 370 28.35 -50.36 -35.41
C PRO F 370 29.34 -50.25 -34.26
N GLU F 371 30.61 -50.11 -34.62
CA GLU F 371 31.63 -49.89 -33.62
C GLU F 371 31.39 -48.54 -32.94
N PRO F 372 31.51 -48.46 -31.61
CA PRO F 372 31.33 -47.17 -30.95
C PRO F 372 32.32 -46.14 -31.49
N VAL F 373 31.94 -44.87 -31.35
CA VAL F 373 32.74 -43.75 -31.82
C VAL F 373 33.04 -42.88 -30.61
N GLU F 374 34.20 -43.09 -30.01
CA GLU F 374 34.60 -42.26 -28.87
C GLU F 374 35.20 -40.94 -29.34
N ARG F 375 35.88 -40.92 -30.47
CA ARG F 375 36.46 -39.68 -30.98
C ARG F 375 35.36 -38.64 -31.19
N ASN F 376 35.67 -37.39 -30.86
CA ASN F 376 34.72 -36.31 -31.09
C ASN F 376 34.36 -36.24 -32.57
N ILE F 377 33.06 -36.24 -32.85
CA ILE F 377 32.60 -36.36 -34.23
C ILE F 377 32.53 -35.00 -34.93
N PHE F 378 32.24 -33.92 -34.18
CA PHE F 378 32.25 -32.61 -34.81
C PHE F 378 33.67 -32.16 -35.14
N ALA F 379 34.63 -32.49 -34.27
CA ALA F 379 36.01 -32.10 -34.53
C ALA F 379 36.56 -32.78 -35.78
N MET F 380 36.16 -34.02 -36.03
CA MET F 380 36.68 -34.77 -37.16
C MET F 380 36.06 -34.27 -38.47
N SER F 381 36.79 -34.47 -39.55
CA SER F 381 36.45 -33.88 -40.84
C SER F 381 35.26 -34.62 -41.48
N GLU F 382 34.75 -34.02 -42.55
CA GLU F 382 33.61 -34.61 -43.26
C GLU F 382 34.00 -35.94 -43.89
N ALA F 383 35.22 -36.02 -44.45
CA ALA F 383 35.68 -37.27 -45.03
C ALA F 383 35.74 -38.38 -43.98
N GLU F 384 36.24 -38.05 -42.79
CA GLU F 384 36.23 -39.02 -41.71
C GLU F 384 34.80 -39.50 -41.42
N LYS F 385 33.86 -38.56 -41.31
CA LYS F 385 32.47 -38.95 -41.09
C LYS F 385 31.98 -39.88 -42.18
N LYS F 386 32.34 -39.60 -43.44
CA LYS F 386 31.93 -40.48 -44.54
C LYS F 386 32.60 -41.84 -44.43
N GLU F 387 33.92 -41.84 -44.21
CA GLU F 387 34.65 -43.09 -44.04
C GLU F 387 34.01 -43.94 -42.94
N LEU F 388 33.92 -43.38 -41.74
CA LEU F 388 33.31 -44.09 -40.62
C LEU F 388 31.82 -44.34 -40.85
N GLY F 389 31.22 -43.74 -41.87
CA GLY F 389 29.81 -43.95 -42.13
C GLY F 389 28.89 -43.32 -41.12
N ILE F 390 29.30 -42.22 -40.51
CA ILE F 390 28.52 -41.54 -39.49
C ILE F 390 27.57 -40.57 -40.18
N GLU F 391 26.28 -40.89 -40.17
CA GLU F 391 25.26 -40.05 -40.77
C GLU F 391 24.67 -39.11 -39.72
N SER F 392 24.13 -38.00 -40.20
CA SER F 392 23.52 -36.99 -39.34
C SER F 392 22.01 -37.07 -39.39
N VAL F 393 21.37 -36.54 -38.35
CA VAL F 393 19.92 -36.51 -38.27
C VAL F 393 19.41 -35.44 -39.24
N PRO F 394 18.12 -35.45 -39.58
CA PRO F 394 17.62 -34.43 -40.52
C PRO F 394 17.85 -33.03 -39.97
N ALA F 395 18.08 -32.10 -40.89
CA ALA F 395 18.45 -30.73 -40.51
C ALA F 395 17.25 -29.85 -40.22
N ASN F 396 16.03 -30.25 -40.58
CA ASN F 396 14.85 -29.44 -40.35
C ASN F 396 13.65 -30.35 -40.16
N LEU F 397 12.55 -29.75 -39.68
CA LEU F 397 11.36 -30.54 -39.35
C LEU F 397 10.83 -31.28 -40.57
N LYS F 398 10.74 -30.60 -41.70
CA LYS F 398 10.17 -31.24 -42.90
C LYS F 398 10.97 -32.47 -43.28
N ALA F 399 12.29 -32.37 -43.30
CA ALA F 399 13.12 -33.52 -43.63
C ALA F 399 12.83 -34.69 -42.70
N ALA F 400 12.60 -34.41 -41.42
CA ALA F 400 12.28 -35.46 -40.47
C ALA F 400 10.91 -36.05 -40.76
N LEU F 401 9.91 -35.19 -40.98
CA LEU F 401 8.58 -35.67 -41.33
C LEU F 401 8.64 -36.62 -42.52
N ASP F 402 9.39 -36.25 -43.56
CA ASP F 402 9.54 -37.12 -44.72
C ASP F 402 10.20 -38.44 -44.34
N GLU F 403 11.11 -38.41 -43.36
CA GLU F 403 11.71 -39.65 -42.89
C GLU F 403 10.68 -40.48 -42.11
N LEU F 404 9.87 -39.81 -41.29
CA LEU F 404 8.81 -40.51 -40.57
C LEU F 404 7.80 -41.11 -41.54
N GLU F 405 7.44 -40.36 -42.59
CA GLU F 405 6.45 -40.85 -43.54
C GLU F 405 6.90 -42.16 -44.18
N ASN F 406 8.20 -42.34 -44.38
CA ASN F 406 8.75 -43.55 -45.00
C ASN F 406 9.30 -44.52 -43.97
N ASN F 407 8.62 -44.67 -42.84
CA ASN F 407 9.05 -45.56 -41.76
C ASN F 407 7.88 -46.45 -41.34
N ASP F 408 7.91 -47.71 -41.76
CA ASP F 408 6.82 -48.63 -41.44
C ASP F 408 6.88 -49.11 -39.99
N VAL F 409 8.06 -49.18 -39.40
CA VAL F 409 8.18 -49.62 -38.02
C VAL F 409 7.51 -48.62 -37.09
N LEU F 410 7.62 -47.33 -37.40
CA LEU F 410 7.00 -46.30 -36.58
C LEU F 410 5.54 -46.05 -36.95
N LYS F 411 5.14 -46.39 -38.17
CA LYS F 411 3.72 -46.32 -38.52
C LYS F 411 2.91 -47.32 -37.71
N ASN F 412 3.42 -48.54 -37.58
CA ASN F 412 2.72 -49.56 -36.79
C ASN F 412 2.79 -49.26 -35.29
N ALA F 413 3.88 -48.62 -34.85
CA ALA F 413 3.99 -48.25 -33.44
C ALA F 413 2.99 -47.17 -33.07
N LEU F 414 2.88 -46.13 -33.90
CA LEU F 414 1.97 -45.02 -33.61
C LEU F 414 0.54 -45.31 -34.03
N GLY F 415 0.33 -46.20 -34.98
CA GLY F 415 -1.01 -46.41 -35.49
C GLY F 415 -1.35 -45.45 -36.62
N LYS F 416 -2.21 -45.92 -37.53
CA LYS F 416 -2.53 -45.14 -38.72
C LYS F 416 -3.04 -43.76 -38.35
N HIS F 417 -3.95 -43.67 -37.39
CA HIS F 417 -4.57 -42.40 -37.05
C HIS F 417 -3.53 -41.40 -36.54
N ILE F 418 -2.76 -41.79 -35.54
CA ILE F 418 -1.73 -40.90 -34.99
C ILE F 418 -0.66 -40.63 -36.04
N PHE F 419 -0.34 -41.63 -36.85
CA PHE F 419 0.71 -41.47 -37.85
C PHE F 419 0.30 -40.50 -38.94
N GLU F 420 -0.93 -40.64 -39.45
CA GLU F 420 -1.38 -39.79 -40.55
C GLU F 420 -1.76 -38.39 -40.06
N SER F 421 -2.30 -38.28 -38.85
CA SER F 421 -2.64 -36.97 -38.32
C SER F 421 -1.38 -36.16 -38.03
N PHE F 422 -0.44 -36.75 -37.29
CA PHE F 422 0.80 -36.04 -36.96
C PHE F 422 1.47 -35.48 -38.21
N LEU F 423 1.49 -36.25 -39.30
CA LEU F 423 2.11 -35.77 -40.53
C LEU F 423 1.35 -34.58 -41.11
N GLU F 424 0.02 -34.68 -41.17
CA GLU F 424 -0.79 -33.59 -41.71
C GLU F 424 -0.68 -32.35 -40.86
N ILE F 425 -0.80 -32.50 -39.54
CA ILE F 425 -0.72 -31.35 -38.64
C ILE F 425 0.64 -30.69 -38.74
N LYS F 426 1.70 -31.50 -38.82
CA LYS F 426 3.05 -30.96 -38.82
C LYS F 426 3.44 -30.40 -40.18
N ASN F 427 3.00 -31.03 -41.27
CA ASN F 427 3.28 -30.49 -42.59
C ASN F 427 2.60 -29.14 -42.76
N ALA F 428 1.39 -28.98 -42.21
CA ALA F 428 0.74 -27.67 -42.23
C ALA F 428 1.51 -26.69 -41.35
N GLU F 429 2.05 -27.15 -40.22
CA GLU F 429 2.88 -26.30 -39.40
C GLU F 429 4.14 -25.87 -40.14
N TRP F 430 4.73 -26.78 -40.93
CA TRP F 430 5.91 -26.42 -41.69
C TRP F 430 5.57 -25.45 -42.82
N ASP F 431 4.40 -25.63 -43.45
CA ASP F 431 3.99 -24.75 -44.53
C ASP F 431 3.82 -23.32 -44.04
N SER F 432 3.39 -23.14 -42.79
CA SER F 432 3.24 -21.80 -42.25
C SER F 432 4.60 -21.13 -42.07
N PHE F 433 5.57 -21.87 -41.53
CA PHE F 433 6.90 -21.29 -41.32
C PHE F 433 7.57 -20.93 -42.64
N ARG F 434 7.47 -21.81 -43.64
CA ARG F 434 8.21 -21.62 -44.88
C ARG F 434 7.58 -20.58 -45.81
N THR F 435 6.37 -20.11 -45.50
CA THR F 435 5.74 -19.04 -46.27
C THR F 435 5.78 -17.70 -45.54
N SER F 436 6.21 -17.68 -44.28
CA SER F 436 6.25 -16.45 -43.51
C SER F 436 7.51 -15.65 -43.84
N VAL F 437 7.51 -14.39 -43.45
CA VAL F 437 8.63 -13.48 -43.65
C VAL F 437 9.26 -13.25 -42.27
N THR F 438 10.41 -13.89 -42.04
CA THR F 438 11.03 -13.85 -40.73
C THR F 438 11.82 -12.56 -40.54
N ASP F 439 12.07 -12.23 -39.27
CA ASP F 439 12.88 -11.07 -38.95
C ASP F 439 14.30 -11.21 -39.49
N TRP F 440 14.84 -12.44 -39.47
CA TRP F 440 16.17 -12.66 -40.04
C TRP F 440 16.23 -12.18 -41.48
N GLU F 441 15.15 -12.40 -42.24
CA GLU F 441 15.12 -11.97 -43.63
C GLU F 441 15.06 -10.45 -43.73
N THR F 442 14.19 -9.82 -42.95
CA THR F 442 14.11 -8.37 -42.93
C THR F 442 15.46 -7.76 -42.56
N THR F 443 16.12 -8.31 -41.54
CA THR F 443 17.43 -7.81 -41.15
C THR F 443 18.45 -7.97 -42.28
N ALA F 444 18.26 -8.98 -43.13
CA ALA F 444 19.27 -9.36 -44.12
C ALA F 444 19.05 -8.74 -45.49
N TYR F 445 17.80 -8.47 -45.87
CA TYR F 445 17.49 -8.15 -47.25
C TYR F 445 16.82 -6.80 -47.47
N LEU F 446 16.27 -6.17 -46.44
CA LEU F 446 15.56 -4.91 -46.67
C LEU F 446 16.46 -3.85 -47.31
N LYS F 447 17.79 -3.98 -47.16
CA LYS F 447 18.71 -2.98 -47.69
C LYS F 447 19.01 -3.16 -49.17
N ILE F 448 18.72 -4.32 -49.74
CA ILE F 448 19.12 -4.63 -51.11
C ILE F 448 18.15 -4.00 -52.11
C1 EDO G . 47.23 -3.22 -24.60
O1 EDO G . 46.82 -4.28 -25.47
C2 EDO G . 46.72 -3.48 -23.19
O2 EDO G . 47.38 -4.62 -22.65
C1 EDO H . 43.52 -13.31 12.74
O1 EDO H . 44.31 -14.41 12.28
C2 EDO H . 42.93 -12.53 11.56
O2 EDO H . 41.67 -11.99 11.98
C1 EDO I . 44.64 -1.00 -0.41
O1 EDO I . 44.26 -0.94 -1.79
C2 EDO I . 44.96 -2.45 -0.03
O2 EDO I . 45.57 -2.51 1.26
C1 EDO J . 44.23 3.65 -3.05
O1 EDO J . 45.65 3.71 -2.86
C2 EDO J . 43.60 4.91 -2.46
O2 EDO J . 44.41 5.31 -1.35
C1 EDO K . 24.43 8.11 -0.59
O1 EDO K . 25.17 7.19 -1.40
C2 EDO K . 24.75 7.82 0.88
O2 EDO K . 23.89 6.80 1.39
C1 EDO L . 43.56 -12.70 -30.51
O1 EDO L . 42.35 -13.14 -31.09
C2 EDO L . 43.56 -12.77 -29.02
O2 EDO L . 44.70 -12.18 -28.44
C1 EDO M . 48.42 -21.66 -22.39
O1 EDO M . 47.27 -20.82 -22.39
C2 EDO M . 48.78 -22.04 -20.94
O2 EDO M . 48.27 -23.35 -20.63
C1 EDO N . 36.01 3.25 -12.24
O1 EDO N . 36.50 3.55 -10.93
C2 EDO N . 34.95 2.15 -12.13
O2 EDO N . 33.83 2.69 -11.42
C1 EDO O . 42.44 -31.70 6.70
O1 EDO O . 43.10 -32.87 6.26
C2 EDO O . 43.36 -30.57 6.96
O2 EDO O . 43.81 -30.51 8.29
C1 EDO P . 22.58 30.47 21.17
O1 EDO P . 21.48 30.75 22.06
C2 EDO P . 22.00 30.36 19.77
O2 EDO P . 22.96 29.83 18.85
C1 GOL Q . 24.93 32.35 17.02
O1 GOL Q . 24.06 32.97 16.12
C2 GOL Q . 24.60 32.90 18.43
O2 GOL Q . 23.24 32.98 18.64
C3 GOL Q . 25.30 31.92 19.38
O3 GOL Q . 25.30 32.51 20.67
C1 EDO R . 10.31 18.74 11.59
O1 EDO R . 10.59 18.14 10.30
C2 EDO R . 11.48 18.48 12.54
O2 EDO R . 11.83 19.72 13.18
C1 EDO S . 24.30 14.72 6.37
O1 EDO S . 24.20 15.12 4.98
C2 EDO S . 23.11 15.32 7.13
O2 EDO S . 23.53 15.75 8.42
C1 EDO T . 22.34 27.91 2.53
O1 EDO T . 23.51 27.19 2.93
C2 EDO T . 22.31 29.24 3.29
O2 EDO T . 23.63 29.78 3.40
C1 EDO U . 47.82 24.55 -1.22
O1 EDO U . 47.52 25.62 -0.35
C2 EDO U . 48.78 24.92 -2.30
O2 EDO U . 48.21 25.74 -3.29
C1 EDO V . 36.28 32.89 6.34
O1 EDO V . 37.30 33.82 5.95
C2 EDO V . 36.42 32.61 7.83
O2 EDO V . 35.79 33.68 8.55
C1 EDO W . -17.69 39.57 12.11
O1 EDO W . -18.07 39.54 10.73
C2 EDO W . -18.76 40.31 12.92
O2 EDO W . -18.60 39.96 14.31
C1 EDO X . -1.43 41.52 20.81
O1 EDO X . -0.22 41.52 21.59
C2 EDO X . -2.58 41.95 21.71
O2 EDO X . -3.75 41.21 21.39
C1 EDO Y . 0.25 38.40 15.20
O1 EDO Y . 1.47 38.48 14.45
C2 EDO Y . 0.49 38.95 16.60
O2 EDO Y . -0.73 39.41 17.20
C1 EDO Z . -33.99 42.01 15.34
O1 EDO Z . -33.20 43.05 14.78
C2 EDO Z . -33.14 41.17 16.30
O2 EDO Z . -33.99 40.54 17.27
C1 EDO AA . -21.09 32.56 25.43
O1 EDO AA . -19.75 32.48 24.96
C2 EDO AA . -21.04 32.88 26.93
O2 EDO AA . -22.18 33.68 27.29
C1 EDO BA . -4.47 48.93 5.90
O1 EDO BA . -4.90 49.66 4.73
C2 EDO BA . -5.65 48.77 6.86
O2 EDO BA . -5.15 48.22 8.10
C1 EDO CA . -1.45 28.19 8.38
O1 EDO CA . -0.08 28.19 7.95
C2 EDO CA . -1.52 27.82 9.86
O2 EDO CA . -2.82 27.33 10.19
C1 EDO DA . -5.76 16.60 3.05
O1 EDO DA . -6.43 15.74 3.95
C2 EDO DA . -6.60 17.72 2.56
O2 EDO DA . -5.87 18.72 1.89
C1 EDO EA . -21.15 36.14 14.65
O1 EDO EA . -20.65 36.38 13.36
C2 EDO EA . -22.48 35.48 14.64
O2 EDO EA . -22.41 34.08 14.88
C1 EDO FA . -19.60 27.08 -23.73
O1 EDO FA . -20.80 26.90 -24.49
C2 EDO FA . -19.95 27.26 -22.25
O2 EDO FA . -18.89 27.94 -21.57
C1 EDO GA . -19.11 34.12 -20.06
O1 EDO GA . -19.27 33.28 -21.22
C2 EDO GA . -20.51 34.39 -19.49
O2 EDO GA . -20.41 34.61 -18.07
C1 EDO HA . -37.25 28.25 -17.61
O1 EDO HA . -36.64 29.36 -18.29
C2 EDO HA . -36.78 28.24 -16.14
O2 EDO HA . -37.75 27.60 -15.30
C1 EDO IA . -28.13 25.81 -29.62
O1 EDO IA . -29.03 24.87 -30.22
C2 EDO IA . -27.51 25.22 -28.35
O2 EDO IA . -26.89 26.29 -27.63
C1 EDO JA . -46.26 5.42 -1.61
O1 EDO JA . -44.92 5.35 -1.08
C2 EDO JA . -47.28 5.33 -0.47
O2 EDO JA . -48.50 4.77 -0.97
NA NA KA . -42.82 39.80 6.44
C1 EDO LA . -20.41 -21.40 -33.02
O1 EDO LA . -20.07 -20.02 -33.19
C2 EDO LA . -20.69 -21.68 -31.55
O2 EDO LA . -19.47 -22.02 -30.88
C1 EDO MA . -26.82 -7.90 -42.39
O1 EDO MA . -27.64 -8.46 -43.43
C2 EDO MA . -26.86 -8.86 -41.19
O2 EDO MA . -26.86 -8.12 -39.98
C1 EDO NA . -3.78 -11.72 -22.98
O1 EDO NA . -5.04 -11.46 -23.61
C2 EDO NA . -3.94 -12.82 -21.93
O2 EDO NA . -2.93 -12.71 -20.92
C1 EDO OA . -26.55 -31.27 -21.84
O1 EDO OA . -27.50 -31.55 -20.80
C2 EDO OA . -25.25 -30.83 -21.20
O2 EDO OA . -24.19 -31.72 -21.56
NA NA PA . -47.82 0.04 -30.55
C1 EDO QA . 20.43 -11.35 -21.39
O1 EDO QA . 19.03 -11.13 -21.59
C2 EDO QA . 20.67 -12.77 -20.91
O2 EDO QA . 21.67 -12.74 -19.87
C1 GOL RA . 21.03 -29.09 -24.45
O1 GOL RA . 21.45 -28.63 -23.19
C2 GOL RA . 22.29 -29.28 -25.32
O2 GOL RA . 22.47 -30.61 -25.69
C3 GOL RA . 22.09 -28.35 -26.55
O3 GOL RA . 22.49 -27.06 -26.17
C1 EDO SA . 4.44 -28.70 -30.04
O1 EDO SA . 4.13 -29.77 -30.94
C2 EDO SA . 3.43 -27.57 -30.24
O2 EDO SA . 3.50 -27.09 -31.59
#